data_8XXP
#
_entry.id   8XXP
#
_cell.length_a   1.00
_cell.length_b   1.00
_cell.length_c   1.00
_cell.angle_alpha   90.00
_cell.angle_beta   90.00
_cell.angle_gamma   90.00
#
_symmetry.space_group_name_H-M   'P 1'
#
loop_
_entity.id
_entity.type
_entity.pdbx_description
1 polymer 'DNA-directed RNA polymerase subunit'
2 polymer 'DNA-directed RNA polymerase subunit beta'
3 polymer 'DNA-directed RNA polymerase RPB3-11 homolog'
4 polymer 'DNA-directed RNA polymerase RPB5 homolog'
5 polymer C147L
6 polymer D339L
7 polymer C122R
8 polymer 'DNA-directed RNA polymerase RPB10 homolog'
9 non-polymer 'ZINC ION'
10 non-polymer 'MAGNESIUM ION'
#
loop_
_entity_poly.entity_id
_entity_poly.type
_entity_poly.pdbx_seq_one_letter_code
_entity_poly.pdbx_strand_id
1 'polypeptide(L)'
;MEAGYAEIAAVQFNIAGDNDHKRQGVMEVTISNLFEGTLPAEGGIYDARMGTTDHHYKCITCSHQRKQCMGHPGILQMHA
PVLQPLFIAEIRRWLRVICLNCGAPIVDLKRYEHLIRPKRLIEAASSQTEGKQCYVCKAVHPKIVKDSEDYFTFWADQQG
KIDKLYPQIIREIFSRVTYDTVVKLGRSKNSHPEKLVLKAIQIPPISIRPGIRLGIGSGPQSFHDINNVIQYLVRKNLLI
PKDLQIVRGQKIPLNIDRNLQTIQQLYYNFLLDSVSTTATQGGTGKRGIVMGARPAPSIMRRLPRKEGRIRKSLLGSQVW
SISRSTICGNSDLHLDEVGYPISFARTLQVAETVQHYNINRLMPYFLNGKRQYPGCSRVYKQITQSVHDIEGLKQDFRLE
VGDILYRDVVTGDVAFFNRQPSLERSSIGVHRIVVLENPKISTFQMNVSACAWYNADFDGDQMNLWVPWSVMSRVEAELL
CSVRNWFISTKSSGPVNGQVQDSTVGSFLLTRTNTPMGKNVMNKLHAMGLFQTTQTDPPCFANYSPTDLLDGKSVVSMLL
RQTPINYQRAPTWYSEVYAPYMHYNKQDISTQIRNGELIEGVLDKKAVGAGSSGGIYHLISRRYGPQQALKMIFATQQLA
LNYVRNAGFTVSTADMLLTPEAHQEVQEIINELLLESEEINNRLLHGDIMPPIGLTTHDFYEKLQLNALKFPDRILKPIM
NSINPETNGLFQMVATGAKGSNPNMIHIMAGIGQIEINTQRIQPQFSFGRTLVYYPRFALEAQAYGFICNSYIAGLTSPE
FIFGEMNGRFDLINKALSTSSTGYANRKAIFGLQSCIVDYYRRVSIDTRLVQQLYGEDGLDARQLETVRFETIMLSDQEL
EDKFKYTGIQSPLFEEEFSRLKKDRDKYRQIFLNVENFNFSQLLTDVRQVPVNVASIVKNILLSSTSGVLPFDEKSILQK
YAMVKTFCKNLPYVFINNIQERLQTPIPVYLKRAASLMRMLIRIELATVKTLNITCEQMSAILDLIRLQYTQSLINYGEA
VGILAAQSVSEPLTQYMLDSHHRSVAGGTNKSGIVRPQEIFSAKPVEAEQSSEMLLRLKNPEVETNKTYAQEIANSIELI
TFERLILQWHLLYETYSSTKKNVMYPDFASDVEWMTDFLENHPLLQPPEDIANWCIRLELNKTTMILKSISLESIINSLR
AKHPNTYIMHSVENTASGIPIIIRIYLRESAFRRSTNTRMATDEKIAVNVVDKLLNSTIRGIPGIKNANVVKLMRHRVDA
QGKLVRLDNIYAIKTNGTNIFGAMLDDNIDPYTIVSSSIGDTMELYGIEAARQKIISEIRTVMGDKGPNHRHLLMYADLM
TRTGQVTSLEKAGLNAREPSNVLLRMALSSPVQVLTDAAVDSAVNPIYGIAAPTLMGSVPRIGTMYSDIIMDEKYITENY
K
;
A
2 'polypeptide(L)'
;ITYGPIETVDNEELTEADMLSFISAAVNSTGLIGYNIKSFDDLMDNGIPQIVKQMFNVDITYKDQRDHTEIDKLRESVQI
QFNFTDVNIERPQHRNYSQGNKINLLPNKARLCGLSYSGPVNLAAEVILTAHYSNGRQEVKRASIPPFQVSTFPIMRGSN
RCHTHHLSKTAKKEIGEDPNEPGGYFIARGGEWVVDLLENIRFNTLHIHYHTMQQGNNEIIRGEFISQPGGAFENSSQII
IRYMTTGAITIEINSTKFSKLRIPWYLIFRMFGMTGDDSIIEQVVFDLESNSLVNTFMIEILEKSIHVLDPIFQPVQHEL
NREKIIQFLSEKVSKFVSNPSAYKSDENAVQYLNERQLTILDKILLPHMGQTADTRVRKLRFLGLLIHKILLVIMNVFPP
TDRDSYRTKRVHGSGVSLAKAFKAIFNTSVIAPIINGFKELLKQTAFEELTQRNIIEAFSAALSKNTASDLNRSMEQSII
SGNKTIMVRQRPIVNRVSTQSLERKNLLNTISALRTVNTHNTTNASKQTERADMMRRVHASYPGYICVAQSADTGEKVGM
SKQLAITANVCTAGEVLSLKQRLLSDPAIQQLADVSNKDIVRKGLARVFINGEWIGCCTNAFELAQRYRMLRREGKVVHP
HTTIYWDSMVDEVEFWLDVGRLTRPLLIVDNNIEKYNQACYKAAEARKKGDKDWEKHKIPFIQNTRFTPQMAKDILAGTL
TLEDLVAQGICEFITPEEAENCLVAFSIIELRKHKHDVTRRFTHVDVPQAILGLAALVSPYANCTQPARVTYETNQGRQT
GGWYCFSWPYRVDMNRFFQFYNEMPLVKTIAHNYVIPNGLNTIVAYMIYGGYNQEDSVIVSQSFIDRGGFAGTFYREEKV
ELESDIESFGKPDPLITKNLKPGANYEKLVDGFVPVGTVVKKGDIIIGKVAKIRGEKDELNKYIDRSVMYGFDEPAVVDA
VMRPHGPNDEIFGLMRLRYERNLNIGDKMSSRSGNKGIAALALPTSDMPFTEDGLQPDLIVNPHSHPSRMTNGQMIETTV
GLANALQGVVTDGTAFLPINVQLLSERLAQEGLRFNGCQKMFNGQTGEYFDAAIFIGPTYHQRLQKFVLDDRYAVASYGP
TDALTGQPLDGKRSHGGLRLGEMEHWVLTAQGAMQTIIEKSHDDSDGCISYICRNCGEPAIYNASHPIYKCMNCDVQADI
GMVDSRRSSIVFQHEMRAANVNITSVLSPRVFQPA
;
B
3 'polypeptide(L)'
;MEKIFQNVEIKPFLIDFSNLFIKNAAKKLFQLEEQLPLVPVNVVMDFKGISRAAVHGLSRVLQDEIPNYMLDIKPGGYKI
EDSTDLFMTEQFIRNRINFIPIYAKNETLVFALRSLNNSCEVKTIYSRDLIQVAGPKLKYPIFNPTFEIGFLQPGKSLII
EDIYIKKGIGRKHAAFNLAVKTHFSHLDIEQYPTDKKEYMALSGYKQSSMTSDPRHHRLGLCFPAVPLPHINQAVRTYLK
NACRIIIGRIQSIQKIYENFEEPQPELVLFSMDEEKTKAIITIKDETHTIGNLLKTYIYEMIPDISFVGYQCVPHKQEMV
LTIIHKASQEDLITLLEKSIQNIIQTFQILEKNVDELIA
;
C
4 'polypeptide(L)'
;MAMQKLFTYIYEFIEYRKMVLLEEKVPYDKFVQMVLNTGFFRINAETLNHGIVSVFIFGANGKYVHHGGDMRTLLTNTLN
EKKHYEELILIVDKPVLSKKNILDIIVEQRAANPTIVINIYPYHLFCINIPKVSAIPKHKLITQEEAQEFLGREYLQPQD
LMQISASDPPVVWLGGRPGDFVQIERPSETAMHAVVIRFITKSKI
;
D
5 'polypeptide(L)'
;ESPSICEGFVQASSQTLVIIPDNERITSNVLTTFEATRLVAVRAQQLAINGSTMLKKKYSSPIDIAKQELFNRKIPLLVM
RCIKVTPEGQKIVEIWNPREMGIPLLD
;
E
6 'polypeptide(L)'
;MIDQKIFETTLNIDDPTNFCTNVEAHLLKELENIYVGKCFKNSFILNITGVIQRSPCFIMRTNNSGRGYMHVRFSAVVSY
LNAFDLIAAVKIIKNDSNIILGESLLTEPVTIVIPSSESQNNVAEVGQIVPVQLANSSVYYIPGRQQASATGSI
;
F
7 'polypeptide(L)'
;MKICKACSSCMVRTYVDGNIIFRCSCGESVQGDSQNLLVSSKVYHTGEMEDKYKIFIKNAPFDPTNCQIKKDCPNCHLDY
LTQICIGSQKIIILVCRCGYMSNRG
;
G
8 'polypeptide(L)' MLIPVVCFTCGFPIGTYAAIFDKARTEYIKTKMGGTLPQNIPLDASLQIELKDLITALGIPMRVCCRTHLITTLDYRKYY H
#
loop_
_chem_comp.id
_chem_comp.type
_chem_comp.name
_chem_comp.formula
MG non-polymer 'MAGNESIUM ION' 'Mg 2'
ZN non-polymer 'ZINC ION' 'Zn 2'
#
# COMPACT_ATOMS: atom_id res chain seq x y z
N MET A 1 -36.02 38.40 -9.65
CA MET A 1 -36.62 37.08 -9.84
C MET A 1 -35.79 36.00 -9.16
N GLU A 2 -36.42 34.89 -8.83
CA GLU A 2 -35.83 33.86 -7.99
C GLU A 2 -35.63 32.57 -8.77
N ALA A 3 -34.45 31.98 -8.63
CA ALA A 3 -34.16 30.67 -9.21
C ALA A 3 -34.42 29.61 -8.17
N GLY A 4 -35.41 28.76 -8.40
CA GLY A 4 -35.82 27.79 -7.41
C GLY A 4 -34.86 26.63 -7.28
N TYR A 5 -34.97 25.92 -6.16
CA TYR A 5 -34.12 24.78 -5.91
C TYR A 5 -34.41 23.66 -6.91
N ALA A 6 -33.36 23.11 -7.48
CA ALA A 6 -33.49 22.03 -8.44
C ALA A 6 -32.36 21.05 -8.24
N GLU A 7 -32.58 19.82 -8.68
CA GLU A 7 -31.56 18.78 -8.65
C GLU A 7 -31.48 18.14 -10.02
N ILE A 8 -30.27 17.77 -10.43
CA ILE A 8 -30.07 17.09 -11.70
C ILE A 8 -30.50 15.64 -11.56
N ALA A 9 -31.51 15.24 -12.33
CA ALA A 9 -31.99 13.87 -12.30
C ALA A 9 -31.38 13.01 -13.39
N ALA A 10 -31.01 13.60 -14.51
CA ALA A 10 -30.40 12.86 -15.60
C ALA A 10 -29.48 13.79 -16.36
N VAL A 11 -28.48 13.21 -17.01
CA VAL A 11 -27.56 13.94 -17.87
C VAL A 11 -27.58 13.30 -19.24
N GLN A 12 -27.84 14.09 -20.27
CA GLN A 12 -27.92 13.59 -21.64
C GLN A 12 -26.68 14.04 -22.40
N PHE A 13 -25.95 13.09 -22.95
CA PHE A 13 -24.76 13.34 -23.74
C PHE A 13 -25.12 13.35 -25.22
N ASN A 14 -24.50 14.25 -25.97
CA ASN A 14 -24.80 14.39 -27.38
C ASN A 14 -23.59 14.96 -28.09
N ILE A 15 -23.67 14.99 -29.41
CA ILE A 15 -22.69 15.67 -30.24
C ILE A 15 -23.19 17.08 -30.50
N ALA A 16 -22.35 18.07 -30.27
CA ALA A 16 -22.73 19.47 -30.47
C ALA A 16 -22.30 19.91 -31.86
N GLY A 17 -23.25 20.48 -32.61
CA GLY A 17 -22.99 20.96 -33.95
C GLY A 17 -22.78 22.46 -34.00
N ASP A 18 -22.83 22.99 -35.22
CA ASP A 18 -22.71 24.43 -35.42
C ASP A 18 -23.85 25.18 -34.75
N ASN A 19 -25.06 24.65 -34.85
CA ASN A 19 -26.21 25.32 -34.26
C ASN A 19 -26.08 25.43 -32.75
N ASP A 20 -25.53 24.40 -32.10
CA ASP A 20 -25.30 24.46 -30.67
C ASP A 20 -24.33 25.56 -30.30
N HIS A 21 -23.21 25.64 -31.00
CA HIS A 21 -22.21 26.65 -30.68
C HIS A 21 -22.74 28.05 -30.93
N LYS A 22 -23.51 28.23 -32.00
CA LYS A 22 -24.09 29.53 -32.30
C LYS A 22 -25.14 29.92 -31.26
N ARG A 23 -25.97 28.96 -30.84
CA ARG A 23 -27.04 29.26 -29.89
C ARG A 23 -26.48 29.51 -28.49
N GLN A 24 -25.48 28.73 -28.09
CA GLN A 24 -24.93 28.82 -26.74
C GLN A 24 -23.95 29.96 -26.58
N GLY A 25 -23.24 30.33 -27.64
CA GLY A 25 -22.23 31.36 -27.54
C GLY A 25 -22.82 32.71 -27.19
N VAL A 26 -22.04 33.49 -26.44
CA VAL A 26 -22.43 34.84 -26.03
C VAL A 26 -21.64 35.90 -26.77
N MET A 27 -20.82 35.52 -27.74
CA MET A 27 -19.95 36.44 -28.45
C MET A 27 -19.29 35.67 -29.58
N GLU A 28 -18.54 36.40 -30.41
CA GLU A 28 -17.75 35.81 -31.47
C GLU A 28 -16.34 36.36 -31.40
N VAL A 29 -15.35 35.48 -31.48
CA VAL A 29 -13.95 35.88 -31.50
C VAL A 29 -13.65 36.38 -32.90
N THR A 30 -13.44 37.70 -33.02
CA THR A 30 -13.14 38.31 -34.30
C THR A 30 -11.72 38.82 -34.42
N ILE A 31 -11.06 39.11 -33.31
CA ILE A 31 -9.72 39.69 -33.32
C ILE A 31 -8.78 38.76 -32.58
N SER A 32 -7.50 38.81 -32.97
CA SER A 32 -6.45 38.07 -32.30
C SER A 32 -5.74 38.89 -31.25
N ASN A 33 -6.17 40.14 -31.04
CA ASN A 33 -5.54 40.99 -30.04
C ASN A 33 -5.95 40.52 -28.66
N LEU A 34 -5.02 40.63 -27.71
CA LEU A 34 -5.18 40.00 -26.40
C LEU A 34 -5.82 40.93 -25.38
N PHE A 35 -5.19 42.07 -25.12
CA PHE A 35 -5.68 43.03 -24.14
C PHE A 35 -5.76 44.43 -24.73
N GLU A 36 -6.69 45.20 -24.22
CA GLU A 36 -6.77 46.64 -24.52
C GLU A 36 -6.10 47.44 -23.40
N GLY A 37 -4.80 47.21 -23.27
CA GLY A 37 -4.03 47.83 -22.21
C GLY A 37 -4.14 47.08 -20.90
N THR A 38 -5.26 47.25 -20.21
CA THR A 38 -5.50 46.57 -18.94
C THR A 38 -6.77 45.72 -18.94
N LEU A 39 -7.84 46.19 -19.56
CA LEU A 39 -9.05 45.39 -19.72
C LEU A 39 -8.89 44.47 -20.92
N PRO A 40 -9.58 43.33 -20.93
CA PRO A 40 -9.44 42.40 -22.06
C PRO A 40 -9.99 42.98 -23.34
N ALA A 41 -9.40 42.56 -24.46
CA ALA A 41 -9.85 43.02 -25.76
C ALA A 41 -11.25 42.52 -26.04
N GLU A 42 -12.11 43.40 -26.56
CA GLU A 42 -13.45 43.03 -26.94
C GLU A 42 -13.42 42.31 -28.28
N GLY A 43 -13.88 41.07 -28.30
CA GLY A 43 -13.74 40.23 -29.46
C GLY A 43 -12.51 39.33 -29.44
N GLY A 44 -11.62 39.50 -28.46
CA GLY A 44 -10.50 38.60 -28.30
C GLY A 44 -10.87 37.37 -27.50
N ILE A 45 -9.91 36.45 -27.42
CA ILE A 45 -10.15 35.20 -26.72
C ILE A 45 -10.26 35.38 -25.21
N TYR A 46 -9.88 36.54 -24.70
CA TYR A 46 -10.01 36.87 -23.28
C TYR A 46 -11.20 37.76 -23.00
N ASP A 47 -12.08 37.95 -23.97
CA ASP A 47 -13.19 38.89 -23.83
C ASP A 47 -13.98 38.62 -22.57
N ALA A 48 -14.25 39.68 -21.81
CA ALA A 48 -14.85 39.52 -20.49
C ALA A 48 -16.25 38.93 -20.57
N ARG A 49 -16.94 39.03 -21.72
CA ARG A 49 -18.26 38.44 -21.87
C ARG A 49 -18.22 36.94 -21.60
N MET A 50 -17.07 36.31 -21.83
CA MET A 50 -16.90 34.89 -21.55
C MET A 50 -16.74 34.61 -20.07
N GLY A 51 -16.42 35.61 -19.28
CA GLY A 51 -16.17 35.42 -17.87
C GLY A 51 -15.04 36.33 -17.42
N THR A 52 -14.72 36.22 -16.14
CA THR A 52 -13.68 37.04 -15.54
C THR A 52 -12.74 36.16 -14.75
N THR A 53 -11.45 36.31 -15.01
CA THR A 53 -10.41 35.62 -14.25
C THR A 53 -9.72 36.52 -13.25
N ASP A 54 -10.17 37.77 -13.11
CA ASP A 54 -9.54 38.75 -12.26
C ASP A 54 -10.59 39.43 -11.39
N HIS A 55 -10.12 40.00 -10.28
CA HIS A 55 -11.00 40.77 -9.41
C HIS A 55 -11.20 42.20 -9.91
N HIS A 56 -10.47 42.61 -10.95
CA HIS A 56 -10.55 43.97 -11.46
C HIS A 56 -11.80 44.24 -12.26
N TYR A 57 -12.48 43.21 -12.77
CA TYR A 57 -13.65 43.42 -13.60
C TYR A 57 -14.60 42.25 -13.45
N LYS A 58 -15.86 42.49 -13.83
CA LYS A 58 -16.93 41.51 -13.76
C LYS A 58 -17.04 40.75 -15.08
N CYS A 59 -18.14 40.04 -15.26
CA CYS A 59 -18.30 39.17 -16.42
C CYS A 59 -19.01 39.83 -17.60
N ILE A 60 -19.69 40.96 -17.39
CA ILE A 60 -20.53 41.58 -18.41
C ILE A 60 -21.76 40.70 -18.68
N THR A 61 -21.53 39.42 -18.96
CA THR A 61 -22.63 38.51 -19.25
C THR A 61 -23.52 38.31 -18.02
N CYS A 62 -22.91 37.95 -16.89
CA CYS A 62 -23.67 37.68 -15.67
C CYS A 62 -23.40 38.67 -14.56
N SER A 63 -22.43 39.57 -14.73
CA SER A 63 -22.10 40.60 -13.74
C SER A 63 -21.76 40.01 -12.38
N HIS A 64 -21.09 38.85 -12.38
CA HIS A 64 -20.51 38.26 -11.19
C HIS A 64 -19.01 38.49 -11.21
N GLN A 65 -18.36 38.21 -10.07
CA GLN A 65 -16.95 38.54 -9.91
C GLN A 65 -16.13 37.29 -9.61
N ARG A 66 -15.79 36.56 -10.66
CA ARG A 66 -14.72 35.55 -10.68
C ARG A 66 -15.02 34.36 -9.77
N LYS A 67 -16.07 34.46 -8.97
CA LYS A 67 -16.40 33.39 -8.03
C LYS A 67 -17.81 32.86 -8.21
N GLN A 68 -18.77 33.73 -8.44
CA GLN A 68 -20.11 33.33 -8.81
C GLN A 68 -20.26 33.20 -10.32
N CYS A 69 -19.22 33.51 -11.08
CA CYS A 69 -19.24 33.42 -12.53
C CYS A 69 -18.65 32.09 -12.96
N MET A 70 -19.48 31.24 -13.56
CA MET A 70 -19.02 29.94 -14.03
C MET A 70 -18.35 30.00 -15.39
N GLY A 71 -18.38 31.15 -16.06
CA GLY A 71 -17.83 31.26 -17.39
C GLY A 71 -18.88 31.03 -18.45
N HIS A 72 -18.64 31.60 -19.62
CA HIS A 72 -19.58 31.55 -20.71
C HIS A 72 -18.83 31.28 -22.01
N PRO A 73 -19.36 30.41 -22.87
CA PRO A 73 -18.63 30.08 -24.11
C PRO A 73 -18.78 31.14 -25.17
N GLY A 74 -17.74 31.25 -26.00
CA GLY A 74 -17.78 32.11 -27.16
C GLY A 74 -17.69 31.30 -28.44
N ILE A 75 -17.94 31.93 -29.57
CA ILE A 75 -17.89 31.25 -30.87
C ILE A 75 -16.71 31.74 -31.65
N LEU A 76 -16.15 30.86 -32.47
CA LEU A 76 -15.14 31.22 -33.46
C LEU A 76 -15.59 30.70 -34.81
N GLN A 77 -16.15 31.58 -35.62
CA GLN A 77 -16.65 31.21 -36.95
C GLN A 77 -15.46 30.96 -37.85
N MET A 78 -15.28 29.71 -38.26
CA MET A 78 -14.13 29.33 -39.08
C MET A 78 -14.44 29.55 -40.55
N HIS A 79 -13.48 30.12 -41.27
CA HIS A 79 -13.66 30.37 -42.70
C HIS A 79 -13.67 29.09 -43.51
N ALA A 80 -13.14 28.00 -42.97
CA ALA A 80 -13.22 26.69 -43.56
C ALA A 80 -13.63 25.68 -42.51
N PRO A 81 -14.49 24.72 -42.85
CA PRO A 81 -14.99 23.77 -41.84
C PRO A 81 -13.88 22.90 -41.29
N VAL A 82 -14.09 22.43 -40.06
CA VAL A 82 -13.16 21.52 -39.40
C VAL A 82 -13.93 20.27 -38.99
N LEU A 83 -13.20 19.16 -38.91
CA LEU A 83 -13.76 17.91 -38.44
C LEU A 83 -13.56 17.78 -36.94
N GLN A 84 -14.61 17.36 -36.24
CA GLN A 84 -14.55 17.25 -34.80
C GLN A 84 -13.53 16.20 -34.39
N PRO A 85 -12.53 16.55 -33.58
CA PRO A 85 -11.46 15.57 -33.28
C PRO A 85 -11.95 14.32 -32.56
N LEU A 86 -12.96 14.44 -31.69
CA LEU A 86 -13.41 13.25 -30.96
C LEU A 86 -14.05 12.23 -31.87
N PHE A 87 -14.78 12.68 -32.90
CA PHE A 87 -15.59 11.82 -33.72
C PHE A 87 -14.96 11.54 -35.08
N ILE A 88 -13.63 11.46 -35.14
CA ILE A 88 -12.96 11.13 -36.39
C ILE A 88 -13.31 9.73 -36.85
N ALA A 89 -13.32 8.77 -35.92
CA ALA A 89 -13.69 7.41 -36.26
C ALA A 89 -15.15 7.32 -36.69
N GLU A 90 -16.02 8.14 -36.10
CA GLU A 90 -17.40 8.20 -36.55
C GLU A 90 -17.49 8.74 -37.97
N ILE A 91 -16.70 9.76 -38.30
CA ILE A 91 -16.68 10.26 -39.66
C ILE A 91 -16.21 9.18 -40.62
N ARG A 92 -15.16 8.44 -40.23
CA ARG A 92 -14.66 7.36 -41.08
C ARG A 92 -15.71 6.29 -41.29
N ARG A 93 -16.43 5.92 -40.23
CA ARG A 93 -17.48 4.92 -40.36
C ARG A 93 -18.60 5.39 -41.27
N TRP A 94 -18.98 6.67 -41.16
CA TRP A 94 -20.08 7.19 -41.97
C TRP A 94 -19.67 7.40 -43.41
N LEU A 95 -18.36 7.57 -43.67
CA LEU A 95 -17.92 7.83 -45.03
C LEU A 95 -18.08 6.60 -45.91
N ARG A 96 -17.71 5.43 -45.40
CA ARG A 96 -17.75 4.20 -46.17
C ARG A 96 -19.10 3.52 -46.14
N VAL A 97 -20.09 4.10 -45.45
CA VAL A 97 -21.43 3.53 -45.40
C VAL A 97 -22.43 4.36 -46.21
N ILE A 98 -22.00 5.49 -46.76
CA ILE A 98 -22.88 6.43 -47.45
C ILE A 98 -22.33 6.70 -48.83
N CYS A 99 -23.23 6.74 -49.82
CA CYS A 99 -22.83 7.19 -51.16
C CYS A 99 -22.46 8.66 -51.12
N LEU A 100 -21.34 9.00 -51.76
CA LEU A 100 -20.86 10.37 -51.72
C LEU A 100 -21.66 11.27 -52.64
N ASN A 101 -22.17 10.73 -53.75
CA ASN A 101 -22.81 11.58 -54.74
C ASN A 101 -24.20 12.02 -54.32
N CYS A 102 -24.97 11.15 -53.68
CA CYS A 102 -26.35 11.47 -53.34
C CYS A 102 -26.73 11.22 -51.89
N GLY A 103 -25.85 10.62 -51.08
CA GLY A 103 -26.12 10.44 -49.68
C GLY A 103 -26.94 9.22 -49.32
N ALA A 104 -27.40 8.45 -50.30
CA ALA A 104 -28.13 7.24 -50.01
C ALA A 104 -27.19 6.18 -49.43
N PRO A 105 -27.69 5.31 -48.56
CA PRO A 105 -26.84 4.24 -48.03
C PRO A 105 -26.49 3.24 -49.11
N ILE A 106 -25.18 3.00 -49.30
CA ILE A 106 -24.78 2.00 -50.26
C ILE A 106 -25.00 0.58 -49.74
N VAL A 107 -25.03 0.41 -48.42
CA VAL A 107 -25.25 -0.90 -47.83
C VAL A 107 -26.74 -1.17 -47.73
N ASP A 108 -27.09 -2.44 -47.53
CA ASP A 108 -28.48 -2.83 -47.35
C ASP A 108 -28.87 -2.58 -45.89
N LEU A 109 -29.81 -1.67 -45.67
CA LEU A 109 -30.19 -1.30 -44.31
C LEU A 109 -30.99 -2.38 -43.62
N LYS A 110 -31.54 -3.34 -44.36
CA LYS A 110 -32.27 -4.43 -43.73
C LYS A 110 -31.31 -5.45 -43.14
N ARG A 111 -30.12 -5.59 -43.70
CA ARG A 111 -29.19 -6.64 -43.26
C ARG A 111 -28.73 -6.39 -41.82
N TYR A 112 -28.50 -5.14 -41.46
CA TYR A 112 -28.08 -4.78 -40.11
C TYR A 112 -29.24 -4.36 -39.23
N GLU A 113 -30.47 -4.42 -39.73
CA GLU A 113 -31.61 -3.91 -38.98
C GLU A 113 -31.82 -4.67 -37.68
N HIS A 114 -31.61 -5.99 -37.69
CA HIS A 114 -31.82 -6.79 -36.50
C HIS A 114 -30.79 -6.52 -35.42
N LEU A 115 -29.63 -5.96 -35.75
CA LEU A 115 -28.58 -5.75 -34.76
C LEU A 115 -29.00 -4.69 -33.75
N ILE A 116 -28.34 -4.73 -32.59
CA ILE A 116 -28.52 -3.71 -31.58
C ILE A 116 -28.01 -2.38 -32.13
N ARG A 117 -28.76 -1.31 -31.87
CA ARG A 117 -28.50 -0.03 -32.51
C ARG A 117 -27.06 0.46 -32.41
N PRO A 118 -26.39 0.42 -31.26
CA PRO A 118 -24.99 0.86 -31.22
C PRO A 118 -24.06 0.05 -32.10
N LYS A 119 -24.42 -1.17 -32.47
CA LYS A 119 -23.57 -2.01 -33.31
C LYS A 119 -23.91 -1.93 -34.79
N ARG A 120 -25.09 -1.38 -35.13
CA ARG A 120 -25.54 -1.40 -36.52
C ARG A 120 -24.56 -0.68 -37.43
N LEU A 121 -24.16 0.53 -37.07
CA LEU A 121 -23.26 1.31 -37.92
C LEU A 121 -21.85 0.75 -37.90
N ILE A 122 -21.39 0.25 -36.75
CA ILE A 122 -20.07 -0.34 -36.68
C ILE A 122 -19.97 -1.51 -37.64
N GLU A 123 -20.99 -2.39 -37.63
CA GLU A 123 -20.95 -3.56 -38.48
C GLU A 123 -21.22 -3.21 -39.95
N ALA A 124 -22.06 -2.20 -40.20
CA ALA A 124 -22.25 -1.77 -41.58
C ALA A 124 -20.97 -1.23 -42.18
N ALA A 125 -20.24 -0.41 -41.42
CA ALA A 125 -18.98 0.10 -41.91
C ALA A 125 -17.89 -0.96 -41.92
N SER A 126 -18.08 -2.06 -41.20
CA SER A 126 -17.10 -3.14 -41.24
C SER A 126 -16.98 -3.75 -42.63
N SER A 127 -18.07 -3.76 -43.40
CA SER A 127 -18.06 -4.35 -44.73
C SER A 127 -17.19 -3.53 -45.68
N GLN A 128 -16.65 -4.20 -46.71
CA GLN A 128 -15.63 -3.58 -47.55
C GLN A 128 -16.16 -2.37 -48.30
N THR A 129 -17.36 -2.45 -48.86
CA THR A 129 -18.06 -1.36 -49.54
C THR A 129 -17.20 -0.67 -50.60
N GLU A 130 -16.16 -1.32 -51.11
CA GLU A 130 -15.36 -0.76 -52.17
C GLU A 130 -15.87 -1.29 -53.50
N GLY A 131 -16.10 -0.38 -54.45
CA GLY A 131 -16.61 -0.76 -55.75
C GLY A 131 -18.11 -0.98 -55.79
N LYS A 132 -18.80 -0.79 -54.68
CA LYS A 132 -20.26 -0.94 -54.66
C LYS A 132 -20.89 0.14 -55.53
N GLN A 133 -21.96 -0.23 -56.23
CA GLN A 133 -22.68 0.69 -57.09
C GLN A 133 -23.92 1.18 -56.37
N CYS A 134 -24.08 2.50 -56.30
CA CYS A 134 -25.26 3.08 -55.68
C CYS A 134 -26.50 2.78 -56.49
N TYR A 135 -27.61 2.48 -55.81
CA TYR A 135 -28.86 2.23 -56.51
C TYR A 135 -29.41 3.51 -57.12
N VAL A 136 -29.44 4.59 -56.35
CA VAL A 136 -30.12 5.80 -56.79
C VAL A 136 -29.37 6.48 -57.93
N CYS A 137 -28.05 6.66 -57.77
CA CYS A 137 -27.29 7.48 -58.71
C CYS A 137 -26.21 6.70 -59.45
N LYS A 138 -26.15 5.37 -59.28
CA LYS A 138 -25.28 4.49 -60.04
C LYS A 138 -23.80 4.86 -59.91
N ALA A 139 -23.41 5.52 -58.83
CA ALA A 139 -22.01 5.90 -58.63
C ALA A 139 -21.27 4.83 -57.86
N VAL A 140 -20.04 4.57 -58.27
CA VAL A 140 -19.20 3.57 -57.61
C VAL A 140 -18.58 4.18 -56.37
N HIS A 141 -18.79 3.54 -55.23
CA HIS A 141 -18.27 4.08 -53.97
C HIS A 141 -16.76 3.94 -53.93
N PRO A 142 -16.01 5.00 -53.67
CA PRO A 142 -14.55 4.90 -53.66
C PRO A 142 -14.02 4.18 -52.45
N LYS A 143 -12.71 4.07 -52.34
CA LYS A 143 -12.07 3.51 -51.17
C LYS A 143 -11.73 4.64 -50.20
N ILE A 144 -12.24 4.54 -48.98
CA ILE A 144 -12.03 5.56 -47.95
C ILE A 144 -10.83 5.11 -47.12
N VAL A 145 -9.69 5.78 -47.31
CA VAL A 145 -8.47 5.44 -46.60
C VAL A 145 -8.09 6.60 -45.68
N LYS A 146 -7.32 6.29 -44.66
CA LYS A 146 -6.84 7.25 -43.68
C LYS A 146 -5.37 7.55 -43.94
N ASP A 147 -5.04 8.84 -44.07
CA ASP A 147 -3.64 9.23 -44.13
C ASP A 147 -2.95 8.80 -42.84
N SER A 148 -1.80 8.15 -42.99
CA SER A 148 -1.11 7.60 -41.83
C SER A 148 -0.39 8.67 -41.02
N GLU A 149 -0.12 9.83 -41.61
CA GLU A 149 0.71 10.84 -40.95
C GLU A 149 -0.11 11.91 -40.24
N ASP A 150 -1.43 11.80 -40.21
CA ASP A 150 -2.24 12.66 -39.36
C ASP A 150 -3.54 11.94 -39.04
N TYR A 151 -4.29 12.51 -38.10
CA TYR A 151 -5.45 11.84 -37.53
C TYR A 151 -6.79 12.26 -38.13
N PHE A 152 -6.81 13.17 -39.11
CA PHE A 152 -8.05 13.81 -39.49
C PHE A 152 -8.30 13.95 -40.98
N THR A 153 -7.42 13.43 -41.84
CA THR A 153 -7.59 13.56 -43.28
C THR A 153 -8.06 12.25 -43.89
N PHE A 154 -9.04 12.36 -44.78
CA PHE A 154 -9.64 11.22 -45.46
C PHE A 154 -9.37 11.32 -46.95
N TRP A 155 -8.88 10.23 -47.53
CA TRP A 155 -8.62 10.13 -48.96
C TRP A 155 -9.65 9.21 -49.59
N ALA A 156 -10.24 9.64 -50.70
CA ALA A 156 -11.17 8.83 -51.47
C ALA A 156 -10.44 8.29 -52.70
N ASP A 157 -10.22 6.99 -52.72
CA ASP A 157 -9.51 6.33 -53.82
C ASP A 157 -10.55 5.75 -54.78
N GLN A 158 -10.49 6.17 -56.04
CA GLN A 158 -11.32 5.61 -57.10
C GLN A 158 -10.43 4.82 -58.04
N GLN A 159 -10.21 3.55 -57.68
CA GLN A 159 -9.47 2.61 -58.52
C GLN A 159 -8.12 3.17 -58.94
N GLY A 160 -7.40 3.75 -57.99
CA GLY A 160 -6.08 4.30 -58.20
C GLY A 160 -6.05 5.82 -58.24
N LYS A 161 -7.16 6.47 -58.55
CA LYS A 161 -7.26 7.92 -58.55
C LYS A 161 -7.78 8.38 -57.20
N ILE A 162 -6.99 9.19 -56.50
CA ILE A 162 -7.29 9.59 -55.13
C ILE A 162 -7.46 11.10 -55.08
N ASP A 163 -8.47 11.55 -54.35
CA ASP A 163 -8.66 12.96 -54.05
C ASP A 163 -8.90 13.11 -52.55
N LYS A 164 -8.30 14.13 -51.97
CA LYS A 164 -8.41 14.35 -50.53
C LYS A 164 -9.81 14.88 -50.20
N LEU A 165 -10.47 14.23 -49.24
CA LEU A 165 -11.80 14.64 -48.80
C LEU A 165 -11.62 15.77 -47.79
N TYR A 166 -11.81 17.00 -48.25
CA TYR A 166 -11.71 18.14 -47.37
C TYR A 166 -12.97 18.26 -46.53
N PRO A 167 -12.89 18.92 -45.37
CA PRO A 167 -14.05 19.01 -44.49
C PRO A 167 -15.27 19.64 -45.14
N GLN A 168 -15.11 20.52 -46.13
CA GLN A 168 -16.28 21.00 -46.84
C GLN A 168 -16.90 19.89 -47.69
N ILE A 169 -16.05 19.10 -48.36
CA ILE A 169 -16.55 17.98 -49.15
C ILE A 169 -17.29 16.99 -48.25
N ILE A 170 -16.70 16.68 -47.11
CA ILE A 170 -17.32 15.75 -46.16
C ILE A 170 -18.61 16.34 -45.60
N ARG A 171 -18.63 17.66 -45.37
CA ARG A 171 -19.85 18.30 -44.88
C ARG A 171 -20.97 18.20 -45.90
N GLU A 172 -20.66 18.44 -47.18
CA GLU A 172 -21.68 18.29 -48.21
C GLU A 172 -22.17 16.85 -48.30
N ILE A 173 -21.23 15.89 -48.27
CA ILE A 173 -21.58 14.48 -48.33
C ILE A 173 -22.56 14.14 -47.22
N PHE A 174 -22.23 14.54 -45.99
CA PHE A 174 -23.06 14.19 -44.85
C PHE A 174 -24.35 15.00 -44.82
N SER A 175 -24.37 16.18 -45.43
CA SER A 175 -25.62 16.93 -45.52
C SER A 175 -26.58 16.26 -46.48
N ARG A 176 -26.07 15.56 -47.49
CA ARG A 176 -26.95 14.82 -48.38
C ARG A 176 -27.57 13.59 -47.73
N VAL A 177 -27.11 13.21 -46.54
CA VAL A 177 -27.65 12.06 -45.83
C VAL A 177 -28.99 12.43 -45.20
N THR A 178 -29.99 11.59 -45.40
CA THR A 178 -31.31 11.81 -44.84
C THR A 178 -31.39 11.23 -43.42
N TYR A 179 -32.38 11.69 -42.66
CA TYR A 179 -32.55 11.22 -41.30
C TYR A 179 -32.96 9.75 -41.25
N ASP A 180 -33.66 9.28 -42.29
CA ASP A 180 -34.09 7.88 -42.30
C ASP A 180 -32.88 6.95 -42.31
N THR A 181 -31.87 7.26 -43.12
CA THR A 181 -30.63 6.49 -43.09
C THR A 181 -29.97 6.57 -41.72
N VAL A 182 -30.10 7.71 -41.04
CA VAL A 182 -29.51 7.87 -39.73
C VAL A 182 -30.16 6.94 -38.72
N VAL A 183 -31.50 6.95 -38.67
CA VAL A 183 -32.21 6.16 -37.67
C VAL A 183 -32.16 4.67 -38.00
N LYS A 184 -32.13 4.33 -39.29
CA LYS A 184 -32.07 2.92 -39.67
C LYS A 184 -30.70 2.32 -39.45
N LEU A 185 -29.69 3.16 -39.23
CA LEU A 185 -28.35 2.68 -38.92
C LEU A 185 -28.04 2.67 -37.43
N GLY A 186 -29.05 2.87 -36.59
CA GLY A 186 -28.89 2.77 -35.16
C GLY A 186 -28.51 4.05 -34.45
N ARG A 187 -28.26 5.14 -35.19
CA ARG A 187 -27.91 6.41 -34.59
C ARG A 187 -29.17 7.21 -34.33
N SER A 188 -29.10 8.09 -33.35
CA SER A 188 -30.21 8.99 -33.08
C SER A 188 -30.18 10.16 -34.06
N LYS A 189 -31.28 10.91 -34.10
CA LYS A 189 -31.33 12.10 -34.95
C LYS A 189 -30.28 13.11 -34.53
N ASN A 190 -30.00 13.20 -33.22
CA ASN A 190 -28.97 14.11 -32.73
C ASN A 190 -27.57 13.68 -33.13
N SER A 191 -27.41 12.48 -33.70
CA SER A 191 -26.12 12.01 -34.17
C SER A 191 -26.04 12.00 -35.69
N HIS A 192 -26.70 12.94 -36.36
CA HIS A 192 -26.59 13.04 -37.81
C HIS A 192 -25.15 13.34 -38.19
N PRO A 193 -24.62 12.67 -39.21
CA PRO A 193 -23.18 12.82 -39.52
C PRO A 193 -22.78 14.22 -39.93
N GLU A 194 -23.72 15.08 -40.34
CA GLU A 194 -23.33 16.43 -40.71
C GLU A 194 -22.87 17.25 -39.52
N LYS A 195 -23.28 16.87 -38.30
CA LYS A 195 -22.78 17.50 -37.09
C LYS A 195 -21.29 17.29 -36.91
N LEU A 196 -20.70 16.30 -37.57
CA LEU A 196 -19.32 15.94 -37.35
C LEU A 196 -18.33 16.88 -38.02
N VAL A 197 -18.81 17.80 -38.86
CA VAL A 197 -17.97 18.83 -39.46
C VAL A 197 -18.45 20.17 -38.93
N LEU A 198 -17.54 20.91 -38.29
CA LEU A 198 -17.86 22.17 -37.65
C LEU A 198 -17.34 23.32 -38.50
N LYS A 199 -18.20 24.29 -38.76
CA LYS A 199 -17.75 25.55 -39.34
C LYS A 199 -17.62 26.65 -38.30
N ALA A 200 -18.28 26.50 -37.15
CA ALA A 200 -18.12 27.40 -36.01
C ALA A 200 -17.76 26.55 -34.80
N ILE A 201 -16.60 26.83 -34.21
CA ILE A 201 -16.15 26.08 -33.06
C ILE A 201 -16.43 26.90 -31.81
N GLN A 202 -16.52 26.21 -30.67
CA GLN A 202 -16.80 26.86 -29.40
C GLN A 202 -15.49 27.30 -28.75
N ILE A 203 -15.43 28.57 -28.36
CA ILE A 203 -14.32 29.09 -27.58
C ILE A 203 -14.63 28.85 -26.10
N PRO A 204 -13.81 28.11 -25.37
CA PRO A 204 -14.19 27.73 -24.03
C PRO A 204 -14.30 28.95 -23.14
N PRO A 205 -15.11 28.88 -22.09
CA PRO A 205 -15.12 29.95 -21.08
C PRO A 205 -13.75 30.09 -20.46
N ILE A 206 -13.40 31.33 -20.09
CA ILE A 206 -12.10 31.58 -19.49
C ILE A 206 -11.95 30.93 -18.13
N SER A 207 -13.03 30.39 -17.57
CA SER A 207 -12.95 29.68 -16.31
C SER A 207 -12.05 28.46 -16.42
N ILE A 208 -12.12 27.76 -17.55
CA ILE A 208 -11.27 26.58 -17.74
C ILE A 208 -9.92 26.92 -18.34
N ARG A 209 -9.69 28.17 -18.70
CA ARG A 209 -8.40 28.63 -19.21
C ARG A 209 -8.03 29.95 -18.55
N PRO A 210 -7.78 29.93 -17.24
CA PRO A 210 -7.41 31.16 -16.55
C PRO A 210 -5.91 31.40 -16.59
N GLY A 211 -5.51 32.58 -16.12
CA GLY A 211 -4.11 32.89 -15.97
C GLY A 211 -3.46 33.44 -17.21
N ILE A 212 -2.78 34.58 -17.07
CA ILE A 212 -2.09 35.23 -18.19
C ILE A 212 -0.73 35.74 -17.73
N ASP A 225 -1.59 28.20 -20.70
CA ASP A 225 -0.78 27.69 -21.80
C ASP A 225 -1.68 27.15 -22.91
N ILE A 226 -2.91 26.80 -22.54
CA ILE A 226 -3.91 26.39 -23.51
C ILE A 226 -4.41 27.56 -24.36
N ASN A 227 -4.39 28.79 -23.83
CA ASN A 227 -4.79 29.95 -24.61
C ASN A 227 -3.83 30.25 -25.75
N ASN A 228 -2.60 29.73 -25.70
CA ASN A 228 -1.68 29.89 -26.82
C ASN A 228 -2.21 29.17 -28.05
N VAL A 229 -2.70 27.94 -27.88
CA VAL A 229 -3.26 27.21 -29.01
C VAL A 229 -4.51 27.89 -29.54
N ILE A 230 -5.32 28.43 -28.64
CA ILE A 230 -6.51 29.17 -29.06
C ILE A 230 -6.12 30.43 -29.80
N GLN A 231 -5.09 31.12 -29.31
CA GLN A 231 -4.61 32.32 -29.99
C GLN A 231 -4.06 31.99 -31.37
N TYR A 232 -3.24 30.93 -31.47
CA TYR A 232 -2.70 30.54 -32.77
C TYR A 232 -3.81 30.15 -33.73
N LEU A 233 -4.83 29.45 -33.22
CA LEU A 233 -5.95 29.04 -34.06
C LEU A 233 -6.71 30.25 -34.59
N VAL A 234 -6.91 31.26 -33.76
CA VAL A 234 -7.71 32.42 -34.16
C VAL A 234 -7.02 33.19 -35.26
N ARG A 235 -5.73 33.48 -35.10
CA ARG A 235 -5.02 34.25 -36.11
C ARG A 235 -4.84 33.44 -37.39
N LYS A 236 -4.56 32.15 -37.27
CA LYS A 236 -4.44 31.30 -38.46
C LYS A 236 -5.77 31.16 -39.18
N ASN A 237 -6.88 31.25 -38.45
CA ASN A 237 -8.18 31.23 -39.10
C ASN A 237 -8.41 32.48 -39.93
N LEU A 238 -7.82 33.61 -39.53
CA LEU A 238 -7.96 34.84 -40.30
C LEU A 238 -7.23 34.76 -41.63
N LEU A 239 -6.18 33.94 -41.71
CA LEU A 239 -5.42 33.83 -42.95
C LEU A 239 -6.28 33.24 -44.07
N ILE A 240 -7.12 32.28 -43.75
CA ILE A 240 -7.92 31.59 -44.78
C ILE A 240 -8.92 32.58 -45.37
N PRO A 241 -9.12 32.58 -46.69
CA PRO A 241 -10.15 33.44 -47.28
C PRO A 241 -11.53 33.11 -46.72
N LYS A 242 -12.32 34.17 -46.49
CA LYS A 242 -13.64 33.97 -45.91
C LYS A 242 -14.57 33.25 -46.86
N ASP A 243 -14.43 33.47 -48.16
CA ASP A 243 -15.28 32.86 -49.18
C ASP A 243 -14.61 31.68 -49.86
N LEU A 244 -13.81 30.92 -49.12
CA LEU A 244 -13.13 29.76 -49.68
C LEU A 244 -14.12 28.62 -49.87
N GLN A 245 -14.32 28.22 -51.12
CA GLN A 245 -15.17 27.09 -51.47
C GLN A 245 -14.31 26.00 -52.08
N ILE A 246 -14.49 24.76 -51.61
CA ILE A 246 -13.71 23.63 -52.09
C ILE A 246 -14.68 22.55 -52.56
N VAL A 247 -14.78 22.38 -53.87
CA VAL A 247 -15.57 21.31 -54.46
C VAL A 247 -14.68 20.08 -54.59
N ARG A 248 -15.30 18.91 -54.75
CA ARG A 248 -14.53 17.69 -54.93
C ARG A 248 -13.71 17.77 -56.20
N GLY A 249 -12.43 17.39 -56.09
CA GLY A 249 -11.53 17.49 -57.22
C GLY A 249 -11.18 18.90 -57.63
N GLN A 250 -11.14 19.84 -56.69
CA GLN A 250 -10.81 21.22 -57.04
C GLN A 250 -9.31 21.42 -57.23
N LYS A 251 -8.49 20.64 -56.52
CA LYS A 251 -7.03 20.80 -56.52
C LYS A 251 -6.64 22.22 -56.09
N ILE A 252 -6.98 22.52 -54.84
CA ILE A 252 -6.79 23.84 -54.26
C ILE A 252 -5.30 24.19 -54.17
N PRO A 253 -4.94 25.47 -54.12
CA PRO A 253 -3.51 25.84 -54.09
C PRO A 253 -2.83 25.34 -52.82
N LEU A 254 -1.53 25.06 -52.95
CA LEU A 254 -0.77 24.48 -51.85
C LEU A 254 -0.58 25.48 -50.71
N ASN A 255 -0.64 26.78 -50.99
CA ASN A 255 -0.40 27.77 -49.94
C ASN A 255 -1.44 27.67 -48.84
N ILE A 256 -2.68 27.33 -49.21
CA ILE A 256 -3.71 27.11 -48.19
C ILE A 256 -3.93 25.63 -47.89
N ASP A 257 -3.35 24.72 -48.69
CA ASP A 257 -3.36 23.31 -48.32
C ASP A 257 -2.62 23.10 -47.01
N ARG A 258 -1.46 23.74 -46.86
CA ARG A 258 -0.76 23.72 -45.58
C ARG A 258 -1.54 24.49 -44.52
N ASN A 259 -2.12 25.65 -44.90
CA ASN A 259 -2.84 26.46 -43.93
C ASN A 259 -4.08 25.74 -43.42
N LEU A 260 -4.81 25.06 -44.29
CA LEU A 260 -5.98 24.30 -43.85
C LEU A 260 -5.57 23.14 -42.96
N GLN A 261 -4.45 22.51 -43.28
CA GLN A 261 -3.95 21.41 -42.45
C GLN A 261 -3.57 21.90 -41.06
N THR A 262 -2.95 23.07 -40.98
CA THR A 262 -2.46 23.53 -39.68
C THR A 262 -3.59 24.04 -38.80
N ILE A 263 -4.71 24.47 -39.39
CA ILE A 263 -5.87 24.80 -38.58
C ILE A 263 -6.50 23.55 -38.00
N GLN A 264 -6.65 22.51 -38.83
CA GLN A 264 -7.23 21.27 -38.35
C GLN A 264 -6.32 20.61 -37.31
N GLN A 265 -5.01 20.67 -37.52
CA GLN A 265 -4.09 20.15 -36.53
C GLN A 265 -4.18 20.94 -35.23
N LEU A 266 -4.29 22.27 -35.32
CA LEU A 266 -4.39 23.07 -34.12
C LEU A 266 -5.65 22.74 -33.33
N TYR A 267 -6.78 22.59 -34.03
CA TYR A 267 -8.02 22.21 -33.34
C TYR A 267 -7.91 20.81 -32.75
N TYR A 268 -7.32 19.88 -33.49
CA TYR A 268 -7.11 18.54 -32.96
C TYR A 268 -6.21 18.56 -31.74
N ASN A 269 -5.08 19.28 -31.82
CA ASN A 269 -4.19 19.39 -30.68
C ASN A 269 -4.80 20.18 -29.54
N PHE A 270 -5.75 21.07 -29.85
CA PHE A 270 -6.45 21.79 -28.80
C PHE A 270 -7.31 20.86 -27.96
N LEU A 271 -7.80 19.78 -28.53
CA LEU A 271 -8.66 18.85 -27.83
C LEU A 271 -8.01 17.51 -27.52
N LEU A 272 -7.26 16.92 -28.45
CA LEU A 272 -6.83 15.53 -28.31
C LEU A 272 -5.32 15.36 -28.32
N ASP A 273 -4.56 16.41 -28.04
CA ASP A 273 -3.11 16.29 -28.01
C ASP A 273 -2.67 15.33 -26.91
N SER A 274 -1.55 14.66 -27.14
CA SER A 274 -0.96 13.74 -26.16
C SER A 274 -1.89 12.60 -25.79
N PRO A 295 3.55 19.68 -25.71
CA PRO A 295 3.34 21.08 -25.29
C PRO A 295 1.86 21.45 -25.22
N ALA A 296 1.52 22.38 -24.30
CA ALA A 296 0.18 22.94 -24.18
C ALA A 296 -0.85 21.82 -24.06
N PRO A 297 -0.96 21.18 -22.89
CA PRO A 297 -1.83 20.01 -22.78
C PRO A 297 -3.26 20.33 -23.21
N SER A 298 -3.87 19.37 -23.92
CA SER A 298 -5.15 19.59 -24.56
C SER A 298 -6.27 19.62 -23.51
N ILE A 299 -7.49 19.85 -23.99
CA ILE A 299 -8.64 19.88 -23.11
C ILE A 299 -8.97 18.49 -22.60
N MET A 300 -8.88 17.48 -23.47
CA MET A 300 -9.29 16.13 -23.09
C MET A 300 -8.24 15.40 -22.26
N ARG A 301 -7.00 15.91 -22.21
CA ARG A 301 -6.01 15.29 -21.33
C ARG A 301 -6.14 15.75 -19.89
N ARG A 302 -7.02 16.70 -19.61
CA ARG A 302 -7.27 17.10 -18.24
C ARG A 302 -8.11 16.09 -17.47
N LEU A 303 -8.81 15.21 -18.17
CA LEU A 303 -9.71 14.25 -17.54
C LEU A 303 -9.01 13.02 -16.97
N PRO A 304 -8.25 12.26 -17.76
CA PRO A 304 -7.88 10.90 -17.35
C PRO A 304 -6.76 10.91 -16.31
N ARG A 305 -6.34 9.69 -15.96
CA ARG A 305 -5.26 9.44 -14.99
C ARG A 305 -5.65 9.86 -13.59
N LYS A 306 -4.75 9.63 -12.64
CA LYS A 306 -5.04 9.92 -11.24
C LYS A 306 -5.05 11.41 -10.94
N GLU A 307 -4.28 12.19 -11.69
CA GLU A 307 -4.19 13.62 -11.47
C GLU A 307 -5.21 14.41 -12.28
N GLY A 308 -6.09 13.74 -13.01
CA GLY A 308 -7.01 14.42 -13.89
C GLY A 308 -8.15 15.09 -13.16
N ARG A 309 -9.03 15.71 -13.95
CA ARG A 309 -10.15 16.44 -13.40
C ARG A 309 -11.09 15.53 -12.63
N ILE A 310 -11.29 14.30 -13.12
CA ILE A 310 -12.26 13.42 -12.48
C ILE A 310 -11.70 12.87 -11.18
N ARG A 311 -10.54 12.23 -11.22
CA ARG A 311 -10.05 11.53 -10.04
C ARG A 311 -9.48 12.48 -9.00
N LYS A 312 -8.88 13.60 -9.41
CA LYS A 312 -8.29 14.51 -8.44
C LYS A 312 -9.25 15.62 -8.00
N SER A 313 -9.95 16.23 -8.95
CA SER A 313 -10.77 17.38 -8.60
C SER A 313 -12.21 17.00 -8.24
N LEU A 314 -12.75 15.97 -8.88
CA LEU A 314 -14.15 15.61 -8.68
C LEU A 314 -14.32 14.55 -7.61
N LEU A 315 -13.66 13.41 -7.76
CA LEU A 315 -13.82 12.32 -6.82
C LEU A 315 -13.08 12.57 -5.52
N GLY A 316 -12.10 13.47 -5.52
CA GLY A 316 -11.48 13.96 -4.31
C GLY A 316 -11.74 15.45 -4.15
N SER A 317 -11.09 16.02 -3.13
CA SER A 317 -11.23 17.45 -2.90
C SER A 317 -10.16 17.91 -1.93
N GLN A 318 -9.63 19.11 -2.16
CA GLN A 318 -8.89 19.83 -1.15
C GLN A 318 -9.87 20.68 -0.36
N VAL A 319 -9.72 20.68 0.97
CA VAL A 319 -10.71 21.24 1.86
C VAL A 319 -10.05 22.22 2.82
N TRP A 320 -10.87 23.08 3.41
CA TRP A 320 -10.44 23.99 4.46
C TRP A 320 -10.80 23.42 5.82
N SER A 321 -10.44 24.15 6.87
CA SER A 321 -10.86 23.86 8.24
C SER A 321 -10.46 22.44 8.65
N ILE A 322 -9.21 22.09 8.35
CA ILE A 322 -8.71 20.75 8.61
C ILE A 322 -7.28 20.87 9.12
N SER A 323 -6.90 19.98 10.02
CA SER A 323 -5.58 19.98 10.62
C SER A 323 -4.95 18.60 10.48
N ARG A 324 -3.62 18.57 10.51
CA ARG A 324 -2.86 17.35 10.41
C ARG A 324 -1.71 17.41 11.38
N SER A 325 -1.42 16.30 12.06
CA SER A 325 -0.32 16.26 13.00
C SER A 325 0.05 14.81 13.27
N THR A 326 1.22 14.64 13.89
CA THR A 326 1.64 13.33 14.37
C THR A 326 0.76 12.89 15.52
N ILE A 327 0.43 11.60 15.55
CA ILE A 327 -0.36 11.05 16.62
C ILE A 327 0.55 10.42 17.66
N CYS A 328 0.05 10.35 18.89
CA CYS A 328 0.81 9.76 19.97
C CYS A 328 -0.16 9.27 21.03
N GLY A 329 0.35 8.41 21.90
CA GLY A 329 -0.50 7.74 22.88
C GLY A 329 -0.79 8.60 24.10
N ASN A 330 -1.97 8.41 24.64
CA ASN A 330 -2.39 9.07 25.88
C ASN A 330 -3.34 8.11 26.58
N SER A 331 -2.82 7.39 27.57
CA SER A 331 -3.63 6.41 28.28
C SER A 331 -4.71 7.05 29.14
N ASP A 332 -4.67 8.35 29.34
CA ASP A 332 -5.68 9.04 30.13
C ASP A 332 -6.83 9.57 29.28
N LEU A 333 -6.83 9.30 27.99
CA LEU A 333 -7.93 9.67 27.11
C LEU A 333 -8.83 8.48 26.89
N HIS A 334 -10.13 8.72 26.92
CA HIS A 334 -11.09 7.68 26.59
C HIS A 334 -10.95 7.26 25.14
N LEU A 335 -11.47 6.08 24.82
CA LEU A 335 -11.30 5.54 23.48
C LEU A 335 -11.98 6.41 22.43
N ASP A 336 -13.04 7.11 22.80
CA ASP A 336 -13.74 8.02 21.90
C ASP A 336 -13.35 9.47 22.10
N GLU A 337 -12.17 9.72 22.68
CA GLU A 337 -11.65 11.06 22.87
C GLU A 337 -10.38 11.23 22.08
N VAL A 338 -10.14 12.44 21.59
CA VAL A 338 -8.92 12.79 20.90
C VAL A 338 -8.32 14.02 21.56
N GLY A 339 -7.01 13.98 21.79
CA GLY A 339 -6.33 15.12 22.38
C GLY A 339 -5.97 16.16 21.35
N TYR A 340 -6.58 17.34 21.44
CA TYR A 340 -6.39 18.38 20.45
C TYR A 340 -5.55 19.51 21.03
N PRO A 341 -4.33 19.74 20.54
CA PRO A 341 -3.52 20.84 21.07
C PRO A 341 -4.21 22.18 20.89
N ILE A 342 -4.01 23.07 21.88
CA ILE A 342 -4.78 24.30 21.95
C ILE A 342 -4.47 25.22 20.77
N SER A 343 -3.26 25.17 20.23
CA SER A 343 -2.93 26.01 19.09
C SER A 343 -3.82 25.68 17.90
N PHE A 344 -4.05 24.38 17.65
CA PHE A 344 -4.98 23.98 16.60
C PHE A 344 -6.42 24.29 16.98
N ALA A 345 -6.74 24.23 18.27
CA ALA A 345 -8.11 24.48 18.71
C ALA A 345 -8.54 25.91 18.43
N ARG A 346 -7.61 26.85 18.47
CA ARG A 346 -7.93 28.23 18.13
C ARG A 346 -7.88 28.49 16.63
N THR A 347 -7.09 27.70 15.89
CA THR A 347 -7.07 27.83 14.44
C THR A 347 -8.38 27.38 13.83
N LEU A 348 -8.86 26.19 14.21
CA LEU A 348 -10.11 25.67 13.71
C LEU A 348 -11.26 26.21 14.54
N GLN A 349 -12.34 26.58 13.87
CA GLN A 349 -13.45 27.27 14.51
C GLN A 349 -14.73 26.48 14.34
N VAL A 350 -15.68 26.73 15.24
CA VAL A 350 -17.01 26.17 15.15
C VAL A 350 -17.99 27.32 14.96
N ALA A 351 -18.82 27.22 13.93
CA ALA A 351 -19.79 28.27 13.61
C ALA A 351 -21.02 28.10 14.47
N GLU A 352 -21.31 29.11 15.29
CA GLU A 352 -22.48 29.10 16.16
C GLU A 352 -23.35 30.29 15.83
N THR A 353 -24.55 30.02 15.33
CA THR A 353 -25.52 31.07 15.08
C THR A 353 -26.11 31.55 16.39
N VAL A 354 -26.15 32.86 16.57
CA VAL A 354 -26.60 33.44 17.83
C VAL A 354 -28.12 33.45 17.87
N GLN A 355 -28.69 32.90 18.93
CA GLN A 355 -30.12 32.93 19.16
C GLN A 355 -30.36 33.26 20.63
N HIS A 356 -31.62 33.30 21.03
CA HIS A 356 -31.93 33.65 22.41
C HIS A 356 -31.47 32.57 23.38
N TYR A 357 -31.43 31.31 22.94
CA TYR A 357 -31.09 30.22 23.85
C TYR A 357 -29.59 30.04 24.03
N ASN A 358 -28.76 30.59 23.15
CA ASN A 358 -27.32 30.41 23.25
C ASN A 358 -26.57 31.73 23.40
N ILE A 359 -27.28 32.86 23.50
CA ILE A 359 -26.61 34.15 23.54
C ILE A 359 -25.74 34.27 24.78
N ASN A 360 -26.24 33.80 25.92
CA ASN A 360 -25.46 33.89 27.16
C ASN A 360 -24.23 32.98 27.12
N ARG A 361 -24.36 31.79 26.52
CA ARG A 361 -23.21 30.89 26.41
C ARG A 361 -22.18 31.43 25.44
N LEU A 362 -22.63 32.07 24.35
CA LEU A 362 -21.71 32.57 23.35
C LEU A 362 -21.01 33.85 23.76
N MET A 363 -21.52 34.56 24.76
CA MET A 363 -20.89 35.81 25.18
C MET A 363 -19.47 35.62 25.71
N PRO A 364 -19.18 34.65 26.59
CA PRO A 364 -17.78 34.48 27.02
C PRO A 364 -16.82 34.23 25.88
N TYR A 365 -17.24 33.48 24.86
CA TYR A 365 -16.40 33.32 23.67
C TYR A 365 -16.17 34.65 23.00
N PHE A 366 -17.24 35.43 22.82
CA PHE A 366 -17.14 36.70 22.12
C PHE A 366 -16.27 37.69 22.87
N LEU A 367 -16.38 37.74 24.19
CA LEU A 367 -15.58 38.67 24.97
C LEU A 367 -14.11 38.29 24.99
N ASN A 368 -13.81 36.99 24.98
CA ASN A 368 -12.42 36.55 25.00
C ASN A 368 -11.71 36.92 23.70
N GLY A 369 -12.40 36.81 22.57
CA GLY A 369 -11.79 37.16 21.30
C GLY A 369 -10.59 36.29 21.01
N LYS A 370 -9.56 36.88 20.42
CA LYS A 370 -8.31 36.17 20.20
C LYS A 370 -7.39 36.19 21.41
N ARG A 371 -7.69 37.02 22.41
CA ARG A 371 -6.77 37.20 23.53
C ARG A 371 -6.81 36.02 24.48
N GLN A 372 -7.99 35.49 24.74
CA GLN A 372 -8.19 34.50 25.78
C GLN A 372 -8.89 33.28 25.20
N TYR A 373 -8.65 32.12 25.82
CA TYR A 373 -9.27 30.87 25.46
C TYR A 373 -10.21 30.41 26.57
N PRO A 374 -11.40 29.89 26.24
CA PRO A 374 -11.99 29.67 24.92
C PRO A 374 -12.44 30.97 24.26
N GLY A 375 -11.85 31.32 23.13
CA GLY A 375 -12.20 32.57 22.49
C GLY A 375 -12.97 32.39 21.20
N CYS A 376 -12.72 33.29 20.25
CA CYS A 376 -13.39 33.29 18.97
C CYS A 376 -12.68 34.29 18.09
N SER A 377 -12.55 33.95 16.81
CA SER A 377 -12.06 35.00 15.91
C SER A 377 -12.81 34.91 14.59
N ARG A 378 -14.03 35.44 14.58
CA ARG A 378 -14.76 35.95 13.42
C ARG A 378 -16.17 36.27 13.90
N VAL A 379 -16.89 37.12 13.19
CA VAL A 379 -18.32 37.32 13.39
C VAL A 379 -18.93 37.64 12.05
N TYR A 380 -20.00 36.94 11.68
CA TYR A 380 -20.76 37.23 10.48
C TYR A 380 -22.06 37.89 10.91
N LYS A 381 -22.26 39.14 10.52
CA LYS A 381 -23.50 39.86 10.78
C LYS A 381 -24.44 39.68 9.60
N GLN A 382 -25.60 39.06 9.82
CA GLN A 382 -26.48 38.76 8.70
C GLN A 382 -27.21 40.00 8.19
N ILE A 383 -27.32 41.05 9.01
CA ILE A 383 -27.96 42.27 8.52
C ILE A 383 -27.09 42.96 7.48
N THR A 384 -25.77 42.95 7.68
CA THR A 384 -24.84 43.43 6.66
C THR A 384 -24.38 42.34 5.71
N GLN A 385 -24.70 41.08 6.00
CA GLN A 385 -24.23 39.93 5.22
C GLN A 385 -22.72 39.91 5.11
N SER A 386 -22.03 40.37 6.15
CA SER A 386 -20.58 40.55 6.11
C SER A 386 -19.93 39.92 7.32
N VAL A 387 -18.70 39.47 7.13
CA VAL A 387 -17.90 38.84 8.17
C VAL A 387 -16.94 39.87 8.73
N HIS A 388 -16.87 39.98 10.06
CA HIS A 388 -16.02 40.95 10.73
C HIS A 388 -15.04 40.23 11.65
N ASP A 389 -13.77 40.54 11.50
CA ASP A 389 -12.75 40.01 12.40
C ASP A 389 -12.98 40.54 13.81
N ILE A 390 -12.63 39.72 14.80
CA ILE A 390 -12.94 40.05 16.18
C ILE A 390 -12.10 41.20 16.71
N GLU A 391 -10.96 41.49 16.08
CA GLU A 391 -10.12 42.60 16.55
C GLU A 391 -10.70 43.95 16.14
N GLY A 392 -11.36 44.00 14.98
CA GLY A 392 -11.85 45.24 14.44
C GLY A 392 -13.23 45.68 14.92
N LEU A 393 -13.74 45.08 15.99
CA LEU A 393 -15.07 45.41 16.48
C LEU A 393 -14.99 46.61 17.41
N LYS A 394 -15.28 47.79 16.88
CA LYS A 394 -15.24 49.02 17.67
C LYS A 394 -16.28 49.00 18.78
N GLN A 395 -17.56 48.99 18.40
CA GLN A 395 -18.67 48.88 19.34
C GLN A 395 -19.61 47.74 18.97
N ASP A 396 -19.11 46.75 18.23
CA ASP A 396 -19.93 45.66 17.75
C ASP A 396 -20.24 44.64 18.83
N PHE A 397 -20.04 44.99 20.11
CA PHE A 397 -20.36 44.09 21.20
C PHE A 397 -21.80 43.62 21.16
N ARG A 398 -22.66 44.27 20.38
CA ARG A 398 -24.02 43.80 20.18
C ARG A 398 -23.95 42.59 19.25
N LEU A 399 -23.61 41.45 19.85
CA LEU A 399 -23.67 40.16 19.18
C LEU A 399 -25.16 39.77 19.10
N GLU A 400 -25.80 40.26 18.05
CA GLU A 400 -27.25 40.20 17.94
C GLU A 400 -27.73 38.85 17.42
N VAL A 401 -28.96 38.51 17.80
CA VAL A 401 -29.51 37.20 17.51
C VAL A 401 -29.71 37.03 16.01
N GLY A 402 -29.17 35.95 15.47
CA GLY A 402 -29.20 35.69 14.05
C GLY A 402 -27.86 35.77 13.36
N ASP A 403 -26.86 36.32 14.01
CA ASP A 403 -25.53 36.37 13.41
C ASP A 403 -24.71 35.18 13.86
N ILE A 404 -23.68 34.85 13.08
CA ILE A 404 -22.92 33.63 13.27
C ILE A 404 -21.59 33.98 13.94
N LEU A 405 -21.33 33.36 15.08
CA LEU A 405 -20.08 33.50 15.78
C LEU A 405 -19.21 32.28 15.53
N TYR A 406 -17.97 32.50 15.11
CA TYR A 406 -17.02 31.43 14.89
C TYR A 406 -16.12 31.35 16.11
N ARG A 407 -16.37 30.36 16.96
CA ARG A 407 -15.68 30.22 18.22
C ARG A 407 -14.67 29.09 18.17
N ASP A 408 -13.74 29.11 19.10
CA ASP A 408 -12.67 28.12 19.14
C ASP A 408 -13.22 26.75 19.51
N VAL A 409 -12.41 25.73 19.22
CA VAL A 409 -12.75 24.37 19.60
C VAL A 409 -12.57 24.21 21.10
N VAL A 410 -13.58 23.66 21.77
CA VAL A 410 -13.53 23.44 23.21
C VAL A 410 -13.63 21.94 23.47
N THR A 411 -13.24 21.56 24.69
CA THR A 411 -13.35 20.16 25.08
C THR A 411 -14.80 19.72 25.05
N GLY A 412 -15.05 18.55 24.45
CA GLY A 412 -16.38 18.05 24.26
C GLY A 412 -16.92 18.21 22.85
N ASP A 413 -16.28 19.03 22.03
CA ASP A 413 -16.63 19.08 20.63
C ASP A 413 -16.26 17.77 19.95
N VAL A 414 -16.98 17.45 18.89
CA VAL A 414 -16.71 16.24 18.12
C VAL A 414 -15.84 16.60 16.94
N ALA A 415 -14.92 15.71 16.58
CA ALA A 415 -14.04 15.94 15.46
C ALA A 415 -13.86 14.64 14.67
N PHE A 416 -13.68 14.78 13.37
CA PHE A 416 -13.42 13.64 12.51
C PHE A 416 -11.95 13.32 12.52
N PHE A 417 -11.61 12.07 12.80
CA PHE A 417 -10.24 11.63 12.96
C PHE A 417 -9.95 10.59 11.89
N ASN A 418 -9.03 10.90 10.99
CA ASN A 418 -8.82 10.10 9.79
C ASN A 418 -7.35 9.76 9.62
N ARG A 419 -7.04 8.49 9.44
CA ARG A 419 -5.71 8.06 9.02
C ARG A 419 -5.77 7.51 7.60
N GLN A 420 -4.81 7.87 6.82
CA GLN A 420 -4.71 7.38 5.46
C GLN A 420 -3.67 6.29 5.37
N PRO A 421 -3.86 5.30 4.49
CA PRO A 421 -4.96 5.13 3.55
C PRO A 421 -6.28 4.75 4.22
N SER A 422 -7.38 5.33 3.77
CA SER A 422 -8.70 5.04 4.33
C SER A 422 -9.25 3.80 3.65
N LEU A 423 -8.98 2.65 4.25
CA LEU A 423 -9.39 1.37 3.72
C LEU A 423 -10.61 0.79 4.41
N GLU A 424 -10.67 0.89 5.73
CA GLU A 424 -11.79 0.37 6.50
C GLU A 424 -12.90 1.41 6.59
N ARG A 425 -14.06 0.96 7.07
CA ARG A 425 -15.14 1.87 7.38
C ARG A 425 -14.81 2.73 8.60
N SER A 426 -13.92 2.26 9.46
CA SER A 426 -13.52 2.96 10.66
C SER A 426 -12.28 3.81 10.47
N SER A 427 -11.80 3.95 9.24
CA SER A 427 -10.65 4.80 8.97
C SER A 427 -10.95 6.27 9.24
N ILE A 428 -12.20 6.66 9.20
CA ILE A 428 -12.65 7.97 9.68
C ILE A 428 -13.63 7.71 10.80
N GLY A 429 -13.36 8.29 11.96
CA GLY A 429 -14.27 8.20 13.08
C GLY A 429 -14.37 9.54 13.77
N VAL A 430 -15.42 9.69 14.56
CA VAL A 430 -15.67 10.94 15.28
C VAL A 430 -15.32 10.73 16.74
N HIS A 431 -14.44 11.58 17.25
CA HIS A 431 -14.00 11.54 18.63
C HIS A 431 -14.41 12.82 19.34
N ARG A 432 -14.63 12.72 20.64
CA ARG A 432 -14.86 13.91 21.45
C ARG A 432 -13.53 14.62 21.68
N ILE A 433 -13.51 15.92 21.42
CA ILE A 433 -12.27 16.68 21.52
C ILE A 433 -11.91 16.88 22.97
N VAL A 434 -10.67 16.58 23.32
CA VAL A 434 -10.08 17.01 24.59
C VAL A 434 -8.97 17.98 24.25
N VAL A 435 -9.15 19.25 24.58
CA VAL A 435 -8.17 20.27 24.22
C VAL A 435 -7.02 20.23 25.21
N LEU A 436 -5.82 20.04 24.70
CA LEU A 436 -4.62 20.00 25.52
C LEU A 436 -4.09 21.41 25.65
N GLU A 437 -4.28 22.01 26.83
CA GLU A 437 -3.94 23.40 27.05
C GLU A 437 -2.45 23.62 27.29
N ASN A 438 -1.66 22.57 27.37
CA ASN A 438 -0.22 22.70 27.38
C ASN A 438 0.24 23.21 26.02
N PRO A 439 0.90 24.38 25.96
CA PRO A 439 1.30 24.92 24.65
C PRO A 439 2.44 24.16 24.01
N LYS A 440 3.19 23.35 24.77
CA LYS A 440 4.32 22.62 24.23
C LYS A 440 3.92 21.36 23.48
N ILE A 441 2.67 20.91 23.61
CA ILE A 441 2.22 19.70 22.96
C ILE A 441 1.59 20.09 21.63
N SER A 442 2.04 19.46 20.55
CA SER A 442 1.51 19.74 19.23
C SER A 442 1.06 18.47 18.50
N THR A 443 0.90 17.36 19.21
CA THR A 443 0.48 16.10 18.62
C THR A 443 -1.01 15.86 18.83
N PHE A 444 -1.57 15.04 17.96
CA PHE A 444 -2.89 14.49 18.19
C PHE A 444 -2.75 13.32 19.14
N GLN A 445 -3.43 13.37 20.28
CA GLN A 445 -3.29 12.33 21.28
C GLN A 445 -4.53 11.46 21.30
N MET A 446 -4.32 10.16 21.39
CA MET A 446 -5.39 9.19 21.31
C MET A 446 -5.06 8.02 22.21
N ASN A 447 -6.09 7.34 22.69
CA ASN A 447 -5.89 6.12 23.44
C ASN A 447 -5.29 5.05 22.53
N VAL A 448 -4.43 4.21 23.11
CA VAL A 448 -3.78 3.17 22.33
C VAL A 448 -4.80 2.16 21.81
N SER A 449 -5.92 2.01 22.50
CA SER A 449 -6.93 1.05 22.07
C SER A 449 -7.78 1.60 20.94
N ALA A 450 -7.72 2.90 20.67
CA ALA A 450 -8.40 3.47 19.52
C ALA A 450 -7.60 3.33 18.25
N CYS A 451 -6.33 2.90 18.33
CA CYS A 451 -5.51 2.71 17.14
C CYS A 451 -6.03 1.60 16.26
N ALA A 452 -6.76 0.63 16.81
CA ALA A 452 -7.24 -0.49 16.01
C ALA A 452 -8.22 -0.04 14.94
N TRP A 453 -8.93 1.07 15.18
CA TRP A 453 -9.83 1.60 14.16
C TRP A 453 -9.07 2.07 12.93
N TYR A 454 -7.88 2.63 13.12
CA TYR A 454 -7.15 3.27 12.05
C TYR A 454 -5.93 2.48 11.59
N ASN A 455 -5.67 1.33 12.19
CA ASN A 455 -4.46 0.56 11.92
C ASN A 455 -3.23 1.45 12.10
N ALA A 456 -3.23 2.21 13.18
CA ALA A 456 -2.20 3.19 13.46
C ALA A 456 -1.28 2.72 14.57
N ASP A 457 -0.05 3.23 14.54
CA ASP A 457 0.87 3.10 15.65
C ASP A 457 1.52 4.45 15.88
N PHE A 458 2.42 4.51 16.84
CA PHE A 458 3.05 5.77 17.24
C PHE A 458 4.52 5.80 16.88
N ASP A 459 4.87 5.28 15.71
CA ASP A 459 6.23 5.33 15.20
C ASP A 459 6.44 6.47 14.20
N GLY A 460 5.51 7.42 14.16
CA GLY A 460 5.63 8.54 13.25
C GLY A 460 4.41 8.74 12.39
N ASP A 461 3.35 7.99 12.68
CA ASP A 461 2.11 8.11 11.92
C ASP A 461 1.52 9.49 12.06
N GLN A 462 0.86 9.94 11.00
CA GLN A 462 0.13 11.20 11.00
C GLN A 462 -1.31 10.93 10.61
N MET A 463 -2.22 11.66 11.25
CA MET A 463 -3.64 11.55 10.94
C MET A 463 -4.24 12.93 10.79
N ASN A 464 -5.23 13.03 9.91
CA ASN A 464 -5.94 14.27 9.68
C ASN A 464 -7.06 14.41 10.70
N LEU A 465 -7.35 15.66 11.06
CA LEU A 465 -8.42 15.95 12.00
C LEU A 465 -9.12 17.19 11.52
N TRP A 466 -10.44 17.12 11.38
CA TRP A 466 -11.23 18.30 11.11
C TRP A 466 -12.41 18.33 12.05
N VAL A 467 -12.70 19.50 12.58
CA VAL A 467 -13.80 19.70 13.51
C VAL A 467 -15.01 20.19 12.71
N PRO A 468 -16.12 19.46 12.70
CA PRO A 468 -17.32 19.96 12.03
C PRO A 468 -17.77 21.28 12.62
N TRP A 469 -17.98 22.27 11.76
CA TRP A 469 -18.43 23.57 12.20
C TRP A 469 -19.90 23.82 11.93
N SER A 470 -20.46 23.17 10.91
CA SER A 470 -21.87 23.30 10.60
C SER A 470 -22.71 22.47 11.57
N VAL A 471 -23.94 22.94 11.81
CA VAL A 471 -24.83 22.23 12.71
C VAL A 471 -25.20 20.87 12.14
N MET A 472 -25.51 20.81 10.85
CA MET A 472 -25.88 19.54 10.23
C MET A 472 -24.74 18.54 10.31
N SER A 473 -23.51 18.97 10.04
CA SER A 473 -22.38 18.06 10.08
C SER A 473 -22.03 17.65 11.51
N ARG A 474 -22.31 18.52 12.48
CA ARG A 474 -22.05 18.17 13.87
C ARG A 474 -23.07 17.17 14.39
N VAL A 475 -24.35 17.35 14.07
CA VAL A 475 -25.36 16.37 14.45
C VAL A 475 -25.03 15.02 13.85
N GLU A 476 -24.65 15.03 12.58
CA GLU A 476 -24.25 13.81 11.89
C GLU A 476 -23.03 13.16 12.52
N ALA A 477 -22.03 13.97 12.86
CA ALA A 477 -20.81 13.43 13.44
C ALA A 477 -21.09 12.75 14.78
N GLU A 478 -21.97 13.33 15.58
CA GLU A 478 -22.26 12.79 16.90
C GLU A 478 -23.09 11.51 16.80
N LEU A 479 -24.11 11.52 15.96
CA LEU A 479 -25.09 10.44 15.95
C LEU A 479 -24.71 9.28 15.05
N LEU A 480 -23.92 9.52 14.01
CA LEU A 480 -23.70 8.52 12.98
C LEU A 480 -22.26 8.05 12.89
N CYS A 481 -21.30 8.95 12.92
CA CYS A 481 -19.91 8.61 12.66
C CYS A 481 -19.08 8.48 13.92
N SER A 482 -19.71 8.50 15.08
CA SER A 482 -19.00 8.30 16.34
C SER A 482 -18.36 6.91 16.34
N VAL A 483 -17.16 6.83 16.92
CA VAL A 483 -16.40 5.58 16.90
C VAL A 483 -17.06 4.47 17.69
N ARG A 484 -18.05 4.79 18.53
CA ARG A 484 -18.83 3.74 19.16
C ARG A 484 -19.58 2.90 18.13
N ASN A 485 -19.83 3.46 16.95
CA ASN A 485 -20.51 2.72 15.89
C ASN A 485 -19.57 1.78 15.15
N TRP A 486 -18.26 1.99 15.26
CA TRP A 486 -17.28 1.12 14.62
C TRP A 486 -16.60 0.20 15.61
N PHE A 487 -17.13 0.05 16.81
CA PHE A 487 -16.53 -0.89 17.76
C PHE A 487 -16.60 -2.31 17.23
N ILE A 488 -17.74 -2.68 16.65
CA ILE A 488 -17.89 -3.96 15.98
C ILE A 488 -17.51 -3.79 14.53
N SER A 489 -16.64 -4.66 14.03
CA SER A 489 -16.17 -4.57 12.66
C SER A 489 -17.29 -4.88 11.69
N THR A 490 -17.48 -4.02 10.70
CA THR A 490 -18.38 -4.35 9.61
C THR A 490 -17.86 -5.53 8.82
N LYS A 491 -16.54 -5.61 8.64
CA LYS A 491 -15.95 -6.67 7.84
C LYS A 491 -16.21 -8.04 8.47
N SER A 492 -15.87 -8.20 9.75
CA SER A 492 -15.85 -9.51 10.37
C SER A 492 -16.94 -9.73 11.41
N SER A 493 -17.74 -8.71 11.73
CA SER A 493 -18.78 -8.73 12.75
C SER A 493 -18.24 -8.91 14.16
N GLY A 494 -16.93 -8.94 14.35
CA GLY A 494 -16.35 -9.07 15.66
C GLY A 494 -15.92 -7.72 16.21
N PRO A 495 -15.56 -7.68 17.49
CA PRO A 495 -15.11 -6.42 18.07
C PRO A 495 -13.76 -6.00 17.49
N VAL A 496 -13.57 -4.69 17.35
CA VAL A 496 -12.31 -4.20 16.83
C VAL A 496 -11.35 -3.87 17.97
N ASN A 497 -11.86 -3.27 19.02
CA ASN A 497 -11.03 -2.73 20.09
C ASN A 497 -10.95 -3.67 21.27
N GLY A 498 -9.92 -3.43 22.08
CA GLY A 498 -9.65 -4.24 23.25
C GLY A 498 -8.35 -3.78 23.86
N GLN A 499 -7.84 -4.58 24.78
CA GLN A 499 -6.55 -4.28 25.37
C GLN A 499 -5.44 -4.68 24.41
N VAL A 500 -4.38 -3.87 24.39
CA VAL A 500 -3.21 -4.15 23.58
C VAL A 500 -1.97 -3.98 24.45
N GLN A 501 -0.98 -4.84 24.24
CA GLN A 501 0.33 -4.71 24.84
C GLN A 501 0.29 -4.64 26.36
N ASP A 502 0.50 -3.44 26.92
CA ASP A 502 0.63 -3.31 28.36
C ASP A 502 -0.65 -3.70 29.08
N SER A 503 -1.81 -3.38 28.51
CA SER A 503 -3.06 -3.72 29.16
C SER A 503 -3.39 -5.20 28.99
N THR A 504 -2.91 -5.83 27.92
CA THR A 504 -3.08 -7.27 27.79
C THR A 504 -2.21 -8.00 28.80
N VAL A 505 -0.94 -7.63 28.91
CA VAL A 505 -0.08 -8.27 29.88
C VAL A 505 -0.35 -7.76 31.29
N GLY A 506 -0.91 -6.55 31.44
CA GLY A 506 -1.25 -6.05 32.74
C GLY A 506 -2.53 -6.63 33.29
N SER A 507 -3.44 -7.05 32.42
CA SER A 507 -4.63 -7.75 32.87
C SER A 507 -4.28 -9.15 33.34
N PHE A 508 -3.32 -9.79 32.69
CA PHE A 508 -2.87 -11.10 33.13
C PHE A 508 -2.16 -11.01 34.47
N LEU A 509 -1.29 -10.02 34.65
CA LEU A 509 -0.59 -9.87 35.91
C LEU A 509 -1.56 -9.52 37.04
N LEU A 510 -2.56 -8.70 36.75
CA LEU A 510 -3.54 -8.35 37.76
C LEU A 510 -4.36 -9.56 38.19
N THR A 511 -4.79 -10.38 37.24
CA THR A 511 -5.75 -11.45 37.52
C THR A 511 -5.11 -12.81 37.74
N ARG A 512 -3.80 -12.93 37.62
CA ARG A 512 -3.17 -14.21 37.90
C ARG A 512 -3.29 -14.54 39.38
N THR A 513 -3.39 -15.83 39.69
CA THR A 513 -3.64 -16.24 41.06
C THR A 513 -2.43 -16.01 41.95
N ASN A 514 -1.25 -16.29 41.45
CA ASN A 514 -0.02 -16.24 42.23
C ASN A 514 0.99 -15.33 41.57
N THR A 515 1.73 -14.61 42.39
CA THR A 515 2.92 -13.87 41.99
C THR A 515 4.14 -14.57 42.56
N PRO A 516 5.34 -14.19 42.13
CA PRO A 516 6.54 -14.69 42.82
C PRO A 516 6.60 -14.29 44.29
N MET A 517 5.87 -13.25 44.69
CA MET A 517 5.83 -12.83 46.07
C MET A 517 4.83 -13.63 46.90
N GLY A 518 4.12 -14.58 46.29
CA GLY A 518 3.08 -15.33 46.97
C GLY A 518 1.75 -15.15 46.26
N LYS A 519 0.69 -15.04 47.05
CA LYS A 519 -0.63 -14.81 46.48
C LYS A 519 -0.72 -13.42 45.89
N ASN A 520 -1.49 -13.29 44.81
CA ASN A 520 -1.66 -12.02 44.11
C ASN A 520 -2.71 -11.18 44.83
N VAL A 521 -2.28 -10.61 45.95
CA VAL A 521 -3.16 -9.85 46.81
C VAL A 521 -2.63 -8.42 46.92
N MET A 522 -3.55 -7.50 47.19
CA MET A 522 -3.21 -6.12 47.49
C MET A 522 -4.06 -5.67 48.66
N ASN A 523 -3.55 -4.71 49.41
CA ASN A 523 -4.30 -4.17 50.55
C ASN A 523 -5.33 -3.15 50.05
N LYS A 524 -6.11 -2.63 51.00
CA LYS A 524 -7.22 -1.74 50.63
C LYS A 524 -6.73 -0.48 49.96
N LEU A 525 -5.59 0.06 50.40
CA LEU A 525 -5.06 1.27 49.80
C LEU A 525 -4.69 1.07 48.34
N HIS A 526 -4.07 -0.07 48.01
CA HIS A 526 -3.70 -0.31 46.63
C HIS A 526 -4.88 -0.77 45.80
N ALA A 527 -5.85 -1.46 46.39
CA ALA A 527 -7.08 -1.77 45.68
C ALA A 527 -7.84 -0.50 45.33
N MET A 528 -7.92 0.44 46.27
CA MET A 528 -8.52 1.73 45.96
C MET A 528 -7.72 2.47 44.90
N GLY A 529 -6.38 2.38 44.96
CA GLY A 529 -5.54 3.09 44.03
C GLY A 529 -5.63 2.60 42.61
N LEU A 530 -6.16 1.40 42.39
CA LEU A 530 -6.35 0.89 41.05
C LEU A 530 -7.48 1.61 40.34
N PHE A 531 -8.45 2.13 41.08
CA PHE A 531 -9.63 2.77 40.53
C PHE A 531 -9.50 4.28 40.46
N GLN A 532 -8.31 4.82 40.74
CA GLN A 532 -8.14 6.26 40.77
C GLN A 532 -8.38 6.89 39.41
N THR A 533 -7.90 6.25 38.35
CA THR A 533 -7.89 6.84 37.02
C THR A 533 -8.94 6.25 36.10
N THR A 534 -9.81 5.38 36.61
CA THR A 534 -10.81 4.76 35.75
C THR A 534 -11.86 5.74 35.27
N GLN A 535 -11.94 6.91 35.89
CA GLN A 535 -12.89 7.97 35.54
C GLN A 535 -14.34 7.54 35.68
N THR A 536 -14.58 6.35 36.20
CA THR A 536 -15.91 5.90 36.56
C THR A 536 -16.15 6.16 38.04
N ASP A 537 -17.39 5.95 38.47
CA ASP A 537 -17.70 6.08 39.88
C ASP A 537 -16.99 4.97 40.64
N PRO A 538 -16.13 5.30 41.60
CA PRO A 538 -15.33 4.25 42.23
C PRO A 538 -16.20 3.33 43.07
N PRO A 539 -15.80 2.08 43.24
CA PRO A 539 -16.57 1.18 44.08
C PRO A 539 -16.46 1.53 45.55
N CYS A 540 -17.13 0.76 46.40
CA CYS A 540 -17.11 1.00 47.84
C CYS A 540 -16.14 0.03 48.48
N PHE A 541 -15.18 0.56 49.24
CA PHE A 541 -14.26 -0.25 50.01
C PHE A 541 -14.51 -0.12 51.51
N ALA A 542 -15.64 0.45 51.90
CA ALA A 542 -15.91 0.71 53.31
C ALA A 542 -16.02 -0.55 54.13
N ASN A 543 -16.30 -1.68 53.51
CA ASN A 543 -16.38 -2.96 54.20
C ASN A 543 -15.01 -3.62 54.37
N TYR A 544 -13.95 -2.99 53.88
CA TYR A 544 -12.61 -3.55 53.96
C TYR A 544 -11.80 -2.78 55.00
N SER A 545 -11.11 -3.51 55.86
CA SER A 545 -10.16 -2.91 56.77
C SER A 545 -8.89 -2.55 56.02
N PRO A 546 -8.07 -1.65 56.57
CA PRO A 546 -6.79 -1.33 55.91
C PRO A 546 -5.89 -2.54 55.70
N THR A 547 -5.92 -3.52 56.59
CA THR A 547 -5.09 -4.70 56.45
C THR A 547 -5.76 -5.83 55.70
N ASP A 548 -7.00 -5.67 55.27
CA ASP A 548 -7.68 -6.69 54.48
C ASP A 548 -7.02 -6.82 53.11
N LEU A 549 -6.89 -8.06 52.64
CA LEU A 549 -6.24 -8.34 51.36
C LEU A 549 -7.29 -8.65 50.30
N LEU A 550 -7.09 -8.08 49.12
CA LEU A 550 -8.00 -8.23 48.00
C LEU A 550 -7.26 -8.87 46.84
N ASP A 551 -7.89 -9.87 46.21
CA ASP A 551 -7.31 -10.48 45.03
C ASP A 551 -7.51 -9.58 43.82
N GLY A 552 -6.67 -9.80 42.81
CA GLY A 552 -6.84 -9.11 41.54
C GLY A 552 -8.15 -9.47 40.86
N LYS A 553 -8.60 -10.70 41.04
CA LYS A 553 -9.92 -11.08 40.53
C LYS A 553 -11.03 -10.37 41.28
N SER A 554 -10.82 -10.08 42.56
CA SER A 554 -11.83 -9.36 43.33
C SER A 554 -11.97 -7.91 42.87
N VAL A 555 -10.85 -7.24 42.59
CA VAL A 555 -10.94 -5.86 42.16
C VAL A 555 -11.45 -5.76 40.72
N VAL A 556 -11.13 -6.74 39.89
CA VAL A 556 -11.69 -6.77 38.53
C VAL A 556 -13.20 -6.94 38.59
N SER A 557 -13.68 -7.83 39.45
CA SER A 557 -15.11 -8.04 39.58
C SER A 557 -15.80 -6.79 40.08
N MET A 558 -15.11 -5.96 40.85
CA MET A 558 -15.69 -4.70 41.31
C MET A 558 -16.02 -3.78 40.15
N LEU A 559 -15.27 -3.89 39.06
CA LEU A 559 -15.49 -3.08 37.87
C LEU A 559 -16.46 -3.75 36.89
N LEU A 560 -16.30 -5.04 36.66
CA LEU A 560 -17.15 -5.76 35.73
C LEU A 560 -18.59 -5.89 36.23
N ARG A 561 -18.84 -5.66 37.51
CA ARG A 561 -20.20 -5.73 38.03
C ARG A 561 -21.09 -4.64 37.46
N GLN A 562 -20.53 -3.55 36.96
CA GLN A 562 -21.32 -2.48 36.39
C GLN A 562 -21.96 -2.90 35.07
N THR A 563 -21.30 -3.78 34.32
CA THR A 563 -21.84 -4.37 33.10
C THR A 563 -21.69 -5.88 33.22
N PRO A 564 -22.55 -6.53 34.00
CA PRO A 564 -22.39 -7.97 34.25
C PRO A 564 -22.61 -8.79 32.99
N ILE A 565 -21.61 -9.63 32.67
CA ILE A 565 -21.68 -10.53 31.52
C ILE A 565 -21.17 -11.89 31.96
N ASN A 566 -21.51 -12.91 31.18
CA ASN A 566 -21.11 -14.28 31.45
C ASN A 566 -20.10 -14.71 30.40
N TYR A 567 -18.95 -15.17 30.86
CA TYR A 567 -17.85 -15.56 29.97
C TYR A 567 -17.20 -16.79 30.55
N GLN A 568 -16.91 -17.77 29.69
CA GLN A 568 -16.19 -18.97 30.13
C GLN A 568 -15.36 -19.48 28.96
N ARG A 569 -14.05 -19.32 29.05
CA ARG A 569 -13.15 -19.70 27.97
C ARG A 569 -11.76 -19.89 28.55
N ALA A 570 -10.96 -20.68 27.86
CA ALA A 570 -9.59 -20.84 28.29
C ALA A 570 -8.77 -19.63 27.88
N PRO A 571 -7.80 -19.21 28.69
CA PRO A 571 -6.99 -18.04 28.35
C PRO A 571 -5.90 -18.38 27.35
N THR A 572 -5.40 -17.33 26.69
CA THR A 572 -4.20 -17.47 25.87
C THR A 572 -3.02 -17.95 26.70
N TRP A 573 -3.03 -17.67 28.00
CA TRP A 573 -1.96 -18.11 28.88
C TRP A 573 -1.83 -19.63 28.85
N TYR A 574 -2.94 -20.34 28.91
CA TYR A 574 -2.92 -21.80 28.87
C TYR A 574 -2.80 -22.28 27.43
N SER A 575 -1.75 -23.04 27.15
CA SER A 575 -1.58 -23.61 25.83
C SER A 575 -0.94 -24.98 25.97
N GLU A 576 -1.23 -25.86 25.02
CA GLU A 576 -0.74 -27.23 25.07
C GLU A 576 0.74 -27.34 24.74
N VAL A 577 1.28 -26.42 23.94
CA VAL A 577 2.70 -26.46 23.63
C VAL A 577 3.53 -26.17 24.88
N TYR A 578 3.05 -25.27 25.74
CA TYR A 578 3.77 -24.97 26.97
C TYR A 578 3.48 -25.99 28.07
N ALA A 579 2.35 -26.66 28.01
CA ALA A 579 1.90 -27.51 29.12
C ALA A 579 2.89 -28.56 29.59
N PRO A 580 3.60 -29.31 28.73
CA PRO A 580 4.50 -30.35 29.25
C PRO A 580 5.55 -29.83 30.20
N TYR A 581 5.94 -28.58 30.06
CA TYR A 581 6.82 -27.87 30.96
C TYR A 581 5.99 -26.83 31.69
N MET A 582 6.61 -26.16 32.67
CA MET A 582 5.93 -25.14 33.46
C MET A 582 4.83 -25.75 34.33
N HIS A 583 4.66 -25.21 35.53
CA HIS A 583 3.55 -25.60 36.38
C HIS A 583 2.40 -24.63 36.13
N TYR A 584 1.35 -25.11 35.46
CA TYR A 584 0.15 -24.31 35.26
C TYR A 584 -0.71 -24.38 36.51
N ASN A 585 -1.08 -23.21 37.04
CA ASN A 585 -1.98 -23.15 38.17
C ASN A 585 -3.40 -23.46 37.71
N LYS A 586 -4.08 -24.33 38.44
CA LYS A 586 -5.44 -24.71 38.05
C LYS A 586 -6.39 -23.52 38.08
N GLN A 587 -6.18 -22.58 39.00
CA GLN A 587 -7.04 -21.42 39.12
C GLN A 587 -6.86 -20.45 37.96
N ASP A 588 -5.79 -20.61 37.17
CA ASP A 588 -5.45 -19.66 36.12
C ASP A 588 -5.85 -20.11 34.73
N ILE A 589 -6.02 -21.41 34.49
CA ILE A 589 -6.16 -21.93 33.14
C ILE A 589 -7.60 -22.05 32.68
N SER A 590 -8.56 -21.55 33.46
CA SER A 590 -9.96 -21.56 33.04
C SER A 590 -10.58 -20.23 33.48
N THR A 591 -10.73 -19.32 32.54
CA THR A 591 -11.31 -18.01 32.82
C THR A 591 -12.82 -18.13 32.84
N GLN A 592 -13.44 -17.84 33.97
CA GLN A 592 -14.88 -17.88 34.09
C GLN A 592 -15.38 -16.59 34.73
N ILE A 593 -16.36 -15.97 34.12
CA ILE A 593 -17.02 -14.78 34.64
C ILE A 593 -18.51 -15.08 34.72
N ARG A 594 -19.10 -14.84 35.88
CA ARG A 594 -20.53 -15.05 36.10
C ARG A 594 -21.14 -13.76 36.63
N ASN A 595 -21.96 -13.12 35.80
CA ASN A 595 -22.59 -11.85 36.14
C ASN A 595 -21.56 -10.80 36.54
N GLY A 596 -20.45 -10.78 35.80
CA GLY A 596 -19.40 -9.81 36.04
C GLY A 596 -18.45 -10.15 37.16
N GLU A 597 -18.60 -11.30 37.79
CA GLU A 597 -17.69 -11.73 38.84
C GLU A 597 -16.67 -12.67 38.22
N LEU A 598 -15.45 -12.20 38.07
CA LEU A 598 -14.35 -13.06 37.66
C LEU A 598 -13.95 -13.91 38.85
N ILE A 599 -14.18 -15.22 38.74
CA ILE A 599 -13.94 -16.14 39.85
C ILE A 599 -12.71 -16.99 39.66
N GLU A 600 -12.25 -17.20 38.43
CA GLU A 600 -11.07 -17.99 38.18
C GLU A 600 -10.51 -17.60 36.82
N GLY A 601 -9.28 -18.00 36.58
CA GLY A 601 -8.63 -17.75 35.30
C GLY A 601 -8.05 -16.36 35.21
N VAL A 602 -7.23 -16.17 34.20
CA VAL A 602 -6.58 -14.89 33.97
C VAL A 602 -7.29 -14.21 32.81
N LEU A 603 -7.13 -12.89 32.74
CA LEU A 603 -7.61 -12.09 31.63
C LEU A 603 -6.43 -11.75 30.73
N ASP A 604 -6.48 -12.18 29.49
CA ASP A 604 -5.43 -11.90 28.52
C ASP A 604 -6.08 -11.79 27.15
N LYS A 605 -5.27 -11.98 26.10
CA LYS A 605 -5.72 -11.67 24.74
C LYS A 605 -7.04 -12.34 24.39
N LYS A 606 -7.27 -13.55 24.89
CA LYS A 606 -8.51 -14.26 24.57
C LYS A 606 -9.73 -13.52 25.10
N ALA A 607 -9.63 -12.96 26.30
CA ALA A 607 -10.76 -12.30 26.94
C ALA A 607 -10.78 -10.79 26.67
N VAL A 608 -9.66 -10.12 26.86
CA VAL A 608 -9.58 -8.67 26.82
C VAL A 608 -8.88 -8.16 25.58
N GLY A 609 -8.33 -9.03 24.76
CA GLY A 609 -7.54 -8.58 23.63
C GLY A 609 -8.37 -7.91 22.56
N ALA A 610 -7.70 -7.10 21.76
CA ALA A 610 -8.36 -6.44 20.64
C ALA A 610 -8.64 -7.43 19.52
N GLY A 611 -9.84 -7.36 18.97
CA GLY A 611 -10.21 -8.28 17.92
C GLY A 611 -10.60 -9.67 18.40
N SER A 612 -10.84 -9.83 19.70
CA SER A 612 -11.18 -11.14 20.27
C SER A 612 -12.69 -11.31 20.21
N SER A 613 -13.17 -12.07 19.23
CA SER A 613 -14.59 -12.36 19.15
C SER A 613 -15.01 -13.23 20.33
N GLY A 614 -16.14 -12.87 20.93
CA GLY A 614 -16.59 -13.56 22.11
C GLY A 614 -15.90 -13.16 23.39
N GLY A 615 -15.00 -12.17 23.34
CA GLY A 615 -14.36 -11.68 24.52
C GLY A 615 -15.32 -10.86 25.36
N ILE A 616 -14.81 -10.39 26.50
CA ILE A 616 -15.67 -9.69 27.44
C ILE A 616 -16.20 -8.38 26.85
N TYR A 617 -15.40 -7.70 26.04
CA TYR A 617 -15.84 -6.43 25.47
C TYR A 617 -16.86 -6.62 24.37
N HIS A 618 -16.74 -7.71 23.60
CA HIS A 618 -17.79 -8.06 22.66
C HIS A 618 -19.09 -8.36 23.38
N LEU A 619 -19.01 -9.05 24.51
CA LEU A 619 -20.21 -9.35 25.28
C LEU A 619 -20.82 -8.09 25.89
N ILE A 620 -20.00 -7.21 26.43
CA ILE A 620 -20.54 -5.97 27.00
C ILE A 620 -21.27 -5.18 25.92
N SER A 621 -20.71 -5.17 24.71
CA SER A 621 -21.37 -4.49 23.60
C SER A 621 -22.71 -5.11 23.27
N ARG A 622 -22.79 -6.44 23.30
CA ARG A 622 -24.01 -7.12 22.92
C ARG A 622 -25.14 -6.85 23.91
N ARG A 623 -24.82 -6.78 25.19
CA ARG A 623 -25.86 -6.62 26.21
C ARG A 623 -26.11 -5.17 26.58
N TYR A 624 -25.10 -4.32 26.56
CA TYR A 624 -25.22 -2.95 27.07
C TYR A 624 -24.90 -1.87 26.05
N GLY A 625 -24.36 -2.22 24.89
CA GLY A 625 -24.08 -1.24 23.88
C GLY A 625 -22.61 -1.04 23.65
N PRO A 626 -22.24 -0.69 22.41
CA PRO A 626 -20.82 -0.49 22.10
C PRO A 626 -20.18 0.66 22.86
N GLN A 627 -20.96 1.65 23.29
CA GLN A 627 -20.39 2.73 24.10
C GLN A 627 -19.99 2.23 25.48
N GLN A 628 -20.76 1.32 26.06
CA GLN A 628 -20.37 0.72 27.33
C GLN A 628 -19.09 -0.10 27.18
N ALA A 629 -18.96 -0.82 26.07
CA ALA A 629 -17.73 -1.58 25.84
C ALA A 629 -16.53 -0.66 25.73
N LEU A 630 -16.67 0.48 25.07
CA LEU A 630 -15.58 1.44 24.98
C LEU A 630 -15.22 2.00 26.35
N LYS A 631 -16.23 2.27 27.19
CA LYS A 631 -15.97 2.72 28.55
C LYS A 631 -15.36 1.62 29.40
N MET A 632 -15.75 0.38 29.15
CA MET A 632 -15.18 -0.74 29.90
C MET A 632 -13.77 -1.07 29.45
N ILE A 633 -13.45 -0.87 28.16
CA ILE A 633 -12.08 -1.07 27.71
C ILE A 633 -11.16 -0.08 28.40
N PHE A 634 -11.58 1.18 28.48
CA PHE A 634 -10.78 2.20 29.16
C PHE A 634 -10.64 1.91 30.64
N ALA A 635 -11.74 1.52 31.29
CA ALA A 635 -11.70 1.30 32.73
C ALA A 635 -10.83 0.09 33.09
N THR A 636 -10.99 -1.02 32.36
CA THR A 636 -10.14 -2.17 32.63
C THR A 636 -8.70 -1.90 32.22
N GLN A 637 -8.49 -1.05 31.23
CA GLN A 637 -7.15 -0.63 30.88
C GLN A 637 -6.48 0.13 32.01
N GLN A 638 -7.22 1.01 32.68
CA GLN A 638 -6.67 1.74 33.81
C GLN A 638 -6.35 0.81 34.97
N LEU A 639 -7.20 -0.18 35.22
CA LEU A 639 -6.91 -1.16 36.27
C LEU A 639 -5.64 -1.92 35.96
N ALA A 640 -5.48 -2.37 34.72
CA ALA A 640 -4.27 -3.08 34.32
C ALA A 640 -3.04 -2.19 34.42
N LEU A 641 -3.16 -0.94 33.99
CA LEU A 641 -2.02 -0.04 34.02
C LEU A 641 -1.67 0.39 35.43
N ASN A 642 -2.68 0.60 36.28
CA ASN A 642 -2.41 0.96 37.66
C ASN A 642 -1.84 -0.20 38.45
N TYR A 643 -2.14 -1.44 38.03
CA TYR A 643 -1.56 -2.59 38.69
C TYR A 643 -0.08 -2.71 38.37
N VAL A 644 0.29 -2.59 37.09
CA VAL A 644 1.69 -2.66 36.72
C VAL A 644 2.46 -1.47 37.26
N ARG A 645 1.76 -0.39 37.63
CA ARG A 645 2.38 0.71 38.32
C ARG A 645 2.99 0.29 39.64
N ASN A 646 2.54 -0.83 40.21
CA ASN A 646 3.16 -1.42 41.37
C ASN A 646 3.84 -2.75 41.07
N ALA A 647 3.25 -3.56 40.21
CA ALA A 647 3.85 -4.84 39.86
C ALA A 647 5.17 -4.65 39.14
N GLY A 648 5.22 -3.71 38.20
CA GLY A 648 6.39 -3.57 37.37
C GLY A 648 6.46 -4.65 36.32
N PHE A 649 6.91 -4.28 35.13
CA PHE A 649 7.08 -5.25 34.06
C PHE A 649 8.23 -4.79 33.21
N THR A 650 9.14 -5.72 32.89
CA THR A 650 10.34 -5.39 32.15
C THR A 650 10.72 -6.56 31.27
N VAL A 651 11.62 -6.30 30.34
CA VAL A 651 12.29 -7.33 29.56
C VAL A 651 13.79 -7.09 29.68
N SER A 652 14.56 -8.16 29.73
CA SER A 652 15.99 -8.09 29.94
C SER A 652 16.71 -8.92 28.88
N THR A 653 18.01 -8.68 28.76
CA THR A 653 18.83 -9.55 27.92
C THR A 653 18.92 -10.95 28.49
N ALA A 654 18.90 -11.07 29.82
CA ALA A 654 18.93 -12.38 30.45
C ALA A 654 17.62 -13.14 30.27
N ASP A 655 16.54 -12.46 29.85
CA ASP A 655 15.30 -13.15 29.56
C ASP A 655 15.40 -14.00 28.31
N MET A 656 16.33 -13.68 27.42
CA MET A 656 16.51 -14.40 26.17
C MET A 656 17.67 -15.37 26.22
N LEU A 657 18.23 -15.62 27.39
CA LEU A 657 19.46 -16.38 27.53
C LEU A 657 19.17 -17.79 28.02
N LEU A 658 19.64 -18.78 27.26
CA LEU A 658 19.51 -20.17 27.65
C LEU A 658 20.59 -20.54 28.66
N THR A 659 20.25 -21.43 29.57
CA THR A 659 21.23 -21.92 30.52
C THR A 659 22.25 -22.79 29.78
N PRO A 660 23.46 -22.91 30.33
CA PRO A 660 24.48 -23.75 29.66
C PRO A 660 24.03 -25.18 29.44
N GLU A 661 23.18 -25.71 30.31
CA GLU A 661 22.66 -27.05 30.09
C GLU A 661 21.62 -27.07 28.98
N ALA A 662 20.79 -26.03 28.90
CA ALA A 662 19.78 -25.98 27.85
C ALA A 662 20.39 -25.61 26.51
N HIS A 663 21.50 -24.86 26.51
CA HIS A 663 22.18 -24.56 25.26
C HIS A 663 22.77 -25.83 24.65
N GLN A 664 23.30 -26.73 25.49
CA GLN A 664 23.78 -28.01 25.00
C GLN A 664 22.64 -28.87 24.48
N GLU A 665 21.48 -28.80 25.12
CA GLU A 665 20.32 -29.54 24.64
C GLU A 665 19.88 -29.06 23.27
N VAL A 666 19.93 -27.74 23.04
CA VAL A 666 19.57 -27.19 21.74
C VAL A 666 20.60 -27.57 20.69
N GLN A 667 21.88 -27.56 21.08
CA GLN A 667 22.93 -27.97 20.15
C GLN A 667 22.76 -29.41 19.72
N GLU A 668 22.39 -30.28 20.65
CA GLU A 668 22.18 -31.69 20.32
C GLU A 668 20.99 -31.87 19.39
N ILE A 669 19.95 -31.05 19.54
CA ILE A 669 18.80 -31.15 18.65
C ILE A 669 19.20 -30.77 17.22
N ILE A 670 19.99 -29.69 17.07
CA ILE A 670 20.39 -29.25 15.75
C ILE A 670 21.33 -30.26 15.11
N ASN A 671 22.21 -30.87 15.92
CA ASN A 671 23.06 -31.92 15.39
C ASN A 671 22.26 -33.10 14.88
N GLU A 672 21.11 -33.37 15.49
CA GLU A 672 20.21 -34.40 14.96
C GLU A 672 19.66 -34.00 13.61
N LEU A 673 19.29 -32.73 13.44
CA LEU A 673 18.77 -32.28 12.15
C LEU A 673 19.85 -32.30 11.09
N LEU A 674 21.08 -31.95 11.46
CA LEU A 674 22.18 -31.96 10.49
C LEU A 674 22.53 -33.39 10.08
N LEU A 675 22.51 -34.33 11.03
CA LEU A 675 22.76 -35.72 10.69
C LEU A 675 21.66 -36.26 9.79
N GLU A 676 20.41 -35.91 10.06
CA GLU A 676 19.32 -36.34 9.19
C GLU A 676 19.47 -35.75 7.79
N SER A 677 19.92 -34.51 7.70
CA SER A 677 20.25 -33.93 6.40
C SER A 677 21.45 -34.62 5.78
N GLU A 678 22.43 -35.00 6.60
CA GLU A 678 23.63 -35.65 6.08
C GLU A 678 23.33 -37.04 5.53
N GLU A 679 22.43 -37.79 6.19
CA GLU A 679 22.07 -39.11 5.68
C GLU A 679 21.36 -39.00 4.34
N ILE A 680 20.50 -37.99 4.18
CA ILE A 680 19.84 -37.78 2.90
C ILE A 680 20.88 -37.51 1.82
N ASN A 681 21.96 -36.80 2.16
CA ASN A 681 23.04 -36.60 1.22
C ASN A 681 23.71 -37.93 0.87
N ASN A 682 23.97 -38.76 1.87
CA ASN A 682 24.59 -40.06 1.60
C ASN A 682 23.71 -40.93 0.71
N ARG A 683 22.38 -40.78 0.83
CA ARG A 683 21.49 -41.45 -0.10
C ARG A 683 21.57 -40.84 -1.48
N LEU A 684 22.00 -39.58 -1.59
CA LEU A 684 22.19 -38.96 -2.90
C LEU A 684 23.53 -39.35 -3.51
N LEU A 685 24.57 -39.46 -2.68
CA LEU A 685 25.87 -39.88 -3.20
C LEU A 685 25.81 -41.28 -3.79
N HIS A 686 25.04 -42.17 -3.16
CA HIS A 686 24.90 -43.53 -3.63
C HIS A 686 23.69 -43.73 -4.53
N GLY A 687 22.99 -42.66 -4.89
CA GLY A 687 21.87 -42.79 -5.80
C GLY A 687 20.65 -43.44 -5.21
N ASP A 688 20.55 -43.51 -3.88
CA ASP A 688 19.37 -44.09 -3.25
C ASP A 688 18.15 -43.20 -3.35
N ILE A 689 18.30 -41.95 -3.81
CA ILE A 689 17.17 -41.02 -3.87
C ILE A 689 16.30 -41.42 -5.05
N MET A 690 15.14 -42.00 -4.76
CA MET A 690 14.22 -42.44 -5.81
C MET A 690 12.96 -41.59 -5.76
N PRO A 691 12.80 -40.63 -6.68
CA PRO A 691 11.65 -39.74 -6.62
C PRO A 691 10.35 -40.45 -6.97
N PRO A 692 9.28 -40.20 -6.22
CA PRO A 692 7.98 -40.76 -6.58
C PRO A 692 7.42 -40.09 -7.82
N ILE A 693 6.29 -40.63 -8.28
CA ILE A 693 5.68 -40.16 -9.52
C ILE A 693 5.20 -38.74 -9.35
N GLY A 694 5.61 -37.86 -10.28
CA GLY A 694 5.26 -36.46 -10.26
C GLY A 694 6.37 -35.54 -9.82
N LEU A 695 7.48 -36.05 -9.30
CA LEU A 695 8.59 -35.25 -8.83
C LEU A 695 9.89 -35.77 -9.42
N THR A 696 10.79 -34.85 -9.74
CA THR A 696 12.13 -35.24 -10.17
C THR A 696 13.01 -35.49 -8.95
N THR A 697 14.23 -35.97 -9.21
CA THR A 697 15.14 -36.24 -8.10
C THR A 697 15.49 -34.96 -7.35
N HIS A 698 15.70 -33.86 -8.07
CA HIS A 698 15.97 -32.59 -7.41
C HIS A 698 14.78 -32.15 -6.57
N ASP A 699 13.57 -32.25 -7.12
CA ASP A 699 12.38 -31.86 -6.38
C ASP A 699 12.16 -32.77 -5.18
N PHE A 700 12.37 -34.08 -5.35
CA PHE A 700 12.23 -34.99 -4.23
C PHE A 700 13.29 -34.75 -3.18
N TYR A 701 14.53 -34.51 -3.59
CA TYR A 701 15.60 -34.24 -2.66
C TYR A 701 15.37 -32.93 -1.90
N GLU A 702 14.90 -31.91 -2.60
CA GLU A 702 14.70 -30.61 -1.96
C GLU A 702 13.59 -30.66 -0.92
N LYS A 703 12.48 -31.34 -1.22
CA LYS A 703 11.41 -31.48 -0.23
C LYS A 703 11.81 -32.46 0.86
N LEU A 704 12.69 -33.41 0.55
CA LEU A 704 13.19 -34.33 1.57
C LEU A 704 14.09 -33.60 2.56
N GLN A 705 14.89 -32.65 2.09
CA GLN A 705 15.77 -31.90 2.97
C GLN A 705 14.99 -30.90 3.81
N LEU A 706 13.96 -30.28 3.23
CA LEU A 706 13.15 -29.33 3.98
C LEU A 706 12.47 -29.99 5.17
N ASN A 707 11.98 -31.22 4.98
CA ASN A 707 11.34 -31.93 6.07
C ASN A 707 12.34 -32.34 7.15
N ALA A 708 13.54 -32.75 6.74
CA ALA A 708 14.51 -33.24 7.72
C ALA A 708 15.09 -32.11 8.55
N LEU A 709 15.08 -30.88 8.04
CA LEU A 709 15.67 -29.74 8.73
C LEU A 709 14.65 -28.95 9.51
N LYS A 710 13.42 -29.44 9.63
CA LYS A 710 12.41 -28.75 10.41
C LYS A 710 12.63 -28.99 11.89
N PHE A 711 12.46 -27.93 12.68
CA PHE A 711 12.63 -28.05 14.12
C PHE A 711 11.53 -28.90 14.73
N PRO A 712 11.85 -29.78 15.67
CA PRO A 712 10.82 -30.55 16.35
C PRO A 712 10.03 -29.67 17.32
N ASP A 713 8.96 -30.25 17.86
CA ASP A 713 8.21 -29.57 18.90
C ASP A 713 9.00 -29.49 20.20
N ARG A 714 9.93 -30.41 20.43
CA ARG A 714 10.67 -30.49 21.68
C ARG A 714 11.77 -29.45 21.78
N ILE A 715 11.96 -28.61 20.77
CA ILE A 715 12.88 -27.49 20.88
C ILE A 715 12.42 -26.52 21.96
N LEU A 716 11.13 -26.54 22.30
CA LEU A 716 10.63 -25.73 23.39
C LEU A 716 11.09 -26.23 24.75
N LYS A 717 11.48 -27.49 24.86
CA LYS A 717 11.89 -28.01 26.17
C LYS A 717 13.10 -27.28 26.74
N PRO A 718 14.21 -27.10 26.01
CA PRO A 718 15.29 -26.29 26.57
C PRO A 718 14.91 -24.84 26.82
N ILE A 719 14.05 -24.27 25.97
CA ILE A 719 13.63 -22.89 26.17
C ILE A 719 12.81 -22.76 27.45
N MET A 720 11.89 -23.71 27.68
CA MET A 720 11.06 -23.64 28.87
C MET A 720 11.84 -24.01 30.13
N ASN A 721 12.90 -24.80 30.00
CA ASN A 721 13.75 -25.10 31.13
C ASN A 721 14.51 -23.86 31.59
N SER A 722 14.97 -23.03 30.65
CA SER A 722 15.67 -21.82 30.98
C SER A 722 14.73 -20.72 31.45
N ILE A 723 13.49 -20.75 31.01
CA ILE A 723 12.54 -19.68 31.30
C ILE A 723 11.85 -19.95 32.62
N ASN A 724 11.78 -18.92 33.46
CA ASN A 724 10.85 -18.93 34.58
C ASN A 724 9.58 -18.25 34.11
N PRO A 725 8.51 -19.01 33.83
CA PRO A 725 7.31 -18.42 33.24
C PRO A 725 6.66 -17.35 34.09
N GLU A 726 6.72 -17.46 35.42
CA GLU A 726 6.04 -16.50 36.27
C GLU A 726 6.81 -15.19 36.41
N THR A 727 8.04 -15.12 35.89
CA THR A 727 8.85 -13.93 36.04
C THR A 727 9.47 -13.44 34.74
N ASN A 728 9.49 -14.25 33.69
CA ASN A 728 10.12 -13.87 32.43
C ASN A 728 9.20 -12.96 31.65
N GLY A 729 9.62 -11.72 31.45
CA GLY A 729 8.79 -10.77 30.71
C GLY A 729 8.66 -11.13 29.25
N LEU A 730 9.71 -11.69 28.65
CA LEU A 730 9.64 -12.07 27.25
C LEU A 730 8.64 -13.22 27.05
N PHE A 731 8.69 -14.23 27.91
CA PHE A 731 7.73 -15.32 27.82
C PHE A 731 6.32 -14.83 28.07
N GLN A 732 6.14 -13.98 29.09
CA GLN A 732 4.80 -13.53 29.45
C GLN A 732 4.17 -12.70 28.34
N MET A 733 4.96 -11.86 27.66
CA MET A 733 4.41 -11.12 26.54
C MET A 733 3.96 -12.05 25.44
N VAL A 734 4.73 -13.12 25.18
CA VAL A 734 4.36 -14.09 24.17
C VAL A 734 3.16 -14.92 24.63
N ALA A 735 3.22 -15.41 25.87
CA ALA A 735 2.24 -16.40 26.33
C ALA A 735 0.87 -15.78 26.56
N THR A 736 0.80 -14.49 26.85
CA THR A 736 -0.47 -13.84 27.08
C THR A 736 -1.05 -13.21 25.83
N GLY A 737 -0.35 -13.30 24.70
CA GLY A 737 -0.84 -12.71 23.47
C GLY A 737 -0.59 -11.23 23.33
N ALA A 738 0.22 -10.64 24.21
CA ALA A 738 0.46 -9.20 24.14
C ALA A 738 1.29 -8.83 22.93
N LYS A 739 2.35 -9.60 22.67
CA LYS A 739 3.24 -9.36 21.54
C LYS A 739 4.12 -10.58 21.36
N GLY A 740 4.43 -10.89 20.12
CA GLY A 740 5.36 -11.95 19.80
C GLY A 740 4.69 -13.32 19.71
N SER A 741 5.48 -14.29 19.25
CA SER A 741 4.98 -15.64 19.03
C SER A 741 6.05 -16.64 19.44
N ASN A 742 5.66 -17.90 19.45
CA ASN A 742 6.62 -18.97 19.77
C ASN A 742 7.77 -19.04 18.78
N PRO A 743 7.56 -18.98 17.45
CA PRO A 743 8.73 -18.96 16.55
C PRO A 743 9.67 -17.81 16.82
N ASN A 744 9.16 -16.66 17.23
CA ASN A 744 10.03 -15.57 17.64
C ASN A 744 10.90 -15.96 18.81
N MET A 745 10.32 -16.63 19.81
CA MET A 745 11.08 -17.02 20.99
C MET A 745 12.13 -18.07 20.64
N ILE A 746 11.78 -19.04 19.79
CA ILE A 746 12.74 -20.06 19.40
C ILE A 746 13.88 -19.44 18.60
N HIS A 747 13.57 -18.50 17.71
CA HIS A 747 14.60 -17.88 16.89
C HIS A 747 15.57 -17.07 17.74
N ILE A 748 15.06 -16.38 18.75
CA ILE A 748 15.94 -15.59 19.62
C ILE A 748 16.82 -16.50 20.46
N MET A 749 16.22 -17.50 21.11
CA MET A 749 16.90 -18.26 22.14
C MET A 749 17.57 -19.54 21.64
N ALA A 750 16.94 -20.27 20.71
CA ALA A 750 17.42 -21.59 20.33
C ALA A 750 18.08 -21.64 18.96
N GLY A 751 17.38 -21.19 17.91
CA GLY A 751 17.93 -21.25 16.58
C GLY A 751 16.96 -20.82 15.49
N ILE A 752 17.47 -20.23 14.42
CA ILE A 752 16.61 -19.76 13.35
C ILE A 752 16.02 -20.93 12.59
N GLY A 753 16.84 -21.93 12.27
CA GLY A 753 16.38 -23.06 11.51
C GLY A 753 16.68 -22.95 10.03
N GLN A 754 15.73 -23.33 9.18
CA GLN A 754 15.91 -23.32 7.74
C GLN A 754 15.20 -22.12 7.13
N ILE A 755 15.95 -21.32 6.38
CA ILE A 755 15.38 -20.19 5.66
C ILE A 755 14.62 -20.72 4.45
N GLU A 756 13.37 -20.31 4.32
CA GLU A 756 12.52 -20.71 3.20
C GLU A 756 11.97 -19.47 2.52
N ILE A 757 12.18 -19.39 1.21
CA ILE A 757 11.59 -18.36 0.37
C ILE A 757 10.77 -19.06 -0.69
N ASN A 758 9.48 -18.75 -0.74
CA ASN A 758 8.53 -19.47 -1.60
C ASN A 758 8.62 -20.97 -1.37
N THR A 759 8.43 -21.36 -0.10
CA THR A 759 8.46 -22.74 0.38
C THR A 759 9.56 -23.59 -0.25
N GLN A 760 10.73 -23.00 -0.44
CA GLN A 760 11.89 -23.77 -0.89
C GLN A 760 13.15 -23.12 -0.31
N ARG A 761 14.23 -23.90 -0.28
CA ARG A 761 15.47 -23.44 0.30
C ARG A 761 16.11 -22.37 -0.58
N ILE A 762 17.30 -21.94 -0.19
CA ILE A 762 18.01 -20.92 -0.96
C ILE A 762 18.48 -21.53 -2.27
N GLN A 763 18.06 -20.93 -3.38
CA GLN A 763 18.41 -21.42 -4.70
C GLN A 763 19.81 -20.97 -5.10
N PRO A 764 20.58 -21.81 -5.76
CA PRO A 764 21.93 -21.41 -6.16
C PRO A 764 21.93 -20.38 -7.28
N GLN A 765 21.71 -19.12 -6.92
CA GLN A 765 21.66 -18.03 -7.87
C GLN A 765 22.96 -17.25 -7.98
N PHE A 766 23.91 -17.46 -7.07
CA PHE A 766 25.18 -16.76 -7.17
C PHE A 766 25.92 -17.14 -8.44
N SER A 767 25.96 -18.43 -8.74
CA SER A 767 26.63 -18.96 -9.91
C SER A 767 25.91 -20.24 -10.31
N PHE A 768 26.52 -21.02 -11.19
CA PHE A 768 25.98 -22.32 -11.52
C PHE A 768 26.24 -23.28 -10.38
N GLY A 769 25.21 -23.59 -9.61
CA GLY A 769 25.35 -24.52 -8.51
C GLY A 769 25.89 -23.95 -7.23
N ARG A 770 25.96 -22.62 -7.11
CA ARG A 770 26.50 -21.95 -5.94
C ARG A 770 25.46 -21.00 -5.37
N THR A 771 25.22 -21.08 -4.06
CA THR A 771 24.33 -20.15 -3.40
C THR A 771 25.04 -18.87 -2.98
N LEU A 772 26.29 -18.97 -2.56
CA LEU A 772 27.08 -17.82 -2.14
C LEU A 772 28.53 -18.09 -2.49
N VAL A 773 29.35 -17.04 -2.41
CA VAL A 773 30.78 -17.19 -2.61
C VAL A 773 31.46 -17.92 -1.49
N TYR A 774 30.78 -18.10 -0.36
CA TYR A 774 31.34 -18.78 0.80
C TYR A 774 31.15 -20.28 0.74
N TYR A 775 30.43 -20.78 -0.25
CA TYR A 775 30.13 -22.19 -0.33
C TYR A 775 30.57 -22.74 -1.68
N PRO A 776 31.08 -23.96 -1.72
CA PRO A 776 31.56 -24.52 -2.98
C PRO A 776 30.41 -24.83 -3.92
N ARG A 777 30.77 -25.09 -5.17
CA ARG A 777 29.78 -25.48 -6.16
C ARG A 777 29.25 -26.88 -5.86
N PHE A 778 27.92 -27.03 -5.93
CA PHE A 778 27.24 -28.27 -5.58
C PHE A 778 27.56 -28.69 -4.15
N ALA A 779 27.63 -27.72 -3.26
CA ALA A 779 27.79 -28.03 -1.85
C ALA A 779 26.57 -28.79 -1.36
N LEU A 780 26.79 -29.77 -0.49
CA LEU A 780 25.70 -30.58 0.01
C LEU A 780 25.36 -30.30 1.46
N GLU A 781 26.17 -29.52 2.16
CA GLU A 781 25.86 -29.13 3.53
C GLU A 781 24.56 -28.36 3.57
N ALA A 782 23.81 -28.55 4.65
CA ALA A 782 22.55 -27.83 4.81
C ALA A 782 22.78 -26.33 4.99
N GLN A 783 23.93 -25.95 5.52
CA GLN A 783 24.21 -24.54 5.76
C GLN A 783 24.35 -23.76 4.47
N ALA A 784 24.71 -24.43 3.38
CA ALA A 784 24.89 -23.73 2.11
C ALA A 784 23.58 -23.28 1.49
N TYR A 785 22.44 -23.74 2.03
CA TYR A 785 21.14 -23.50 1.40
C TYR A 785 20.17 -22.80 2.32
N GLY A 786 20.65 -22.14 3.37
CA GLY A 786 19.80 -21.34 4.22
C GLY A 786 19.50 -21.90 5.58
N PHE A 787 20.14 -22.99 5.99
CA PHE A 787 19.95 -23.49 7.34
C PHE A 787 20.84 -22.69 8.29
N ILE A 788 20.22 -22.04 9.27
CA ILE A 788 20.92 -21.23 10.24
C ILE A 788 20.90 -21.99 11.56
N CYS A 789 22.05 -22.51 11.95
CA CYS A 789 22.14 -23.25 13.22
C CYS A 789 22.08 -22.31 14.41
N ASN A 790 22.49 -21.06 14.24
CA ASN A 790 22.58 -20.11 15.33
C ASN A 790 21.21 -19.51 15.64
N SER A 791 21.10 -18.95 16.83
CA SER A 791 19.98 -18.12 17.22
C SER A 791 20.41 -16.65 17.11
N TYR A 792 19.42 -15.77 17.29
CA TYR A 792 19.75 -14.35 17.29
C TYR A 792 20.65 -13.99 18.46
N ILE A 793 20.37 -14.54 19.65
CA ILE A 793 21.18 -14.24 20.82
C ILE A 793 22.60 -14.72 20.62
N ALA A 794 22.78 -15.90 20.03
CA ALA A 794 24.11 -16.40 19.74
C ALA A 794 24.83 -15.57 18.69
N GLY A 795 24.10 -14.85 17.84
CA GLY A 795 24.71 -14.06 16.79
C GLY A 795 24.92 -14.87 15.54
N LEU A 796 24.38 -14.41 14.42
CA LEU A 796 24.54 -15.10 13.16
C LEU A 796 25.92 -14.84 12.57
N THR A 797 26.41 -15.80 11.80
CA THR A 797 27.65 -15.61 11.07
C THR A 797 27.37 -14.83 9.78
N SER A 798 28.44 -14.50 9.06
CA SER A 798 28.28 -13.71 7.84
C SER A 798 27.39 -14.40 6.80
N PRO A 799 27.58 -15.69 6.46
CA PRO A 799 26.66 -16.29 5.48
C PRO A 799 25.28 -16.57 6.04
N GLU A 800 25.15 -16.88 7.32
CA GLU A 800 23.83 -17.01 7.93
C GLU A 800 23.08 -15.68 7.89
N PHE A 801 23.80 -14.59 8.14
CA PHE A 801 23.18 -13.27 8.11
C PHE A 801 22.70 -12.91 6.71
N ILE A 802 23.46 -13.29 5.68
CA ILE A 802 23.08 -12.99 4.31
C ILE A 802 21.76 -13.68 3.97
N PHE A 803 21.63 -14.95 4.34
CA PHE A 803 20.39 -15.68 4.07
C PHE A 803 19.20 -15.06 4.80
N GLY A 804 19.41 -14.61 6.03
CA GLY A 804 18.36 -13.89 6.74
C GLY A 804 18.00 -12.59 6.06
N GLU A 805 18.97 -11.92 5.46
CA GLU A 805 18.69 -10.71 4.71
C GLU A 805 17.83 -10.99 3.48
N MET A 806 18.15 -12.06 2.75
CA MET A 806 17.33 -12.43 1.60
C MET A 806 15.90 -12.71 2.01
N ASN A 807 15.73 -13.47 3.09
CA ASN A 807 14.39 -13.73 3.61
C ASN A 807 13.76 -12.46 4.14
N GLY A 808 14.53 -11.63 4.85
CA GLY A 808 14.00 -10.39 5.37
C GLY A 808 13.63 -9.40 4.28
N ARG A 809 14.49 -9.24 3.28
CA ARG A 809 14.16 -8.36 2.16
C ARG A 809 12.97 -8.88 1.37
N PHE A 810 12.80 -10.20 1.31
CA PHE A 810 11.68 -10.78 0.59
C PHE A 810 10.35 -10.36 1.22
N ASP A 811 10.29 -10.33 2.55
CA ASP A 811 9.08 -9.87 3.23
C ASP A 811 8.83 -8.39 2.96
N LEU A 812 9.88 -7.58 2.97
CA LEU A 812 9.71 -6.15 2.71
C LEU A 812 9.20 -5.91 1.30
N ILE A 813 9.70 -6.67 0.33
CA ILE A 813 9.21 -6.55 -1.04
C ILE A 813 7.76 -6.97 -1.12
N ASN A 814 7.40 -8.07 -0.46
CA ASN A 814 6.03 -8.56 -0.52
C ASN A 814 5.05 -7.54 0.08
N LYS A 815 5.45 -6.89 1.16
CA LYS A 815 4.58 -5.87 1.75
C LYS A 815 4.34 -4.72 0.78
N ALA A 816 5.39 -4.30 0.08
CA ALA A 816 5.25 -3.18 -0.85
C ALA A 816 4.41 -3.57 -2.06
N LEU A 817 4.64 -4.75 -2.62
CA LEU A 817 3.94 -5.15 -3.84
C LEU A 817 2.48 -5.48 -3.55
N SER A 818 2.20 -6.11 -2.42
CA SER A 818 0.83 -6.48 -2.10
C SER A 818 -0.06 -5.26 -1.92
N THR A 819 0.46 -4.22 -1.24
CA THR A 819 -0.35 -3.03 -0.99
C THR A 819 -0.71 -2.32 -2.28
N SER A 820 0.23 -2.23 -3.22
CA SER A 820 -0.05 -1.59 -4.49
C SER A 820 -0.94 -2.44 -5.37
N SER A 821 -0.73 -3.76 -5.36
CA SER A 821 -1.56 -4.66 -6.17
C SER A 821 -2.98 -4.71 -5.65
N THR A 822 -3.15 -4.71 -4.32
CA THR A 822 -4.49 -4.71 -3.74
C THR A 822 -5.20 -3.38 -3.96
N GLY A 823 -4.44 -2.28 -3.99
CA GLY A 823 -5.07 -0.98 -4.16
C GLY A 823 -5.75 -0.81 -5.50
N TYR A 824 -5.12 -1.29 -6.56
CA TYR A 824 -5.75 -1.23 -7.88
C TYR A 824 -6.98 -2.13 -7.95
N ALA A 825 -6.92 -3.30 -7.32
CA ALA A 825 -8.09 -4.16 -7.24
C ALA A 825 -9.18 -3.54 -6.37
N ASN A 826 -8.79 -2.84 -5.32
CA ASN A 826 -9.78 -2.25 -4.42
C ASN A 826 -10.61 -1.18 -5.12
N ARG A 827 -9.97 -0.37 -5.97
CA ARG A 827 -10.71 0.69 -6.65
C ARG A 827 -11.66 0.11 -7.70
N LYS A 828 -11.25 -0.95 -8.39
CA LYS A 828 -12.14 -1.59 -9.36
C LYS A 828 -13.30 -2.27 -8.66
N ALA A 829 -13.05 -2.83 -7.46
CA ALA A 829 -14.14 -3.40 -6.68
C ALA A 829 -15.11 -2.32 -6.24
N ILE A 830 -14.61 -1.14 -5.88
CA ILE A 830 -15.47 -0.06 -5.40
C ILE A 830 -16.40 0.39 -6.51
N PHE A 831 -15.88 0.56 -7.72
CA PHE A 831 -16.69 1.13 -8.79
C PHE A 831 -17.69 0.13 -9.34
N GLY A 832 -17.39 -1.17 -9.28
CA GLY A 832 -18.36 -2.15 -9.67
C GLY A 832 -19.46 -2.35 -8.66
N LEU A 833 -19.22 -1.99 -7.41
CA LEU A 833 -20.15 -2.27 -6.32
C LEU A 833 -20.78 -1.03 -5.70
N GLN A 834 -20.24 0.17 -5.94
CA GLN A 834 -20.71 1.34 -5.22
C GLN A 834 -22.17 1.64 -5.47
N SER A 835 -22.68 1.31 -6.66
CA SER A 835 -24.08 1.61 -6.96
C SER A 835 -25.05 0.74 -6.17
N CYS A 836 -24.58 -0.32 -5.54
CA CYS A 836 -25.43 -1.24 -4.79
C CYS A 836 -25.84 -0.58 -3.48
N ILE A 837 -27.09 -0.20 -3.37
CA ILE A 837 -27.60 0.56 -2.24
C ILE A 837 -28.88 -0.08 -1.74
N VAL A 838 -29.01 -0.21 -0.42
CA VAL A 838 -30.20 -0.80 0.17
C VAL A 838 -31.37 0.15 0.00
N ASP A 839 -32.48 -0.36 -0.56
CA ASP A 839 -33.66 0.45 -0.79
C ASP A 839 -34.66 0.24 0.35
N TYR A 840 -35.87 0.75 0.17
CA TYR A 840 -36.87 0.74 1.24
C TYR A 840 -37.45 -0.65 1.49
N TYR A 841 -37.21 -1.61 0.63
CA TYR A 841 -37.59 -2.99 0.89
C TYR A 841 -36.45 -3.78 1.48
N ARG A 842 -35.32 -3.14 1.74
CA ARG A 842 -34.06 -3.76 2.15
C ARG A 842 -33.50 -4.69 1.09
N ARG A 843 -33.99 -4.57 -0.14
CA ARG A 843 -33.31 -5.15 -1.27
C ARG A 843 -32.05 -4.34 -1.58
N VAL A 844 -31.15 -4.93 -2.33
CA VAL A 844 -30.01 -4.21 -2.86
C VAL A 844 -30.21 -4.07 -4.36
N SER A 845 -30.19 -2.83 -4.83
CA SER A 845 -30.47 -2.54 -6.23
C SER A 845 -29.45 -1.55 -6.75
N ILE A 846 -29.24 -1.58 -8.06
CA ILE A 846 -28.52 -0.54 -8.77
C ILE A 846 -29.55 0.29 -9.50
N ASP A 847 -29.67 1.56 -9.10
CA ASP A 847 -30.80 2.38 -9.53
C ASP A 847 -32.09 1.70 -9.13
N THR A 848 -32.73 1.00 -10.06
CA THR A 848 -33.90 0.20 -9.75
C THR A 848 -33.69 -1.29 -10.00
N ARG A 849 -32.62 -1.68 -10.67
CA ARG A 849 -32.39 -3.07 -11.03
C ARG A 849 -31.88 -3.83 -9.82
N LEU A 850 -32.59 -4.89 -9.44
CA LEU A 850 -32.25 -5.62 -8.23
C LEU A 850 -30.94 -6.37 -8.36
N VAL A 851 -30.14 -6.31 -7.29
CA VAL A 851 -28.97 -7.15 -7.12
C VAL A 851 -29.21 -8.23 -6.10
N GLN A 852 -29.98 -7.93 -5.05
CA GLN A 852 -30.36 -8.89 -4.03
C GLN A 852 -31.79 -8.64 -3.62
N GLN A 853 -32.54 -9.71 -3.40
CA GLN A 853 -33.91 -9.57 -2.90
C GLN A 853 -33.93 -9.10 -1.46
N LEU A 854 -32.94 -9.51 -0.67
CA LEU A 854 -32.74 -9.01 0.68
C LEU A 854 -31.24 -8.95 0.91
N TYR A 855 -30.80 -7.95 1.66
CA TYR A 855 -29.38 -7.58 1.66
C TYR A 855 -28.46 -8.74 2.00
N GLY A 856 -28.53 -9.27 3.19
CA GLY A 856 -27.64 -10.39 3.44
C GLY A 856 -28.30 -11.73 3.19
N GLU A 857 -29.40 -11.74 2.44
CA GLU A 857 -30.41 -12.78 2.40
C GLU A 857 -31.15 -12.86 3.73
N ASP A 858 -30.78 -12.02 4.71
CA ASP A 858 -31.48 -11.91 5.98
C ASP A 858 -31.73 -10.47 6.38
N GLY A 859 -31.23 -9.49 5.64
CA GLY A 859 -31.50 -8.10 5.90
C GLY A 859 -30.91 -7.55 7.18
N LEU A 860 -29.71 -7.96 7.53
CA LEU A 860 -29.11 -7.58 8.81
C LEU A 860 -27.80 -6.82 8.58
N ASP A 861 -27.57 -5.82 9.42
CA ASP A 861 -26.28 -5.16 9.47
C ASP A 861 -25.22 -6.12 9.98
N ALA A 862 -24.03 -6.05 9.41
CA ALA A 862 -22.95 -6.93 9.82
C ALA A 862 -22.46 -6.64 11.23
N ARG A 863 -22.72 -5.44 11.75
CA ARG A 863 -22.28 -5.09 13.09
C ARG A 863 -23.22 -5.59 14.17
N GLN A 864 -24.34 -6.20 13.79
CA GLN A 864 -25.39 -6.57 14.74
C GLN A 864 -25.58 -8.07 14.83
N LEU A 865 -24.53 -8.85 14.61
CA LEU A 865 -24.61 -10.30 14.59
C LEU A 865 -23.86 -10.89 15.77
N GLU A 866 -24.41 -11.94 16.34
CA GLU A 866 -23.75 -12.73 17.37
C GLU A 866 -23.72 -14.18 16.93
N THR A 867 -22.64 -14.88 17.25
CA THR A 867 -22.51 -16.29 16.91
C THR A 867 -23.05 -17.13 18.05
N VAL A 868 -24.07 -17.93 17.78
CA VAL A 868 -24.68 -18.81 18.77
C VAL A 868 -24.70 -20.23 18.21
N ARG A 869 -24.82 -21.19 19.12
CA ARG A 869 -24.90 -22.59 18.77
C ARG A 869 -26.34 -23.04 18.71
N PHE A 870 -26.65 -23.87 17.72
CA PHE A 870 -27.98 -24.49 17.60
C PHE A 870 -27.88 -25.89 18.19
N GLU A 871 -28.51 -26.09 19.35
CA GLU A 871 -28.31 -27.33 20.09
C GLU A 871 -28.84 -28.55 19.34
N THR A 872 -29.99 -28.40 18.69
CA THR A 872 -30.69 -29.54 18.11
C THR A 872 -29.97 -30.16 16.92
N ILE A 873 -28.96 -29.51 16.36
CA ILE A 873 -28.40 -29.94 15.08
C ILE A 873 -27.76 -31.31 15.20
N MET A 874 -26.89 -31.50 16.18
CA MET A 874 -26.13 -32.73 16.29
C MET A 874 -26.83 -33.81 17.09
N LEU A 875 -27.94 -33.48 17.73
CA LEU A 875 -28.64 -34.47 18.54
C LEU A 875 -29.23 -35.57 17.67
N SER A 876 -29.15 -36.80 18.16
CA SER A 876 -29.85 -37.91 17.52
C SER A 876 -31.35 -37.77 17.80
N ASP A 877 -32.14 -38.63 17.14
CA ASP A 877 -33.57 -38.60 17.37
C ASP A 877 -33.91 -38.91 18.82
N GLN A 878 -33.22 -39.90 19.40
CA GLN A 878 -33.52 -40.29 20.78
C GLN A 878 -33.14 -39.19 21.76
N GLU A 879 -31.92 -38.67 21.67
CA GLU A 879 -31.51 -37.64 22.62
C GLU A 879 -32.15 -36.29 22.33
N LEU A 880 -32.72 -36.10 21.13
CA LEU A 880 -33.55 -34.93 20.90
C LEU A 880 -34.83 -35.01 21.71
N GLU A 881 -35.46 -36.19 21.76
CA GLU A 881 -36.63 -36.38 22.62
C GLU A 881 -36.28 -36.18 24.08
N ASP A 882 -35.15 -36.73 24.52
CA ASP A 882 -34.79 -36.65 25.92
C ASP A 882 -34.61 -35.22 26.38
N LYS A 883 -34.23 -34.31 25.47
CA LYS A 883 -33.92 -32.94 25.82
C LYS A 883 -35.05 -31.96 25.51
N PHE A 884 -35.80 -32.18 24.44
CA PHE A 884 -36.74 -31.18 23.97
C PHE A 884 -38.19 -31.64 23.94
N LYS A 885 -38.46 -32.93 24.10
CA LYS A 885 -39.83 -33.41 24.14
C LYS A 885 -40.37 -33.23 25.55
N TYR A 886 -41.37 -32.36 25.70
CA TYR A 886 -41.98 -32.11 26.98
C TYR A 886 -42.94 -33.23 27.34
N THR A 887 -42.91 -33.66 28.60
CA THR A 887 -43.72 -34.76 29.09
C THR A 887 -44.69 -34.36 30.19
N GLY A 888 -44.62 -33.14 30.69
CA GLY A 888 -45.44 -32.76 31.82
C GLY A 888 -46.91 -32.71 31.51
N ILE A 889 -47.27 -32.28 30.31
CA ILE A 889 -48.66 -32.17 29.89
C ILE A 889 -48.87 -33.04 28.66
N GLN A 890 -49.90 -33.87 28.70
CA GLN A 890 -50.23 -34.76 27.59
C GLN A 890 -51.22 -34.02 26.68
N SER A 891 -50.67 -33.20 25.78
CA SER A 891 -51.46 -32.45 24.83
C SER A 891 -50.86 -32.61 23.45
N PRO A 892 -51.68 -32.62 22.40
CA PRO A 892 -51.12 -32.65 21.04
C PRO A 892 -50.29 -31.43 20.70
N LEU A 893 -50.45 -30.32 21.43
CA LEU A 893 -49.65 -29.14 21.16
C LEU A 893 -48.17 -29.39 21.42
N PHE A 894 -47.84 -30.11 22.48
CA PHE A 894 -46.45 -30.40 22.78
C PHE A 894 -45.89 -31.52 21.91
N GLU A 895 -46.76 -32.30 21.26
CA GLU A 895 -46.31 -33.16 20.18
C GLU A 895 -46.03 -32.35 18.92
N GLU A 896 -46.84 -31.32 18.69
CA GLU A 896 -46.62 -30.43 17.55
C GLU A 896 -45.39 -29.57 17.76
N GLU A 897 -45.13 -29.15 18.99
CA GLU A 897 -43.94 -28.35 19.27
C GLU A 897 -42.67 -29.14 18.99
N PHE A 898 -42.65 -30.43 19.35
CA PHE A 898 -41.46 -31.23 19.13
C PHE A 898 -41.27 -31.56 17.65
N SER A 899 -42.37 -31.78 16.91
CA SER A 899 -42.25 -32.03 15.49
C SER A 899 -41.73 -30.79 14.77
N ARG A 900 -42.12 -29.60 15.23
CA ARG A 900 -41.57 -28.37 14.70
C ARG A 900 -40.08 -28.27 14.97
N LEU A 901 -39.65 -28.70 16.16
CA LEU A 901 -38.21 -28.76 16.46
C LEU A 901 -37.50 -29.79 15.58
N LYS A 902 -38.11 -30.96 15.41
CA LYS A 902 -37.49 -32.01 14.61
C LYS A 902 -37.41 -31.60 13.14
N LYS A 903 -38.44 -30.95 12.63
CA LYS A 903 -38.44 -30.51 11.24
C LYS A 903 -37.42 -29.41 11.00
N ASP A 904 -37.27 -28.50 11.97
CA ASP A 904 -36.27 -27.45 11.85
C ASP A 904 -34.86 -28.03 11.83
N ARG A 905 -34.60 -29.04 12.66
CA ARG A 905 -33.30 -29.69 12.64
C ARG A 905 -33.04 -30.38 11.31
N ASP A 906 -34.05 -31.06 10.77
CA ASP A 906 -33.89 -31.75 9.50
C ASP A 906 -33.72 -30.78 8.35
N LYS A 907 -34.45 -29.67 8.38
CA LYS A 907 -34.28 -28.64 7.35
C LYS A 907 -32.87 -28.06 7.39
N TYR A 908 -32.36 -27.78 8.59
CA TYR A 908 -31.00 -27.29 8.74
C TYR A 908 -29.99 -28.29 8.19
N ARG A 909 -30.16 -29.57 8.53
CA ARG A 909 -29.24 -30.59 8.06
C ARG A 909 -29.30 -30.74 6.55
N GLN A 910 -30.51 -30.78 5.99
CA GLN A 910 -30.66 -30.95 4.55
C GLN A 910 -30.00 -29.82 3.78
N ILE A 911 -30.16 -28.58 4.26
CA ILE A 911 -29.57 -27.45 3.57
C ILE A 911 -28.05 -27.48 3.66
N PHE A 912 -27.52 -27.67 4.86
CA PHE A 912 -26.09 -27.50 5.07
C PHE A 912 -25.29 -28.76 4.79
N LEU A 913 -25.94 -29.91 4.63
CA LEU A 913 -25.25 -31.05 4.04
C LEU A 913 -25.11 -30.86 2.54
N ASN A 914 -26.11 -30.25 1.91
CA ASN A 914 -26.02 -29.90 0.50
C ASN A 914 -24.97 -28.83 0.27
N VAL A 915 -24.95 -27.80 1.13
CA VAL A 915 -23.89 -26.79 1.07
C VAL A 915 -22.53 -27.46 1.19
N GLU A 916 -22.44 -28.43 2.09
CA GLU A 916 -21.23 -29.22 2.26
C GLU A 916 -20.86 -29.97 0.98
N ASN A 917 -21.87 -30.38 0.21
CA ASN A 917 -21.62 -31.18 -0.98
C ASN A 917 -20.97 -30.36 -2.08
N PHE A 918 -21.51 -29.18 -2.38
CA PHE A 918 -20.99 -28.39 -3.50
C PHE A 918 -19.83 -27.49 -3.10
N ASN A 919 -19.17 -27.79 -2.00
CA ASN A 919 -17.95 -27.11 -1.58
C ASN A 919 -16.80 -28.11 -1.49
N PHE A 920 -15.59 -27.57 -1.37
CA PHE A 920 -14.43 -28.44 -1.19
C PHE A 920 -14.33 -28.93 0.25
N SER A 921 -14.22 -28.01 1.20
CA SER A 921 -14.07 -28.38 2.62
C SER A 921 -14.88 -27.45 3.51
N GLN A 922 -16.13 -27.16 3.14
CA GLN A 922 -16.99 -26.33 3.97
C GLN A 922 -17.86 -27.24 4.84
N LEU A 923 -17.39 -27.50 6.05
CA LEU A 923 -18.07 -28.43 6.94
C LEU A 923 -19.32 -27.81 7.55
N LEU A 924 -20.32 -28.65 7.77
CA LEU A 924 -21.50 -28.24 8.50
C LEU A 924 -21.12 -27.84 9.92
N THR A 925 -21.64 -26.71 10.38
CA THR A 925 -21.40 -26.25 11.73
C THR A 925 -22.74 -25.98 12.41
N ASP A 926 -22.78 -26.23 13.71
CA ASP A 926 -23.95 -25.94 14.53
C ASP A 926 -24.01 -24.48 14.98
N VAL A 927 -22.98 -23.70 14.71
CA VAL A 927 -22.91 -22.31 15.13
C VAL A 927 -23.29 -21.42 13.96
N ARG A 928 -24.17 -20.45 14.22
CA ARG A 928 -24.64 -19.52 13.21
C ARG A 928 -24.59 -18.11 13.78
N GLN A 929 -24.43 -17.14 12.89
CA GLN A 929 -24.50 -15.73 13.27
C GLN A 929 -25.93 -15.25 13.16
N VAL A 930 -26.50 -14.80 14.27
CA VAL A 930 -27.90 -14.43 14.34
C VAL A 930 -28.01 -13.01 14.89
N PRO A 931 -29.07 -12.27 14.58
CA PRO A 931 -29.20 -10.93 15.17
C PRO A 931 -29.34 -10.95 16.69
N VAL A 932 -30.01 -11.94 17.25
CA VAL A 932 -30.36 -11.97 18.66
C VAL A 932 -29.88 -13.28 19.27
N ASN A 933 -29.18 -13.20 20.39
CA ASN A 933 -28.81 -14.38 21.17
C ASN A 933 -29.92 -14.65 22.15
N VAL A 934 -30.83 -15.56 21.79
CA VAL A 934 -32.00 -15.83 22.61
C VAL A 934 -31.60 -16.50 23.92
N ALA A 935 -30.61 -17.39 23.88
CA ALA A 935 -30.21 -18.12 25.07
C ALA A 935 -29.71 -17.19 26.16
N SER A 936 -29.05 -16.10 25.78
CA SER A 936 -28.60 -15.12 26.78
C SER A 936 -29.76 -14.32 27.33
N ILE A 937 -30.74 -13.96 26.50
CA ILE A 937 -31.88 -13.20 26.98
C ILE A 937 -32.66 -14.01 28.00
N VAL A 938 -32.85 -15.30 27.75
CA VAL A 938 -33.54 -16.16 28.70
C VAL A 938 -32.76 -16.25 30.00
N LYS A 939 -31.44 -16.43 29.89
CA LYS A 939 -30.61 -16.54 31.09
C LYS A 939 -30.67 -15.28 31.93
N ASN A 940 -30.65 -14.11 31.28
CA ASN A 940 -30.72 -12.85 32.01
C ASN A 940 -32.07 -12.69 32.70
N ILE A 941 -33.15 -13.07 32.03
CA ILE A 941 -34.48 -12.98 32.64
C ILE A 941 -34.61 -13.94 33.81
N LEU A 942 -34.08 -15.15 33.66
CA LEU A 942 -34.10 -16.11 34.76
C LEU A 942 -33.33 -15.60 35.96
N LEU A 943 -32.19 -14.94 35.72
CA LEU A 943 -31.40 -14.39 36.81
C LEU A 943 -32.16 -13.31 37.56
N SER A 944 -32.84 -12.43 36.84
CA SER A 944 -33.53 -11.30 37.45
C SER A 944 -34.87 -11.68 38.07
N SER A 945 -35.33 -12.92 37.89
CA SER A 945 -36.63 -13.32 38.42
C SER A 945 -36.54 -13.55 39.92
N THR A 946 -37.39 -12.85 40.67
CA THR A 946 -37.44 -13.03 42.12
C THR A 946 -37.88 -14.44 42.49
N SER A 947 -38.88 -14.96 41.77
CA SER A 947 -39.32 -16.33 42.00
C SER A 947 -38.28 -17.33 41.52
N GLY A 948 -38.26 -18.49 42.15
CA GLY A 948 -37.36 -19.55 41.75
C GLY A 948 -38.02 -20.56 40.83
N VAL A 949 -38.12 -21.80 41.28
CA VAL A 949 -38.77 -22.86 40.52
C VAL A 949 -40.27 -22.62 40.59
N LEU A 950 -40.88 -22.31 39.45
CA LEU A 950 -42.32 -22.10 39.41
C LEU A 950 -43.04 -23.43 39.64
N PRO A 951 -44.15 -23.43 40.37
CA PRO A 951 -44.97 -24.64 40.45
C PRO A 951 -45.67 -24.90 39.13
N PHE A 952 -46.16 -26.13 39.00
CA PHE A 952 -46.85 -26.52 37.77
C PHE A 952 -48.09 -25.65 37.56
N ASP A 953 -48.18 -25.03 36.38
CA ASP A 953 -49.33 -24.24 36.00
C ASP A 953 -49.64 -24.57 34.55
N GLU A 954 -50.65 -25.42 34.34
CA GLU A 954 -50.97 -25.90 33.00
C GLU A 954 -51.43 -24.75 32.10
N LYS A 955 -52.24 -23.85 32.65
CA LYS A 955 -52.77 -22.74 31.85
C LYS A 955 -51.65 -21.84 31.35
N SER A 956 -50.67 -21.53 32.21
CA SER A 956 -49.56 -20.69 31.80
C SER A 956 -48.68 -21.38 30.77
N ILE A 957 -48.33 -22.65 31.01
CA ILE A 957 -47.46 -23.38 30.11
C ILE A 957 -48.07 -23.50 28.73
N LEU A 958 -49.37 -23.81 28.68
CA LEU A 958 -50.06 -23.83 27.39
C LEU A 958 -50.08 -22.45 26.76
N GLN A 959 -50.29 -21.41 27.57
CA GLN A 959 -50.34 -20.06 27.04
C GLN A 959 -48.96 -19.52 26.69
N LYS A 960 -47.93 -19.93 27.44
CA LYS A 960 -46.57 -19.56 27.07
C LYS A 960 -46.19 -20.18 25.73
N TYR A 961 -46.58 -21.44 25.50
CA TYR A 961 -46.32 -22.06 24.20
C TYR A 961 -47.07 -21.35 23.09
N ALA A 962 -48.29 -20.91 23.36
CA ALA A 962 -49.12 -20.29 22.32
C ALA A 962 -48.50 -19.00 21.82
N MET A 963 -47.93 -18.20 22.72
CA MET A 963 -47.43 -16.90 22.31
C MET A 963 -46.00 -16.93 21.79
N VAL A 964 -45.31 -18.06 21.90
CA VAL A 964 -44.08 -18.25 21.15
C VAL A 964 -44.39 -18.79 19.76
N LYS A 965 -45.42 -19.63 19.65
CA LYS A 965 -45.92 -20.04 18.35
C LYS A 965 -46.51 -18.85 17.59
N THR A 966 -47.19 -17.95 18.31
CA THR A 966 -47.67 -16.73 17.66
C THR A 966 -46.52 -15.79 17.34
N PHE A 967 -45.53 -15.71 18.22
CA PHE A 967 -44.39 -14.82 17.99
C PHE A 967 -43.57 -15.26 16.78
N CYS A 968 -43.30 -16.56 16.67
CA CYS A 968 -42.56 -17.04 15.52
C CYS A 968 -43.33 -16.84 14.23
N LYS A 969 -44.65 -16.97 14.29
CA LYS A 969 -45.48 -16.76 13.12
C LYS A 969 -45.40 -15.31 12.63
N ASN A 970 -45.41 -14.36 13.55
CA ASN A 970 -45.36 -12.95 13.22
C ASN A 970 -43.95 -12.41 13.10
N LEU A 971 -42.94 -13.27 13.24
CA LEU A 971 -41.56 -12.81 13.16
C LEU A 971 -41.21 -12.13 11.84
N PRO A 972 -41.63 -12.62 10.67
CA PRO A 972 -41.25 -11.93 9.43
C PRO A 972 -41.80 -10.51 9.32
N TYR A 973 -42.68 -10.09 10.23
CA TYR A 973 -43.19 -8.73 10.19
C TYR A 973 -42.20 -7.71 10.71
N VAL A 974 -41.08 -8.13 11.32
CA VAL A 974 -40.03 -7.17 11.64
C VAL A 974 -39.46 -6.58 10.36
N PHE A 975 -39.54 -7.32 9.26
CA PHE A 975 -39.06 -6.81 7.99
C PHE A 975 -40.05 -5.88 7.32
N ILE A 976 -41.27 -5.75 7.85
CA ILE A 976 -42.22 -4.84 7.22
C ILE A 976 -42.54 -3.67 8.14
N ASN A 977 -43.41 -3.91 9.12
CA ASN A 977 -43.75 -2.92 10.15
C ASN A 977 -44.84 -3.49 11.05
N ASN A 978 -45.20 -2.75 12.09
CA ASN A 978 -46.27 -3.18 12.98
C ASN A 978 -47.65 -2.89 12.43
N ILE A 979 -47.77 -2.06 11.39
CA ILE A 979 -49.06 -1.82 10.75
C ILE A 979 -49.54 -3.06 10.02
N GLN A 980 -48.65 -3.69 9.25
CA GLN A 980 -49.03 -4.87 8.50
C GLN A 980 -49.17 -6.08 9.39
N GLU A 981 -48.46 -6.10 10.52
CA GLU A 981 -48.67 -7.16 11.51
C GLU A 981 -50.05 -7.08 12.12
N ARG A 982 -50.49 -5.87 12.46
CA ARG A 982 -51.82 -5.69 13.03
C ARG A 982 -52.90 -6.10 12.05
N LEU A 983 -52.73 -5.79 10.77
CA LEU A 983 -53.68 -6.20 9.75
C LEU A 983 -53.46 -7.64 9.28
N GLN A 984 -52.33 -8.25 9.67
CA GLN A 984 -52.01 -9.64 9.31
C GLN A 984 -52.06 -9.85 7.80
N THR A 985 -51.53 -8.88 7.06
CA THR A 985 -51.44 -9.00 5.61
C THR A 985 -50.41 -10.05 5.24
N PRO A 986 -50.49 -10.59 4.02
CA PRO A 986 -49.58 -11.69 3.65
C PRO A 986 -48.12 -11.29 3.73
N ILE A 987 -47.29 -12.24 4.15
CA ILE A 987 -45.84 -12.06 4.13
C ILE A 987 -45.31 -12.61 2.81
N PRO A 988 -44.44 -11.87 2.12
CA PRO A 988 -43.80 -12.44 0.93
C PRO A 988 -42.96 -13.66 1.29
N VAL A 989 -42.85 -14.57 0.34
CA VAL A 989 -42.17 -15.84 0.60
C VAL A 989 -40.71 -15.60 0.98
N TYR A 990 -40.05 -14.68 0.28
CA TYR A 990 -38.66 -14.40 0.61
C TYR A 990 -38.51 -13.80 1.99
N LEU A 991 -39.54 -13.09 2.48
CA LEU A 991 -39.49 -12.56 3.84
C LEU A 991 -39.78 -13.63 4.88
N LYS A 992 -40.55 -14.65 4.52
CA LYS A 992 -40.74 -15.80 5.40
C LYS A 992 -39.43 -16.56 5.57
N ARG A 993 -38.67 -16.73 4.49
CA ARG A 993 -37.39 -17.41 4.56
C ARG A 993 -36.36 -16.61 5.32
N ALA A 994 -36.49 -15.28 5.33
CA ALA A 994 -35.52 -14.43 6.01
C ALA A 994 -35.59 -14.62 7.52
N ALA A 995 -36.75 -14.99 8.04
CA ALA A 995 -36.93 -15.24 9.46
C ALA A 995 -36.74 -16.70 9.84
N SER A 996 -36.36 -17.55 8.90
CA SER A 996 -36.30 -18.99 9.17
C SER A 996 -35.27 -19.32 10.23
N LEU A 997 -34.10 -18.68 10.18
CA LEU A 997 -33.02 -19.02 11.10
C LEU A 997 -33.33 -18.54 12.51
N MET A 998 -33.97 -17.37 12.64
CA MET A 998 -34.31 -16.89 13.96
C MET A 998 -35.53 -17.60 14.52
N ARG A 999 -36.51 -17.93 13.67
CA ARG A 999 -37.62 -18.75 14.12
C ARG A 999 -37.13 -20.08 14.66
N MET A 1000 -36.12 -20.64 14.02
CA MET A 1000 -35.56 -21.92 14.45
C MET A 1000 -34.87 -21.79 15.80
N LEU A 1001 -34.14 -20.69 16.01
CA LEU A 1001 -33.45 -20.50 17.29
C LEU A 1001 -34.42 -20.21 18.42
N ILE A 1002 -35.49 -19.47 18.14
CA ILE A 1002 -36.47 -19.17 19.19
C ILE A 1002 -37.16 -20.44 19.65
N ARG A 1003 -37.47 -21.35 18.72
CA ARG A 1003 -38.10 -22.60 19.11
C ARG A 1003 -37.16 -23.46 19.93
N ILE A 1004 -35.87 -23.45 19.61
CA ILE A 1004 -34.91 -24.22 20.39
C ILE A 1004 -34.76 -23.63 21.78
N GLU A 1005 -34.67 -22.31 21.87
CA GLU A 1005 -34.34 -21.67 23.14
C GLU A 1005 -35.56 -21.36 23.99
N LEU A 1006 -36.73 -21.20 23.38
CA LEU A 1006 -37.97 -21.02 24.12
C LEU A 1006 -38.83 -22.27 24.12
N ALA A 1007 -38.20 -23.43 23.93
CA ALA A 1007 -38.91 -24.69 24.02
C ALA A 1007 -39.44 -24.89 25.43
N THR A 1008 -40.59 -25.55 25.53
CA THR A 1008 -41.31 -25.64 26.80
C THR A 1008 -40.42 -26.21 27.90
N VAL A 1009 -39.52 -27.11 27.54
CA VAL A 1009 -38.61 -27.69 28.53
C VAL A 1009 -37.67 -26.63 29.08
N LYS A 1010 -37.41 -25.56 28.33
CA LYS A 1010 -36.45 -24.56 28.74
C LYS A 1010 -37.08 -23.34 29.38
N THR A 1011 -38.40 -23.25 29.41
CA THR A 1011 -39.10 -22.08 29.94
C THR A 1011 -40.09 -22.45 31.03
N LEU A 1012 -39.86 -23.58 31.72
CA LEU A 1012 -40.78 -24.00 32.77
C LEU A 1012 -40.79 -23.02 33.93
N ASN A 1013 -39.61 -22.50 34.30
CA ASN A 1013 -39.47 -21.60 35.42
C ASN A 1013 -39.71 -20.14 35.04
N ILE A 1014 -40.26 -19.88 33.86
CA ILE A 1014 -40.43 -18.54 33.34
C ILE A 1014 -41.92 -18.24 33.29
N THR A 1015 -42.32 -17.10 33.85
CA THR A 1015 -43.72 -16.73 33.89
C THR A 1015 -44.17 -16.16 32.56
N CYS A 1016 -45.49 -15.98 32.41
CA CYS A 1016 -46.03 -15.45 31.17
C CYS A 1016 -45.69 -13.98 31.01
N GLU A 1017 -45.66 -13.22 32.11
CA GLU A 1017 -45.22 -11.83 32.04
C GLU A 1017 -43.74 -11.74 31.66
N GLN A 1018 -42.92 -12.63 32.22
CA GLN A 1018 -41.51 -12.65 31.85
C GLN A 1018 -41.32 -13.06 30.40
N MET A 1019 -42.11 -14.02 29.94
CA MET A 1019 -41.95 -14.49 28.57
C MET A 1019 -42.42 -13.46 27.56
N SER A 1020 -43.45 -12.68 27.91
CA SER A 1020 -43.84 -11.57 27.06
C SER A 1020 -42.75 -10.51 26.98
N ALA A 1021 -42.06 -10.28 28.10
CA ALA A 1021 -40.91 -9.38 28.09
C ALA A 1021 -39.76 -9.98 27.30
N ILE A 1022 -39.57 -11.29 27.38
CA ILE A 1022 -38.55 -11.96 26.58
C ILE A 1022 -38.82 -11.76 25.10
N LEU A 1023 -40.07 -11.92 24.70
CA LEU A 1023 -40.43 -11.81 23.28
C LEU A 1023 -40.32 -10.37 22.79
N ASP A 1024 -40.70 -9.40 23.62
CA ASP A 1024 -40.55 -8.01 23.24
C ASP A 1024 -39.09 -7.62 23.15
N LEU A 1025 -38.23 -8.23 23.97
CA LEU A 1025 -36.80 -7.95 23.89
C LEU A 1025 -36.17 -8.60 22.66
N ILE A 1026 -36.67 -9.76 22.25
CA ILE A 1026 -36.17 -10.38 21.03
C ILE A 1026 -36.56 -9.56 19.82
N ARG A 1027 -37.81 -9.10 19.76
CA ARG A 1027 -38.26 -8.32 18.61
C ARG A 1027 -37.54 -6.99 18.53
N LEU A 1028 -37.22 -6.39 19.68
CA LEU A 1028 -36.52 -5.12 19.68
C LEU A 1028 -35.10 -5.27 19.15
N GLN A 1029 -34.40 -6.33 19.56
CA GLN A 1029 -33.04 -6.53 19.08
C GLN A 1029 -33.02 -7.01 17.63
N TYR A 1030 -34.10 -7.65 17.18
CA TYR A 1030 -34.23 -7.98 15.77
C TYR A 1030 -34.42 -6.73 14.93
N THR A 1031 -35.27 -5.81 15.39
CA THR A 1031 -35.46 -4.55 14.67
C THR A 1031 -34.17 -3.74 14.66
N GLN A 1032 -33.46 -3.69 15.78
CA GLN A 1032 -32.23 -2.93 15.86
C GLN A 1032 -31.10 -3.55 15.07
N SER A 1033 -31.25 -4.77 14.58
CA SER A 1033 -30.21 -5.43 13.82
C SER A 1033 -30.39 -5.33 12.31
N LEU A 1034 -31.49 -4.74 11.84
CA LEU A 1034 -31.76 -4.70 10.41
C LEU A 1034 -30.93 -3.63 9.73
N ILE A 1035 -30.64 -3.85 8.45
CA ILE A 1035 -29.85 -2.90 7.68
C ILE A 1035 -30.69 -1.67 7.36
N ASN A 1036 -30.05 -0.50 7.43
CA ASN A 1036 -30.79 0.74 7.24
C ASN A 1036 -31.02 1.02 5.77
N TYR A 1037 -32.12 1.70 5.49
CA TYR A 1037 -32.40 2.15 4.13
C TYR A 1037 -31.35 3.14 3.67
N GLY A 1038 -30.86 2.95 2.46
CA GLY A 1038 -29.88 3.87 1.90
C GLY A 1038 -28.45 3.57 2.28
N GLU A 1039 -28.19 2.46 2.93
CA GLU A 1039 -26.82 2.09 3.24
C GLU A 1039 -26.09 1.68 1.96
N ALA A 1040 -24.88 2.23 1.79
CA ALA A 1040 -24.03 1.87 0.66
C ALA A 1040 -23.34 0.56 0.99
N VAL A 1041 -24.09 -0.54 0.83
CA VAL A 1041 -23.58 -1.85 1.19
C VAL A 1041 -22.61 -2.37 0.15
N GLY A 1042 -22.65 -1.85 -1.08
CA GLY A 1042 -21.66 -2.21 -2.06
C GLY A 1042 -20.28 -1.73 -1.69
N ILE A 1043 -20.18 -0.49 -1.21
CA ILE A 1043 -18.90 0.01 -0.73
C ILE A 1043 -18.44 -0.77 0.50
N LEU A 1044 -19.38 -1.15 1.36
CA LEU A 1044 -19.03 -1.93 2.54
C LEU A 1044 -18.43 -3.27 2.15
N ALA A 1045 -19.03 -3.94 1.17
CA ALA A 1045 -18.50 -5.23 0.72
C ALA A 1045 -17.13 -5.08 0.09
N ALA A 1046 -16.96 -4.06 -0.77
CA ALA A 1046 -15.68 -3.85 -1.42
C ALA A 1046 -14.59 -3.54 -0.40
N GLN A 1047 -14.92 -2.72 0.59
CA GLN A 1047 -13.96 -2.47 1.68
C GLN A 1047 -13.68 -3.74 2.46
N SER A 1048 -14.72 -4.52 2.78
CA SER A 1048 -14.55 -5.67 3.65
C SER A 1048 -13.80 -6.81 2.96
N VAL A 1049 -13.95 -6.94 1.65
CA VAL A 1049 -13.28 -8.02 0.93
C VAL A 1049 -11.87 -7.64 0.50
N SER A 1050 -11.56 -6.35 0.39
CA SER A 1050 -10.26 -5.93 -0.11
C SER A 1050 -9.17 -6.09 0.94
N GLU A 1051 -9.49 -5.88 2.22
CA GLU A 1051 -8.46 -6.04 3.25
C GLU A 1051 -7.92 -7.46 3.32
N PRO A 1052 -8.73 -8.52 3.34
CA PRO A 1052 -8.16 -9.88 3.33
C PRO A 1052 -7.39 -10.20 2.06
N LEU A 1053 -7.61 -9.46 0.97
CA LEU A 1053 -6.82 -9.66 -0.23
C LEU A 1053 -5.35 -9.36 0.02
N THR A 1054 -5.07 -8.31 0.80
CA THR A 1054 -3.69 -7.95 1.12
C THR A 1054 -3.01 -9.06 1.91
N GLN A 1055 -3.71 -9.63 2.88
CA GLN A 1055 -3.15 -10.75 3.64
C GLN A 1055 -2.97 -11.96 2.75
N TYR A 1056 -3.88 -12.17 1.81
CA TYR A 1056 -3.75 -13.29 0.88
C TYR A 1056 -2.50 -13.14 0.03
N MET A 1057 -2.19 -11.93 -0.40
CA MET A 1057 -0.97 -11.68 -1.15
C MET A 1057 0.28 -11.77 -0.28
N LEU A 1058 0.18 -11.40 1.00
CA LEU A 1058 1.30 -11.60 1.90
C LEU A 1058 1.65 -13.07 2.02
N ASP A 1059 0.64 -13.93 2.13
CA ASP A 1059 0.83 -15.37 2.25
C ASP A 1059 1.10 -16.04 0.92
N SER A 1060 1.44 -15.26 -0.11
CA SER A 1060 1.83 -15.86 -1.39
C SER A 1060 3.12 -16.67 -1.25
N HIS A 1061 4.06 -16.20 -0.45
CA HIS A 1061 5.28 -16.95 -0.21
C HIS A 1061 5.01 -18.24 0.55
N HIS A 1062 3.98 -18.25 1.39
CA HIS A 1062 3.60 -19.48 2.08
C HIS A 1062 2.94 -20.46 1.13
N ARG A 1063 2.15 -19.96 0.19
CA ARG A 1063 1.50 -20.82 -0.78
C ARG A 1063 2.50 -21.33 -1.80
N SER A 1064 2.18 -22.48 -2.40
CA SER A 1064 3.08 -23.07 -3.38
C SER A 1064 3.15 -22.22 -4.65
N VAL A 1065 4.25 -22.39 -5.38
CA VAL A 1065 4.46 -21.67 -6.63
C VAL A 1065 4.76 -22.67 -7.73
N ALA A 1066 4.50 -23.95 -7.44
CA ALA A 1066 4.77 -25.02 -8.39
C ALA A 1066 3.85 -24.91 -9.60
N GLY A 1067 4.27 -25.53 -10.70
CA GLY A 1067 3.47 -25.53 -11.90
C GLY A 1067 2.20 -26.35 -11.76
N GLY A 1068 1.22 -26.02 -12.59
CA GLY A 1068 -0.07 -26.67 -12.55
C GLY A 1068 -1.11 -25.86 -11.83
N THR A 1069 -0.74 -25.25 -10.71
CA THR A 1069 -1.63 -24.38 -9.93
C THR A 1069 -0.83 -23.14 -9.55
N ASN A 1070 -0.99 -22.08 -10.34
CA ASN A 1070 -0.36 -20.79 -10.06
C ASN A 1070 -1.32 -20.00 -9.16
N LYS A 1071 -1.20 -20.21 -7.86
CA LYS A 1071 -1.95 -19.46 -6.86
C LYS A 1071 -1.10 -18.36 -6.22
N SER A 1072 0.08 -18.08 -6.77
CA SER A 1072 0.97 -17.09 -6.19
C SER A 1072 0.42 -15.68 -6.37
N GLY A 1073 0.68 -14.84 -5.39
CA GLY A 1073 0.28 -13.44 -5.48
C GLY A 1073 -1.22 -13.29 -5.54
N ILE A 1074 -1.67 -12.49 -6.49
CA ILE A 1074 -3.08 -12.16 -6.64
C ILE A 1074 -3.68 -12.80 -7.90
N VAL A 1075 -3.02 -13.84 -8.42
CA VAL A 1075 -3.47 -14.47 -9.66
C VAL A 1075 -4.87 -15.02 -9.51
N ARG A 1076 -5.12 -15.77 -8.44
CA ARG A 1076 -6.44 -16.36 -8.23
C ARG A 1076 -7.53 -15.31 -8.02
N PRO A 1077 -7.35 -14.28 -7.19
CA PRO A 1077 -8.40 -13.25 -7.10
C PRO A 1077 -8.70 -12.58 -8.43
N GLN A 1078 -7.68 -12.32 -9.26
CA GLN A 1078 -7.94 -11.72 -10.56
C GLN A 1078 -8.75 -12.67 -11.45
N GLU A 1079 -8.48 -13.98 -11.36
CA GLU A 1079 -9.27 -14.93 -12.11
C GLU A 1079 -10.73 -14.87 -11.71
N ILE A 1080 -11.00 -14.71 -10.41
CA ILE A 1080 -12.37 -14.61 -9.94
C ILE A 1080 -12.98 -13.28 -10.35
N PHE A 1081 -12.29 -12.18 -10.06
CA PHE A 1081 -12.89 -10.85 -10.19
C PHE A 1081 -12.98 -10.38 -11.64
N SER A 1082 -12.05 -10.77 -12.48
CA SER A 1082 -12.10 -10.43 -13.90
C SER A 1082 -12.85 -11.46 -14.72
N ALA A 1083 -13.43 -12.48 -14.08
CA ALA A 1083 -14.31 -13.44 -14.73
C ALA A 1083 -13.64 -14.12 -15.91
N LYS A 1084 -12.40 -14.53 -15.71
CA LYS A 1084 -11.63 -15.14 -16.78
C LYS A 1084 -12.23 -16.49 -17.16
N PRO A 1085 -12.18 -16.86 -18.45
CA PRO A 1085 -12.70 -18.16 -18.85
C PRO A 1085 -11.89 -19.33 -18.32
N VAL A 1086 -12.35 -20.55 -18.58
CA VAL A 1086 -11.72 -21.74 -18.01
C VAL A 1086 -10.29 -21.86 -18.48
N GLU A 1087 -10.05 -21.61 -19.78
CA GLU A 1087 -8.70 -21.74 -20.33
C GLU A 1087 -7.73 -20.75 -19.69
N ALA A 1088 -8.20 -19.54 -19.39
CA ALA A 1088 -7.34 -18.54 -18.78
C ALA A 1088 -6.95 -18.88 -17.35
N GLU A 1089 -7.64 -19.85 -16.73
CA GLU A 1089 -7.34 -20.21 -15.35
C GLU A 1089 -6.05 -21.00 -15.26
N GLN A 1090 -5.29 -20.77 -14.19
CA GLN A 1090 -4.00 -21.43 -13.98
C GLN A 1090 -3.97 -22.31 -12.75
N SER A 1091 -5.07 -22.43 -12.02
CA SER A 1091 -5.10 -23.26 -10.82
C SER A 1091 -6.40 -24.04 -10.72
N SER A 1092 -6.99 -24.41 -11.85
CA SER A 1092 -8.27 -25.10 -11.84
C SER A 1092 -8.16 -26.45 -11.17
N GLU A 1093 -9.23 -26.85 -10.49
CA GLU A 1093 -9.24 -28.06 -9.70
C GLU A 1093 -10.65 -28.63 -9.68
N MET A 1094 -10.75 -29.93 -9.44
CA MET A 1094 -12.02 -30.59 -9.25
C MET A 1094 -11.93 -31.53 -8.05
N LEU A 1095 -13.05 -31.68 -7.35
CA LEU A 1095 -13.18 -32.65 -6.28
C LEU A 1095 -14.25 -33.65 -6.67
N LEU A 1096 -13.84 -34.86 -6.98
CA LEU A 1096 -14.74 -35.90 -7.47
C LEU A 1096 -15.01 -36.90 -6.38
N ARG A 1097 -16.28 -37.22 -6.18
CA ARG A 1097 -16.70 -38.21 -5.20
C ARG A 1097 -16.92 -39.55 -5.88
N LEU A 1098 -16.41 -40.60 -5.26
CA LEU A 1098 -16.63 -41.95 -5.78
C LEU A 1098 -18.10 -42.31 -5.66
N LYS A 1099 -18.63 -42.96 -6.69
CA LYS A 1099 -20.02 -43.39 -6.65
C LYS A 1099 -20.21 -44.46 -5.59
N ASN A 1100 -21.34 -44.36 -4.89
CA ASN A 1100 -21.78 -45.19 -3.76
C ASN A 1100 -20.86 -45.02 -2.56
N PRO A 1101 -21.38 -45.06 -1.33
CA PRO A 1101 -20.56 -44.74 -0.17
C PRO A 1101 -19.80 -45.92 0.43
N GLU A 1102 -20.11 -47.16 0.08
CA GLU A 1102 -19.39 -48.28 0.68
C GLU A 1102 -17.97 -48.37 0.14
N VAL A 1103 -17.79 -48.23 -1.18
CA VAL A 1103 -16.46 -48.24 -1.77
C VAL A 1103 -15.70 -46.94 -1.53
N GLU A 1104 -16.34 -45.96 -0.90
CA GLU A 1104 -15.71 -44.66 -0.68
C GLU A 1104 -14.54 -44.75 0.27
N THR A 1105 -14.63 -45.60 1.30
CA THR A 1105 -13.57 -45.71 2.29
C THR A 1105 -12.40 -46.53 1.82
N ASN A 1106 -12.49 -47.15 0.65
CA ASN A 1106 -11.42 -47.99 0.14
C ASN A 1106 -10.39 -47.11 -0.54
N LYS A 1107 -9.24 -46.92 0.10
CA LYS A 1107 -8.20 -46.07 -0.48
C LYS A 1107 -7.63 -46.66 -1.75
N THR A 1108 -7.42 -47.99 -1.76
CA THR A 1108 -6.89 -48.63 -2.96
C THR A 1108 -7.87 -48.52 -4.12
N TYR A 1109 -9.17 -48.68 -3.84
CA TYR A 1109 -10.17 -48.49 -4.88
C TYR A 1109 -10.16 -47.05 -5.37
N ALA A 1110 -10.07 -46.08 -4.46
CA ALA A 1110 -10.03 -44.69 -4.86
C ALA A 1110 -8.79 -44.40 -5.71
N GLN A 1111 -7.67 -45.04 -5.39
CA GLN A 1111 -6.45 -44.82 -6.15
C GLN A 1111 -6.59 -45.29 -7.60
N GLU A 1112 -7.20 -46.45 -7.81
CA GLU A 1112 -7.30 -46.96 -9.18
C GLU A 1112 -8.34 -46.20 -9.98
N ILE A 1113 -9.34 -45.61 -9.32
CA ILE A 1113 -10.24 -44.71 -10.04
C ILE A 1113 -9.49 -43.44 -10.44
N ALA A 1114 -8.61 -42.96 -9.58
CA ALA A 1114 -7.80 -41.79 -9.90
C ALA A 1114 -6.90 -42.06 -11.10
N ASN A 1115 -6.28 -43.24 -11.14
CA ASN A 1115 -5.39 -43.59 -12.25
C ASN A 1115 -6.15 -43.64 -13.56
N SER A 1116 -7.35 -44.21 -13.56
CA SER A 1116 -8.15 -44.28 -14.77
C SER A 1116 -8.69 -42.93 -15.21
N ILE A 1117 -8.68 -41.93 -14.33
CA ILE A 1117 -9.24 -40.62 -14.66
C ILE A 1117 -8.18 -39.71 -15.27
N GLU A 1118 -6.92 -39.84 -14.85
CA GLU A 1118 -5.85 -39.00 -15.37
C GLU A 1118 -5.77 -39.12 -16.88
N LEU A 1119 -5.66 -37.97 -17.55
CA LEU A 1119 -5.55 -37.95 -19.00
C LEU A 1119 -4.21 -38.51 -19.43
N ILE A 1120 -4.24 -39.51 -20.31
CA ILE A 1120 -3.03 -40.10 -20.87
C ILE A 1120 -2.97 -39.72 -22.33
N THR A 1121 -1.99 -38.91 -22.68
CA THR A 1121 -1.75 -38.47 -24.04
C THR A 1121 -0.78 -39.44 -24.71
N PHE A 1122 -0.91 -39.59 -26.03
CA PHE A 1122 -0.12 -40.58 -26.75
C PHE A 1122 1.38 -40.32 -26.61
N GLU A 1123 1.80 -39.06 -26.67
CA GLU A 1123 3.22 -38.76 -26.59
C GLU A 1123 3.81 -39.06 -25.22
N ARG A 1124 2.96 -39.28 -24.21
CA ARG A 1124 3.45 -39.72 -22.91
C ARG A 1124 4.04 -41.12 -22.97
N LEU A 1125 3.51 -41.97 -23.84
CA LEU A 1125 3.90 -43.37 -23.94
C LEU A 1125 5.01 -43.59 -24.96
N ILE A 1126 5.56 -42.53 -25.53
CA ILE A 1126 6.45 -42.61 -26.68
C ILE A 1126 7.86 -42.25 -26.25
N LEU A 1127 8.83 -43.10 -26.60
CA LEU A 1127 10.23 -42.75 -26.40
C LEU A 1127 10.72 -41.81 -27.49
N GLN A 1128 10.44 -42.12 -28.75
CA GLN A 1128 10.91 -41.31 -29.86
C GLN A 1128 10.00 -41.56 -31.05
N TRP A 1129 9.92 -40.56 -31.92
CA TRP A 1129 9.15 -40.69 -33.15
C TRP A 1129 9.92 -40.08 -34.30
N HIS A 1130 9.67 -40.59 -35.50
CA HIS A 1130 10.36 -40.15 -36.70
C HIS A 1130 9.37 -40.09 -37.84
N LEU A 1131 9.08 -38.89 -38.33
CA LEU A 1131 8.21 -38.73 -39.50
C LEU A 1131 9.03 -39.05 -40.73
N LEU A 1132 8.87 -40.28 -41.23
CA LEU A 1132 9.63 -40.76 -42.38
C LEU A 1132 8.89 -40.44 -43.67
N TYR A 1133 9.65 -40.41 -44.76
CA TYR A 1133 9.07 -40.34 -46.10
C TYR A 1133 9.19 -41.71 -46.76
N GLU A 1134 8.25 -42.58 -46.44
CA GLU A 1134 8.25 -43.90 -47.04
C GLU A 1134 6.85 -44.49 -46.95
N THR A 1135 6.54 -45.37 -47.91
CA THR A 1135 5.23 -45.98 -48.02
C THR A 1135 5.37 -47.49 -47.91
N TYR A 1136 4.24 -48.15 -47.68
CA TYR A 1136 4.21 -49.59 -47.56
C TYR A 1136 3.15 -50.16 -48.50
N SER A 1137 3.53 -51.19 -49.25
CA SER A 1137 2.60 -51.89 -50.12
C SER A 1137 2.62 -53.40 -49.94
N SER A 1138 3.67 -53.97 -49.37
CA SER A 1138 3.90 -55.40 -49.15
C SER A 1138 4.07 -56.16 -50.47
N THR A 1139 3.98 -55.49 -51.61
CA THR A 1139 4.21 -56.12 -52.90
C THR A 1139 5.41 -55.50 -53.62
N LYS A 1140 6.07 -54.52 -53.02
CA LYS A 1140 7.17 -53.81 -53.64
C LYS A 1140 8.34 -53.76 -52.65
N LYS A 1141 9.43 -53.11 -53.07
CA LYS A 1141 10.58 -52.93 -52.18
C LYS A 1141 10.33 -51.82 -51.16
N ASN A 1142 9.59 -50.79 -51.55
CA ASN A 1142 9.15 -49.68 -50.70
C ASN A 1142 10.25 -48.71 -50.32
N VAL A 1143 11.51 -49.05 -50.62
CA VAL A 1143 12.67 -48.20 -50.36
C VAL A 1143 12.59 -47.61 -48.95
N MET A 1144 12.89 -48.43 -47.95
CA MET A 1144 12.72 -48.03 -46.56
C MET A 1144 13.99 -47.37 -46.01
N TYR A 1145 13.79 -46.63 -44.93
CA TYR A 1145 14.87 -45.93 -44.27
C TYR A 1145 15.91 -46.93 -43.78
N PRO A 1146 17.20 -46.66 -43.97
CA PRO A 1146 18.21 -47.70 -43.65
C PRO A 1146 18.21 -48.12 -42.19
N ASP A 1147 18.06 -47.17 -41.27
CA ASP A 1147 18.00 -47.52 -39.86
C ASP A 1147 16.76 -48.36 -39.56
N PHE A 1148 15.64 -48.00 -40.16
CA PHE A 1148 14.36 -48.65 -39.88
C PHE A 1148 14.00 -49.69 -40.93
N ALA A 1149 14.94 -50.06 -41.81
CA ALA A 1149 14.71 -51.19 -42.70
C ALA A 1149 14.63 -52.51 -41.96
N SER A 1150 15.12 -52.57 -40.72
CA SER A 1150 15.00 -53.79 -39.93
C SER A 1150 13.58 -54.02 -39.43
N ASP A 1151 12.70 -53.02 -39.56
CA ASP A 1151 11.31 -53.21 -39.14
C ASP A 1151 10.59 -54.23 -40.01
N VAL A 1152 11.05 -54.44 -41.25
CA VAL A 1152 10.38 -55.36 -42.15
C VAL A 1152 10.38 -56.79 -41.62
N GLU A 1153 11.26 -57.10 -40.68
CA GLU A 1153 11.22 -58.42 -40.06
C GLU A 1153 9.90 -58.64 -39.33
N TRP A 1154 9.44 -57.64 -38.59
CA TRP A 1154 8.17 -57.74 -37.89
C TRP A 1154 7.02 -57.10 -38.65
N MET A 1155 7.31 -56.26 -39.64
CA MET A 1155 6.25 -55.68 -40.46
C MET A 1155 5.55 -56.77 -41.27
N THR A 1156 6.32 -57.74 -41.79
CA THR A 1156 5.69 -58.89 -42.43
C THR A 1156 4.97 -59.75 -41.40
N ASP A 1157 5.56 -59.90 -40.21
CA ASP A 1157 4.94 -60.70 -39.15
C ASP A 1157 3.60 -60.08 -38.76
N PHE A 1158 3.55 -58.74 -38.65
CA PHE A 1158 2.27 -58.09 -38.39
C PHE A 1158 1.28 -58.38 -39.49
N LEU A 1159 1.73 -58.38 -40.74
CA LEU A 1159 0.82 -58.56 -41.86
C LEU A 1159 0.17 -59.93 -41.83
N GLU A 1160 0.95 -60.98 -41.54
CA GLU A 1160 0.38 -62.32 -41.48
C GLU A 1160 -0.45 -62.53 -40.23
N ASN A 1161 -0.26 -61.69 -39.21
CA ASN A 1161 -1.05 -61.81 -37.98
C ASN A 1161 -2.35 -61.03 -38.03
N HIS A 1162 -2.48 -60.06 -38.94
CA HIS A 1162 -3.68 -59.23 -39.06
C HIS A 1162 -4.16 -59.26 -40.50
N PRO A 1163 -4.72 -60.39 -40.95
CA PRO A 1163 -5.14 -60.49 -42.35
C PRO A 1163 -6.25 -59.54 -42.73
N LEU A 1164 -6.97 -59.00 -41.75
CA LEU A 1164 -8.10 -58.12 -42.02
C LEU A 1164 -7.71 -56.67 -42.18
N LEU A 1165 -6.42 -56.35 -42.02
CA LEU A 1165 -5.93 -54.97 -42.00
C LEU A 1165 -4.81 -54.79 -43.01
N GLN A 1166 -5.04 -55.22 -44.24
CA GLN A 1166 -4.05 -55.04 -45.29
C GLN A 1166 -3.91 -53.56 -45.64
N PRO A 1167 -2.70 -53.12 -45.99
CA PRO A 1167 -2.48 -51.71 -46.33
C PRO A 1167 -3.29 -51.32 -47.53
N PRO A 1168 -4.02 -50.21 -47.45
CA PRO A 1168 -4.94 -49.84 -48.52
C PRO A 1168 -4.24 -49.16 -49.69
N GLU A 1169 -4.99 -49.03 -50.79
CA GLU A 1169 -4.43 -48.45 -52.01
C GLU A 1169 -4.27 -46.93 -51.91
N ASP A 1170 -5.12 -46.27 -51.13
CA ASP A 1170 -5.08 -44.82 -50.98
C ASP A 1170 -4.02 -44.36 -49.99
N ILE A 1171 -3.11 -45.26 -49.60
CA ILE A 1171 -2.06 -44.92 -48.64
C ILE A 1171 -1.18 -43.82 -49.21
N ALA A 1172 -0.52 -43.10 -48.32
CA ALA A 1172 0.51 -42.12 -48.70
C ALA A 1172 1.88 -42.66 -48.33
N ASN A 1173 2.90 -41.91 -48.72
CA ASN A 1173 4.29 -42.22 -48.40
C ASN A 1173 4.80 -41.43 -47.21
N TRP A 1174 3.89 -40.96 -46.36
CA TRP A 1174 4.22 -40.27 -45.13
C TRP A 1174 4.02 -41.25 -43.98
N CYS A 1175 5.12 -41.67 -43.37
CA CYS A 1175 5.08 -42.62 -42.27
C CYS A 1175 5.54 -41.95 -40.99
N ILE A 1176 4.96 -42.35 -39.86
CA ILE A 1176 5.33 -41.86 -38.55
C ILE A 1176 5.74 -43.08 -37.72
N ARG A 1177 7.04 -43.33 -37.61
CA ARG A 1177 7.52 -44.45 -36.83
C ARG A 1177 7.77 -43.99 -35.40
N LEU A 1178 7.12 -44.64 -34.45
CA LEU A 1178 7.24 -44.29 -33.04
C LEU A 1178 7.68 -45.51 -32.25
N GLU A 1179 8.43 -45.25 -31.18
CA GLU A 1179 8.89 -46.29 -30.27
C GLU A 1179 8.22 -46.07 -28.92
N LEU A 1180 7.51 -47.09 -28.44
CA LEU A 1180 6.74 -46.96 -27.21
C LEU A 1180 7.65 -47.10 -25.99
N ASN A 1181 7.21 -46.48 -24.90
CA ASN A 1181 7.88 -46.59 -23.61
C ASN A 1181 7.21 -47.71 -22.83
N LYS A 1182 7.85 -48.88 -22.80
CA LYS A 1182 7.27 -50.01 -22.08
C LYS A 1182 7.26 -49.77 -20.58
N THR A 1183 8.22 -49.01 -20.06
CA THR A 1183 8.22 -48.68 -18.65
C THR A 1183 6.99 -47.85 -18.29
N THR A 1184 6.66 -46.87 -19.12
CA THR A 1184 5.47 -46.06 -18.88
C THR A 1184 4.20 -46.88 -19.09
N MET A 1185 4.21 -47.76 -20.10
CA MET A 1185 3.02 -48.56 -20.38
C MET A 1185 2.63 -49.44 -19.20
N ILE A 1186 3.62 -50.08 -18.58
CA ILE A 1186 3.31 -50.95 -17.45
C ILE A 1186 3.08 -50.11 -16.19
N LEU A 1187 3.69 -48.93 -16.12
CA LEU A 1187 3.50 -48.07 -14.96
C LEU A 1187 2.06 -47.61 -14.83
N LYS A 1188 1.44 -47.24 -15.95
CA LYS A 1188 0.02 -46.88 -15.98
C LYS A 1188 -0.86 -48.04 -16.40
N SER A 1189 -0.29 -49.23 -16.58
CA SER A 1189 -1.04 -50.43 -16.93
C SER A 1189 -1.87 -50.22 -18.21
N ILE A 1190 -1.16 -49.94 -19.30
CA ILE A 1190 -1.75 -49.69 -20.60
C ILE A 1190 -1.20 -50.72 -21.56
N SER A 1191 -2.09 -51.49 -22.18
CA SER A 1191 -1.66 -52.50 -23.13
C SER A 1191 -1.48 -51.89 -24.51
N LEU A 1192 -0.72 -52.61 -25.35
CA LEU A 1192 -0.50 -52.15 -26.71
C LEU A 1192 -1.81 -52.11 -27.50
N GLU A 1193 -2.66 -53.11 -27.31
CA GLU A 1193 -3.92 -53.14 -28.05
C GLU A 1193 -4.84 -52.01 -27.63
N SER A 1194 -4.75 -51.57 -26.37
CA SER A 1194 -5.52 -50.40 -25.96
C SER A 1194 -5.06 -49.15 -26.66
N ILE A 1195 -3.74 -48.99 -26.84
CA ILE A 1195 -3.21 -47.88 -27.61
C ILE A 1195 -3.65 -48.00 -29.07
N ILE A 1196 -3.54 -49.19 -29.64
CA ILE A 1196 -3.83 -49.38 -31.05
C ILE A 1196 -5.29 -49.08 -31.35
N ASN A 1197 -6.19 -49.57 -30.48
CA ASN A 1197 -7.61 -49.33 -30.68
C ASN A 1197 -7.95 -47.86 -30.56
N SER A 1198 -7.32 -47.16 -29.60
CA SER A 1198 -7.60 -45.74 -29.42
C SER A 1198 -7.17 -44.93 -30.64
N LEU A 1199 -6.02 -45.26 -31.21
CA LEU A 1199 -5.52 -44.52 -32.37
C LEU A 1199 -6.41 -44.74 -33.59
N ARG A 1200 -6.85 -45.98 -33.82
CA ARG A 1200 -7.68 -46.27 -34.98
C ARG A 1200 -9.06 -45.62 -34.85
N ALA A 1201 -9.61 -45.60 -33.64
CA ALA A 1201 -10.93 -45.02 -33.44
C ALA A 1201 -10.92 -43.52 -33.73
N LYS A 1202 -9.86 -42.83 -33.34
CA LYS A 1202 -9.81 -41.37 -33.46
C LYS A 1202 -9.18 -40.90 -34.76
N HIS A 1203 -8.48 -41.77 -35.48
CA HIS A 1203 -7.79 -41.39 -36.72
C HIS A 1203 -8.23 -42.34 -37.82
N PRO A 1204 -9.40 -42.11 -38.40
CA PRO A 1204 -9.88 -43.00 -39.47
C PRO A 1204 -9.11 -42.85 -40.77
N ASN A 1205 -8.34 -41.78 -40.93
CA ASN A 1205 -7.61 -41.50 -42.17
C ASN A 1205 -6.14 -41.87 -42.07
N THR A 1206 -5.81 -42.89 -41.26
CA THR A 1206 -4.45 -43.40 -41.18
C THR A 1206 -4.50 -44.92 -41.17
N TYR A 1207 -3.35 -45.53 -41.41
CA TYR A 1207 -3.17 -46.97 -41.33
C TYR A 1207 -2.04 -47.25 -40.35
N ILE A 1208 -2.26 -48.19 -39.43
CA ILE A 1208 -1.36 -48.42 -38.31
C ILE A 1208 -0.86 -49.86 -38.32
N MET A 1209 0.45 -50.03 -38.20
CA MET A 1209 1.08 -51.33 -37.99
C MET A 1209 1.90 -51.27 -36.71
N HIS A 1210 2.20 -52.43 -36.14
CA HIS A 1210 2.89 -52.46 -34.86
C HIS A 1210 3.59 -53.79 -34.67
N SER A 1211 4.44 -53.84 -33.66
CA SER A 1211 5.15 -55.05 -33.26
C SER A 1211 4.31 -55.80 -32.23
N VAL A 1212 4.92 -56.79 -31.57
CA VAL A 1212 4.23 -57.63 -30.59
C VAL A 1212 4.72 -57.25 -29.19
N GLU A 1213 3.77 -57.07 -28.26
CA GLU A 1213 4.06 -56.52 -26.95
C GLU A 1213 4.46 -57.56 -25.92
N ASN A 1214 4.41 -58.84 -26.26
CA ASN A 1214 4.67 -59.88 -25.27
C ASN A 1214 6.16 -60.10 -25.01
N THR A 1215 7.04 -59.62 -25.87
CA THR A 1215 8.46 -59.88 -25.72
C THR A 1215 9.04 -59.12 -24.53
N ALA A 1216 10.17 -59.61 -24.03
CA ALA A 1216 10.84 -59.01 -22.88
C ALA A 1216 11.68 -57.83 -23.35
N SER A 1217 12.50 -57.30 -22.44
CA SER A 1217 13.26 -56.08 -22.69
C SER A 1217 14.31 -56.30 -23.77
N GLY A 1218 14.78 -55.18 -24.33
CA GLY A 1218 15.79 -55.18 -25.37
C GLY A 1218 15.20 -55.14 -26.77
N ILE A 1219 13.97 -55.60 -26.94
CA ILE A 1219 13.23 -55.53 -28.19
C ILE A 1219 12.12 -54.51 -28.00
N PRO A 1220 12.17 -53.35 -28.66
CA PRO A 1220 11.21 -52.31 -28.37
C PRO A 1220 9.88 -52.44 -29.13
N ILE A 1221 8.88 -51.77 -28.57
CA ILE A 1221 7.57 -51.75 -29.19
C ILE A 1221 7.55 -50.64 -30.23
N ILE A 1222 7.36 -51.01 -31.48
CA ILE A 1222 7.44 -50.08 -32.60
C ILE A 1222 6.09 -50.05 -33.30
N ILE A 1223 5.65 -48.85 -33.63
CA ILE A 1223 4.39 -48.62 -34.31
C ILE A 1223 4.63 -47.59 -35.40
N ARG A 1224 4.13 -47.85 -36.59
CA ARG A 1224 4.22 -46.87 -37.67
C ARG A 1224 2.84 -46.54 -38.18
N ILE A 1225 2.49 -45.26 -38.12
CA ILE A 1225 1.24 -44.75 -38.65
C ILE A 1225 1.50 -44.32 -40.09
N TYR A 1226 0.80 -44.93 -41.03
CA TYR A 1226 0.93 -44.55 -42.42
C TYR A 1226 -0.23 -43.66 -42.82
N LEU A 1227 0.09 -42.45 -43.26
CA LEU A 1227 -0.95 -41.50 -43.64
C LEU A 1227 -1.65 -41.96 -44.90
N ARG A 1228 -2.94 -41.66 -44.99
CA ARG A 1228 -3.73 -41.92 -46.18
C ARG A 1228 -3.90 -40.64 -46.97
N GLU A 1229 -4.11 -40.78 -48.28
CA GLU A 1229 -4.30 -39.63 -49.14
C GLU A 1229 -5.55 -38.84 -48.79
N SER A 1230 -6.46 -39.43 -48.01
CA SER A 1230 -7.68 -38.73 -47.64
C SER A 1230 -7.40 -37.53 -46.75
N ALA A 1231 -6.37 -37.60 -45.90
CA ALA A 1231 -6.06 -36.48 -45.02
C ALA A 1231 -5.54 -35.28 -45.79
N PHE A 1232 -4.80 -35.52 -46.88
CA PHE A 1232 -4.20 -34.42 -47.62
C PHE A 1232 -5.21 -33.65 -48.45
N ARG A 1233 -6.23 -34.33 -48.96
CA ARG A 1233 -7.21 -33.67 -49.82
C ARG A 1233 -8.07 -32.67 -49.07
N ARG A 1234 -8.07 -32.69 -47.74
CA ARG A 1234 -8.83 -31.73 -46.95
C ARG A 1234 -8.16 -30.37 -46.87
N SER A 1235 -6.94 -30.24 -47.36
CA SER A 1235 -6.17 -29.01 -47.24
C SER A 1235 -6.28 -28.11 -48.47
N THR A 1236 -7.17 -28.44 -49.41
CA THR A 1236 -7.27 -27.63 -50.63
C THR A 1236 -7.72 -26.21 -50.31
N ASN A 1237 -8.53 -26.03 -49.27
CA ASN A 1237 -8.93 -24.69 -48.86
C ASN A 1237 -7.75 -23.88 -48.34
N THR A 1238 -6.77 -24.56 -47.74
CA THR A 1238 -5.57 -23.89 -47.24
C THR A 1238 -4.36 -24.44 -47.98
N ARG A 1239 -4.46 -24.54 -49.30
CA ARG A 1239 -3.46 -25.23 -50.11
C ARG A 1239 -2.09 -24.58 -50.06
N MET A 1240 -1.95 -23.42 -49.41
CA MET A 1240 -0.64 -22.84 -49.20
C MET A 1240 0.24 -23.74 -48.33
N ALA A 1241 -0.36 -24.62 -47.53
CA ALA A 1241 0.40 -25.57 -46.73
C ALA A 1241 0.60 -26.85 -47.54
N THR A 1242 1.86 -27.22 -47.75
CA THR A 1242 2.18 -28.39 -48.55
C THR A 1242 1.84 -29.67 -47.79
N ASP A 1243 2.12 -30.82 -48.42
CA ASP A 1243 1.91 -32.09 -47.76
C ASP A 1243 2.76 -32.23 -46.51
N GLU A 1244 3.95 -31.62 -46.51
CA GLU A 1244 4.80 -31.65 -45.32
C GLU A 1244 4.10 -31.00 -44.14
N LYS A 1245 3.53 -29.80 -44.34
CA LYS A 1245 2.85 -29.11 -43.26
C LYS A 1245 1.66 -29.90 -42.75
N ILE A 1246 0.92 -30.54 -43.66
CA ILE A 1246 -0.18 -31.39 -43.23
C ILE A 1246 0.34 -32.62 -42.49
N ALA A 1247 1.40 -33.24 -43.01
CA ALA A 1247 1.95 -34.42 -42.36
C ALA A 1247 2.48 -34.11 -40.97
N VAL A 1248 3.19 -32.98 -40.83
CA VAL A 1248 3.63 -32.56 -39.51
C VAL A 1248 2.43 -32.19 -38.64
N ASN A 1249 1.40 -31.62 -39.26
CA ASN A 1249 0.21 -31.24 -38.51
C ASN A 1249 -0.49 -32.45 -37.92
N VAL A 1250 -0.60 -33.55 -38.68
CA VAL A 1250 -1.25 -34.74 -38.16
C VAL A 1250 -0.42 -35.39 -37.06
N VAL A 1251 0.90 -35.19 -37.05
CA VAL A 1251 1.73 -35.72 -35.97
C VAL A 1251 1.32 -35.09 -34.65
N ASP A 1252 1.15 -33.77 -34.64
CA ASP A 1252 0.72 -33.08 -33.43
C ASP A 1252 -0.66 -33.56 -32.98
N LYS A 1253 -1.59 -33.72 -33.92
CA LYS A 1253 -2.89 -34.27 -33.58
C LYS A 1253 -2.78 -35.71 -33.10
N LEU A 1254 -1.95 -36.51 -33.77
CA LEU A 1254 -1.77 -37.90 -33.36
C LEU A 1254 -1.05 -37.99 -32.02
N LEU A 1255 -0.05 -37.15 -31.80
CA LEU A 1255 0.65 -37.17 -30.52
C LEU A 1255 -0.25 -36.77 -29.37
N ASN A 1256 -1.25 -35.94 -29.62
CA ASN A 1256 -2.12 -35.45 -28.57
C ASN A 1256 -3.44 -36.20 -28.48
N SER A 1257 -3.55 -37.34 -29.15
CA SER A 1257 -4.74 -38.16 -29.02
C SER A 1257 -4.83 -38.74 -27.61
N THR A 1258 -6.06 -38.87 -27.12
CA THR A 1258 -6.30 -39.33 -25.76
C THR A 1258 -6.30 -40.85 -25.75
N ILE A 1259 -5.32 -41.44 -25.07
CA ILE A 1259 -5.27 -42.89 -24.92
C ILE A 1259 -6.16 -43.33 -23.77
N ARG A 1260 -6.13 -42.60 -22.67
CA ARG A 1260 -6.94 -42.92 -21.50
C ARG A 1260 -7.20 -41.65 -20.71
N GLY A 1261 -8.23 -41.71 -19.87
CA GLY A 1261 -8.51 -40.62 -18.95
C GLY A 1261 -9.52 -39.63 -19.48
N ILE A 1262 -9.79 -38.64 -18.63
CA ILE A 1262 -10.73 -37.56 -18.93
C ILE A 1262 -9.93 -36.39 -19.47
N PRO A 1263 -10.31 -35.81 -20.61
CA PRO A 1263 -9.56 -34.66 -21.13
C PRO A 1263 -9.52 -33.51 -20.14
N GLY A 1264 -8.34 -32.90 -20.03
CA GLY A 1264 -8.14 -31.79 -19.11
C GLY A 1264 -7.74 -32.19 -17.71
N ILE A 1265 -7.71 -33.48 -17.39
CA ILE A 1265 -7.33 -33.94 -16.05
C ILE A 1265 -5.84 -34.27 -16.10
N LYS A 1266 -5.03 -33.27 -15.79
CA LYS A 1266 -3.58 -33.47 -15.81
C LYS A 1266 -3.12 -34.39 -14.69
N ASN A 1267 -3.79 -34.34 -13.53
CA ASN A 1267 -3.46 -35.19 -12.41
C ASN A 1267 -4.72 -35.54 -11.67
N ALA A 1268 -4.67 -36.59 -10.86
CA ALA A 1268 -5.82 -37.01 -10.06
C ALA A 1268 -5.28 -37.69 -8.80
N ASN A 1269 -5.38 -37.01 -7.67
CA ASN A 1269 -4.82 -37.49 -6.42
C ASN A 1269 -5.94 -37.80 -5.43
N VAL A 1270 -5.78 -38.89 -4.71
CA VAL A 1270 -6.78 -39.32 -3.75
C VAL A 1270 -6.63 -38.51 -2.47
N VAL A 1271 -7.71 -37.88 -2.04
CA VAL A 1271 -7.70 -37.03 -0.86
C VAL A 1271 -8.71 -37.58 0.14
N LYS A 1272 -8.43 -37.33 1.41
CA LYS A 1272 -9.25 -37.79 2.52
C LYS A 1272 -10.21 -36.66 2.89
N LEU A 1273 -11.50 -36.93 2.80
CA LEU A 1273 -12.51 -35.89 2.99
C LEU A 1273 -13.11 -35.96 4.39
N MET A 1274 -13.47 -34.80 4.91
CA MET A 1274 -14.27 -34.67 6.12
C MET A 1274 -15.70 -34.39 5.69
N ARG A 1275 -16.63 -35.27 6.06
CA ARG A 1275 -18.02 -35.09 5.66
C ARG A 1275 -18.92 -35.50 6.81
N HIS A 1276 -20.15 -35.01 6.76
CA HIS A 1276 -21.17 -35.35 7.75
C HIS A 1276 -22.22 -36.25 7.11
N ARG A 1277 -22.87 -37.05 7.95
CA ARG A 1277 -23.94 -37.92 7.49
C ARG A 1277 -24.86 -38.20 8.66
N VAL A 1278 -26.11 -38.53 8.34
CA VAL A 1278 -27.12 -38.86 9.34
C VAL A 1278 -27.22 -40.36 9.44
N ASP A 1279 -27.13 -40.88 10.66
CA ASP A 1279 -27.13 -42.31 10.91
C ASP A 1279 -28.55 -42.86 10.91
N ALA A 1280 -28.65 -44.16 11.21
CA ALA A 1280 -29.97 -44.77 11.37
C ALA A 1280 -30.68 -44.23 12.60
N GLN A 1281 -29.93 -43.79 13.61
CA GLN A 1281 -30.50 -43.22 14.82
C GLN A 1281 -30.85 -41.76 14.67
N GLY A 1282 -30.51 -41.13 13.54
CA GLY A 1282 -30.75 -39.72 13.35
C GLY A 1282 -29.65 -38.82 13.83
N LYS A 1283 -28.56 -39.37 14.36
CA LYS A 1283 -27.43 -38.55 14.76
C LYS A 1283 -26.67 -38.09 13.53
N LEU A 1284 -26.16 -36.87 13.59
CA LEU A 1284 -25.30 -36.32 12.55
C LEU A 1284 -23.86 -36.53 12.98
N VAL A 1285 -23.20 -37.51 12.37
CA VAL A 1285 -21.83 -37.82 12.68
C VAL A 1285 -20.94 -37.27 11.58
N ARG A 1286 -19.68 -37.04 11.91
CA ARG A 1286 -18.70 -36.53 10.97
C ARG A 1286 -17.76 -37.66 10.58
N LEU A 1287 -17.69 -37.95 9.28
CA LEU A 1287 -16.92 -39.07 8.78
C LEU A 1287 -15.55 -38.58 8.31
N ASP A 1288 -14.50 -39.22 8.80
CA ASP A 1288 -13.13 -38.86 8.46
C ASP A 1288 -12.45 -39.90 7.59
N ASN A 1289 -13.17 -40.94 7.16
CA ASN A 1289 -12.59 -42.03 6.39
C ASN A 1289 -13.04 -42.01 4.93
N ILE A 1290 -13.48 -40.87 4.44
CA ILE A 1290 -14.03 -40.75 3.09
C ILE A 1290 -12.92 -40.35 2.14
N TYR A 1291 -12.76 -41.11 1.07
CA TYR A 1291 -11.72 -40.87 0.08
C TYR A 1291 -12.35 -40.35 -1.19
N ALA A 1292 -11.73 -39.32 -1.77
CA ALA A 1292 -12.22 -38.72 -3.01
C ALA A 1292 -11.02 -38.37 -3.87
N ILE A 1293 -11.32 -37.91 -5.09
CA ILE A 1293 -10.28 -37.63 -6.08
C ILE A 1293 -10.21 -36.12 -6.28
N LYS A 1294 -9.01 -35.57 -6.12
CA LYS A 1294 -8.74 -34.16 -6.34
C LYS A 1294 -7.87 -34.02 -7.57
N THR A 1295 -8.45 -33.48 -8.64
CA THR A 1295 -7.79 -33.42 -9.93
C THR A 1295 -7.22 -32.03 -10.19
N ASN A 1296 -6.18 -31.97 -11.01
CA ASN A 1296 -5.70 -30.73 -11.57
C ASN A 1296 -6.36 -30.50 -12.92
N GLY A 1297 -7.01 -29.37 -13.07
CA GLY A 1297 -7.75 -29.16 -14.30
C GLY A 1297 -9.21 -29.51 -14.15
N THR A 1298 -10.04 -28.80 -14.90
CA THR A 1298 -11.49 -28.88 -14.73
C THR A 1298 -12.15 -29.41 -15.98
N ASN A 1299 -12.95 -30.46 -15.82
CA ASN A 1299 -13.85 -30.93 -16.87
C ASN A 1299 -15.06 -31.54 -16.16
N ILE A 1300 -16.08 -30.72 -15.91
CA ILE A 1300 -17.28 -31.22 -15.26
C ILE A 1300 -18.01 -32.18 -16.18
N PHE A 1301 -18.07 -31.85 -17.47
CA PHE A 1301 -18.75 -32.73 -18.42
C PHE A 1301 -18.02 -34.06 -18.54
N GLY A 1302 -16.68 -34.03 -18.52
CA GLY A 1302 -15.92 -35.27 -18.62
C GLY A 1302 -16.13 -36.19 -17.44
N ALA A 1303 -16.13 -35.63 -16.23
CA ALA A 1303 -16.37 -36.44 -15.04
C ALA A 1303 -17.84 -36.82 -14.91
N MET A 1304 -18.74 -36.05 -15.53
CA MET A 1304 -20.15 -36.42 -15.54
C MET A 1304 -20.37 -37.69 -16.36
N LEU A 1305 -19.59 -37.89 -17.41
CA LEU A 1305 -19.71 -39.08 -18.24
C LEU A 1305 -19.05 -40.30 -17.62
N ASP A 1306 -18.19 -40.10 -16.62
CA ASP A 1306 -17.55 -41.24 -15.96
C ASP A 1306 -18.54 -41.92 -15.03
N ASP A 1307 -18.62 -43.25 -15.12
CA ASP A 1307 -19.55 -44.00 -14.30
C ASP A 1307 -19.04 -44.23 -12.88
N ASN A 1308 -17.73 -44.10 -12.66
CA ASN A 1308 -17.14 -44.32 -11.35
C ASN A 1308 -17.17 -43.08 -10.46
N ILE A 1309 -17.69 -41.97 -10.97
CA ILE A 1309 -17.72 -40.69 -10.26
C ILE A 1309 -19.17 -40.33 -10.00
N ASP A 1310 -19.47 -39.92 -8.77
CA ASP A 1310 -20.80 -39.41 -8.48
C ASP A 1310 -21.03 -38.16 -9.31
N PRO A 1311 -21.91 -38.21 -10.31
CA PRO A 1311 -22.08 -37.04 -11.20
C PRO A 1311 -22.81 -35.88 -10.54
N TYR A 1312 -23.50 -36.12 -9.43
CA TYR A 1312 -24.28 -35.08 -8.77
C TYR A 1312 -23.51 -34.36 -7.68
N THR A 1313 -22.27 -34.76 -7.40
CA THR A 1313 -21.47 -34.13 -6.36
C THR A 1313 -20.10 -33.71 -6.91
N ILE A 1314 -20.06 -33.27 -8.16
CA ILE A 1314 -18.81 -32.79 -8.73
C ILE A 1314 -18.61 -31.33 -8.36
N VAL A 1315 -17.47 -31.03 -7.74
CA VAL A 1315 -17.15 -29.69 -7.31
C VAL A 1315 -15.91 -29.23 -8.06
N SER A 1316 -16.05 -28.18 -8.85
CA SER A 1316 -14.95 -27.60 -9.58
C SER A 1316 -14.59 -26.24 -8.98
N SER A 1317 -13.32 -25.88 -9.04
CA SER A 1317 -12.93 -24.55 -8.58
C SER A 1317 -13.21 -23.47 -9.60
N SER A 1318 -13.62 -23.84 -10.81
CA SER A 1318 -13.80 -22.88 -11.87
C SER A 1318 -15.22 -22.34 -11.87
N ILE A 1319 -15.35 -21.01 -11.96
CA ILE A 1319 -16.65 -20.40 -12.13
C ILE A 1319 -17.14 -20.57 -13.55
N GLY A 1320 -16.23 -20.49 -14.52
CA GLY A 1320 -16.63 -20.57 -15.91
C GLY A 1320 -17.21 -21.93 -16.27
N ASP A 1321 -16.60 -23.01 -15.79
CA ASP A 1321 -17.12 -24.34 -16.07
C ASP A 1321 -18.40 -24.62 -15.29
N THR A 1322 -18.51 -24.10 -14.08
CA THR A 1322 -19.74 -24.24 -13.32
C THR A 1322 -20.89 -23.52 -14.01
N MET A 1323 -20.62 -22.37 -14.61
CA MET A 1323 -21.68 -21.60 -15.27
C MET A 1323 -22.17 -22.30 -16.53
N GLU A 1324 -21.27 -22.83 -17.35
CA GLU A 1324 -21.70 -23.48 -18.58
C GLU A 1324 -22.41 -24.80 -18.32
N LEU A 1325 -22.01 -25.51 -17.26
CA LEU A 1325 -22.58 -26.81 -16.96
C LEU A 1325 -23.82 -26.72 -16.09
N TYR A 1326 -23.81 -25.86 -15.07
CA TYR A 1326 -24.85 -25.90 -14.05
C TYR A 1326 -25.79 -24.70 -14.07
N GLY A 1327 -25.35 -23.54 -14.52
CA GLY A 1327 -26.21 -22.38 -14.60
C GLY A 1327 -25.67 -21.23 -13.77
N ILE A 1328 -26.46 -20.15 -13.76
CA ILE A 1328 -26.01 -18.92 -13.10
C ILE A 1328 -26.09 -19.05 -11.59
N GLU A 1329 -27.11 -19.74 -11.08
CA GLU A 1329 -27.26 -19.86 -9.64
C GLU A 1329 -26.13 -20.69 -9.03
N ALA A 1330 -25.70 -21.73 -9.72
CA ALA A 1330 -24.56 -22.51 -9.24
C ALA A 1330 -23.25 -21.75 -9.43
N ALA A 1331 -23.14 -20.97 -10.51
CA ALA A 1331 -21.97 -20.12 -10.68
C ALA A 1331 -21.93 -19.04 -9.61
N ARG A 1332 -23.10 -18.55 -9.21
CA ARG A 1332 -23.16 -17.55 -8.14
C ARG A 1332 -22.69 -18.15 -6.82
N GLN A 1333 -23.06 -19.40 -6.54
CA GLN A 1333 -22.54 -20.07 -5.35
C GLN A 1333 -21.06 -20.38 -5.47
N LYS A 1334 -20.60 -20.67 -6.68
CA LYS A 1334 -19.18 -20.91 -6.89
C LYS A 1334 -18.36 -19.67 -6.61
N ILE A 1335 -18.86 -18.51 -7.00
CA ILE A 1335 -18.14 -17.26 -6.74
C ILE A 1335 -17.98 -17.04 -5.25
N ILE A 1336 -19.03 -17.29 -4.48
CA ILE A 1336 -18.95 -17.15 -3.03
C ILE A 1336 -17.90 -18.09 -2.46
N SER A 1337 -17.92 -19.36 -2.87
CA SER A 1337 -16.98 -20.33 -2.36
C SER A 1337 -15.56 -20.03 -2.80
N GLU A 1338 -15.40 -19.50 -4.02
CA GLU A 1338 -14.06 -19.21 -4.53
C GLU A 1338 -13.46 -17.98 -3.88
N ILE A 1339 -14.27 -16.94 -3.65
CA ILE A 1339 -13.77 -15.78 -2.93
C ILE A 1339 -13.43 -16.15 -1.48
N ARG A 1340 -14.28 -16.93 -0.84
CA ARG A 1340 -14.04 -17.33 0.55
C ARG A 1340 -12.74 -18.09 0.71
N THR A 1341 -12.36 -18.87 -0.30
CA THR A 1341 -11.07 -19.55 -0.25
C THR A 1341 -9.92 -18.55 -0.24
N VAL A 1342 -10.04 -17.49 -1.04
CA VAL A 1342 -9.00 -16.47 -1.09
C VAL A 1342 -8.97 -15.67 0.21
N MET A 1343 -10.13 -15.41 0.81
CA MET A 1343 -10.17 -14.57 2.00
C MET A 1343 -9.44 -15.18 3.19
N GLY A 1344 -9.17 -16.49 3.16
CA GLY A 1344 -8.50 -17.12 4.28
C GLY A 1344 -9.43 -17.36 5.44
N ASP A 1345 -8.83 -17.61 6.61
CA ASP A 1345 -9.61 -17.85 7.82
C ASP A 1345 -9.98 -16.56 8.54
N LYS A 1346 -9.39 -15.43 8.14
CA LYS A 1346 -9.76 -14.11 8.67
C LYS A 1346 -10.57 -13.31 7.67
N GLY A 1347 -11.42 -13.99 6.89
CA GLY A 1347 -12.19 -13.34 5.86
C GLY A 1347 -13.34 -12.54 6.43
N PRO A 1348 -14.01 -11.79 5.57
CA PRO A 1348 -15.09 -10.92 6.02
C PRO A 1348 -16.35 -11.73 6.32
N ASN A 1349 -17.39 -11.00 6.71
CA ASN A 1349 -18.70 -11.60 6.88
C ASN A 1349 -19.17 -12.21 5.57
N HIS A 1350 -20.04 -13.20 5.66
CA HIS A 1350 -20.52 -13.88 4.47
C HIS A 1350 -21.34 -12.96 3.57
N ARG A 1351 -22.06 -12.00 4.17
CA ARG A 1351 -22.90 -11.11 3.38
C ARG A 1351 -22.11 -10.23 2.44
N HIS A 1352 -20.83 -9.99 2.73
CA HIS A 1352 -19.99 -9.23 1.82
C HIS A 1352 -19.59 -10.05 0.61
N LEU A 1353 -19.52 -11.38 0.77
CA LEU A 1353 -19.32 -12.26 -0.38
C LEU A 1353 -20.58 -12.38 -1.22
N LEU A 1354 -21.75 -12.32 -0.58
CA LEU A 1354 -23.01 -12.34 -1.33
C LEU A 1354 -23.13 -11.11 -2.20
N MET A 1355 -22.67 -9.96 -1.71
CA MET A 1355 -22.68 -8.74 -2.50
C MET A 1355 -21.85 -8.89 -3.76
N TYR A 1356 -20.68 -9.51 -3.65
CA TYR A 1356 -19.84 -9.72 -4.83
C TYR A 1356 -20.51 -10.65 -5.82
N ALA A 1357 -20.97 -11.80 -5.34
CA ALA A 1357 -21.50 -12.83 -6.24
C ALA A 1357 -22.83 -12.39 -6.86
N ASP A 1358 -23.68 -11.74 -6.08
CA ASP A 1358 -24.97 -11.31 -6.61
C ASP A 1358 -24.82 -10.18 -7.61
N LEU A 1359 -23.85 -9.30 -7.37
CA LEU A 1359 -23.53 -8.25 -8.34
C LEU A 1359 -22.98 -8.84 -9.63
N MET A 1360 -22.12 -9.85 -9.52
CA MET A 1360 -21.48 -10.43 -10.69
C MET A 1360 -22.40 -11.34 -11.48
N THR A 1361 -23.53 -11.76 -10.90
CA THR A 1361 -24.42 -12.70 -11.56
C THR A 1361 -25.82 -12.13 -11.79
N ARG A 1362 -26.02 -10.84 -11.58
CA ARG A 1362 -27.37 -10.28 -11.63
C ARG A 1362 -27.95 -10.28 -13.04
N THR A 1363 -27.13 -10.42 -14.06
CA THR A 1363 -27.57 -10.37 -15.45
C THR A 1363 -27.86 -11.75 -16.03
N GLY A 1364 -27.74 -12.81 -15.24
CA GLY A 1364 -27.83 -14.15 -15.76
C GLY A 1364 -26.52 -14.69 -16.28
N GLN A 1365 -25.48 -13.87 -16.31
CA GLN A 1365 -24.16 -14.26 -16.76
C GLN A 1365 -23.14 -13.70 -15.78
N VAL A 1366 -21.98 -14.35 -15.72
CA VAL A 1366 -20.91 -13.88 -14.85
C VAL A 1366 -20.24 -12.69 -15.51
N THR A 1367 -20.38 -11.52 -14.90
CA THR A 1367 -19.73 -10.30 -15.36
C THR A 1367 -18.59 -9.97 -14.40
N SER A 1368 -17.59 -9.25 -14.91
CA SER A 1368 -16.41 -8.98 -14.13
C SER A 1368 -16.56 -7.69 -13.33
N LEU A 1369 -15.55 -7.41 -12.53
CA LEU A 1369 -15.41 -6.11 -11.88
C LEU A 1369 -14.53 -5.17 -12.68
N GLU A 1370 -14.12 -5.56 -13.88
CA GLU A 1370 -13.33 -4.72 -14.75
C GLU A 1370 -14.25 -3.76 -15.50
N LYS A 1371 -13.72 -3.08 -16.52
CA LYS A 1371 -14.49 -2.11 -17.27
C LYS A 1371 -15.63 -2.77 -18.02
N ALA A 1372 -15.40 -3.96 -18.57
CA ALA A 1372 -16.42 -4.65 -19.36
C ALA A 1372 -17.61 -5.04 -18.49
N GLY A 1373 -17.36 -5.41 -17.24
CA GLY A 1373 -18.47 -5.75 -16.36
C GLY A 1373 -19.37 -4.57 -16.06
N LEU A 1374 -18.77 -3.38 -15.93
CA LEU A 1374 -19.56 -2.18 -15.65
C LEU A 1374 -20.35 -1.76 -16.87
N ASN A 1375 -19.88 -2.06 -18.08
CA ASN A 1375 -20.66 -1.78 -19.28
C ASN A 1375 -21.87 -2.71 -19.37
N ALA A 1376 -21.74 -3.94 -18.88
CA ALA A 1376 -22.85 -4.88 -18.93
C ALA A 1376 -23.91 -4.53 -17.89
N ARG A 1377 -23.50 -4.16 -16.69
CA ARG A 1377 -24.44 -3.94 -15.60
C ARG A 1377 -25.01 -2.53 -15.60
N GLU A 1378 -24.21 -1.53 -15.92
CA GLU A 1378 -24.64 -0.13 -15.93
C GLU A 1378 -24.16 0.54 -17.20
N PRO A 1379 -24.68 0.13 -18.36
CA PRO A 1379 -24.23 0.76 -19.62
C PRO A 1379 -24.55 2.23 -19.70
N SER A 1380 -25.69 2.66 -19.15
CA SER A 1380 -26.12 4.03 -19.29
C SER A 1380 -25.53 4.96 -18.25
N ASN A 1381 -24.76 4.43 -17.29
CA ASN A 1381 -24.08 5.26 -16.31
C ASN A 1381 -22.72 5.66 -16.89
N VAL A 1382 -22.77 6.65 -17.76
CA VAL A 1382 -21.55 7.14 -18.41
C VAL A 1382 -20.61 7.75 -17.38
N LEU A 1383 -21.15 8.57 -16.48
CA LEU A 1383 -20.30 9.26 -15.51
C LEU A 1383 -19.58 8.27 -14.61
N LEU A 1384 -20.27 7.23 -14.16
CA LEU A 1384 -19.62 6.18 -13.38
C LEU A 1384 -18.54 5.48 -14.18
N ARG A 1385 -18.80 5.20 -15.45
CA ARG A 1385 -17.81 4.51 -16.26
C ARG A 1385 -16.64 5.42 -16.62
N MET A 1386 -16.89 6.72 -16.82
CA MET A 1386 -15.81 7.67 -17.00
C MET A 1386 -14.95 7.76 -15.74
N ALA A 1387 -15.58 7.75 -14.57
CA ALA A 1387 -14.84 7.85 -13.32
C ALA A 1387 -13.93 6.65 -13.10
N LEU A 1388 -14.30 5.48 -13.62
CA LEU A 1388 -13.47 4.30 -13.43
C LEU A 1388 -12.19 4.38 -14.26
N SER A 1389 -12.33 4.46 -15.58
CA SER A 1389 -11.16 4.53 -16.45
C SER A 1389 -11.59 5.05 -17.82
N SER A 1390 -10.60 5.52 -18.57
CA SER A 1390 -10.76 5.91 -19.96
C SER A 1390 -11.94 6.87 -20.17
N PRO A 1391 -11.93 8.04 -19.54
CA PRO A 1391 -13.06 8.96 -19.68
C PRO A 1391 -13.31 9.43 -21.11
N VAL A 1392 -12.26 9.57 -21.92
CA VAL A 1392 -12.44 10.09 -23.28
C VAL A 1392 -13.14 9.06 -24.16
N GLN A 1393 -12.75 7.79 -24.04
CA GLN A 1393 -13.41 6.74 -24.82
C GLN A 1393 -14.87 6.61 -24.43
N VAL A 1394 -15.15 6.65 -23.12
CA VAL A 1394 -16.54 6.54 -22.66
C VAL A 1394 -17.34 7.74 -23.11
N LEU A 1395 -16.77 8.94 -23.01
CA LEU A 1395 -17.49 10.15 -23.38
C LEU A 1395 -17.80 10.19 -24.86
N THR A 1396 -16.86 9.74 -25.69
CA THR A 1396 -17.11 9.72 -27.14
C THR A 1396 -18.25 8.78 -27.48
N ASP A 1397 -18.26 7.60 -26.87
CA ASP A 1397 -19.32 6.63 -27.13
C ASP A 1397 -20.66 7.16 -26.63
N ALA A 1398 -20.68 7.86 -25.51
CA ALA A 1398 -21.92 8.42 -25.00
C ALA A 1398 -22.46 9.48 -25.93
N ALA A 1399 -21.59 10.30 -26.52
CA ALA A 1399 -22.04 11.36 -27.42
C ALA A 1399 -22.62 10.78 -28.69
N VAL A 1400 -21.94 9.81 -29.31
CA VAL A 1400 -22.45 9.22 -30.54
C VAL A 1400 -23.69 8.40 -30.27
N ASP A 1401 -23.81 7.82 -29.08
CA ASP A 1401 -24.98 7.03 -28.73
C ASP A 1401 -26.12 7.88 -28.18
N SER A 1402 -25.89 9.18 -27.99
CA SER A 1402 -26.89 10.07 -27.39
C SER A 1402 -27.36 9.52 -26.03
N ALA A 1403 -26.39 9.15 -25.21
CA ALA A 1403 -26.68 8.48 -23.95
C ALA A 1403 -27.41 9.39 -22.98
N VAL A 1404 -28.37 8.82 -22.26
CA VAL A 1404 -29.04 9.48 -21.15
C VAL A 1404 -28.54 8.83 -19.88
N ASN A 1405 -27.90 9.62 -19.00
CA ASN A 1405 -27.31 9.13 -17.77
C ASN A 1405 -28.21 9.55 -16.61
N PRO A 1406 -29.08 8.67 -16.10
CA PRO A 1406 -29.83 9.01 -14.90
C PRO A 1406 -28.88 9.18 -13.72
N ILE A 1407 -29.19 10.16 -12.87
CA ILE A 1407 -28.30 10.52 -11.77
C ILE A 1407 -28.68 9.65 -10.57
N TYR A 1408 -27.83 8.67 -10.30
CA TYR A 1408 -28.04 7.73 -9.21
C TYR A 1408 -26.68 7.22 -8.77
N GLY A 1409 -26.67 6.46 -7.68
CA GLY A 1409 -25.44 5.90 -7.19
C GLY A 1409 -24.59 6.89 -6.46
N ILE A 1410 -23.27 6.82 -6.65
CA ILE A 1410 -22.31 7.65 -5.94
C ILE A 1410 -21.44 8.46 -6.89
N ALA A 1411 -20.81 7.80 -7.86
CA ALA A 1411 -19.90 8.50 -8.76
C ALA A 1411 -20.63 9.48 -9.66
N ALA A 1412 -21.79 9.10 -10.19
CA ALA A 1412 -22.50 9.99 -11.11
C ALA A 1412 -22.95 11.30 -10.44
N PRO A 1413 -23.62 11.31 -9.28
CA PRO A 1413 -23.92 12.59 -8.65
C PRO A 1413 -22.68 13.35 -8.22
N THR A 1414 -21.60 12.66 -7.89
CA THR A 1414 -20.37 13.33 -7.49
C THR A 1414 -19.75 14.07 -8.67
N LEU A 1415 -19.69 13.42 -9.83
CA LEU A 1415 -19.16 14.08 -11.01
C LEU A 1415 -19.99 15.27 -11.45
N MET A 1416 -21.27 15.29 -11.11
CA MET A 1416 -22.15 16.41 -11.41
C MET A 1416 -22.14 17.47 -10.32
N GLY A 1417 -21.23 17.36 -9.36
CA GLY A 1417 -21.13 18.33 -8.29
C GLY A 1417 -22.16 18.19 -7.21
N SER A 1418 -23.00 17.17 -7.27
CA SER A 1418 -24.05 16.97 -6.30
C SER A 1418 -23.59 15.99 -5.23
N VAL A 1419 -24.51 15.58 -4.37
CA VAL A 1419 -24.23 14.66 -3.28
C VAL A 1419 -25.02 13.38 -3.52
N PRO A 1420 -24.42 12.21 -3.32
CA PRO A 1420 -25.19 10.97 -3.51
C PRO A 1420 -26.39 10.89 -2.60
N ARG A 1421 -27.49 10.34 -3.14
CA ARG A 1421 -28.73 10.18 -2.40
C ARG A 1421 -28.69 8.86 -1.63
N ILE A 1422 -27.81 8.83 -0.64
CA ILE A 1422 -27.67 7.67 0.24
C ILE A 1422 -27.77 8.15 1.68
N GLY A 1423 -27.46 7.28 2.63
CA GLY A 1423 -28.17 7.18 3.89
C GLY A 1423 -28.81 8.40 4.52
N THR A 1424 -28.06 9.45 4.85
CA THR A 1424 -28.75 10.59 5.44
C THR A 1424 -29.55 11.37 4.41
N MET A 1425 -29.18 11.27 3.14
CA MET A 1425 -29.95 11.88 2.07
C MET A 1425 -30.91 10.92 1.41
N TYR A 1426 -31.01 9.68 1.89
CA TYR A 1426 -31.85 8.70 1.21
C TYR A 1426 -33.31 9.06 1.30
N SER A 1427 -33.78 9.43 2.49
CA SER A 1427 -35.18 9.77 2.72
C SER A 1427 -35.35 11.27 2.69
N ASP A 1428 -36.40 11.73 2.02
CA ASP A 1428 -36.72 13.15 2.01
C ASP A 1428 -37.43 13.54 3.29
N ILE A 1429 -37.08 14.72 3.79
CA ILE A 1429 -37.74 15.32 4.94
C ILE A 1429 -38.66 16.41 4.44
N ILE A 1430 -39.91 16.39 4.88
CA ILE A 1430 -40.87 17.43 4.55
C ILE A 1430 -41.38 18.03 5.85
N MET A 1431 -41.64 19.33 5.83
CA MET A 1431 -42.07 20.02 7.03
C MET A 1431 -43.50 19.59 7.38
N ASP A 1432 -43.74 19.32 8.66
CA ASP A 1432 -45.06 18.94 9.13
C ASP A 1432 -45.90 20.20 9.29
N GLU A 1433 -46.62 20.56 8.22
CA GLU A 1433 -47.44 21.76 8.26
C GLU A 1433 -48.58 21.61 9.27
N LYS A 1434 -49.22 20.44 9.31
CA LYS A 1434 -50.31 20.22 10.24
C LYS A 1434 -49.86 20.37 11.68
N TYR A 1435 -48.70 19.81 12.01
CA TYR A 1435 -48.18 19.92 13.37
C TYR A 1435 -47.77 21.35 13.70
N ILE A 1436 -47.22 22.07 12.72
CA ILE A 1436 -46.73 23.41 12.97
C ILE A 1436 -47.88 24.39 13.20
N THR A 1437 -48.92 24.32 12.36
CA THR A 1437 -50.06 25.23 12.52
C THR A 1437 -50.76 25.00 13.84
N GLU A 1438 -50.69 23.79 14.39
CA GLU A 1438 -51.32 23.46 15.65
C GLU A 1438 -50.44 23.71 16.86
N ASN A 1439 -49.16 24.01 16.66
CA ASN A 1439 -48.24 24.15 17.79
C ASN A 1439 -47.40 25.42 17.71
N TYR A 1440 -47.08 25.87 16.50
CA TYR A 1440 -46.11 26.94 16.30
C TYR A 1440 -46.74 28.26 15.89
N LYS A 1441 -48.02 28.27 15.52
CA LYS A 1441 -48.68 29.48 15.05
C LYS A 1441 -48.68 30.58 16.12
N ILE B 1 57.35 -14.20 -7.78
CA ILE B 1 57.81 -13.99 -6.41
C ILE B 1 57.71 -15.30 -5.64
N THR B 2 58.73 -15.60 -4.84
CA THR B 2 58.76 -16.82 -4.04
C THR B 2 58.35 -16.46 -2.62
N TYR B 3 57.04 -16.49 -2.37
CA TYR B 3 56.52 -16.22 -1.04
C TYR B 3 56.97 -17.31 -0.07
N GLY B 4 57.07 -16.94 1.20
CA GLY B 4 57.44 -17.87 2.24
C GLY B 4 56.42 -19.00 2.34
N PRO B 5 56.89 -20.21 2.66
CA PRO B 5 55.98 -21.34 2.78
C PRO B 5 54.86 -21.06 3.78
N ILE B 6 53.66 -21.49 3.43
CA ILE B 6 52.48 -21.25 4.26
C ILE B 6 52.49 -22.05 5.56
N GLU B 7 53.38 -23.04 5.68
CA GLU B 7 53.47 -23.79 6.93
C GLU B 7 54.04 -22.94 8.06
N THR B 8 54.85 -21.94 7.73
CA THR B 8 55.58 -21.16 8.73
C THR B 8 54.84 -19.92 9.20
N VAL B 9 53.66 -19.64 8.66
CA VAL B 9 52.93 -18.46 9.06
C VAL B 9 52.32 -18.68 10.44
N ASP B 10 52.41 -17.67 11.30
CA ASP B 10 51.86 -17.71 12.65
C ASP B 10 50.57 -16.92 12.69
N ASN B 11 49.45 -17.61 12.83
CA ASN B 11 48.13 -16.97 12.85
C ASN B 11 47.27 -17.46 14.00
N GLU B 12 47.78 -18.35 14.85
CA GLU B 12 46.93 -18.99 15.85
C GLU B 12 46.29 -17.98 16.78
N GLU B 13 46.93 -16.84 16.99
CA GLU B 13 46.43 -15.79 17.87
C GLU B 13 45.67 -14.71 17.11
N LEU B 14 45.43 -14.90 15.82
CA LEU B 14 44.69 -13.92 15.04
C LEU B 14 43.21 -13.99 15.41
N THR B 15 42.64 -12.86 15.78
CA THR B 15 41.25 -12.78 16.22
C THR B 15 40.43 -11.99 15.22
N GLU B 16 39.16 -11.78 15.56
CA GLU B 16 38.27 -11.00 14.70
C GLU B 16 38.56 -9.51 14.82
N ALA B 17 38.95 -9.05 16.01
CA ALA B 17 39.37 -7.65 16.15
C ALA B 17 40.61 -7.36 15.32
N ASP B 18 41.42 -8.38 15.05
CA ASP B 18 42.55 -8.19 14.15
C ASP B 18 42.10 -8.06 12.70
N MET B 19 41.04 -8.76 12.30
CA MET B 19 40.54 -8.61 10.95
C MET B 19 39.82 -7.29 10.76
N LEU B 20 39.27 -6.73 11.83
CA LEU B 20 38.77 -5.37 11.75
C LEU B 20 39.89 -4.39 11.35
N SER B 21 41.14 -4.73 11.65
CA SER B 21 42.25 -3.92 11.18
C SER B 21 42.35 -3.95 9.66
N PHE B 22 42.14 -5.12 9.05
CA PHE B 22 42.13 -5.19 7.59
C PHE B 22 40.97 -4.36 7.03
N ILE B 23 39.82 -4.39 7.70
CA ILE B 23 38.73 -3.52 7.27
C ILE B 23 39.16 -2.06 7.33
N SER B 24 39.85 -1.68 8.40
CA SER B 24 40.32 -0.31 8.54
C SER B 24 41.29 0.06 7.43
N ALA B 25 42.22 -0.85 7.10
CA ALA B 25 43.18 -0.58 6.04
C ALA B 25 42.49 -0.41 4.70
N ALA B 26 41.51 -1.28 4.41
CA ALA B 26 40.77 -1.16 3.17
C ALA B 26 40.05 0.17 3.07
N VAL B 27 39.38 0.58 4.16
CA VAL B 27 38.65 1.85 4.14
C VAL B 27 39.60 3.02 4.01
N ASN B 28 40.74 2.97 4.71
CA ASN B 28 41.72 4.05 4.64
C ASN B 28 42.25 4.21 3.22
N SER B 29 42.53 3.09 2.54
CA SER B 29 42.99 3.18 1.16
C SER B 29 41.89 3.69 0.24
N THR B 30 40.68 3.17 0.39
CA THR B 30 39.56 3.61 -0.45
C THR B 30 39.22 5.07 -0.21
N GLY B 31 39.19 5.49 1.05
CA GLY B 31 38.81 6.84 1.41
C GLY B 31 37.34 7.06 1.67
N LEU B 32 36.50 6.06 1.39
CA LEU B 32 35.07 6.04 1.71
C LEU B 32 34.28 6.94 0.77
N ILE B 33 34.96 7.80 0.02
CA ILE B 33 34.31 8.72 -0.90
C ILE B 33 35.10 8.73 -2.20
N GLY B 34 36.33 8.22 -2.14
CA GLY B 34 37.33 8.59 -3.12
C GLY B 34 36.90 8.33 -4.55
N TYR B 35 36.21 7.22 -4.78
CA TYR B 35 35.98 6.74 -6.15
C TYR B 35 35.38 7.81 -7.05
N ASN B 36 34.41 8.57 -6.55
CA ASN B 36 33.79 9.60 -7.39
C ASN B 36 34.72 10.78 -7.61
N ILE B 37 35.54 11.12 -6.62
CA ILE B 37 36.54 12.17 -6.80
C ILE B 37 37.56 11.76 -7.84
N LYS B 38 38.05 10.51 -7.78
CA LYS B 38 38.98 10.03 -8.79
C LYS B 38 38.33 9.94 -10.16
N SER B 39 37.04 9.57 -10.22
CA SER B 39 36.36 9.54 -11.52
C SER B 39 36.29 10.94 -12.11
N PHE B 40 35.97 11.94 -11.29
CA PHE B 40 35.90 13.30 -11.81
C PHE B 40 37.28 13.82 -12.21
N ASP B 41 38.31 13.54 -11.41
CA ASP B 41 39.63 14.05 -11.76
C ASP B 41 40.18 13.33 -12.99
N ASP B 42 39.86 12.04 -13.15
CA ASP B 42 40.21 11.33 -14.36
C ASP B 42 39.50 11.91 -15.57
N LEU B 43 38.21 12.22 -15.42
CA LEU B 43 37.51 12.93 -16.47
C LEU B 43 38.29 14.18 -16.86
N MET B 44 38.49 15.08 -15.90
CA MET B 44 39.16 16.36 -16.15
C MET B 44 40.53 16.17 -16.82
N ASP B 45 41.29 15.17 -16.39
CA ASP B 45 42.68 15.07 -16.84
C ASP B 45 42.78 14.33 -18.18
N ASN B 46 42.15 13.18 -18.31
CA ASN B 46 42.27 12.36 -19.51
C ASN B 46 41.05 12.48 -20.41
N GLY B 47 39.85 12.34 -19.85
CA GLY B 47 38.69 12.08 -20.68
C GLY B 47 38.32 13.26 -21.56
N ILE B 48 38.13 14.44 -20.96
CA ILE B 48 37.77 15.62 -21.74
C ILE B 48 38.79 15.90 -22.84
N PRO B 49 40.10 15.93 -22.56
CA PRO B 49 41.04 16.02 -23.69
C PRO B 49 40.94 14.84 -24.65
N GLN B 50 40.70 13.63 -24.15
CA GLN B 50 40.58 12.49 -25.03
C GLN B 50 39.33 12.60 -25.92
N ILE B 51 38.22 13.05 -25.34
CA ILE B 51 37.02 13.27 -26.13
C ILE B 51 37.26 14.36 -27.16
N VAL B 52 38.06 15.36 -26.80
CA VAL B 52 38.35 16.45 -27.72
C VAL B 52 39.17 15.96 -28.91
N LYS B 53 40.25 15.23 -28.64
CA LYS B 53 41.15 14.81 -29.72
C LYS B 53 40.53 13.70 -30.55
N GLN B 54 39.82 12.77 -29.92
CA GLN B 54 39.38 11.55 -30.60
C GLN B 54 37.94 11.61 -31.07
N MET B 55 37.08 12.41 -30.44
CA MET B 55 35.66 12.43 -30.77
C MET B 55 35.18 13.72 -31.38
N PHE B 56 35.96 14.80 -31.32
CA PHE B 56 35.53 16.11 -31.79
C PHE B 56 36.15 16.48 -33.13
N ASN B 57 36.80 15.55 -33.81
CA ASN B 57 37.40 15.81 -35.11
C ASN B 57 36.37 15.68 -36.23
N ASN B 83 39.27 20.63 -36.45
CA ASN B 83 39.34 19.88 -35.21
C ASN B 83 39.94 20.71 -34.07
N PHE B 84 39.54 20.39 -32.84
CA PHE B 84 40.05 21.05 -31.65
C PHE B 84 41.20 20.25 -31.07
N THR B 85 42.37 20.88 -30.95
CA THR B 85 43.37 20.26 -30.08
C THR B 85 44.07 21.38 -29.30
N ASP B 86 43.40 21.82 -28.22
CA ASP B 86 44.00 22.55 -27.12
C ASP B 86 42.97 22.60 -25.99
N VAL B 87 43.24 21.94 -24.87
CA VAL B 87 42.25 21.80 -23.81
C VAL B 87 42.92 22.08 -22.47
N ASN B 88 42.25 22.88 -21.65
CA ASN B 88 42.66 23.03 -20.26
C ASN B 88 41.47 23.58 -19.47
N ILE B 89 40.92 22.75 -18.59
CA ILE B 89 39.96 23.23 -17.61
C ILE B 89 40.70 23.89 -16.45
N GLU B 90 40.28 25.09 -16.09
CA GLU B 90 40.91 25.85 -15.03
C GLU B 90 40.01 25.90 -13.80
N ARG B 91 40.62 26.17 -12.66
CA ARG B 91 39.87 26.25 -11.42
C ARG B 91 38.86 27.39 -11.50
N PRO B 92 37.75 27.28 -10.78
CA PRO B 92 36.67 28.29 -10.92
C PRO B 92 37.18 29.69 -10.64
N GLN B 93 36.68 30.64 -11.41
CA GLN B 93 37.10 32.04 -11.32
C GLN B 93 35.90 32.94 -11.15
N HIS B 94 36.12 34.07 -10.49
CA HIS B 94 35.09 35.08 -10.28
C HIS B 94 35.60 36.42 -10.78
N ARG B 95 34.69 37.21 -11.36
CA ARG B 95 35.07 38.51 -11.89
C ARG B 95 34.84 39.62 -10.87
N LYS B 102 39.76 38.77 -12.74
CA LYS B 102 39.39 37.43 -12.33
C LYS B 102 39.99 37.10 -10.96
N ILE B 103 39.15 36.61 -10.05
CA ILE B 103 39.57 36.18 -8.73
C ILE B 103 39.08 34.76 -8.51
N ASN B 104 39.79 34.02 -7.66
CA ASN B 104 39.48 32.62 -7.43
C ASN B 104 38.14 32.49 -6.72
N LEU B 105 37.18 31.84 -7.38
CA LEU B 105 35.86 31.64 -6.79
C LEU B 105 35.91 30.46 -5.85
N LEU B 106 35.79 30.73 -4.56
CA LEU B 106 35.82 29.70 -3.54
C LEU B 106 34.45 29.04 -3.42
N PRO B 107 34.40 27.77 -3.01
CA PRO B 107 33.10 27.09 -2.92
C PRO B 107 32.12 27.77 -2.00
N ASN B 108 32.59 28.31 -0.88
CA ASN B 108 31.68 29.03 0.02
C ASN B 108 31.12 30.27 -0.65
N LYS B 109 31.96 31.02 -1.37
CA LYS B 109 31.47 32.19 -2.08
C LYS B 109 30.42 31.81 -3.10
N ALA B 110 30.62 30.69 -3.79
CA ALA B 110 29.64 30.22 -4.75
C ALA B 110 28.33 29.84 -4.07
N ARG B 111 28.41 29.20 -2.90
CA ARG B 111 27.20 28.77 -2.22
C ARG B 111 26.40 29.95 -1.69
N LEU B 112 27.07 30.89 -1.00
CA LEU B 112 26.35 32.03 -0.46
C LEU B 112 25.79 32.93 -1.57
N CYS B 113 26.59 33.19 -2.60
CA CYS B 113 26.18 34.10 -3.65
C CYS B 113 25.27 33.46 -4.69
N GLY B 114 25.15 32.14 -4.68
CA GLY B 114 24.28 31.47 -5.64
C GLY B 114 24.87 31.22 -7.00
N LEU B 115 26.19 31.32 -7.15
CA LEU B 115 26.82 31.08 -8.44
C LEU B 115 26.95 29.58 -8.69
N SER B 116 27.69 29.24 -9.75
CA SER B 116 28.00 27.87 -10.09
C SER B 116 29.50 27.67 -9.98
N TYR B 117 29.91 26.67 -9.20
CA TYR B 117 31.33 26.41 -8.99
C TYR B 117 31.93 25.77 -10.24
N SER B 118 32.04 26.56 -11.31
CA SER B 118 32.40 26.07 -12.62
C SER B 118 33.72 26.66 -13.07
N GLY B 119 34.45 25.91 -13.87
CA GLY B 119 35.73 26.35 -14.38
C GLY B 119 35.74 26.47 -15.88
N PRO B 120 36.48 27.45 -16.40
CA PRO B 120 36.55 27.64 -17.86
C PRO B 120 37.36 26.55 -18.52
N VAL B 121 37.02 26.29 -19.79
CA VAL B 121 37.73 25.33 -20.63
C VAL B 121 38.22 26.05 -21.88
N ASN B 122 39.49 25.89 -22.19
CA ASN B 122 40.07 26.47 -23.39
C ASN B 122 39.88 25.53 -24.57
N LEU B 123 39.67 26.12 -25.75
CA LEU B 123 39.49 25.33 -26.97
C LEU B 123 40.35 25.90 -28.11
N PRO B 146 43.91 30.59 -32.58
CA PRO B 146 44.48 30.83 -31.24
C PRO B 146 43.58 30.28 -30.15
N PRO B 147 44.16 29.95 -28.99
CA PRO B 147 43.36 29.44 -27.87
C PRO B 147 42.29 30.44 -27.45
N PHE B 148 41.06 29.94 -27.32
CA PHE B 148 39.93 30.75 -26.89
C PHE B 148 39.13 29.96 -25.86
N GLN B 149 38.11 30.61 -25.30
CA GLN B 149 37.29 29.97 -24.28
C GLN B 149 35.94 30.68 -24.20
N VAL B 150 34.89 30.04 -24.66
CA VAL B 150 33.54 30.44 -24.27
C VAL B 150 32.80 29.20 -23.78
N SER B 151 32.99 28.88 -22.50
CA SER B 151 32.31 27.79 -21.82
C SER B 151 32.77 27.73 -20.36
N THR B 152 31.92 27.23 -19.48
CA THR B 152 32.31 26.92 -18.12
C THR B 152 31.66 25.61 -17.69
N PHE B 153 32.38 24.86 -16.87
CA PHE B 153 32.03 23.47 -16.58
C PHE B 153 32.04 23.24 -15.08
N PRO B 154 30.93 22.84 -14.48
CA PRO B 154 30.88 22.69 -13.02
C PRO B 154 31.95 21.75 -12.50
N ILE B 155 32.57 22.14 -11.39
CA ILE B 155 33.69 21.42 -10.79
C ILE B 155 33.19 20.69 -9.55
N MET B 156 33.75 19.53 -9.29
CA MET B 156 33.40 18.76 -8.10
C MET B 156 34.30 19.17 -6.94
N ARG B 157 33.67 19.52 -5.83
CA ARG B 157 34.43 20.00 -4.68
C ARG B 157 35.28 18.87 -4.11
N GLY B 158 36.57 19.14 -3.94
CA GLY B 158 37.51 18.14 -3.50
C GLY B 158 38.39 17.58 -4.59
N SER B 159 38.09 17.87 -5.85
CA SER B 159 38.88 17.37 -6.97
C SER B 159 40.11 18.25 -7.19
N ASN B 160 40.99 17.76 -8.08
CA ASN B 160 42.20 18.51 -8.40
C ASN B 160 41.90 19.84 -9.08
N ARG B 161 40.70 19.99 -9.64
CA ARG B 161 40.27 21.23 -10.25
C ARG B 161 39.54 22.14 -9.28
N CYS B 162 39.49 21.78 -8.01
CA CYS B 162 38.88 22.58 -6.97
C CYS B 162 39.96 23.29 -6.17
N HIS B 163 39.64 24.50 -5.70
CA HIS B 163 40.60 25.29 -4.94
C HIS B 163 40.91 24.66 -3.59
N THR B 164 40.11 23.70 -3.14
CA THR B 164 40.31 23.06 -1.85
C THR B 164 41.07 21.74 -1.94
N HIS B 165 41.69 21.47 -3.10
CA HIS B 165 42.39 20.20 -3.29
C HIS B 165 43.60 20.08 -2.37
N HIS B 166 44.47 21.10 -2.38
CA HIS B 166 45.72 21.02 -1.65
C HIS B 166 45.62 21.52 -0.21
N LEU B 167 44.54 22.21 0.15
CA LEU B 167 44.47 22.86 1.46
C LEU B 167 44.36 21.84 2.58
N SER B 168 44.95 22.17 3.72
CA SER B 168 44.91 21.33 4.91
C SER B 168 43.65 21.65 5.72
N LYS B 169 43.58 21.10 6.93
CA LYS B 169 42.41 21.31 7.76
C LYS B 169 42.25 22.78 8.14
N THR B 170 43.33 23.40 8.65
CA THR B 170 43.29 24.81 8.97
C THR B 170 43.11 25.66 7.72
N ALA B 171 43.76 25.28 6.62
CA ALA B 171 43.61 26.01 5.37
C ALA B 171 42.17 25.95 4.87
N LYS B 172 41.53 24.78 5.01
CA LYS B 172 40.10 24.69 4.68
C LYS B 172 39.27 25.56 5.62
N LYS B 173 39.63 25.59 6.90
CA LYS B 173 38.87 26.38 7.86
C LYS B 173 38.95 27.87 7.56
N GLU B 174 40.08 28.33 7.02
CA GLU B 174 40.24 29.77 6.81
C GLU B 174 39.35 30.29 5.69
N ILE B 175 39.02 29.45 4.69
CA ILE B 175 38.19 29.88 3.58
C ILE B 175 36.71 29.61 3.80
N GLY B 176 36.35 28.98 4.92
CA GLY B 176 34.97 28.74 5.24
C GLY B 176 34.44 27.37 4.90
N GLU B 177 35.29 26.44 4.47
CA GLU B 177 34.84 25.11 4.15
C GLU B 177 34.88 24.21 5.38
N ASP B 178 34.14 23.12 5.31
CA ASP B 178 34.18 22.12 6.35
C ASP B 178 35.49 21.36 6.24
N PRO B 179 36.34 21.37 7.27
CA PRO B 179 37.61 20.63 7.18
C PRO B 179 37.43 19.11 7.18
N ASN B 180 36.28 18.61 7.60
CA ASN B 180 36.08 17.18 7.77
C ASN B 180 35.33 16.53 6.61
N GLU B 181 34.47 17.26 5.92
CA GLU B 181 33.72 16.68 4.83
C GLU B 181 34.64 16.33 3.66
N PRO B 182 34.34 15.26 2.92
CA PRO B 182 35.22 14.85 1.81
C PRO B 182 34.99 15.68 0.56
N GLY B 183 33.80 16.23 0.43
CA GLY B 183 33.43 16.99 -0.76
C GLY B 183 32.62 16.14 -1.73
N GLY B 184 33.07 16.08 -2.97
CA GLY B 184 32.42 15.26 -3.98
C GLY B 184 31.03 15.68 -4.36
N TYR B 185 30.77 16.98 -4.43
CA TYR B 185 29.48 17.50 -4.84
C TYR B 185 29.68 18.72 -5.72
N PHE B 186 28.57 19.23 -6.25
CA PHE B 186 28.60 20.36 -7.18
C PHE B 186 27.73 21.49 -6.65
N ILE B 187 28.24 22.71 -6.78
CA ILE B 187 27.53 23.92 -6.35
C ILE B 187 26.95 24.58 -7.59
N ALA B 188 25.63 24.76 -7.60
CA ALA B 188 24.96 25.37 -8.73
C ALA B 188 23.63 25.96 -8.25
N ARG B 189 23.32 27.16 -8.72
CA ARG B 189 22.08 27.86 -8.37
C ARG B 189 21.93 28.03 -6.86
N GLY B 190 23.06 28.06 -6.15
CA GLY B 190 23.05 28.17 -4.71
C GLY B 190 22.77 26.88 -3.98
N GLY B 191 22.62 25.76 -4.69
CA GLY B 191 22.34 24.49 -4.05
C GLY B 191 23.51 23.53 -4.14
N GLU B 192 23.41 22.42 -3.42
CA GLU B 192 24.44 21.39 -3.40
C GLU B 192 23.87 20.15 -4.07
N TRP B 193 24.56 19.64 -5.08
CA TRP B 193 24.09 18.50 -5.84
C TRP B 193 25.19 17.46 -5.96
N VAL B 194 24.78 16.20 -6.05
CA VAL B 194 25.70 15.09 -6.25
C VAL B 194 25.26 14.33 -7.49
N VAL B 195 26.25 13.87 -8.26
CA VAL B 195 25.99 13.00 -9.40
C VAL B 195 26.00 11.57 -8.87
N ASP B 196 24.83 10.95 -8.82
CA ASP B 196 24.72 9.63 -8.22
C ASP B 196 25.46 8.59 -9.05
N LEU B 197 25.88 7.52 -8.39
CA LEU B 197 26.41 6.35 -9.07
C LEU B 197 25.25 5.66 -9.78
N LEU B 198 25.36 5.51 -11.10
CA LEU B 198 24.31 4.87 -11.88
C LEU B 198 24.66 3.42 -12.11
N GLU B 199 23.70 2.54 -11.83
CA GLU B 199 23.86 1.12 -12.09
C GLU B 199 23.62 0.85 -13.57
N ASN B 200 24.66 0.40 -14.26
CA ASN B 200 24.62 0.28 -15.71
C ASN B 200 25.03 -1.12 -16.14
N ILE B 201 24.43 -1.56 -17.24
CA ILE B 201 24.69 -2.87 -17.81
C ILE B 201 26.10 -2.89 -18.38
N ARG B 202 26.85 -3.96 -18.09
CA ARG B 202 28.21 -4.09 -18.60
C ARG B 202 28.20 -4.16 -20.12
N PHE B 203 29.17 -3.49 -20.74
CA PHE B 203 29.26 -3.44 -22.19
C PHE B 203 30.13 -4.56 -22.73
N ASN B 204 30.03 -4.79 -24.04
CA ASN B 204 30.72 -5.86 -24.74
C ASN B 204 30.35 -7.23 -24.21
N THR B 205 29.13 -7.38 -23.71
CA THR B 205 28.64 -8.67 -23.23
C THR B 205 27.26 -8.94 -23.81
N LEU B 206 27.01 -10.22 -24.07
CA LEU B 206 25.74 -10.68 -24.61
C LEU B 206 24.76 -10.90 -23.47
N HIS B 207 23.59 -10.28 -23.55
CA HIS B 207 22.56 -10.39 -22.54
C HIS B 207 21.33 -11.05 -23.16
N ILE B 208 21.22 -12.35 -22.95
CA ILE B 208 20.17 -13.16 -23.55
C ILE B 208 18.92 -13.08 -22.67
N HIS B 209 17.79 -12.74 -23.29
CA HIS B 209 16.56 -12.41 -22.59
C HIS B 209 15.46 -13.33 -23.09
N TYR B 210 14.72 -13.91 -22.15
CA TYR B 210 13.52 -14.69 -22.46
C TYR B 210 12.31 -13.82 -22.13
N HIS B 211 11.56 -13.43 -23.17
CA HIS B 211 10.35 -12.65 -22.99
C HIS B 211 9.16 -13.56 -22.70
N THR B 212 9.31 -14.40 -21.67
CA THR B 212 8.47 -15.59 -21.51
C THR B 212 7.02 -15.29 -21.18
N MET B 213 6.67 -14.09 -20.70
CA MET B 213 5.29 -13.84 -20.32
C MET B 213 4.38 -13.58 -21.52
N GLN B 214 4.81 -13.97 -22.72
CA GLN B 214 4.03 -14.10 -23.94
C GLN B 214 3.66 -12.77 -24.58
N GLN B 215 3.95 -11.64 -23.95
CA GLN B 215 3.79 -10.37 -24.64
C GLN B 215 4.84 -10.26 -25.74
N GLY B 216 4.44 -9.72 -26.88
CA GLY B 216 5.27 -9.83 -28.06
C GLY B 216 5.38 -11.30 -28.44
N ASN B 217 4.23 -11.95 -28.62
CA ASN B 217 4.17 -13.39 -28.79
C ASN B 217 4.88 -13.87 -30.05
N ASN B 218 5.16 -12.96 -30.99
CA ASN B 218 5.80 -13.34 -32.23
C ASN B 218 7.28 -13.70 -32.06
N GLU B 219 7.85 -13.48 -30.87
CA GLU B 219 9.24 -13.83 -30.61
C GLU B 219 9.42 -14.09 -29.12
N ILE B 220 10.07 -15.21 -28.77
CA ILE B 220 10.61 -15.28 -27.42
C ILE B 220 12.07 -15.75 -27.45
N ILE B 221 12.97 -14.82 -27.73
CA ILE B 221 14.33 -14.74 -27.21
C ILE B 221 14.88 -13.43 -27.75
N ARG B 222 15.86 -12.86 -27.07
CA ARG B 222 16.64 -11.78 -27.67
C ARG B 222 17.97 -11.68 -26.94
N GLY B 223 19.05 -11.81 -27.68
CA GLY B 223 20.37 -11.65 -27.13
C GLY B 223 20.95 -10.30 -27.47
N GLU B 224 20.91 -9.37 -26.51
CA GLU B 224 21.35 -8.00 -26.74
C GLU B 224 22.85 -7.89 -26.48
N PHE B 225 23.53 -7.17 -27.36
CA PHE B 225 24.96 -6.90 -27.22
C PHE B 225 25.19 -5.43 -27.49
N ILE B 226 25.90 -4.76 -26.59
CA ILE B 226 26.26 -3.36 -26.74
C ILE B 226 27.77 -3.28 -26.80
N SER B 227 28.30 -2.68 -27.85
CA SER B 227 29.72 -2.72 -28.15
C SER B 227 30.35 -1.36 -27.87
N GLN B 228 31.35 -1.34 -26.98
CA GLN B 228 32.08 -0.14 -26.64
C GLN B 228 33.47 -0.20 -27.25
N PRO B 229 33.82 0.68 -28.18
CA PRO B 229 35.08 0.54 -28.91
C PRO B 229 36.33 0.53 -28.04
N GLY B 230 36.57 1.58 -27.27
CA GLY B 230 37.82 1.66 -26.54
C GLY B 230 37.79 2.30 -25.17
N GLY B 231 36.60 2.56 -24.65
CA GLY B 231 36.50 3.21 -23.36
C GLY B 231 35.10 3.74 -23.15
N ALA B 232 34.82 4.08 -21.89
CA ALA B 232 33.47 4.44 -21.48
C ALA B 232 32.96 5.69 -22.19
N PHE B 233 33.85 6.49 -22.79
CA PHE B 233 33.47 7.73 -23.42
C PHE B 233 33.08 7.57 -24.88
N GLU B 234 33.52 6.50 -25.53
CA GLU B 234 33.19 6.29 -26.93
C GLU B 234 31.71 5.96 -27.09
N ASN B 235 31.21 6.15 -28.32
CA ASN B 235 29.83 5.83 -28.62
C ASN B 235 29.66 4.31 -28.72
N SER B 236 28.56 3.81 -28.18
CA SER B 236 28.26 2.39 -28.15
C SER B 236 27.13 2.06 -29.10
N SER B 237 27.29 0.95 -29.83
CA SER B 237 26.29 0.48 -30.77
C SER B 237 25.69 -0.81 -30.25
N GLN B 238 24.36 -0.83 -30.10
CA GLN B 238 23.65 -1.99 -29.60
C GLN B 238 23.10 -2.80 -30.77
N ILE B 239 23.42 -4.09 -30.77
CA ILE B 239 22.90 -5.03 -31.77
C ILE B 239 22.02 -6.04 -31.05
N ILE B 240 20.89 -6.38 -31.67
CA ILE B 240 19.91 -7.28 -31.07
C ILE B 240 19.74 -8.46 -32.01
N ILE B 241 19.95 -9.67 -31.48
CA ILE B 241 19.81 -10.90 -32.25
C ILE B 241 18.62 -11.66 -31.68
N ARG B 242 17.65 -11.97 -32.54
CA ARG B 242 16.40 -12.56 -32.12
C ARG B 242 16.18 -13.92 -32.77
N TYR B 243 15.59 -14.83 -32.02
CA TYR B 243 14.89 -15.99 -32.58
C TYR B 243 13.40 -15.72 -32.57
N MET B 244 12.78 -15.83 -33.73
CA MET B 244 11.36 -15.60 -33.90
C MET B 244 10.60 -16.91 -33.86
N THR B 245 9.30 -16.82 -33.60
CA THR B 245 8.46 -18.01 -33.64
C THR B 245 8.43 -18.61 -35.04
N THR B 246 8.57 -17.77 -36.07
CA THR B 246 8.66 -18.26 -37.43
C THR B 246 9.91 -19.10 -37.66
N GLY B 247 10.97 -18.85 -36.90
CA GLY B 247 12.18 -19.63 -37.00
C GLY B 247 13.37 -18.92 -37.61
N ALA B 248 13.30 -17.61 -37.80
CA ALA B 248 14.39 -16.86 -38.41
C ALA B 248 15.18 -16.08 -37.38
N ILE B 249 16.46 -15.85 -37.68
CA ILE B 249 17.37 -15.09 -36.84
C ILE B 249 17.55 -13.71 -37.47
N THR B 250 17.00 -12.68 -36.84
CA THR B 250 17.02 -11.33 -37.38
C THR B 250 17.87 -10.43 -36.49
N ILE B 251 18.85 -9.77 -37.07
CA ILE B 251 19.82 -8.96 -36.34
C ILE B 251 19.49 -7.50 -36.58
N GLU B 252 19.15 -6.79 -35.51
CA GLU B 252 18.84 -5.37 -35.57
C GLU B 252 19.99 -4.57 -34.97
N ILE B 253 20.48 -3.59 -35.72
CA ILE B 253 21.47 -2.65 -35.23
C ILE B 253 20.76 -1.36 -34.89
N ASN B 254 20.96 -0.87 -33.67
CA ASN B 254 20.31 0.35 -33.22
C ASN B 254 21.19 1.55 -33.54
N SER B 255 20.71 2.41 -34.42
CA SER B 255 21.45 3.60 -34.82
C SER B 255 20.46 4.61 -35.38
N THR B 256 20.96 5.82 -35.60
CA THR B 256 20.11 6.86 -36.20
C THR B 256 19.69 6.46 -37.61
N LYS B 257 20.59 5.88 -38.38
CA LYS B 257 20.25 5.39 -39.71
C LYS B 257 19.59 4.02 -39.62
N PHE B 258 20.29 3.04 -39.07
CA PHE B 258 19.77 1.69 -38.92
C PHE B 258 18.87 1.64 -37.69
N SER B 259 17.56 1.53 -37.91
CA SER B 259 16.63 1.28 -36.81
C SER B 259 15.40 0.59 -37.37
N LYS B 260 14.74 -0.18 -36.51
CA LYS B 260 13.48 -0.84 -36.82
C LYS B 260 13.62 -1.85 -37.96
N LEU B 261 14.84 -2.03 -38.46
CA LEU B 261 15.11 -3.03 -39.50
C LEU B 261 15.78 -4.23 -38.85
N ARG B 262 15.29 -5.41 -39.18
CA ARG B 262 15.80 -6.66 -38.61
C ARG B 262 16.36 -7.48 -39.76
N ILE B 263 17.61 -7.21 -40.09
CA ILE B 263 18.29 -7.91 -41.19
C ILE B 263 18.49 -9.37 -40.81
N PRO B 264 18.14 -10.32 -41.67
CA PRO B 264 18.48 -11.72 -41.41
C PRO B 264 19.98 -11.91 -41.31
N TRP B 265 20.40 -12.82 -40.44
CA TRP B 265 21.81 -12.93 -40.07
C TRP B 265 22.68 -13.31 -41.26
N TYR B 266 22.22 -14.23 -42.10
CA TYR B 266 23.02 -14.66 -43.24
C TYR B 266 23.27 -13.51 -44.21
N LEU B 267 22.34 -12.56 -44.29
CA LEU B 267 22.55 -11.40 -45.16
C LEU B 267 23.71 -10.55 -44.66
N ILE B 268 23.79 -10.33 -43.34
CA ILE B 268 24.90 -9.56 -42.79
C ILE B 268 26.21 -10.32 -42.96
N PHE B 269 26.16 -11.65 -42.85
CA PHE B 269 27.37 -12.44 -43.09
C PHE B 269 27.83 -12.30 -44.54
N ARG B 270 26.90 -12.36 -45.49
CA ARG B 270 27.25 -12.30 -46.91
C ARG B 270 27.70 -10.91 -47.33
N MET B 271 27.09 -9.86 -46.76
CA MET B 271 27.53 -8.50 -47.06
C MET B 271 28.98 -8.28 -46.65
N PHE B 272 29.45 -9.03 -45.66
CA PHE B 272 30.80 -8.89 -45.13
C PHE B 272 31.80 -9.78 -45.85
N GLY B 273 31.35 -10.63 -46.76
CA GLY B 273 32.17 -11.55 -47.52
C GLY B 273 31.67 -12.97 -47.36
N MET B 274 32.51 -13.91 -47.78
CA MET B 274 32.30 -15.36 -47.62
C MET B 274 30.85 -15.77 -47.85
N THR B 275 30.40 -15.55 -49.10
CA THR B 275 28.99 -15.71 -49.43
C THR B 275 28.49 -17.15 -49.22
N GLY B 276 29.38 -18.13 -49.17
CA GLY B 276 28.96 -19.52 -49.02
C GLY B 276 28.20 -19.82 -47.76
N ASP B 277 26.99 -20.38 -47.89
CA ASP B 277 26.16 -20.64 -46.72
C ASP B 277 26.75 -21.71 -45.81
N ASP B 278 27.54 -22.64 -46.35
CA ASP B 278 28.16 -23.64 -45.49
C ASP B 278 29.14 -23.02 -44.51
N SER B 279 29.97 -22.08 -44.99
CA SER B 279 30.89 -21.39 -44.10
C SER B 279 30.16 -20.47 -43.13
N ILE B 280 29.05 -19.88 -43.57
CA ILE B 280 28.24 -19.07 -42.66
C ILE B 280 27.70 -19.95 -41.53
N ILE B 281 27.26 -21.16 -41.86
CA ILE B 281 26.81 -22.09 -40.83
C ILE B 281 27.97 -22.46 -39.91
N GLU B 282 29.14 -22.70 -40.49
CA GLU B 282 30.31 -23.06 -39.68
C GLU B 282 30.66 -21.95 -38.69
N GLN B 283 30.44 -20.68 -39.08
CA GLN B 283 30.73 -19.58 -38.17
C GLN B 283 29.90 -19.67 -36.88
N VAL B 284 28.72 -20.30 -36.94
CA VAL B 284 27.88 -20.44 -35.76
C VAL B 284 28.09 -21.79 -35.08
N VAL B 285 28.31 -22.85 -35.84
CA VAL B 285 28.46 -24.17 -35.23
C VAL B 285 29.90 -24.58 -35.02
N PHE B 286 30.85 -23.87 -35.63
CA PHE B 286 32.29 -24.02 -35.41
C PHE B 286 32.84 -25.33 -35.98
N ASP B 287 31.96 -26.22 -36.42
CA ASP B 287 32.40 -27.50 -36.97
C ASP B 287 31.25 -28.16 -37.71
N LEU B 288 31.43 -28.45 -39.00
CA LEU B 288 30.36 -29.05 -39.78
C LEU B 288 30.46 -30.56 -39.85
N GLU B 289 31.66 -31.12 -39.68
CA GLU B 289 31.86 -32.56 -39.72
C GLU B 289 31.85 -33.17 -38.32
N SER B 290 31.02 -32.64 -37.42
CA SER B 290 31.00 -33.05 -36.04
C SER B 290 29.67 -33.73 -35.70
N ASN B 291 29.75 -34.76 -34.86
CA ASN B 291 28.59 -35.44 -34.32
C ASN B 291 28.03 -34.64 -33.14
N SER B 292 27.21 -35.30 -32.32
CA SER B 292 26.64 -34.76 -31.09
C SER B 292 25.40 -33.93 -31.37
N LEU B 293 24.40 -34.04 -30.50
CA LEU B 293 23.05 -33.58 -30.82
C LEU B 293 22.95 -32.06 -30.81
N VAL B 294 23.77 -31.39 -30.01
CA VAL B 294 23.70 -29.93 -29.96
C VAL B 294 24.11 -29.33 -31.30
N ASN B 295 25.15 -29.90 -31.93
CA ASN B 295 25.58 -29.40 -33.23
C ASN B 295 24.50 -29.63 -34.29
N THR B 296 23.91 -30.81 -34.31
CA THR B 296 22.86 -31.10 -35.28
C THR B 296 21.64 -30.21 -35.06
N PHE B 297 21.25 -30.02 -33.81
CA PHE B 297 20.12 -29.15 -33.52
C PHE B 297 20.42 -27.73 -33.98
N MET B 298 21.65 -27.25 -33.74
CA MET B 298 22.04 -25.95 -34.24
C MET B 298 21.93 -25.88 -35.76
N ILE B 299 22.41 -26.91 -36.46
CA ILE B 299 22.42 -26.88 -37.91
C ILE B 299 21.00 -26.82 -38.46
N GLU B 300 20.11 -27.65 -37.92
CA GLU B 300 18.72 -27.61 -38.36
C GLU B 300 18.07 -26.27 -38.04
N ILE B 301 18.40 -25.71 -36.87
CA ILE B 301 17.87 -24.40 -36.49
C ILE B 301 18.26 -23.36 -37.52
N LEU B 302 19.54 -23.38 -37.91
CA LEU B 302 20.05 -22.39 -38.86
C LEU B 302 19.49 -22.61 -40.25
N GLU B 303 19.28 -23.88 -40.64
CA GLU B 303 18.61 -24.16 -41.90
C GLU B 303 17.23 -23.53 -41.96
N LYS B 304 16.42 -23.80 -40.94
CA LYS B 304 15.07 -23.24 -40.93
C LYS B 304 15.12 -21.72 -40.90
N SER B 305 16.13 -21.15 -40.23
CA SER B 305 16.28 -19.70 -40.24
C SER B 305 16.58 -19.18 -41.64
N ILE B 306 17.46 -19.87 -42.36
CA ILE B 306 17.83 -19.44 -43.71
C ILE B 306 16.63 -19.51 -44.64
N HIS B 307 15.85 -20.59 -44.54
CA HIS B 307 14.77 -20.82 -45.48
C HIS B 307 13.51 -20.01 -45.18
N VAL B 308 13.41 -19.41 -44.00
CA VAL B 308 12.20 -18.65 -43.66
C VAL B 308 12.10 -17.43 -44.55
N LEU B 309 10.91 -17.19 -45.09
CA LEU B 309 10.68 -16.08 -46.01
C LEU B 309 10.49 -14.81 -45.20
N ASP B 310 11.44 -13.89 -45.31
CA ASP B 310 11.33 -12.60 -44.64
C ASP B 310 10.40 -11.69 -45.43
N PRO B 311 9.30 -11.21 -44.85
CA PRO B 311 8.39 -10.34 -45.61
C PRO B 311 9.02 -9.04 -46.07
N ILE B 312 10.11 -8.61 -45.45
CA ILE B 312 10.73 -7.33 -45.78
C ILE B 312 11.91 -7.50 -46.72
N PHE B 313 12.64 -8.62 -46.61
CA PHE B 313 13.84 -8.86 -47.40
C PHE B 313 13.61 -10.00 -48.40
N GLN B 314 12.44 -10.03 -49.02
CA GLN B 314 12.13 -11.08 -49.98
C GLN B 314 13.09 -11.13 -51.17
N PRO B 315 13.40 -10.03 -51.86
CA PRO B 315 14.24 -10.14 -53.05
C PRO B 315 15.62 -10.71 -52.81
N VAL B 316 16.25 -10.40 -51.68
CA VAL B 316 17.66 -10.75 -51.47
C VAL B 316 17.83 -11.97 -50.58
N GLN B 317 16.75 -12.67 -50.23
CA GLN B 317 16.86 -13.83 -49.36
C GLN B 317 17.77 -14.90 -49.96
N HIS B 318 17.81 -14.98 -51.30
CA HIS B 318 18.59 -16.00 -51.98
C HIS B 318 19.75 -15.42 -52.78
N GLU B 319 19.90 -14.10 -52.80
CA GLU B 319 20.90 -13.46 -53.65
C GLU B 319 22.30 -13.73 -53.14
N LEU B 320 23.21 -14.07 -54.06
CA LEU B 320 24.64 -14.14 -53.74
C LEU B 320 25.41 -12.92 -54.21
N ASN B 321 24.78 -12.07 -55.03
CA ASN B 321 25.38 -10.80 -55.43
C ASN B 321 25.43 -9.88 -54.21
N ARG B 322 26.63 -9.75 -53.63
CA ARG B 322 26.78 -8.94 -52.42
C ARG B 322 26.36 -7.49 -52.66
N GLU B 323 26.70 -6.95 -53.84
CA GLU B 323 26.38 -5.57 -54.15
C GLU B 323 24.88 -5.33 -54.13
N LYS B 324 24.10 -6.31 -54.59
CA LYS B 324 22.65 -6.19 -54.52
C LYS B 324 22.17 -6.10 -53.08
N ILE B 325 22.76 -6.91 -52.19
CA ILE B 325 22.37 -6.87 -50.78
C ILE B 325 22.68 -5.51 -50.19
N ILE B 326 23.89 -5.01 -50.46
CA ILE B 326 24.30 -3.71 -49.92
C ILE B 326 23.40 -2.61 -50.46
N GLN B 327 23.05 -2.68 -51.74
CA GLN B 327 22.20 -1.67 -52.35
C GLN B 327 20.81 -1.67 -51.71
N PHE B 328 20.21 -2.85 -51.56
CA PHE B 328 18.88 -2.92 -50.98
C PHE B 328 18.92 -2.42 -49.54
N LEU B 329 19.97 -2.77 -48.81
CA LEU B 329 20.14 -2.24 -47.46
C LEU B 329 20.21 -0.71 -47.49
N SER B 330 20.94 -0.15 -48.46
CA SER B 330 21.08 1.30 -48.53
C SER B 330 19.74 1.98 -48.78
N GLU B 331 18.93 1.43 -49.68
CA GLU B 331 17.61 2.02 -49.91
C GLU B 331 16.69 1.81 -48.72
N LYS B 332 16.88 0.73 -47.95
CA LYS B 332 16.08 0.55 -46.75
C LYS B 332 16.46 1.54 -45.66
N VAL B 333 17.74 1.92 -45.61
CA VAL B 333 18.20 2.85 -44.60
C VAL B 333 18.01 4.29 -45.08
N GLN B 351 29.36 2.26 -57.16
CA GLN B 351 30.31 1.52 -56.33
C GLN B 351 30.77 2.34 -55.13
N TYR B 352 30.83 3.67 -55.31
CA TYR B 352 31.14 4.55 -54.18
C TYR B 352 30.01 4.52 -53.14
N LEU B 353 28.76 4.52 -53.60
CA LEU B 353 27.65 4.34 -52.67
C LEU B 353 27.61 2.92 -52.12
N ASN B 354 28.07 1.94 -52.92
CA ASN B 354 28.16 0.57 -52.43
C ASN B 354 29.13 0.47 -51.26
N GLU B 355 30.26 1.17 -51.33
CA GLU B 355 31.23 1.12 -50.25
C GLU B 355 30.75 1.90 -49.04
N ARG B 356 30.14 3.07 -49.25
CA ARG B 356 29.79 3.95 -48.14
C ARG B 356 28.81 3.28 -47.19
N GLN B 357 27.77 2.65 -47.73
CA GLN B 357 26.82 1.95 -46.87
C GLN B 357 27.47 0.75 -46.21
N LEU B 358 28.44 0.13 -46.87
CA LEU B 358 29.24 -0.91 -46.22
C LEU B 358 30.28 -0.32 -45.28
N THR B 359 30.80 0.87 -45.59
CA THR B 359 31.77 1.51 -44.71
C THR B 359 31.12 2.00 -43.42
N ILE B 360 29.88 2.51 -43.52
CA ILE B 360 29.18 2.93 -42.31
C ILE B 360 28.78 1.73 -41.48
N LEU B 361 28.58 0.57 -42.11
CA LEU B 361 28.07 -0.59 -41.40
C LEU B 361 29.07 -1.09 -40.37
N ASP B 362 30.32 -1.29 -40.77
CA ASP B 362 31.29 -1.88 -39.86
C ASP B 362 31.58 -0.98 -38.67
N LYS B 363 31.45 0.34 -38.85
CA LYS B 363 31.57 1.25 -37.72
C LYS B 363 30.44 1.06 -36.72
N ILE B 364 29.23 0.81 -37.22
CA ILE B 364 28.06 0.67 -36.36
C ILE B 364 27.76 -0.78 -35.98
N LEU B 365 28.52 -1.75 -36.50
CA LEU B 365 28.33 -3.16 -36.17
C LEU B 365 29.58 -3.66 -35.47
N LEU B 366 29.45 -3.92 -34.17
CA LEU B 366 30.55 -4.34 -33.32
C LEU B 366 31.78 -3.43 -33.42
N PRO B 367 31.66 -2.16 -33.05
CA PRO B 367 32.83 -1.28 -33.09
C PRO B 367 33.97 -1.72 -32.19
N HIS B 368 33.69 -2.45 -31.11
CA HIS B 368 34.76 -2.82 -30.19
C HIS B 368 35.75 -3.79 -30.84
N MET B 369 35.32 -4.53 -31.86
CA MET B 369 36.24 -5.39 -32.58
C MET B 369 37.14 -4.58 -33.50
N GLY B 370 36.69 -3.41 -33.93
CA GLY B 370 37.41 -2.58 -34.87
C GLY B 370 36.45 -1.87 -35.78
N GLN B 371 36.93 -0.81 -36.44
CA GLN B 371 36.09 -0.01 -37.32
C GLN B 371 36.68 0.08 -38.72
N THR B 372 37.54 -0.86 -39.10
CA THR B 372 38.20 -0.85 -40.40
C THR B 372 37.91 -2.15 -41.13
N ALA B 373 38.16 -2.14 -42.43
CA ALA B 373 37.84 -3.28 -43.29
C ALA B 373 38.69 -4.51 -43.02
N ASP B 374 39.75 -4.41 -42.24
CA ASP B 374 40.57 -5.58 -41.93
C ASP B 374 40.04 -6.38 -40.75
N THR B 375 38.90 -5.98 -40.16
CA THR B 375 38.32 -6.69 -39.03
C THR B 375 36.98 -7.33 -39.38
N ARG B 376 36.69 -7.50 -40.68
CA ARG B 376 35.41 -8.09 -41.07
C ARG B 376 35.35 -9.58 -40.73
N VAL B 377 36.46 -10.30 -40.93
CA VAL B 377 36.48 -11.73 -40.66
C VAL B 377 36.29 -11.99 -39.17
N ARG B 378 37.01 -11.26 -38.31
CA ARG B 378 36.84 -11.44 -36.89
C ARG B 378 35.48 -10.94 -36.40
N LYS B 379 34.95 -9.88 -37.03
CA LYS B 379 33.59 -9.47 -36.69
C LYS B 379 32.59 -10.58 -36.98
N LEU B 380 32.75 -11.24 -38.12
CA LEU B 380 31.84 -12.33 -38.47
C LEU B 380 32.00 -13.52 -37.54
N ARG B 381 33.25 -13.83 -37.16
CA ARG B 381 33.46 -14.91 -36.20
C ARG B 381 32.81 -14.60 -34.87
N PHE B 382 32.95 -13.36 -34.39
CA PHE B 382 32.34 -12.97 -33.13
C PHE B 382 30.82 -12.99 -33.22
N LEU B 383 30.25 -12.54 -34.34
CA LEU B 383 28.80 -12.59 -34.51
C LEU B 383 28.31 -14.03 -34.53
N GLY B 384 29.05 -14.92 -35.19
CA GLY B 384 28.71 -16.33 -35.14
C GLY B 384 28.75 -16.89 -33.74
N LEU B 385 29.75 -16.47 -32.95
CA LEU B 385 29.83 -16.90 -31.56
C LEU B 385 28.62 -16.40 -30.76
N LEU B 386 28.20 -15.17 -31.00
CA LEU B 386 27.04 -14.65 -30.29
C LEU B 386 25.77 -15.41 -30.65
N ILE B 387 25.58 -15.70 -31.93
CA ILE B 387 24.42 -16.49 -32.36
C ILE B 387 24.50 -17.89 -31.74
N HIS B 388 25.69 -18.45 -31.67
CA HIS B 388 25.88 -19.76 -31.06
C HIS B 388 25.49 -19.75 -29.59
N LYS B 389 25.87 -18.70 -28.86
CA LYS B 389 25.51 -18.62 -27.45
C LYS B 389 24.00 -18.48 -27.28
N ILE B 390 23.35 -17.67 -28.11
CA ILE B 390 21.88 -17.55 -28.03
C ILE B 390 21.23 -18.90 -28.32
N LEU B 391 21.75 -19.64 -29.30
CA LEU B 391 21.21 -20.96 -29.60
C LEU B 391 21.46 -21.95 -28.47
N LEU B 392 22.60 -21.84 -27.79
CA LEU B 392 22.84 -22.70 -26.63
C LEU B 392 21.83 -22.41 -25.53
N VAL B 393 21.47 -21.14 -25.36
CA VAL B 393 20.47 -20.81 -24.36
C VAL B 393 19.10 -21.35 -24.77
N ILE B 394 18.73 -21.24 -26.05
CA ILE B 394 17.43 -21.76 -26.48
C ILE B 394 17.38 -23.27 -26.40
N MET B 395 18.51 -23.95 -26.35
CA MET B 395 18.57 -25.40 -26.23
C MET B 395 18.60 -25.86 -24.78
N ASN B 396 18.41 -24.94 -23.83
CA ASN B 396 18.45 -25.23 -22.40
C ASN B 396 19.80 -25.77 -21.95
N VAL B 397 20.83 -25.61 -22.78
CA VAL B 397 22.18 -25.92 -22.34
C VAL B 397 22.62 -24.93 -21.27
N PHE B 398 22.20 -23.68 -21.39
CA PHE B 398 22.56 -22.64 -20.45
C PHE B 398 21.30 -21.87 -20.07
N PRO B 399 21.25 -21.31 -18.87
CA PRO B 399 20.12 -20.46 -18.50
C PRO B 399 20.26 -19.09 -19.11
N PRO B 400 19.19 -18.29 -19.11
CA PRO B 400 19.32 -16.89 -19.53
C PRO B 400 20.26 -16.13 -18.62
N THR B 401 20.86 -15.08 -19.17
CA THR B 401 21.73 -14.22 -18.38
C THR B 401 20.96 -13.63 -17.21
N ASP B 402 21.56 -13.69 -16.01
CA ASP B 402 20.92 -13.17 -14.81
C ASP B 402 20.91 -11.65 -14.87
N ARG B 403 19.70 -11.07 -14.86
CA ARG B 403 19.54 -9.63 -15.00
C ARG B 403 19.93 -8.86 -13.75
N ASP B 404 20.03 -9.54 -12.60
CA ASP B 404 20.37 -8.89 -11.35
C ASP B 404 21.75 -9.21 -10.82
N SER B 405 22.44 -10.18 -11.42
CA SER B 405 23.81 -10.48 -11.00
C SER B 405 24.70 -9.28 -11.28
N TYR B 406 25.66 -9.05 -10.40
CA TYR B 406 26.56 -7.92 -10.56
C TYR B 406 27.80 -8.26 -11.37
N ARG B 407 27.94 -9.51 -11.82
CA ARG B 407 29.01 -9.82 -12.77
C ARG B 407 28.81 -9.08 -14.08
N THR B 408 27.56 -8.81 -14.45
CA THR B 408 27.23 -8.15 -15.69
C THR B 408 26.80 -6.70 -15.50
N LYS B 409 27.11 -6.11 -14.35
CA LYS B 409 26.71 -4.74 -14.05
C LYS B 409 27.94 -3.87 -13.86
N ARG B 410 27.74 -2.57 -14.04
CA ARG B 410 28.77 -1.56 -13.86
C ARG B 410 28.15 -0.37 -13.14
N VAL B 411 28.96 0.34 -12.37
CA VAL B 411 28.52 1.52 -11.64
C VAL B 411 29.24 2.73 -12.20
N HIS B 412 28.48 3.73 -12.63
CA HIS B 412 29.02 4.91 -13.30
C HIS B 412 28.60 6.15 -12.52
N GLY B 413 29.56 7.02 -12.25
CA GLY B 413 29.29 8.23 -11.50
C GLY B 413 30.21 9.36 -11.89
N SER B 414 29.67 10.57 -11.88
CA SER B 414 30.41 11.81 -12.11
C SER B 414 31.20 11.74 -13.42
N GLY B 415 32.37 11.10 -13.40
CA GLY B 415 33.26 11.16 -14.54
C GLY B 415 32.64 10.62 -15.81
N VAL B 416 32.03 9.43 -15.73
CA VAL B 416 31.41 8.86 -16.92
C VAL B 416 30.12 9.58 -17.27
N SER B 417 29.27 9.83 -16.26
CA SER B 417 27.94 10.36 -16.53
C SER B 417 28.00 11.76 -17.12
N LEU B 418 28.90 12.61 -16.65
CA LEU B 418 28.98 13.97 -17.17
C LEU B 418 29.60 14.00 -18.55
N ALA B 419 30.61 13.16 -18.79
CA ALA B 419 31.30 13.19 -20.08
C ALA B 419 30.37 12.84 -21.23
N LYS B 420 29.54 11.82 -21.05
CA LYS B 420 28.57 11.49 -22.09
C LYS B 420 27.56 12.61 -22.25
N ALA B 421 27.18 13.27 -21.15
CA ALA B 421 26.29 14.41 -21.24
C ALA B 421 27.00 15.63 -21.82
N PHE B 422 28.29 15.78 -21.50
CA PHE B 422 29.09 16.82 -22.13
C PHE B 422 29.29 16.54 -23.62
N LYS B 423 29.50 15.27 -23.97
CA LYS B 423 29.67 14.93 -25.37
C LYS B 423 28.41 15.25 -26.18
N ALA B 424 27.24 14.93 -25.64
CA ALA B 424 26.00 15.27 -26.32
C ALA B 424 25.77 16.76 -26.34
N ILE B 425 26.18 17.46 -25.29
CA ILE B 425 25.93 18.89 -25.18
C ILE B 425 26.96 19.69 -25.98
N PHE B 426 28.13 19.11 -26.23
CA PHE B 426 29.19 19.86 -26.91
C PHE B 426 28.85 20.11 -28.37
N ASN B 427 28.31 19.10 -29.06
CA ASN B 427 28.01 19.27 -30.48
C ASN B 427 26.85 20.22 -30.70
N THR B 428 25.80 20.11 -29.88
CA THR B 428 24.58 20.88 -30.11
C THR B 428 24.73 22.35 -29.73
N SER B 429 25.66 22.68 -28.84
CA SER B 429 25.86 24.05 -28.39
C SER B 429 27.05 24.72 -29.04
N VAL B 430 28.08 23.96 -29.41
CA VAL B 430 29.28 24.52 -30.03
C VAL B 430 29.28 24.22 -31.52
N ILE B 431 29.28 22.93 -31.86
CA ILE B 431 29.47 22.53 -33.25
C ILE B 431 28.24 22.84 -34.10
N ALA B 432 27.05 22.54 -33.58
CA ALA B 432 25.83 22.69 -34.38
C ALA B 432 25.62 24.12 -34.87
N PRO B 433 25.75 25.18 -34.05
CA PRO B 433 25.67 26.50 -34.67
C PRO B 433 26.97 26.89 -35.36
N SER B 469 27.12 30.38 -24.08
CA SER B 469 26.91 30.32 -22.64
C SER B 469 25.75 29.39 -22.30
N ASP B 470 25.13 28.82 -23.33
CA ASP B 470 24.02 27.90 -23.11
C ASP B 470 24.48 26.52 -22.66
N LEU B 471 25.67 26.09 -23.08
CA LEU B 471 26.15 24.77 -22.69
C LEU B 471 26.40 24.70 -21.19
N ASN B 472 26.93 25.78 -20.59
CA ASN B 472 27.11 25.81 -19.14
C ASN B 472 25.77 25.69 -18.43
N ARG B 473 24.79 26.49 -18.86
CA ARG B 473 23.48 26.47 -18.22
C ARG B 473 22.81 25.11 -18.37
N SER B 474 22.89 24.52 -19.56
CA SER B 474 22.23 23.24 -19.77
C SER B 474 22.94 22.11 -19.02
N MET B 475 24.26 22.17 -18.92
CA MET B 475 24.98 21.18 -18.11
C MET B 475 24.60 21.30 -16.63
N GLU B 476 24.51 22.53 -16.12
CA GLU B 476 24.02 22.71 -14.76
C GLU B 476 22.58 22.21 -14.62
N GLN B 477 21.76 22.43 -15.65
CA GLN B 477 20.37 21.98 -15.59
C GLN B 477 20.29 20.46 -15.55
N SER B 478 21.19 19.79 -16.27
CA SER B 478 21.29 18.34 -16.16
C SER B 478 21.69 17.93 -14.76
N ILE B 479 22.62 18.68 -14.16
CA ILE B 479 23.04 18.39 -12.79
C ILE B 479 21.85 18.46 -11.84
N ILE B 480 21.05 19.52 -11.95
CA ILE B 480 19.88 19.66 -11.09
C ILE B 480 18.86 18.55 -11.37
N SER B 481 18.59 18.29 -12.64
CA SER B 481 17.56 17.33 -13.02
C SER B 481 17.99 15.90 -12.72
N GLN B 500 21.36 14.07 -7.46
CA GLN B 500 20.31 14.49 -6.53
C GLN B 500 20.82 15.60 -5.63
N SER B 501 19.89 16.27 -4.94
CA SER B 501 20.27 17.31 -3.99
C SER B 501 20.99 16.68 -2.80
N LEU B 502 22.16 17.22 -2.47
CA LEU B 502 22.94 16.72 -1.34
C LEU B 502 22.24 17.09 -0.05
N GLU B 503 21.66 16.09 0.62
CA GLU B 503 20.96 16.31 1.88
C GLU B 503 21.99 16.21 3.01
N ARG B 504 22.13 17.30 3.77
CA ARG B 504 23.08 17.33 4.88
C ARG B 504 22.36 17.08 6.21
N LYS B 505 21.82 15.86 6.34
CA LYS B 505 21.29 15.43 7.63
C LYS B 505 22.42 15.22 8.63
N ASN B 506 23.49 14.56 8.21
CA ASN B 506 24.69 14.36 9.01
C ASN B 506 25.82 13.95 8.07
N LEU B 507 26.99 13.70 8.65
CA LEU B 507 28.09 13.19 7.85
C LEU B 507 27.73 11.82 7.28
N LEU B 508 27.00 11.00 8.05
CA LEU B 508 26.57 9.70 7.55
C LEU B 508 25.67 9.85 6.33
N ASN B 509 24.76 10.83 6.35
CA ASN B 509 23.90 11.03 5.19
C ASN B 509 24.73 11.41 3.97
N THR B 510 25.73 12.28 4.16
CA THR B 510 26.55 12.69 3.03
C THR B 510 27.31 11.51 2.44
N ILE B 511 28.04 10.77 3.28
CA ILE B 511 28.91 9.74 2.70
C ILE B 511 28.10 8.53 2.26
N SER B 512 26.82 8.44 2.67
CA SER B 512 25.96 7.38 2.14
C SER B 512 25.28 7.81 0.85
N ALA B 513 24.92 9.08 0.74
CA ALA B 513 24.40 9.60 -0.52
C ALA B 513 25.44 9.50 -1.61
N LEU B 514 26.72 9.65 -1.27
CA LEU B 514 27.76 9.43 -2.25
C LEU B 514 28.12 7.96 -2.42
N ARG B 515 27.65 7.09 -1.52
CA ARG B 515 27.86 5.65 -1.62
C ARG B 515 26.63 4.91 -2.12
N THR B 516 25.62 5.62 -2.60
CA THR B 516 24.38 4.99 -3.02
C THR B 516 24.41 4.73 -4.51
N VAL B 517 24.05 3.51 -4.90
CA VAL B 517 23.92 3.11 -6.29
C VAL B 517 22.44 3.10 -6.64
N ASN B 518 22.08 3.78 -7.72
CA ASN B 518 20.70 3.90 -8.15
C ASN B 518 20.47 3.09 -9.42
N THR B 519 19.39 2.32 -9.42
CA THR B 519 18.95 1.61 -10.62
C THR B 519 17.80 2.38 -11.25
N HIS B 520 17.91 2.60 -12.56
CA HIS B 520 16.91 3.41 -13.28
C HIS B 520 16.38 2.67 -14.49
N GLN B 528 4.63 -4.17 -10.88
CA GLN B 528 4.01 -5.34 -10.26
C GLN B 528 4.22 -6.58 -11.12
N THR B 529 5.48 -6.96 -11.31
CA THR B 529 5.84 -8.11 -12.12
C THR B 529 6.97 -8.86 -11.44
N GLU B 530 7.36 -10.00 -12.01
CA GLU B 530 8.51 -10.74 -11.50
C GLU B 530 9.78 -9.92 -11.61
N ARG B 531 9.89 -9.07 -12.63
CA ARG B 531 11.06 -8.21 -12.74
C ARG B 531 11.15 -7.26 -11.55
N ALA B 532 10.03 -6.67 -11.16
CA ALA B 532 10.04 -5.73 -10.02
C ALA B 532 10.43 -6.44 -8.73
N ASP B 533 9.94 -7.65 -8.53
CA ASP B 533 10.35 -8.44 -7.37
C ASP B 533 11.85 -8.73 -7.40
N MET B 534 12.34 -9.20 -8.55
CA MET B 534 13.69 -9.76 -8.58
C MET B 534 14.77 -8.70 -8.43
N MET B 535 14.57 -7.52 -9.02
CA MET B 535 15.62 -6.51 -8.95
C MET B 535 15.75 -5.89 -7.57
N ARG B 536 14.73 -6.04 -6.72
CA ARG B 536 14.75 -5.48 -5.38
C ARG B 536 15.29 -6.45 -4.33
N ARG B 537 15.54 -7.71 -4.70
CA ARG B 537 15.96 -8.71 -3.74
C ARG B 537 17.41 -8.49 -3.35
N VAL B 538 17.84 -9.27 -2.35
CA VAL B 538 19.26 -9.35 -2.00
C VAL B 538 19.85 -10.45 -2.88
N HIS B 539 20.49 -10.05 -3.96
CA HIS B 539 21.08 -11.03 -4.88
C HIS B 539 22.32 -11.65 -4.25
N ALA B 540 22.55 -12.91 -4.61
CA ALA B 540 23.66 -13.65 -4.03
C ALA B 540 25.03 -13.14 -4.46
N SER B 541 25.09 -12.27 -5.46
CA SER B 541 26.33 -11.63 -5.87
C SER B 541 26.62 -10.36 -5.09
N TYR B 542 25.67 -9.88 -4.28
CA TYR B 542 25.88 -8.67 -3.49
C TYR B 542 26.99 -8.79 -2.46
N PRO B 543 27.09 -9.87 -1.64
CA PRO B 543 27.96 -9.83 -0.45
C PRO B 543 29.37 -9.34 -0.69
N GLY B 544 29.73 -8.25 -0.01
CA GLY B 544 31.02 -7.64 -0.12
C GLY B 544 31.07 -6.44 -1.05
N TYR B 545 30.09 -6.31 -1.93
CA TYR B 545 30.03 -5.20 -2.88
C TYR B 545 28.84 -4.30 -2.63
N ILE B 546 27.68 -4.87 -2.37
CA ILE B 546 26.49 -4.12 -2.01
C ILE B 546 26.11 -4.55 -0.59
N CYS B 547 25.82 -3.57 0.26
CA CYS B 547 25.40 -3.86 1.62
C CYS B 547 24.13 -4.69 1.60
N VAL B 548 24.18 -5.86 2.24
CA VAL B 548 23.03 -6.77 2.25
C VAL B 548 21.89 -6.23 3.09
N ALA B 549 22.12 -5.19 3.89
CA ALA B 549 21.09 -4.60 4.73
C ALA B 549 20.51 -3.33 4.15
N GLN B 550 21.36 -2.43 3.66
CA GLN B 550 20.93 -1.08 3.32
C GLN B 550 19.96 -1.09 2.15
N SER B 551 18.77 -0.56 2.37
CA SER B 551 17.77 -0.28 1.35
C SER B 551 16.68 0.55 2.02
N ALA B 552 15.80 1.10 1.20
CA ALA B 552 14.61 1.75 1.74
C ALA B 552 13.71 0.69 2.38
N ASP B 553 13.07 1.06 3.49
CA ASP B 553 12.18 0.16 4.20
C ASP B 553 10.71 0.39 3.88
N THR B 554 10.38 1.44 3.14
CA THR B 554 8.99 1.78 2.86
C THR B 554 8.90 2.36 1.45
N GLY B 555 7.79 2.08 0.78
CA GLY B 555 7.56 2.60 -0.55
C GLY B 555 8.20 1.75 -1.64
N GLU B 556 8.08 2.26 -2.87
CA GLU B 556 8.61 1.57 -4.03
C GLU B 556 10.13 1.63 -4.12
N LYS B 557 10.79 2.38 -3.24
CA LYS B 557 12.24 2.49 -3.24
C LYS B 557 12.94 1.33 -2.53
N VAL B 558 12.19 0.37 -2.00
CA VAL B 558 12.82 -0.80 -1.39
C VAL B 558 13.66 -1.52 -2.43
N GLY B 559 14.94 -1.70 -2.13
CA GLY B 559 15.86 -2.33 -3.05
C GLY B 559 16.21 -1.52 -4.27
N MET B 560 15.56 -0.36 -4.49
CA MET B 560 15.96 0.51 -5.58
C MET B 560 17.24 1.26 -5.27
N SER B 561 17.52 1.47 -3.98
CA SER B 561 18.75 2.13 -3.56
C SER B 561 19.70 1.06 -3.03
N LYS B 562 20.91 1.05 -3.57
CA LYS B 562 21.95 0.12 -3.13
C LYS B 562 23.15 0.93 -2.64
N GLN B 563 23.72 0.48 -1.54
CA GLN B 563 24.88 1.12 -0.94
C GLN B 563 26.08 0.20 -1.04
N LEU B 564 27.24 0.76 -1.35
CA LEU B 564 28.46 -0.02 -1.38
C LEU B 564 28.74 -0.60 0.01
N ALA B 565 29.25 -1.82 0.04
CA ALA B 565 29.74 -2.37 1.29
C ALA B 565 30.97 -1.60 1.74
N ILE B 566 31.41 -1.89 2.95
CA ILE B 566 32.41 -1.04 3.61
C ILE B 566 33.72 -1.03 2.83
N THR B 567 34.17 -2.20 2.36
CA THR B 567 35.42 -2.29 1.62
C THR B 567 35.24 -2.15 0.12
N ALA B 568 34.00 -2.07 -0.37
CA ALA B 568 33.76 -2.02 -1.80
C ALA B 568 34.18 -0.69 -2.38
N ASN B 569 34.86 -0.75 -3.53
CA ASN B 569 35.31 0.42 -4.26
C ASN B 569 34.79 0.32 -5.68
N VAL B 570 34.98 1.38 -6.46
CA VAL B 570 34.63 1.42 -7.87
C VAL B 570 35.91 1.59 -8.67
N CYS B 571 36.11 0.72 -9.65
CA CYS B 571 37.33 0.72 -10.44
C CYS B 571 37.34 1.84 -11.47
N THR B 572 38.54 2.30 -11.78
CA THR B 572 38.77 3.18 -12.92
C THR B 572 39.29 2.36 -14.10
N ALA B 573 39.11 2.92 -15.29
CA ALA B 573 39.58 2.23 -16.49
C ALA B 573 41.08 2.02 -16.43
N GLY B 574 41.50 0.76 -16.56
CA GLY B 574 42.90 0.43 -16.57
C GLY B 574 43.50 0.55 -17.95
N GLU B 575 44.80 0.28 -18.03
CA GLU B 575 45.53 0.34 -19.29
C GLU B 575 45.18 -0.92 -20.07
N VAL B 576 44.12 -0.82 -20.87
CA VAL B 576 43.69 -1.96 -21.68
C VAL B 576 44.75 -2.33 -22.70
N LEU B 577 45.34 -1.32 -23.35
CA LEU B 577 46.25 -1.60 -24.46
C LEU B 577 47.50 -2.32 -23.99
N SER B 578 48.06 -1.94 -22.83
CA SER B 578 49.27 -2.59 -22.36
C SER B 578 49.05 -4.08 -22.13
N LEU B 579 47.99 -4.43 -21.41
CA LEU B 579 47.68 -5.83 -21.18
C LEU B 579 47.31 -6.54 -22.47
N LYS B 580 46.65 -5.83 -23.40
CA LYS B 580 46.29 -6.44 -24.67
C LYS B 580 47.54 -6.83 -25.47
N GLN B 581 48.53 -5.94 -25.53
CA GLN B 581 49.78 -6.28 -26.22
C GLN B 581 50.54 -7.38 -25.48
N ARG B 582 50.46 -7.39 -24.15
CA ARG B 582 51.10 -8.48 -23.41
C ARG B 582 50.43 -9.82 -23.72
N LEU B 583 49.11 -9.82 -23.85
CA LEU B 583 48.38 -11.03 -24.18
C LEU B 583 48.70 -11.50 -25.59
N LEU B 584 48.70 -10.57 -26.55
CA LEU B 584 48.99 -10.93 -27.93
C LEU B 584 50.40 -11.45 -28.08
N SER B 585 51.37 -10.80 -27.43
CA SER B 585 52.75 -11.26 -27.48
C SER B 585 52.98 -12.52 -26.67
N ASP B 586 52.00 -12.96 -25.88
CA ASP B 586 52.18 -14.16 -25.09
C ASP B 586 52.25 -15.37 -26.00
N PRO B 587 53.30 -16.21 -25.88
CA PRO B 587 53.37 -17.42 -26.71
C PRO B 587 52.26 -18.43 -26.42
N ALA B 588 51.60 -18.34 -25.27
CA ALA B 588 50.54 -19.27 -24.92
C ALA B 588 49.19 -18.90 -25.54
N ILE B 589 49.10 -17.77 -26.23
CA ILE B 589 47.87 -17.33 -26.86
C ILE B 589 48.07 -17.32 -28.37
N GLN B 590 47.15 -17.94 -29.09
CA GLN B 590 47.18 -18.01 -30.54
C GLN B 590 46.12 -17.09 -31.11
N GLN B 591 46.53 -16.20 -32.03
CA GLN B 591 45.65 -15.17 -32.53
C GLN B 591 44.51 -15.75 -33.35
N LEU B 592 43.52 -14.89 -33.61
CA LEU B 592 42.36 -15.32 -34.40
C LEU B 592 42.74 -15.66 -35.83
N ALA B 593 43.71 -14.95 -36.40
CA ALA B 593 44.16 -15.22 -37.76
C ALA B 593 44.91 -16.54 -37.89
N ASP B 594 45.26 -17.18 -36.77
CA ASP B 594 46.00 -18.43 -36.80
C ASP B 594 45.14 -19.65 -36.52
N VAL B 595 44.00 -19.49 -35.86
CA VAL B 595 43.14 -20.60 -35.49
C VAL B 595 41.77 -20.39 -36.12
N SER B 596 41.18 -21.47 -36.62
CA SER B 596 39.84 -21.45 -37.17
C SER B 596 38.86 -22.06 -36.18
N ASN B 597 37.57 -21.89 -36.46
CA ASN B 597 36.54 -22.45 -35.59
C ASN B 597 36.69 -23.95 -35.45
N LYS B 598 36.98 -24.63 -36.55
CA LYS B 598 37.21 -26.07 -36.50
C LYS B 598 38.37 -26.40 -35.58
N ASP B 599 39.46 -25.63 -35.66
CA ASP B 599 40.58 -25.81 -34.74
C ASP B 599 40.16 -25.51 -33.31
N ILE B 600 39.27 -24.54 -33.11
CA ILE B 600 38.84 -24.18 -31.76
C ILE B 600 38.13 -25.35 -31.12
N VAL B 601 37.15 -25.93 -31.81
CA VAL B 601 36.41 -27.04 -31.22
C VAL B 601 37.26 -28.29 -31.13
N ARG B 602 38.05 -28.58 -32.17
CA ARG B 602 38.78 -29.84 -32.22
C ARG B 602 39.89 -29.88 -31.18
N LYS B 603 40.72 -28.84 -31.11
CA LYS B 603 41.90 -28.85 -30.27
C LYS B 603 41.64 -28.37 -28.85
N GLY B 604 40.38 -28.11 -28.49
CA GLY B 604 40.05 -27.69 -27.14
C GLY B 604 40.61 -26.33 -26.77
N LEU B 605 40.52 -25.37 -27.67
CA LEU B 605 41.02 -24.02 -27.39
C LEU B 605 39.96 -23.20 -26.69
N ALA B 606 40.41 -22.33 -25.78
CA ALA B 606 39.53 -21.45 -25.04
C ALA B 606 39.63 -20.03 -25.58
N ARG B 607 38.50 -19.37 -25.75
CA ARG B 607 38.46 -18.03 -26.29
C ARG B 607 38.85 -17.02 -25.22
N VAL B 608 39.78 -16.14 -25.56
CA VAL B 608 40.31 -15.14 -24.64
C VAL B 608 39.74 -13.78 -25.00
N PHE B 609 39.15 -13.11 -24.03
CA PHE B 609 38.55 -11.80 -24.24
C PHE B 609 39.28 -10.77 -23.41
N ILE B 610 39.30 -9.53 -23.89
CA ILE B 610 39.74 -8.39 -23.10
C ILE B 610 38.69 -7.28 -23.25
N ASN B 611 38.09 -6.90 -22.14
CA ASN B 611 36.94 -5.99 -22.15
C ASN B 611 35.86 -6.45 -23.11
N GLY B 612 35.65 -7.76 -23.15
CA GLY B 612 34.64 -8.34 -24.01
C GLY B 612 35.03 -8.50 -25.46
N GLU B 613 36.26 -8.16 -25.82
CA GLU B 613 36.72 -8.23 -27.21
C GLU B 613 37.60 -9.47 -27.35
N TRP B 614 37.16 -10.40 -28.20
CA TRP B 614 37.81 -11.70 -28.32
C TRP B 614 39.11 -11.54 -29.10
N ILE B 615 40.22 -11.81 -28.43
CA ILE B 615 41.55 -11.71 -29.03
C ILE B 615 42.34 -12.97 -28.68
N GLY B 616 42.45 -13.88 -29.64
CA GLY B 616 43.30 -15.03 -29.43
C GLY B 616 42.55 -16.19 -28.79
N CYS B 617 43.23 -17.33 -28.74
CA CYS B 617 42.75 -18.52 -28.07
C CYS B 617 43.94 -19.21 -27.41
N CYS B 618 43.66 -19.99 -26.37
CA CYS B 618 44.70 -20.64 -25.61
C CYS B 618 44.41 -22.13 -25.48
N THR B 619 45.48 -22.90 -25.27
CA THR B 619 45.37 -24.34 -25.12
C THR B 619 44.91 -24.77 -23.73
N ASN B 620 44.91 -23.85 -22.76
CA ASN B 620 44.50 -24.19 -21.39
C ASN B 620 44.01 -22.92 -20.73
N ALA B 621 42.70 -22.80 -20.57
CA ALA B 621 42.11 -21.60 -19.97
C ALA B 621 42.53 -21.46 -18.52
N PHE B 622 42.53 -22.55 -17.77
CA PHE B 622 42.88 -22.50 -16.35
C PHE B 622 44.34 -22.08 -16.17
N GLU B 623 45.23 -22.62 -17.00
CA GLU B 623 46.64 -22.27 -16.90
C GLU B 623 46.86 -20.79 -17.17
N LEU B 624 46.22 -20.26 -18.23
CA LEU B 624 46.37 -18.85 -18.56
C LEU B 624 45.83 -17.98 -17.43
N ALA B 625 44.66 -18.32 -16.91
CA ALA B 625 44.08 -17.52 -15.82
C ALA B 625 44.97 -17.54 -14.59
N GLN B 626 45.50 -18.72 -14.23
CA GLN B 626 46.37 -18.79 -13.06
C GLN B 626 47.66 -18.02 -13.26
N ARG B 627 48.28 -18.14 -14.44
CA ARG B 627 49.52 -17.43 -14.69
C ARG B 627 49.31 -15.92 -14.60
N TYR B 628 48.22 -15.42 -15.19
CA TYR B 628 48.00 -14.00 -15.15
C TYR B 628 47.54 -13.53 -13.77
N ARG B 629 46.88 -14.39 -13.00
CA ARG B 629 46.55 -14.03 -11.63
C ARG B 629 47.81 -13.92 -10.78
N MET B 630 48.79 -14.79 -11.02
CA MET B 630 50.08 -14.65 -10.35
C MET B 630 50.78 -13.37 -10.77
N LEU B 631 50.76 -13.06 -12.07
CA LEU B 631 51.37 -11.82 -12.53
C LEU B 631 50.67 -10.61 -11.96
N ARG B 632 49.38 -10.72 -11.67
CA ARG B 632 48.66 -9.63 -11.01
C ARG B 632 49.01 -9.55 -9.54
N ARG B 633 49.22 -10.70 -8.89
CA ARG B 633 49.63 -10.71 -7.50
C ARG B 633 50.97 -10.02 -7.33
N GLU B 634 51.94 -10.32 -8.19
CA GLU B 634 53.22 -9.64 -8.10
C GLU B 634 53.11 -8.17 -8.44
N GLY B 635 52.35 -7.83 -9.49
CA GLY B 635 51.76 -6.51 -9.60
C GLY B 635 52.38 -5.50 -10.54
N LYS B 636 53.45 -5.83 -11.27
CA LYS B 636 53.99 -4.82 -12.17
C LYS B 636 53.40 -4.93 -13.57
N VAL B 637 53.47 -6.12 -14.18
CA VAL B 637 53.07 -6.25 -15.58
C VAL B 637 51.55 -6.28 -15.72
N VAL B 638 50.85 -6.77 -14.72
CA VAL B 638 49.39 -6.83 -14.73
C VAL B 638 48.88 -6.02 -13.55
N HIS B 639 48.02 -5.04 -13.81
CA HIS B 639 47.57 -4.14 -12.77
C HIS B 639 46.72 -4.90 -11.75
N PRO B 640 46.87 -4.60 -10.46
CA PRO B 640 46.10 -5.35 -9.44
C PRO B 640 44.59 -5.19 -9.56
N HIS B 641 44.11 -4.17 -10.25
CA HIS B 641 42.69 -3.95 -10.39
C HIS B 641 42.10 -4.59 -11.63
N THR B 642 42.89 -5.34 -12.40
CA THR B 642 42.35 -6.05 -13.54
C THR B 642 41.53 -7.26 -13.07
N THR B 643 40.49 -7.57 -13.84
CA THR B 643 39.62 -8.70 -13.56
C THR B 643 40.01 -9.85 -14.48
N ILE B 644 40.29 -11.01 -13.91
CA ILE B 644 40.65 -12.20 -14.66
C ILE B 644 39.64 -13.28 -14.30
N TYR B 645 38.67 -13.51 -15.19
CA TYR B 645 37.59 -14.45 -14.95
C TYR B 645 37.73 -15.63 -15.89
N TRP B 646 37.76 -16.84 -15.35
CA TRP B 646 37.82 -18.06 -16.13
C TRP B 646 36.47 -18.75 -16.04
N ASP B 647 35.83 -18.97 -17.18
CA ASP B 647 34.52 -19.61 -17.22
C ASP B 647 34.75 -21.10 -17.49
N SER B 648 34.69 -21.91 -16.44
CA SER B 648 34.90 -23.33 -16.59
C SER B 648 33.75 -24.03 -17.29
N MET B 649 32.62 -23.34 -17.47
CA MET B 649 31.46 -23.98 -18.06
C MET B 649 31.44 -23.84 -19.57
N VAL B 650 32.05 -22.80 -20.12
CA VAL B 650 32.17 -22.61 -21.56
C VAL B 650 33.61 -22.50 -22.02
N ASP B 651 34.58 -22.59 -21.11
CA ASP B 651 36.01 -22.54 -21.42
C ASP B 651 36.39 -21.22 -22.11
N GLU B 652 36.28 -20.16 -21.34
CA GLU B 652 36.73 -18.84 -21.77
C GLU B 652 37.50 -18.16 -20.65
N VAL B 653 38.45 -17.32 -21.02
CA VAL B 653 39.19 -16.48 -20.09
C VAL B 653 38.89 -15.04 -20.45
N GLU B 654 38.36 -14.28 -19.49
CA GLU B 654 37.98 -12.90 -19.70
C GLU B 654 38.87 -12.01 -18.85
N PHE B 655 39.47 -11.01 -19.48
CA PHE B 655 40.18 -9.95 -18.78
C PHE B 655 39.33 -8.69 -18.88
N TRP B 656 39.08 -8.05 -17.75
CA TRP B 656 38.25 -6.86 -17.71
C TRP B 656 39.01 -5.73 -17.05
N LEU B 657 39.04 -4.57 -17.70
CA LEU B 657 39.69 -3.38 -17.18
C LEU B 657 38.82 -2.15 -17.38
N ASP B 658 37.54 -2.32 -17.70
CA ASP B 658 36.70 -1.17 -17.94
C ASP B 658 36.35 -0.47 -16.62
N VAL B 659 36.01 0.81 -16.75
CA VAL B 659 35.56 1.56 -15.59
C VAL B 659 34.24 0.99 -15.09
N GLY B 660 33.96 1.23 -13.81
CA GLY B 660 32.69 0.88 -13.23
C GLY B 660 32.63 -0.47 -12.57
N ARG B 661 33.73 -1.22 -12.54
CA ARG B 661 33.76 -2.48 -11.81
C ARG B 661 33.74 -2.24 -10.32
N LEU B 662 32.99 -3.06 -9.61
CA LEU B 662 33.03 -3.06 -8.15
C LEU B 662 34.14 -3.98 -7.69
N THR B 663 35.05 -3.45 -6.87
CA THR B 663 36.15 -4.23 -6.34
C THR B 663 36.13 -4.19 -4.83
N ARG B 664 36.59 -5.27 -4.22
CA ARG B 664 36.85 -5.30 -2.79
C ARG B 664 38.13 -6.08 -2.56
N PRO B 665 38.93 -5.66 -1.59
CA PRO B 665 40.14 -6.42 -1.26
C PRO B 665 39.79 -7.66 -0.46
N LEU B 666 40.46 -8.76 -0.79
CA LEU B 666 40.26 -10.03 -0.12
C LEU B 666 41.60 -10.64 0.23
N LEU B 667 41.71 -11.16 1.44
CA LEU B 667 42.94 -11.81 1.87
C LEU B 667 43.08 -13.15 1.16
N ILE B 668 44.27 -13.42 0.65
CA ILE B 668 44.52 -14.62 -0.14
C ILE B 668 44.84 -15.78 0.79
N VAL B 669 44.29 -16.94 0.47
CA VAL B 669 44.55 -18.18 1.19
C VAL B 669 45.47 -19.04 0.34
N ASP B 670 46.52 -19.58 0.96
CA ASP B 670 47.51 -20.39 0.27
C ASP B 670 47.55 -21.80 0.84
N ASN B 671 47.66 -22.78 -0.04
CA ASN B 671 47.67 -24.19 0.34
C ASN B 671 49.06 -24.77 0.13
N ASN B 672 49.26 -25.97 0.68
CA ASN B 672 50.35 -26.84 0.29
C ASN B 672 49.86 -27.97 -0.62
N ILE B 673 48.89 -27.67 -1.48
CA ILE B 673 48.23 -28.72 -2.26
C ILE B 673 49.21 -29.40 -3.19
N GLU B 674 50.24 -28.69 -3.65
CA GLU B 674 51.24 -29.34 -4.49
C GLU B 674 52.05 -30.35 -3.68
N LYS B 675 52.55 -29.94 -2.51
CA LYS B 675 53.27 -30.86 -1.66
C LYS B 675 52.36 -31.97 -1.16
N TYR B 676 51.11 -31.64 -0.85
CA TYR B 676 50.14 -32.65 -0.44
C TYR B 676 49.96 -33.69 -1.54
N ASN B 677 49.83 -33.24 -2.79
CA ASN B 677 49.67 -34.17 -3.90
C ASN B 677 50.92 -35.03 -4.11
N GLN B 678 52.10 -34.42 -4.05
CA GLN B 678 53.33 -35.19 -4.21
C GLN B 678 53.46 -36.24 -3.12
N ALA B 679 53.17 -35.88 -1.88
CA ALA B 679 53.22 -36.86 -0.80
C ALA B 679 52.18 -37.94 -0.97
N CYS B 680 51.00 -37.61 -1.51
CA CYS B 680 50.01 -38.63 -1.80
C CYS B 680 50.53 -39.61 -2.84
N TYR B 681 51.19 -39.11 -3.88
CA TYR B 681 51.77 -40.00 -4.88
C TYR B 681 52.86 -40.88 -4.27
N LYS B 682 53.69 -40.30 -3.40
CA LYS B 682 54.73 -41.07 -2.74
C LYS B 682 54.13 -42.17 -1.87
N ALA B 683 53.09 -41.86 -1.12
CA ALA B 683 52.44 -42.86 -0.29
C ALA B 683 51.83 -43.96 -1.15
N ALA B 684 51.20 -43.59 -2.27
CA ALA B 684 50.62 -44.60 -3.16
C ALA B 684 51.70 -45.50 -3.74
N GLU B 685 52.83 -44.92 -4.15
CA GLU B 685 53.89 -45.74 -4.71
C GLU B 685 54.54 -46.63 -3.65
N ALA B 686 54.64 -46.15 -2.41
CA ALA B 686 55.13 -47.01 -1.34
C ALA B 686 54.17 -48.16 -1.07
N ARG B 687 52.86 -47.88 -1.10
CA ARG B 687 51.87 -48.94 -0.93
C ARG B 687 51.95 -49.96 -2.05
N LYS B 688 52.20 -49.50 -3.27
CA LYS B 688 52.33 -50.41 -4.41
C LYS B 688 53.63 -51.19 -4.36
N LYS B 689 54.68 -50.63 -3.76
CA LYS B 689 55.94 -51.36 -3.63
C LYS B 689 55.85 -52.44 -2.56
N GLY B 690 54.93 -52.30 -1.61
CA GLY B 690 54.71 -53.34 -0.62
C GLY B 690 55.05 -52.95 0.80
N ASP B 691 55.39 -51.68 1.02
CA ASP B 691 55.71 -51.22 2.37
C ASP B 691 54.45 -51.18 3.23
N LYS B 692 54.60 -51.58 4.49
CA LYS B 692 53.47 -51.58 5.41
C LYS B 692 53.12 -50.19 5.92
N ASP B 693 54.10 -49.29 5.99
CA ASP B 693 53.92 -47.96 6.56
C ASP B 693 53.85 -46.88 5.49
N TRP B 694 53.21 -47.18 4.36
CA TRP B 694 53.05 -46.19 3.30
C TRP B 694 52.26 -44.96 3.74
N GLU B 695 51.44 -45.09 4.78
CA GLU B 695 50.66 -43.96 5.25
C GLU B 695 51.53 -42.87 5.84
N LYS B 696 52.70 -43.23 6.37
CA LYS B 696 53.59 -42.23 6.96
C LYS B 696 54.12 -41.25 5.92
N HIS B 697 53.99 -41.57 4.63
CA HIS B 697 54.45 -40.67 3.59
C HIS B 697 53.46 -39.53 3.35
N LYS B 698 52.23 -39.66 3.82
CA LYS B 698 51.25 -38.60 3.66
C LYS B 698 51.55 -37.46 4.62
N ILE B 699 51.42 -36.23 4.14
CA ILE B 699 51.60 -35.04 4.96
C ILE B 699 50.23 -34.42 5.21
N PRO B 700 50.04 -33.74 6.34
CA PRO B 700 48.76 -33.04 6.54
C PRO B 700 48.64 -31.86 5.60
N PHE B 701 47.43 -31.66 5.09
CA PHE B 701 47.12 -30.49 4.29
C PHE B 701 47.09 -29.25 5.18
N ILE B 702 47.65 -28.14 4.69
CA ILE B 702 47.67 -26.90 5.43
C ILE B 702 47.22 -25.77 4.51
N GLN B 703 46.28 -24.97 4.98
CA GLN B 703 45.84 -23.77 4.27
C GLN B 703 45.72 -22.62 5.26
N ASN B 704 46.12 -21.44 4.82
CA ASN B 704 46.14 -20.30 5.72
C ASN B 704 46.17 -19.02 4.88
N THR B 705 45.92 -17.90 5.55
CA THR B 705 46.19 -16.60 4.99
C THR B 705 47.54 -16.12 5.52
N ARG B 706 48.20 -15.27 4.74
CA ARG B 706 49.48 -14.74 5.15
C ARG B 706 49.36 -13.55 6.08
N PHE B 707 48.14 -13.08 6.33
CA PHE B 707 47.91 -12.02 7.29
C PHE B 707 48.26 -12.50 8.69
N THR B 708 49.15 -11.78 9.37
CA THR B 708 49.55 -12.10 10.72
C THR B 708 49.11 -11.00 11.68
N PRO B 709 49.04 -11.28 12.99
CA PRO B 709 48.68 -10.22 13.94
C PRO B 709 49.62 -9.03 13.91
N GLN B 710 50.88 -9.25 13.53
CA GLN B 710 51.80 -8.14 13.37
C GLN B 710 51.32 -7.16 12.31
N MET B 711 50.79 -7.68 11.20
CA MET B 711 50.26 -6.81 10.16
C MET B 711 49.06 -6.03 10.66
N ALA B 712 48.22 -6.65 11.49
CA ALA B 712 47.10 -5.94 12.09
C ALA B 712 47.58 -4.79 12.97
N LYS B 713 48.60 -5.05 13.80
CA LYS B 713 49.16 -3.99 14.62
C LYS B 713 49.73 -2.88 13.77
N ASP B 714 50.46 -3.23 12.71
CA ASP B 714 51.06 -2.23 11.83
C ASP B 714 49.99 -1.39 11.14
N ILE B 715 48.88 -2.02 10.74
CA ILE B 715 47.78 -1.26 10.15
C ILE B 715 47.22 -0.28 11.17
N LEU B 716 47.01 -0.76 12.41
CA LEU B 716 46.52 0.14 13.45
C LEU B 716 47.55 1.22 13.77
N ALA B 717 48.84 0.85 13.78
CA ALA B 717 49.89 1.83 13.99
C ALA B 717 50.04 2.80 12.82
N GLY B 718 49.39 2.53 11.69
CA GLY B 718 49.45 3.39 10.53
C GLY B 718 50.63 3.13 9.61
N THR B 719 51.56 2.25 10.00
CA THR B 719 52.76 2.00 9.21
C THR B 719 52.53 1.01 8.07
N LEU B 720 51.39 0.34 8.02
CA LEU B 720 51.06 -0.57 6.94
C LEU B 720 49.76 -0.12 6.28
N THR B 721 49.77 0.01 4.97
CA THR B 721 48.60 0.40 4.20
C THR B 721 48.13 -0.78 3.35
N LEU B 722 46.93 -0.62 2.78
CA LEU B 722 46.40 -1.66 1.92
C LEU B 722 47.28 -1.88 0.69
N GLU B 723 47.91 -0.83 0.19
CA GLU B 723 48.78 -0.96 -0.96
C GLU B 723 49.98 -1.86 -0.65
N ASP B 724 50.54 -1.76 0.55
CA ASP B 724 51.63 -2.63 0.93
C ASP B 724 51.17 -4.08 1.02
N LEU B 725 49.96 -4.31 1.54
CA LEU B 725 49.43 -5.67 1.61
C LEU B 725 49.20 -6.25 0.22
N VAL B 726 48.71 -5.44 -0.72
CA VAL B 726 48.54 -5.90 -2.09
C VAL B 726 49.88 -6.21 -2.71
N ALA B 727 50.83 -5.29 -2.58
CA ALA B 727 52.14 -5.47 -3.20
C ALA B 727 52.91 -6.64 -2.59
N GLN B 728 52.60 -7.00 -1.35
CA GLN B 728 53.23 -8.16 -0.73
C GLN B 728 52.53 -9.46 -1.05
N GLY B 729 51.46 -9.43 -1.83
CA GLY B 729 50.72 -10.64 -2.14
C GLY B 729 49.91 -11.19 -0.99
N ILE B 730 49.57 -10.35 -0.01
CA ILE B 730 48.75 -10.79 1.11
C ILE B 730 47.29 -10.76 0.74
N CYS B 731 46.85 -9.70 0.06
CA CYS B 731 45.47 -9.54 -0.34
C CYS B 731 45.44 -9.08 -1.79
N GLU B 732 44.30 -9.31 -2.44
CA GLU B 732 44.12 -8.89 -3.82
C GLU B 732 42.68 -8.42 -4.03
N PHE B 733 42.49 -7.60 -5.05
CA PHE B 733 41.18 -7.06 -5.36
C PHE B 733 40.38 -8.05 -6.18
N ILE B 734 39.11 -8.23 -5.83
CA ILE B 734 38.22 -9.18 -6.48
C ILE B 734 36.95 -8.45 -6.86
N THR B 735 36.53 -8.61 -8.06
CA THR B 735 35.35 -8.15 -8.75
C THR B 735 34.27 -9.24 -8.71
N PRO B 736 32.98 -8.92 -8.81
CA PRO B 736 31.99 -10.01 -8.87
C PRO B 736 32.25 -11.02 -9.97
N GLU B 737 32.72 -10.57 -11.13
CA GLU B 737 33.15 -11.48 -12.18
C GLU B 737 34.17 -12.48 -11.66
N GLU B 738 35.22 -11.98 -11.02
CA GLU B 738 36.21 -12.87 -10.44
C GLU B 738 35.71 -13.53 -9.16
N ALA B 739 34.77 -12.89 -8.46
CA ALA B 739 34.20 -13.51 -7.27
C ALA B 739 33.52 -14.82 -7.61
N GLU B 740 32.99 -14.94 -8.83
CA GLU B 740 32.45 -16.24 -9.24
C GLU B 740 33.53 -17.31 -9.38
N ASN B 741 34.80 -16.95 -9.35
CA ASN B 741 35.90 -17.90 -9.40
C ASN B 741 36.54 -18.14 -8.04
N CYS B 742 35.98 -17.59 -6.96
CA CYS B 742 36.61 -17.62 -5.66
C CYS B 742 35.81 -18.50 -4.70
N LEU B 743 36.52 -19.25 -3.87
CA LEU B 743 35.94 -19.94 -2.73
C LEU B 743 36.44 -19.21 -1.50
N VAL B 744 35.55 -18.47 -0.85
CA VAL B 744 35.92 -17.51 0.19
C VAL B 744 35.49 -18.07 1.54
N ALA B 745 36.44 -18.12 2.47
CA ALA B 745 36.11 -18.42 3.86
C ALA B 745 35.50 -17.18 4.49
N PHE B 746 34.33 -17.33 5.09
CA PHE B 746 33.60 -16.15 5.51
C PHE B 746 34.26 -15.44 6.68
N SER B 747 35.16 -16.09 7.39
CA SER B 747 35.91 -15.46 8.47
C SER B 747 37.16 -16.26 8.74
N ILE B 748 38.06 -15.68 9.54
CA ILE B 748 39.28 -16.38 9.93
C ILE B 748 38.95 -17.58 10.81
N ILE B 749 37.80 -17.58 11.48
CA ILE B 749 37.38 -18.75 12.24
C ILE B 749 37.09 -19.92 11.32
N GLU B 750 36.40 -19.66 10.21
CA GLU B 750 36.11 -20.72 9.26
C GLU B 750 37.38 -21.21 8.57
N LEU B 751 38.29 -20.30 8.24
CA LEU B 751 39.56 -20.71 7.66
C LEU B 751 40.36 -21.56 8.63
N ARG B 752 40.38 -21.17 9.90
CA ARG B 752 41.14 -21.91 10.90
C ARG B 752 40.49 -23.26 11.20
N LYS B 753 39.16 -23.34 11.14
CA LYS B 753 38.48 -24.61 11.34
C LYS B 753 38.86 -25.62 10.27
N HIS B 754 38.92 -25.18 9.01
CA HIS B 754 39.33 -26.03 7.90
C HIS B 754 40.81 -25.91 7.58
N LYS B 755 41.63 -25.63 8.59
CA LYS B 755 43.06 -25.47 8.38
C LYS B 755 43.67 -26.68 7.71
N HIS B 756 43.14 -27.87 8.00
CA HIS B 756 43.68 -29.12 7.47
C HIS B 756 42.63 -29.91 6.70
N ASP B 757 41.61 -29.24 6.18
CA ASP B 757 40.56 -29.88 5.39
C ASP B 757 40.89 -29.71 3.92
N VAL B 758 41.34 -30.80 3.29
CA VAL B 758 41.70 -30.77 1.87
C VAL B 758 40.47 -30.78 0.97
N THR B 759 39.30 -31.08 1.52
CA THR B 759 38.06 -31.08 0.75
C THR B 759 37.42 -29.70 0.67
N ARG B 760 37.86 -28.74 1.47
CA ARG B 760 37.34 -27.38 1.46
C ARG B 760 38.55 -26.45 1.39
N ARG B 761 39.02 -26.19 0.18
CA ARG B 761 40.23 -25.39 -0.04
C ARG B 761 39.81 -24.00 -0.52
N PHE B 762 40.01 -23.02 0.33
CA PHE B 762 39.59 -21.66 0.04
C PHE B 762 40.64 -20.93 -0.78
N THR B 763 40.18 -20.03 -1.64
CA THR B 763 41.08 -19.15 -2.36
C THR B 763 41.30 -17.84 -1.62
N HIS B 764 40.31 -17.40 -0.84
CA HIS B 764 40.39 -16.17 -0.08
C HIS B 764 39.65 -16.39 1.23
N VAL B 765 39.95 -15.52 2.19
CA VAL B 765 39.26 -15.51 3.48
C VAL B 765 38.72 -14.11 3.72
N ASP B 766 37.46 -14.04 4.10
CA ASP B 766 36.76 -12.77 4.23
C ASP B 766 36.80 -12.27 5.66
N VAL B 767 36.50 -10.99 5.81
CA VAL B 767 36.23 -10.36 7.09
C VAL B 767 34.74 -10.09 7.16
N PRO B 768 34.01 -10.67 8.11
CA PRO B 768 32.54 -10.66 8.03
C PRO B 768 31.94 -9.28 7.97
N GLN B 769 32.60 -8.28 8.56
CA GLN B 769 32.08 -6.92 8.53
C GLN B 769 32.07 -6.33 7.13
N ALA B 770 32.83 -6.91 6.20
CA ALA B 770 32.92 -6.38 4.84
C ALA B 770 31.62 -6.51 4.08
N ILE B 771 30.67 -7.33 4.54
CA ILE B 771 29.40 -7.50 3.84
C ILE B 771 28.40 -6.41 4.17
N LEU B 772 28.75 -5.45 5.01
CA LEU B 772 27.86 -4.38 5.41
C LEU B 772 28.45 -3.04 4.98
N GLY B 773 27.58 -2.04 4.85
CA GLY B 773 28.00 -0.68 4.61
C GLY B 773 28.20 0.09 5.91
N LEU B 774 28.50 1.38 5.76
CA LEU B 774 28.70 2.22 6.94
C LEU B 774 27.42 2.35 7.76
N ALA B 775 26.28 2.59 7.11
CA ALA B 775 25.04 2.76 7.85
C ALA B 775 24.64 1.49 8.57
N ALA B 776 24.84 0.34 7.93
CA ALA B 776 24.53 -0.93 8.59
C ALA B 776 25.52 -1.22 9.71
N LEU B 777 26.78 -0.84 9.54
CA LEU B 777 27.78 -1.07 10.57
C LEU B 777 27.62 -0.14 11.76
N VAL B 778 26.77 0.88 11.68
CA VAL B 778 26.49 1.71 12.84
C VAL B 778 25.78 0.90 13.91
N SER B 779 24.85 0.04 13.50
CA SER B 779 24.11 -0.81 14.41
C SER B 779 25.05 -1.75 15.16
N PRO B 780 25.04 -1.75 16.49
CA PRO B 780 25.88 -2.70 17.22
C PRO B 780 25.19 -4.05 17.35
N TYR B 781 25.99 -5.12 17.25
CA TYR B 781 25.46 -6.48 17.30
C TYR B 781 24.34 -6.66 16.28
N ALA B 782 24.61 -6.22 15.05
CA ALA B 782 23.60 -6.29 14.00
C ALA B 782 23.26 -7.74 13.65
N ASN B 783 24.23 -8.65 13.79
CA ASN B 783 23.96 -10.06 13.51
C ASN B 783 23.16 -10.71 14.63
N CYS B 784 23.05 -10.07 15.78
CA CYS B 784 22.16 -10.54 16.84
C CYS B 784 20.75 -10.00 16.67
N THR B 785 20.53 -9.13 15.69
CA THR B 785 19.24 -8.53 15.41
C THR B 785 18.66 -9.14 14.14
N GLN B 786 17.34 -9.03 14.00
CA GLN B 786 16.72 -9.39 12.74
C GLN B 786 17.27 -8.49 11.64
N PRO B 787 17.68 -9.04 10.50
CA PRO B 787 18.31 -8.21 9.47
C PRO B 787 17.42 -7.09 8.95
N ALA B 788 16.10 -7.29 8.94
CA ALA B 788 15.20 -6.21 8.52
C ALA B 788 15.35 -5.00 9.42
N ARG B 789 15.57 -5.22 10.72
CA ARG B 789 15.83 -4.10 11.62
C ARG B 789 17.15 -3.43 11.29
N VAL B 790 18.14 -4.17 10.78
CA VAL B 790 19.38 -3.55 10.36
C VAL B 790 19.16 -2.68 9.14
N THR B 791 18.27 -3.11 8.23
CA THR B 791 17.87 -2.25 7.12
C THR B 791 17.18 -0.98 7.63
N TYR B 792 16.30 -1.14 8.62
CA TYR B 792 15.68 0.02 9.25
C TYR B 792 16.72 0.96 9.82
N GLU B 793 17.78 0.41 10.42
CA GLU B 793 18.87 1.23 10.93
C GLU B 793 19.59 1.96 9.81
N THR B 794 19.87 1.26 8.71
CA THR B 794 20.50 1.92 7.56
C THR B 794 19.67 3.12 7.11
N ASN B 795 18.35 2.99 7.13
CA ASN B 795 17.51 4.13 6.78
C ASN B 795 17.60 5.23 7.85
N GLN B 796 17.44 4.87 9.11
CA GLN B 796 17.29 5.85 10.18
C GLN B 796 18.61 6.50 10.59
N GLY B 797 19.73 5.79 10.42
CA GLY B 797 21.01 6.38 10.77
C GLY B 797 21.36 7.60 9.94
N ARG B 798 20.79 7.72 8.75
CA ARG B 798 21.10 8.80 7.83
C ARG B 798 20.12 9.97 7.92
N GLN B 799 19.19 9.95 8.88
CA GLN B 799 18.25 11.05 9.04
C GLN B 799 18.24 11.57 10.48
N THR B 800 19.37 11.47 11.16
CA THR B 800 19.51 11.88 12.55
C THR B 800 20.27 13.19 12.63
N GLY B 801 19.83 14.07 13.55
CA GLY B 801 20.50 15.34 13.73
C GLY B 801 21.86 15.20 14.39
N GLY B 802 22.63 16.28 14.32
CA GLY B 802 23.98 16.30 14.87
C GLY B 802 24.77 17.45 14.31
N TRP B 803 26.08 17.31 14.30
CA TRP B 803 26.98 18.27 13.66
C TRP B 803 26.97 17.99 12.17
N TYR B 804 25.88 18.39 11.52
CA TYR B 804 25.66 18.03 10.12
C TYR B 804 26.75 18.58 9.20
N CYS B 805 27.30 19.74 9.54
CA CYS B 805 28.37 20.33 8.74
C CYS B 805 29.19 21.24 9.65
N PHE B 806 30.50 20.99 9.73
CA PHE B 806 31.35 21.75 10.64
C PHE B 806 31.49 23.21 10.23
N SER B 807 31.11 23.57 9.01
CA SER B 807 31.06 24.96 8.57
C SER B 807 29.64 25.52 8.60
N TRP B 808 28.81 25.06 9.55
CA TRP B 808 27.42 25.49 9.59
C TRP B 808 27.23 27.00 9.73
N PRO B 809 27.96 27.74 10.58
CA PRO B 809 27.63 29.17 10.72
C PRO B 809 28.00 29.99 9.49
N TYR B 810 29.06 29.62 8.79
CA TYR B 810 29.39 30.32 7.55
C TYR B 810 28.37 30.04 6.47
N ARG B 811 27.87 28.82 6.41
CA ARG B 811 26.89 28.44 5.41
C ARG B 811 25.51 29.01 5.74
N VAL B 812 24.72 29.24 4.70
CA VAL B 812 23.30 29.54 4.83
C VAL B 812 22.55 28.31 4.36
N ASP B 813 21.80 27.69 5.25
CA ASP B 813 21.21 26.39 5.00
C ASP B 813 19.70 26.45 5.18
N MET B 814 19.02 25.49 4.56
CA MET B 814 17.58 25.32 4.69
C MET B 814 17.29 23.94 5.25
N ASN B 815 16.44 23.89 6.28
CA ASN B 815 16.02 22.63 6.89
C ASN B 815 17.20 21.80 7.37
N ARG B 816 18.22 22.45 7.91
CA ARG B 816 19.38 21.78 8.47
C ARG B 816 19.39 21.98 9.97
N PHE B 817 19.53 20.88 10.71
CA PHE B 817 19.45 20.89 12.16
C PHE B 817 20.83 20.59 12.73
N PHE B 818 21.33 21.50 13.56
CA PHE B 818 22.61 21.33 14.24
C PHE B 818 22.33 21.03 15.70
N GLN B 819 22.72 19.84 16.14
CA GLN B 819 22.52 19.40 17.51
C GLN B 819 23.76 19.71 18.33
N PHE B 820 23.56 20.41 19.46
CA PHE B 820 24.69 20.92 20.22
C PHE B 820 25.56 19.81 20.78
N TYR B 821 24.95 18.83 21.42
CA TYR B 821 25.67 17.79 22.15
C TYR B 821 25.61 16.46 21.42
N ASN B 822 26.77 15.85 21.23
CA ASN B 822 26.86 14.52 20.67
C ASN B 822 27.78 13.70 21.57
N GLU B 823 27.51 12.41 21.62
CA GLU B 823 28.28 11.50 22.45
C GLU B 823 28.78 10.33 21.60
N MET B 824 29.98 9.87 21.89
CA MET B 824 30.39 8.57 21.39
C MET B 824 29.53 7.50 22.04
N PRO B 825 29.06 6.51 21.27
CA PRO B 825 28.33 5.41 21.90
C PRO B 825 29.21 4.68 22.89
N LEU B 826 28.60 4.25 24.00
CA LEU B 826 29.32 3.42 24.95
C LEU B 826 29.71 2.09 24.32
N VAL B 827 28.83 1.54 23.51
CA VAL B 827 29.14 0.40 22.67
C VAL B 827 29.29 0.92 21.24
N LYS B 828 30.52 1.23 20.85
CA LYS B 828 30.78 1.77 19.53
C LYS B 828 31.04 0.65 18.54
N THR B 829 30.97 0.99 17.26
CA THR B 829 31.23 0.05 16.19
C THR B 829 32.34 0.61 15.30
N ILE B 830 32.74 -0.16 14.30
CA ILE B 830 33.79 0.28 13.39
C ILE B 830 33.36 1.48 12.56
N ALA B 831 32.06 1.70 12.41
CA ALA B 831 31.58 2.80 11.58
C ALA B 831 31.94 4.15 12.19
N HIS B 832 31.96 4.23 13.52
CA HIS B 832 32.19 5.49 14.19
C HIS B 832 33.64 5.96 14.12
N ASN B 833 34.54 5.11 13.60
CA ASN B 833 35.87 5.57 13.26
C ASN B 833 35.90 6.44 12.02
N TYR B 834 34.80 6.55 11.30
CA TYR B 834 34.76 7.26 10.03
C TYR B 834 33.62 8.24 9.91
N VAL B 835 32.59 8.16 10.74
CA VAL B 835 31.51 9.13 10.76
C VAL B 835 31.35 9.62 12.19
N ILE B 836 31.16 10.94 12.35
CA ILE B 836 31.03 11.50 13.69
C ILE B 836 29.79 10.93 14.36
N PRO B 837 29.89 10.41 15.58
CA PRO B 837 28.68 9.92 16.26
C PRO B 837 27.72 11.06 16.56
N ASN B 838 26.48 10.87 16.14
CA ASN B 838 25.39 11.78 16.47
C ASN B 838 24.33 11.04 17.26
N GLY B 839 23.84 11.67 18.32
CA GLY B 839 22.98 11.03 19.29
C GLY B 839 23.60 11.06 20.67
N LEU B 840 22.90 10.45 21.62
CA LEU B 840 23.31 10.48 23.01
C LEU B 840 23.15 9.11 23.63
N ASN B 841 23.96 8.84 24.65
CA ASN B 841 23.87 7.60 25.42
C ASN B 841 22.83 7.79 26.51
N THR B 842 21.57 7.85 26.08
CA THR B 842 20.48 8.03 27.03
C THR B 842 20.37 6.81 27.94
N ILE B 843 20.05 7.05 29.21
CA ILE B 843 19.67 5.98 30.11
C ILE B 843 18.22 5.62 29.81
N VAL B 844 17.97 4.36 29.50
CA VAL B 844 16.65 3.91 29.09
C VAL B 844 16.21 2.79 30.02
N ALA B 845 14.97 2.87 30.49
CA ALA B 845 14.36 1.81 31.28
C ALA B 845 13.37 1.07 30.40
N TYR B 846 13.55 -0.23 30.24
CA TYR B 846 12.64 -1.07 29.47
C TYR B 846 11.56 -1.55 30.43
N MET B 847 10.46 -0.81 30.47
CA MET B 847 9.46 -1.01 31.50
C MET B 847 8.14 -0.43 31.04
N ILE B 848 7.07 -0.89 31.68
CA ILE B 848 5.74 -0.30 31.51
C ILE B 848 5.59 0.78 32.56
N TYR B 849 5.29 2.00 32.11
CA TYR B 849 5.09 3.13 33.01
C TYR B 849 3.83 3.88 32.58
N GLY B 850 2.69 3.44 33.09
CA GLY B 850 1.43 4.14 32.86
C GLY B 850 0.84 3.99 31.48
N GLY B 851 1.42 3.15 30.62
CA GLY B 851 0.86 2.96 29.30
C GLY B 851 1.06 4.10 28.36
N TYR B 852 2.04 4.97 28.62
CA TYR B 852 2.29 6.13 27.78
C TYR B 852 3.34 5.86 26.71
N ASN B 853 4.01 4.71 26.76
CA ASN B 853 5.03 4.36 25.78
C ASN B 853 4.59 3.18 24.92
N GLN B 854 3.28 2.96 24.78
CA GLN B 854 2.77 1.85 24.00
C GLN B 854 2.81 2.15 22.51
N GLU B 855 2.88 1.08 21.72
CA GLU B 855 2.87 1.14 20.26
C GLU B 855 3.97 2.05 19.73
N ASP B 856 5.18 1.79 20.20
CA ASP B 856 6.40 2.49 19.74
C ASP B 856 6.41 3.94 20.18
N SER B 857 5.79 4.25 21.31
CA SER B 857 5.95 5.55 21.95
C SER B 857 7.06 5.48 22.98
N VAL B 858 7.52 6.65 23.41
CA VAL B 858 8.58 6.77 24.40
C VAL B 858 8.17 7.81 25.42
N ILE B 859 8.47 7.54 26.68
CA ILE B 859 8.37 8.55 27.73
C ILE B 859 9.75 9.15 27.92
N VAL B 860 9.85 10.47 27.84
CA VAL B 860 11.13 11.16 27.95
C VAL B 860 11.16 11.95 29.25
N SER B 861 12.35 12.08 29.80
CA SER B 861 12.54 12.94 30.97
C SER B 861 12.48 14.39 30.53
N GLN B 862 11.58 15.16 31.14
CA GLN B 862 11.48 16.58 30.83
C GLN B 862 12.76 17.31 31.21
N SER B 863 13.39 16.89 32.30
CA SER B 863 14.66 17.49 32.71
C SER B 863 15.75 17.20 31.68
N PHE B 864 15.75 15.99 31.13
CA PHE B 864 16.72 15.64 30.10
C PHE B 864 16.55 16.55 28.88
N ILE B 865 15.30 16.88 28.53
CA ILE B 865 15.05 17.83 27.46
C ILE B 865 15.56 19.21 27.83
N ASP B 866 15.27 19.64 29.06
CA ASP B 866 15.68 20.98 29.49
C ASP B 866 17.19 21.12 29.55
N ARG B 867 17.90 20.03 29.80
CA ARG B 867 19.33 20.09 30.01
C ARG B 867 20.11 20.10 28.70
N GLY B 868 19.43 20.07 27.57
CA GLY B 868 20.07 20.14 26.28
C GLY B 868 20.08 18.85 25.51
N GLY B 869 19.46 17.80 26.03
CA GLY B 869 19.42 16.53 25.33
C GLY B 869 18.65 16.60 24.03
N PHE B 870 19.34 16.35 22.92
CA PHE B 870 18.79 16.42 21.57
C PHE B 870 18.29 17.81 21.22
N ALA B 871 18.77 18.84 21.93
CA ALA B 871 18.48 20.21 21.57
C ALA B 871 19.43 20.67 20.48
N GLY B 872 18.99 21.68 19.73
CA GLY B 872 19.81 22.19 18.65
C GLY B 872 19.11 23.33 17.95
N THR B 873 19.74 23.80 16.88
CA THR B 873 19.25 24.94 16.13
C THR B 873 18.83 24.51 14.74
N PHE B 874 17.66 24.98 14.32
CA PHE B 874 17.10 24.73 13.01
C PHE B 874 17.16 26.01 12.20
N TYR B 875 17.57 25.90 10.94
CA TYR B 875 17.85 27.07 10.11
C TYR B 875 17.00 27.05 8.85
N ARG B 876 16.48 28.22 8.48
CA ARG B 876 15.76 28.40 7.23
C ARG B 876 16.31 29.63 6.52
N GLU B 877 16.39 29.54 5.20
CA GLU B 877 16.95 30.59 4.36
C GLU B 877 15.81 31.31 3.66
N GLU B 878 15.87 32.63 3.65
CA GLU B 878 14.94 33.45 2.89
C GLU B 878 15.74 34.22 1.86
N LYS B 879 15.57 33.87 0.59
CA LYS B 879 16.23 34.53 -0.52
C LYS B 879 15.18 35.09 -1.47
N VAL B 880 15.23 36.40 -1.69
CA VAL B 880 14.38 37.06 -2.68
C VAL B 880 15.26 37.92 -3.56
N GLU B 881 14.81 38.15 -4.78
CA GLU B 881 15.59 38.87 -5.78
C GLU B 881 14.80 40.06 -6.31
N LEU B 882 15.52 41.12 -6.66
CA LEU B 882 14.92 42.32 -7.21
C LEU B 882 14.53 42.12 -8.67
N SER B 888 13.05 47.56 -5.30
CA SER B 888 14.14 47.93 -4.41
C SER B 888 13.82 47.57 -2.96
N PHE B 889 14.86 47.28 -2.18
CA PHE B 889 14.69 46.95 -0.78
C PHE B 889 14.38 48.21 0.02
N GLY B 890 13.37 48.14 0.87
CA GLY B 890 12.96 49.28 1.68
C GLY B 890 11.56 49.12 2.24
N LYS B 891 11.32 49.69 3.41
CA LYS B 891 9.99 49.62 4.00
C LYS B 891 9.01 50.42 3.15
N PRO B 892 7.87 49.85 2.76
CA PRO B 892 6.91 50.61 1.96
C PRO B 892 6.39 51.81 2.71
N ASP B 893 6.15 52.88 1.96
CA ASP B 893 5.62 54.10 2.53
C ASP B 893 4.10 54.04 2.62
N PRO B 894 3.50 54.82 3.51
CA PRO B 894 2.03 54.81 3.62
C PRO B 894 1.32 55.25 2.35
N LEU B 895 2.01 55.86 1.40
CA LEU B 895 1.39 56.26 0.14
C LEU B 895 0.90 55.05 -0.65
N ILE B 896 1.56 53.90 -0.52
CA ILE B 896 1.15 52.71 -1.25
C ILE B 896 -0.23 52.25 -0.78
N THR B 897 -0.39 52.09 0.53
CA THR B 897 -1.67 51.78 1.17
C THR B 897 -2.39 50.59 0.54
N LYS B 898 -2.96 50.79 -0.66
CA LYS B 898 -3.88 49.82 -1.22
C LYS B 898 -3.21 48.47 -1.48
N ASN B 899 -1.98 48.49 -1.99
CA ASN B 899 -1.28 47.27 -2.36
C ASN B 899 -0.59 46.59 -1.19
N LEU B 900 -0.61 47.18 0.00
CA LEU B 900 0.05 46.59 1.16
C LEU B 900 -0.62 45.28 1.56
N LYS B 901 0.18 44.38 2.09
CA LYS B 901 -0.33 43.07 2.48
C LYS B 901 -1.34 43.22 3.61
N PRO B 902 -2.42 42.44 3.60
CA PRO B 902 -3.49 42.64 4.59
C PRO B 902 -3.02 42.19 5.98
N GLY B 903 -3.09 43.11 6.94
CA GLY B 903 -2.76 42.81 8.31
C GLY B 903 -1.30 42.57 8.59
N ALA B 904 -0.43 42.71 7.59
CA ALA B 904 1.00 42.51 7.80
C ALA B 904 1.55 43.59 8.70
N ASN B 905 2.52 43.20 9.54
CA ASN B 905 3.10 44.14 10.50
C ASN B 905 3.81 45.28 9.79
N TYR B 906 4.71 44.95 8.86
CA TYR B 906 5.49 45.92 8.09
C TYR B 906 6.43 46.74 8.98
N GLU B 907 6.37 46.52 10.29
CA GLU B 907 7.29 47.14 11.22
C GLU B 907 8.53 46.27 11.34
N LYS B 908 9.37 46.54 12.34
CA LYS B 908 10.59 45.78 12.60
C LYS B 908 11.49 45.71 11.38
N LEU B 909 11.41 46.72 10.52
CA LEU B 909 12.18 46.77 9.28
C LEU B 909 13.16 47.95 9.36
N VAL B 910 14.44 47.66 9.18
CA VAL B 910 15.47 48.68 9.09
C VAL B 910 16.26 48.45 7.83
N ASP B 911 16.36 49.49 6.99
CA ASP B 911 17.04 49.40 5.70
C ASP B 911 16.48 48.28 4.83
N GLY B 912 15.17 48.09 4.88
CA GLY B 912 14.49 47.11 4.06
C GLY B 912 14.50 45.70 4.60
N PHE B 913 15.28 45.42 5.65
CA PHE B 913 15.41 44.09 6.21
C PHE B 913 15.14 44.13 7.70
N VAL B 914 14.82 42.96 8.26
CA VAL B 914 14.68 42.82 9.70
C VAL B 914 16.07 42.79 10.33
N PRO B 915 16.31 43.51 11.43
CA PRO B 915 17.63 43.50 12.06
C PRO B 915 17.98 42.13 12.60
N VAL B 916 19.28 41.84 12.61
CA VAL B 916 19.77 40.59 13.19
C VAL B 916 19.45 40.55 14.67
N GLY B 917 18.88 39.45 15.13
CA GLY B 917 18.52 39.28 16.51
C GLY B 917 17.07 39.56 16.86
N THR B 918 16.22 39.77 15.86
CA THR B 918 14.82 40.11 16.10
C THR B 918 13.95 38.88 15.91
N VAL B 919 13.04 38.66 16.86
CA VAL B 919 12.15 37.52 16.81
C VAL B 919 10.96 37.86 15.91
N VAL B 920 10.85 37.16 14.79
CA VAL B 920 9.78 37.41 13.83
C VAL B 920 8.68 36.37 14.03
N LYS B 921 7.46 36.76 13.69
CA LYS B 921 6.28 35.93 13.86
C LYS B 921 5.55 35.84 12.53
N LYS B 922 4.39 35.17 12.56
CA LYS B 922 3.66 34.90 11.33
C LYS B 922 3.23 36.18 10.64
N GLY B 923 2.80 37.18 11.40
CA GLY B 923 2.32 38.41 10.79
C GLY B 923 3.39 39.38 10.35
N ASP B 924 4.64 39.14 10.73
CA ASP B 924 5.69 40.11 10.44
C ASP B 924 6.08 40.11 8.97
N ILE B 925 6.70 41.21 8.55
CA ILE B 925 7.22 41.36 7.19
C ILE B 925 8.74 41.35 7.27
N ILE B 926 9.36 40.48 6.47
CA ILE B 926 10.81 40.38 6.38
C ILE B 926 11.21 40.71 4.94
N ILE B 927 12.31 41.44 4.80
CA ILE B 927 12.80 41.87 3.50
C ILE B 927 11.73 42.67 2.76
N GLY B 928 11.54 43.92 3.15
CA GLY B 928 10.67 44.81 2.41
C GLY B 928 11.13 45.01 0.98
N LYS B 929 10.21 44.88 0.03
CA LYS B 929 10.55 45.04 -1.39
C LYS B 929 9.45 45.83 -2.09
N VAL B 930 9.86 46.76 -2.94
CA VAL B 930 8.92 47.59 -3.68
C VAL B 930 9.21 47.53 -5.18
N ASP B 945 3.44 46.90 -3.89
CA ASP B 945 4.07 46.14 -2.80
C ASP B 945 4.65 44.83 -3.30
N ARG B 946 5.85 44.51 -2.82
CA ARG B 946 6.51 43.26 -3.18
C ARG B 946 7.22 42.64 -1.99
N SER B 947 6.84 43.02 -0.77
CA SER B 947 7.52 42.56 0.43
C SER B 947 7.25 41.07 0.65
N VAL B 948 7.88 40.51 1.68
CA VAL B 948 7.88 39.08 1.93
C VAL B 948 7.26 38.82 3.30
N MET B 949 6.24 37.99 3.33
CA MET B 949 5.51 37.64 4.54
C MET B 949 6.14 36.39 5.14
N TYR B 950 6.36 36.40 6.46
CA TYR B 950 7.03 35.27 7.10
C TYR B 950 6.19 34.00 6.98
N GLY B 951 4.93 34.05 7.37
CA GLY B 951 4.00 32.98 7.07
C GLY B 951 4.07 31.76 7.99
N PHE B 952 5.27 31.36 8.40
CA PHE B 952 5.41 30.18 9.24
C PHE B 952 4.74 30.40 10.59
N ASP B 953 4.11 29.34 11.10
CA ASP B 953 3.47 29.43 12.40
C ASP B 953 4.49 29.48 13.54
N GLU B 954 5.61 28.79 13.39
CA GLU B 954 6.64 28.80 14.43
C GLU B 954 7.43 30.09 14.37
N PRO B 955 7.53 30.82 15.48
CA PRO B 955 8.35 32.04 15.48
C PRO B 955 9.82 31.73 15.27
N ALA B 956 10.52 32.70 14.69
CA ALA B 956 11.93 32.54 14.36
C ALA B 956 12.70 33.78 14.77
N VAL B 957 14.00 33.61 14.92
CA VAL B 957 14.93 34.70 15.19
C VAL B 957 15.80 34.90 13.97
N VAL B 958 15.95 36.15 13.55
CA VAL B 958 16.76 36.50 12.39
C VAL B 958 18.17 36.79 12.87
N ASP B 959 19.13 35.96 12.47
CA ASP B 959 20.54 36.40 12.56
C ASP B 959 21.24 36.07 11.24
N ALA B 960 20.95 36.87 10.21
CA ALA B 960 21.80 37.04 9.03
C ALA B 960 21.17 38.07 8.12
N VAL B 961 21.94 39.07 7.68
CA VAL B 961 21.45 39.96 6.64
C VAL B 961 22.60 40.18 5.66
N MET B 962 22.52 39.52 4.52
CA MET B 962 23.50 39.68 3.46
C MET B 962 22.85 40.37 2.27
N ARG B 963 23.68 40.90 1.38
CA ARG B 963 23.23 41.42 0.10
C ARG B 963 24.22 41.05 -0.98
N PRO B 964 24.37 39.75 -1.26
CA PRO B 964 25.35 39.31 -2.26
C PRO B 964 24.80 39.51 -3.66
N HIS B 965 25.72 39.41 -4.63
CA HIS B 965 25.39 39.61 -6.02
C HIS B 965 25.22 38.26 -6.71
N GLY B 966 24.15 38.13 -7.49
CA GLY B 966 23.85 36.90 -8.18
C GLY B 966 24.74 36.69 -9.38
N PRO B 967 24.46 35.63 -10.15
CA PRO B 967 25.32 35.32 -11.31
C PRO B 967 25.39 36.42 -12.34
N ASN B 968 24.39 37.29 -12.42
CA ASN B 968 24.42 38.46 -13.29
C ASN B 968 24.85 39.72 -12.54
N ASP B 969 25.48 39.57 -11.37
CA ASP B 969 25.94 40.69 -10.55
C ASP B 969 24.75 41.56 -10.10
N GLU B 970 23.71 40.90 -9.61
CA GLU B 970 22.51 41.57 -9.12
C GLU B 970 22.25 41.14 -7.68
N ILE B 971 21.91 42.11 -6.84
CA ILE B 971 21.76 41.86 -5.41
C ILE B 971 20.48 41.08 -5.13
N PHE B 972 20.46 40.41 -3.98
CA PHE B 972 19.29 39.66 -3.55
C PHE B 972 19.25 39.64 -2.02
N GLY B 973 18.18 39.06 -1.48
CA GLY B 973 17.92 39.13 -0.05
C GLY B 973 18.83 38.31 0.85
N LEU B 974 18.68 36.98 0.80
CA LEU B 974 19.49 36.05 1.60
C LEU B 974 19.46 36.41 3.09
N MET B 975 18.29 36.25 3.68
CA MET B 975 18.12 36.36 5.12
C MET B 975 18.00 34.96 5.72
N ARG B 976 18.84 34.68 6.72
CA ARG B 976 18.83 33.39 7.39
C ARG B 976 18.06 33.49 8.71
N LEU B 977 17.18 32.52 8.93
CA LEU B 977 16.33 32.47 10.11
C LEU B 977 16.75 31.32 11.02
N ARG B 978 16.73 31.57 12.32
CA ARG B 978 17.20 30.62 13.33
C ARG B 978 16.05 30.12 14.16
N TYR B 979 15.99 28.80 14.37
CA TYR B 979 14.96 28.17 15.19
C TYR B 979 15.63 27.38 16.29
N GLU B 980 15.30 27.71 17.54
CA GLU B 980 15.78 26.96 18.69
C GLU B 980 14.84 25.79 18.93
N ARG B 981 15.36 24.57 18.78
CA ARG B 981 14.55 23.37 18.83
C ARG B 981 15.03 22.47 19.96
N ASN B 982 14.26 22.37 21.03
CA ASN B 982 14.45 21.29 21.98
C ASN B 982 13.75 20.04 21.48
N LEU B 983 13.98 18.93 22.16
CA LEU B 983 13.20 17.73 21.87
C LEU B 983 11.77 17.96 22.32
N ASN B 984 10.83 17.79 21.40
CA ASN B 984 9.43 18.06 21.66
C ASN B 984 8.64 16.77 21.82
N ILE B 985 7.41 16.90 22.30
CA ILE B 985 6.48 15.79 22.29
C ILE B 985 6.01 15.59 20.85
N GLY B 986 6.20 14.38 20.34
CA GLY B 986 5.96 14.09 18.95
C GLY B 986 7.19 14.07 18.08
N ASP B 987 8.35 14.38 18.64
CA ASP B 987 9.59 14.20 17.90
C ASP B 987 9.98 12.73 17.86
N LYS B 988 10.57 12.31 16.76
CA LYS B 988 10.88 10.91 16.54
C LYS B 988 12.31 10.63 17.02
N MET B 989 12.44 9.66 17.92
CA MET B 989 13.73 9.19 18.38
C MET B 989 13.92 7.75 17.95
N SER B 990 15.17 7.35 17.79
CA SER B 990 15.48 6.00 17.34
C SER B 990 16.77 5.54 18.01
N SER B 991 16.88 4.23 18.18
CA SER B 991 18.14 3.63 18.57
C SER B 991 18.88 3.14 17.33
N ARG B 992 20.10 2.65 17.53
CA ARG B 992 20.89 2.18 16.42
C ARG B 992 20.40 0.84 15.88
N SER B 993 19.43 0.21 16.52
CA SER B 993 18.81 -1.01 16.02
C SER B 993 17.62 -0.72 15.13
N GLY B 994 17.33 0.54 14.86
CA GLY B 994 16.23 0.91 13.99
C GLY B 994 14.88 0.98 14.65
N ASN B 995 14.80 0.88 15.97
CA ASN B 995 13.52 0.93 16.68
C ASN B 995 13.12 2.40 16.80
N LYS B 996 12.36 2.89 15.83
CA LYS B 996 11.84 4.24 15.89
C LYS B 996 10.86 4.38 17.05
N GLY B 997 10.63 5.62 17.44
CA GLY B 997 9.68 5.92 18.49
C GLY B 997 9.32 7.37 18.55
N ILE B 998 8.07 7.68 18.82
CA ILE B 998 7.61 9.05 18.99
C ILE B 998 7.56 9.35 20.49
N ALA B 999 8.16 10.47 20.88
CA ALA B 999 8.14 10.90 22.28
C ALA B 999 6.76 11.46 22.59
N ALA B 1000 5.99 10.78 23.44
CA ALA B 1000 4.77 11.38 23.98
C ALA B 1000 4.66 11.17 25.47
N LEU B 1001 5.53 11.83 26.23
CA LEU B 1001 5.31 12.21 27.61
C LEU B 1001 6.59 12.88 28.06
N ALA B 1002 6.49 14.00 28.74
CA ALA B 1002 7.65 14.64 29.35
C ALA B 1002 7.43 14.62 30.85
N LEU B 1003 8.11 13.73 31.54
CA LEU B 1003 7.85 13.77 32.96
C LEU B 1003 8.93 14.57 33.68
N PRO B 1004 8.56 15.30 34.72
CA PRO B 1004 9.57 15.98 35.54
C PRO B 1004 10.48 14.97 36.22
N THR B 1005 11.52 15.51 36.87
CA THR B 1005 12.49 14.65 37.55
C THR B 1005 11.82 13.85 38.66
N SER B 1006 10.96 14.50 39.44
CA SER B 1006 10.32 13.82 40.55
C SER B 1006 9.29 12.80 40.11
N ASP B 1007 8.84 12.87 38.86
CA ASP B 1007 7.84 11.94 38.35
C ASP B 1007 8.45 10.73 37.65
N MET B 1008 9.74 10.71 37.43
CA MET B 1008 10.35 9.58 36.75
C MET B 1008 10.67 8.47 37.75
N PRO B 1009 10.60 7.21 37.32
CA PRO B 1009 11.03 6.13 38.19
C PRO B 1009 12.53 6.18 38.42
N PHE B 1010 12.96 5.66 39.56
CA PHE B 1010 14.36 5.73 39.92
C PHE B 1010 14.75 4.44 40.62
N THR B 1011 16.02 4.07 40.49
CA THR B 1011 16.50 2.88 41.14
C THR B 1011 16.86 3.18 42.59
N GLU B 1012 17.23 2.13 43.32
CA GLU B 1012 17.64 2.30 44.71
C GLU B 1012 18.87 3.20 44.82
N ASP B 1013 19.69 3.26 43.77
CA ASP B 1013 20.83 4.15 43.71
C ASP B 1013 20.49 5.51 43.13
N GLY B 1014 19.23 5.77 42.81
CA GLY B 1014 18.84 7.04 42.26
C GLY B 1014 18.99 7.17 40.76
N LEU B 1015 19.47 6.13 40.09
CA LEU B 1015 19.51 6.16 38.64
C LEU B 1015 18.10 6.19 38.08
N GLN B 1016 17.84 7.12 37.19
CA GLN B 1016 16.53 7.28 36.59
C GLN B 1016 16.70 7.36 35.07
N PRO B 1017 15.67 7.00 34.31
CA PRO B 1017 15.84 6.97 32.86
C PRO B 1017 15.74 8.36 32.23
N ASP B 1018 16.32 8.46 31.05
CA ASP B 1018 16.02 9.56 30.14
C ASP B 1018 14.86 9.21 29.24
N LEU B 1019 14.80 7.96 28.80
CA LEU B 1019 13.72 7.43 28.00
C LEU B 1019 13.16 6.19 28.69
N ILE B 1020 11.85 6.03 28.63
CA ILE B 1020 11.19 4.80 29.06
C ILE B 1020 10.66 4.14 27.81
N VAL B 1021 11.21 2.97 27.48
CA VAL B 1021 10.87 2.25 26.26
C VAL B 1021 10.04 1.04 26.64
N ASN B 1022 8.94 0.84 25.93
CA ASN B 1022 8.05 -0.27 26.22
C ASN B 1022 8.77 -1.59 25.94
N PRO B 1023 8.73 -2.55 26.86
CA PRO B 1023 9.26 -3.88 26.54
C PRO B 1023 8.52 -4.57 25.41
N HIS B 1024 7.26 -4.20 25.17
CA HIS B 1024 6.51 -4.77 24.06
C HIS B 1024 7.06 -4.37 22.71
N SER B 1025 7.95 -3.40 22.68
CA SER B 1025 8.63 -3.03 21.43
C SER B 1025 9.71 -4.04 21.05
N HIS B 1026 10.16 -4.87 21.97
CA HIS B 1026 11.19 -5.85 21.63
C HIS B 1026 10.66 -7.08 20.89
N PRO B 1027 9.74 -7.87 21.49
CA PRO B 1027 9.64 -9.29 21.08
C PRO B 1027 9.31 -9.52 19.62
N SER B 1028 8.44 -8.70 19.03
CA SER B 1028 8.05 -8.91 17.65
C SER B 1028 9.20 -8.60 16.69
N ARG B 1029 9.81 -7.42 16.83
CA ARG B 1029 10.82 -7.01 15.88
C ARG B 1029 12.18 -7.62 16.18
N MET B 1030 12.34 -8.25 17.34
CA MET B 1030 13.55 -8.99 17.69
C MET B 1030 14.79 -8.11 17.58
N THR B 1031 14.73 -6.93 18.19
CA THR B 1031 15.87 -6.03 18.30
C THR B 1031 16.68 -6.39 19.55
N ASN B 1032 17.35 -7.54 19.47
CA ASN B 1032 18.16 -8.01 20.57
C ASN B 1032 19.50 -7.28 20.67
N GLY B 1033 19.94 -6.65 19.58
CA GLY B 1033 21.15 -5.85 19.66
C GLY B 1033 21.02 -4.71 20.63
N GLN B 1034 19.83 -4.12 20.73
CA GLN B 1034 19.60 -3.05 21.70
C GLN B 1034 19.70 -3.57 23.14
N MET B 1035 19.13 -4.75 23.41
CA MET B 1035 19.26 -5.36 24.73
C MET B 1035 20.72 -5.63 25.06
N ILE B 1036 21.45 -6.22 24.12
CA ILE B 1036 22.85 -6.54 24.38
C ILE B 1036 23.67 -5.28 24.53
N GLU B 1037 23.35 -4.24 23.77
CA GLU B 1037 24.03 -2.97 23.90
C GLU B 1037 23.82 -2.36 25.29
N THR B 1038 22.59 -2.41 25.79
CA THR B 1038 22.34 -1.91 27.14
C THR B 1038 23.10 -2.72 28.17
N THR B 1039 23.11 -4.05 28.03
CA THR B 1039 23.84 -4.91 28.94
C THR B 1039 25.32 -4.58 28.96
N VAL B 1040 25.92 -4.40 27.78
CA VAL B 1040 27.35 -4.11 27.70
C VAL B 1040 27.64 -2.71 28.20
N GLY B 1041 26.79 -1.73 27.86
CA GLY B 1041 27.05 -0.36 28.26
C GLY B 1041 26.87 -0.13 29.74
N LEU B 1042 26.07 -0.96 30.41
CA LEU B 1042 25.99 -0.87 31.86
C LEU B 1042 27.34 -1.13 32.50
N ALA B 1043 28.06 -2.16 32.03
CA ALA B 1043 29.38 -2.44 32.54
C ALA B 1043 30.42 -1.48 31.99
N ASN B 1044 30.22 -0.98 30.76
CA ASN B 1044 31.14 0.00 30.20
C ASN B 1044 31.15 1.28 31.01
N ALA B 1045 29.97 1.75 31.42
CA ALA B 1045 29.89 2.99 32.19
C ALA B 1045 30.59 2.86 33.53
N LEU B 1046 30.42 1.71 34.19
CA LEU B 1046 31.02 1.51 35.50
C LEU B 1046 32.51 1.24 35.41
N GLN B 1047 32.98 0.64 34.32
CA GLN B 1047 34.41 0.47 34.11
C GLN B 1047 35.07 1.71 33.51
N GLY B 1048 34.28 2.66 33.04
CA GLY B 1048 34.82 3.84 32.37
C GLY B 1048 35.48 3.55 31.04
N VAL B 1049 34.88 2.70 30.22
CA VAL B 1049 35.44 2.32 28.94
C VAL B 1049 34.39 2.48 27.85
N VAL B 1050 34.86 2.50 26.61
CA VAL B 1050 34.03 2.40 25.43
C VAL B 1050 34.50 1.17 24.67
N THR B 1051 33.58 0.25 24.39
CA THR B 1051 33.91 -1.04 23.83
C THR B 1051 33.37 -1.16 22.40
N ASP B 1052 34.05 -1.96 21.60
CA ASP B 1052 33.65 -2.19 20.21
C ASP B 1052 32.55 -3.24 20.16
N GLY B 1053 31.38 -2.83 19.67
CA GLY B 1053 30.27 -3.74 19.50
C GLY B 1053 29.91 -3.93 18.05
N THR B 1054 30.92 -4.01 17.19
CA THR B 1054 30.69 -4.15 15.77
C THR B 1054 30.02 -5.49 15.48
N ALA B 1055 29.25 -5.52 14.40
CA ALA B 1055 28.58 -6.74 13.99
C ALA B 1055 29.60 -7.81 13.66
N PHE B 1056 29.20 -9.06 13.87
CA PHE B 1056 29.97 -10.26 13.56
C PHE B 1056 31.23 -10.38 14.39
N LEU B 1057 31.43 -9.51 15.35
CA LEU B 1057 32.45 -9.78 16.35
C LEU B 1057 31.94 -10.87 17.30
N PRO B 1058 32.83 -11.67 17.86
CA PRO B 1058 32.38 -12.74 18.76
C PRO B 1058 31.56 -12.19 19.91
N ILE B 1059 30.45 -12.85 20.19
CA ILE B 1059 29.49 -12.41 21.19
C ILE B 1059 29.15 -13.58 22.11
N ASN B 1060 29.15 -13.30 23.41
CA ASN B 1060 28.76 -14.29 24.43
C ASN B 1060 27.94 -13.53 25.46
N VAL B 1061 26.61 -13.57 25.32
CA VAL B 1061 25.74 -12.83 26.22
C VAL B 1061 25.85 -13.35 27.64
N GLN B 1062 26.11 -14.65 27.80
CA GLN B 1062 26.35 -15.19 29.14
C GLN B 1062 27.55 -14.54 29.80
N LEU B 1063 28.64 -14.36 29.05
CA LEU B 1063 29.81 -13.70 29.60
C LEU B 1063 29.60 -12.22 29.83
N LEU B 1064 28.78 -11.57 29.00
CA LEU B 1064 28.43 -10.17 29.25
C LEU B 1064 27.63 -10.03 30.53
N SER B 1065 26.71 -10.95 30.78
CA SER B 1065 25.94 -10.92 32.01
C SER B 1065 26.82 -11.22 33.22
N GLU B 1066 27.77 -12.15 33.08
CA GLU B 1066 28.72 -12.41 34.15
C GLU B 1066 29.58 -11.19 34.42
N ARG B 1067 29.93 -10.45 33.37
CA ARG B 1067 30.65 -9.19 33.53
C ARG B 1067 29.81 -8.17 34.30
N LEU B 1068 28.52 -8.11 34.00
CA LEU B 1068 27.61 -7.29 34.79
C LEU B 1068 27.65 -7.67 36.26
N ALA B 1069 27.61 -8.97 36.54
CA ALA B 1069 27.69 -9.43 37.93
C ALA B 1069 29.01 -9.05 38.58
N GLN B 1070 30.11 -9.14 37.82
CA GLN B 1070 31.42 -8.78 38.36
C GLN B 1070 31.54 -7.29 38.63
N GLU B 1071 30.80 -6.47 37.90
CA GLU B 1071 30.84 -5.04 38.16
C GLU B 1071 30.00 -4.63 39.37
N GLY B 1072 29.34 -5.59 40.02
CA GLY B 1072 28.54 -5.31 41.19
C GLY B 1072 27.05 -5.26 40.93
N LEU B 1073 26.62 -5.31 39.68
CA LEU B 1073 25.20 -5.33 39.36
C LEU B 1073 24.70 -6.77 39.39
N ARG B 1074 23.42 -6.96 39.07
CA ARG B 1074 22.87 -8.30 38.98
C ARG B 1074 23.31 -8.96 37.68
N PHE B 1075 23.07 -10.26 37.59
CA PHE B 1075 23.36 -10.98 36.36
C PHE B 1075 22.64 -10.36 35.19
N ASN B 1076 21.35 -10.11 35.33
CA ASN B 1076 20.64 -9.23 34.42
C ASN B 1076 20.92 -7.78 34.81
N GLY B 1077 20.64 -6.88 33.88
CA GLY B 1077 20.90 -5.48 34.18
C GLY B 1077 19.78 -4.83 34.98
N CYS B 1078 19.00 -5.65 35.68
CA CYS B 1078 17.79 -5.20 36.35
C CYS B 1078 18.11 -4.75 37.76
N GLN B 1079 17.46 -3.66 38.17
CA GLN B 1079 17.66 -3.08 39.50
C GLN B 1079 16.32 -2.89 40.18
N LYS B 1080 16.36 -2.86 41.51
CA LYS B 1080 15.20 -2.42 42.27
C LYS B 1080 14.90 -0.97 41.93
N MET B 1081 13.64 -0.68 41.64
CA MET B 1081 13.22 0.59 41.09
C MET B 1081 11.98 1.06 41.81
N PHE B 1082 11.84 2.36 41.95
CA PHE B 1082 10.72 2.96 42.66
C PHE B 1082 9.92 3.84 41.71
N ASN B 1083 8.60 3.81 41.87
CA ASN B 1083 7.74 4.71 41.12
C ASN B 1083 7.95 6.13 41.60
N GLY B 1084 8.21 7.05 40.67
CA GLY B 1084 8.50 8.42 41.07
C GLY B 1084 7.29 9.17 41.57
N GLN B 1085 6.11 8.81 41.09
CA GLN B 1085 4.90 9.52 41.47
C GLN B 1085 4.40 9.13 42.86
N THR B 1086 4.66 7.89 43.29
CA THR B 1086 4.16 7.40 44.56
C THR B 1086 5.25 7.00 45.54
N GLY B 1087 6.47 6.74 45.08
CA GLY B 1087 7.51 6.26 45.94
C GLY B 1087 7.48 4.78 46.21
N GLU B 1088 6.55 4.05 45.60
CA GLU B 1088 6.44 2.63 45.80
C GLU B 1088 7.40 1.90 44.88
N TYR B 1089 8.06 0.88 45.40
CA TYR B 1089 8.94 0.07 44.59
C TYR B 1089 8.15 -0.89 43.73
N PHE B 1090 8.62 -1.12 42.52
CA PHE B 1090 8.05 -2.16 41.68
C PHE B 1090 8.40 -3.52 42.24
N ASP B 1091 7.47 -4.46 42.14
CA ASP B 1091 7.76 -5.81 42.60
C ASP B 1091 8.82 -6.49 41.74
N ALA B 1092 8.92 -6.09 40.48
CA ALA B 1092 9.90 -6.63 39.56
C ALA B 1092 11.09 -5.69 39.44
N ALA B 1093 12.28 -6.25 39.35
CA ALA B 1093 13.46 -5.45 39.05
C ALA B 1093 13.41 -5.03 37.59
N ILE B 1094 13.75 -3.76 37.34
CA ILE B 1094 13.57 -3.14 36.04
C ILE B 1094 14.91 -3.09 35.33
N PHE B 1095 14.92 -3.49 34.06
CA PHE B 1095 16.12 -3.44 33.23
C PHE B 1095 16.32 -2.01 32.77
N ILE B 1096 17.36 -1.36 33.29
CA ILE B 1096 17.65 0.04 32.98
C ILE B 1096 19.14 0.17 32.74
N GLY B 1097 19.50 0.91 31.69
CA GLY B 1097 20.88 1.10 31.35
C GLY B 1097 21.05 2.00 30.15
N PRO B 1098 22.31 2.26 29.77
CA PRO B 1098 22.58 3.22 28.69
C PRO B 1098 22.41 2.57 27.32
N THR B 1099 21.53 3.14 26.51
CA THR B 1099 21.38 2.75 25.12
C THR B 1099 21.50 3.99 24.25
N TYR B 1100 22.40 3.94 23.28
CA TYR B 1100 22.62 5.07 22.40
C TYR B 1100 21.36 5.36 21.60
N HIS B 1101 20.87 6.59 21.69
CA HIS B 1101 19.65 6.98 21.02
C HIS B 1101 19.92 8.21 20.15
N GLN B 1102 19.16 8.29 19.07
CA GLN B 1102 19.34 9.31 18.07
C GLN B 1102 18.03 10.03 17.87
N ARG B 1103 18.10 11.32 17.56
CA ARG B 1103 16.93 12.09 17.23
C ARG B 1103 16.79 12.13 15.72
N LEU B 1104 15.79 11.45 15.20
CA LEU B 1104 15.48 11.53 13.78
C LEU B 1104 14.97 12.92 13.45
N GLN B 1105 15.38 13.45 12.30
CA GLN B 1105 15.15 14.84 11.98
C GLN B 1105 13.76 15.11 11.43
N LYS B 1106 12.79 14.25 11.73
CA LYS B 1106 11.39 14.54 11.48
C LYS B 1106 10.84 15.26 12.71
N PHE B 1107 10.56 16.55 12.56
CA PHE B 1107 10.13 17.39 13.67
C PHE B 1107 8.62 17.60 13.63
N VAL B 1108 8.00 17.57 14.80
CA VAL B 1108 6.55 17.68 14.87
C VAL B 1108 6.08 19.07 14.45
N LEU B 1109 6.87 20.11 14.75
CA LEU B 1109 6.51 21.44 14.30
C LEU B 1109 6.57 21.57 12.79
N ASP B 1110 7.49 20.84 12.15
CA ASP B 1110 7.55 20.83 10.69
C ASP B 1110 6.41 20.01 10.10
N ASP B 1111 6.03 18.91 10.75
CA ASP B 1111 5.02 18.02 10.21
C ASP B 1111 3.61 18.58 10.35
N ARG B 1112 3.32 19.21 11.49
CA ARG B 1112 1.96 19.60 11.80
C ARG B 1112 1.47 20.70 10.88
N TYR B 1113 0.15 20.77 10.70
CA TYR B 1113 -0.47 21.81 9.90
C TYR B 1113 -1.90 21.97 10.36
N ALA B 1114 -2.39 23.20 10.29
CA ALA B 1114 -3.79 23.48 10.57
C ALA B 1114 -4.19 24.69 9.76
N VAL B 1115 -5.34 24.62 9.10
CA VAL B 1115 -5.80 25.70 8.24
C VAL B 1115 -7.22 26.06 8.63
N ALA B 1116 -7.56 27.33 8.48
CA ALA B 1116 -8.89 27.83 8.77
C ALA B 1116 -9.74 27.73 7.51
N SER B 1117 -10.89 28.38 7.51
CA SER B 1117 -11.86 28.25 6.43
C SER B 1117 -11.54 29.11 5.22
N TYR B 1118 -10.32 29.63 5.08
CA TYR B 1118 -10.02 30.51 3.97
C TYR B 1118 -8.54 30.43 3.64
N GLY B 1119 -8.19 30.87 2.43
CA GLY B 1119 -6.83 30.86 1.97
C GLY B 1119 -6.75 30.87 0.46
N PRO B 1120 -5.57 30.55 -0.07
CA PRO B 1120 -5.42 30.52 -1.54
C PRO B 1120 -6.18 29.37 -2.16
N THR B 1121 -6.90 29.68 -3.25
CA THR B 1121 -7.63 28.68 -3.99
C THR B 1121 -7.01 28.51 -5.37
N ASP B 1122 -7.13 27.30 -5.90
CA ASP B 1122 -6.70 27.03 -7.26
C ASP B 1122 -7.55 27.84 -8.23
N ALA B 1123 -6.89 28.48 -9.20
CA ALA B 1123 -7.61 29.37 -10.11
C ALA B 1123 -8.61 28.59 -10.96
N LEU B 1124 -8.26 27.38 -11.38
CA LEU B 1124 -9.10 26.62 -12.28
C LEU B 1124 -10.27 25.97 -11.55
N THR B 1125 -9.97 25.09 -10.60
CA THR B 1125 -11.01 24.32 -9.93
C THR B 1125 -11.66 25.07 -8.77
N GLY B 1126 -11.03 26.11 -8.26
CA GLY B 1126 -11.58 26.83 -7.13
C GLY B 1126 -11.35 26.16 -5.79
N GLN B 1127 -10.66 25.03 -5.75
CA GLN B 1127 -10.39 24.33 -4.53
C GLN B 1127 -9.18 24.95 -3.83
N PRO B 1128 -9.05 24.73 -2.52
CA PRO B 1128 -7.79 25.07 -1.83
C PRO B 1128 -6.55 24.57 -2.54
N LEU B 1129 -5.39 25.15 -2.20
CA LEU B 1129 -4.14 24.71 -2.79
C LEU B 1129 -3.64 23.44 -2.10
N ASP B 1130 -2.40 23.05 -2.39
CA ASP B 1130 -1.89 21.75 -1.97
C ASP B 1130 -1.08 21.85 -0.67
N GLY B 1131 -1.77 21.85 0.46
CA GLY B 1131 -1.13 21.59 1.73
C GLY B 1131 -0.37 22.76 2.33
N LYS B 1132 0.54 22.39 3.24
CA LYS B 1132 1.24 23.38 4.07
C LYS B 1132 2.11 24.30 3.22
N ARG B 1133 2.80 23.76 2.22
CA ARG B 1133 3.75 24.56 1.45
C ARG B 1133 3.05 25.70 0.73
N SER B 1134 1.86 25.43 0.17
CA SER B 1134 1.09 26.45 -0.53
C SER B 1134 0.24 27.30 0.39
N HIS B 1135 0.33 27.07 1.70
CA HIS B 1135 -0.40 27.84 2.70
C HIS B 1135 -1.90 27.63 2.59
N GLY B 1136 -2.31 26.41 2.25
CA GLY B 1136 -3.72 26.08 2.26
C GLY B 1136 -3.93 24.69 1.70
N GLY B 1137 -5.01 24.06 2.17
CA GLY B 1137 -5.42 22.79 1.61
C GLY B 1137 -5.61 21.64 2.57
N LEU B 1138 -4.94 20.52 2.29
CA LEU B 1138 -5.16 19.19 2.87
C LEU B 1138 -6.32 18.49 2.18
N ARG B 1139 -6.15 17.21 1.87
CA ARG B 1139 -6.96 16.53 0.88
C ARG B 1139 -7.83 15.45 1.49
N LEU B 1140 -9.08 15.41 1.05
CA LEU B 1140 -9.98 14.28 1.30
C LEU B 1140 -10.16 13.57 -0.04
N GLY B 1141 -9.27 12.62 -0.31
CA GLY B 1141 -9.24 11.97 -1.60
C GLY B 1141 -10.38 11.02 -1.88
N GLU B 1142 -10.17 10.12 -2.84
CA GLU B 1142 -11.20 9.16 -3.21
C GLU B 1142 -11.55 8.24 -2.04
N MET B 1143 -10.54 7.71 -1.36
CA MET B 1143 -10.78 6.73 -0.30
C MET B 1143 -11.53 7.35 0.87
N GLU B 1144 -11.23 8.60 1.20
CA GLU B 1144 -11.95 9.28 2.27
C GLU B 1144 -13.42 9.44 1.90
N HIS B 1145 -13.69 9.73 0.63
CA HIS B 1145 -15.08 9.83 0.19
C HIS B 1145 -15.76 8.47 0.21
N TRP B 1146 -15.03 7.42 -0.13
CA TRP B 1146 -15.59 6.07 -0.02
C TRP B 1146 -15.94 5.74 1.42
N VAL B 1147 -15.08 6.12 2.36
CA VAL B 1147 -15.33 5.85 3.77
C VAL B 1147 -16.53 6.65 4.27
N LEU B 1148 -16.61 7.93 3.92
CA LEU B 1148 -17.74 8.73 4.35
C LEU B 1148 -19.04 8.27 3.70
N THR B 1149 -18.95 7.77 2.46
CA THR B 1149 -20.11 7.20 1.79
C THR B 1149 -20.55 5.91 2.47
N ALA B 1150 -19.59 5.05 2.83
CA ALA B 1150 -19.89 3.81 3.52
C ALA B 1150 -20.52 4.08 4.87
N GLN B 1151 -20.08 5.14 5.55
CA GLN B 1151 -20.74 5.60 6.74
C GLN B 1151 -22.05 6.32 6.45
N GLY B 1152 -22.31 6.63 5.18
CA GLY B 1152 -23.54 7.30 4.81
C GLY B 1152 -23.67 8.69 5.37
N ALA B 1153 -22.56 9.39 5.53
CA ALA B 1153 -22.59 10.72 6.12
C ALA B 1153 -23.40 11.67 5.23
N MET B 1154 -22.86 12.05 4.09
CA MET B 1154 -23.51 12.91 3.10
C MET B 1154 -23.80 14.32 3.57
N GLN B 1155 -23.62 14.65 4.85
CA GLN B 1155 -23.66 16.02 5.30
C GLN B 1155 -22.31 16.50 5.79
N THR B 1156 -21.46 15.59 6.24
CA THR B 1156 -20.03 15.86 6.31
C THR B 1156 -19.45 16.04 4.91
N ILE B 1157 -19.91 15.25 3.95
CA ILE B 1157 -19.42 15.40 2.59
C ILE B 1157 -19.87 16.72 2.00
N ILE B 1158 -21.11 17.12 2.26
CA ILE B 1158 -21.56 18.44 1.80
C ILE B 1158 -20.66 19.52 2.39
N GLU B 1159 -20.46 19.50 3.70
CA GLU B 1159 -19.65 20.53 4.35
C GLU B 1159 -18.23 20.55 3.80
N LYS B 1160 -17.56 19.39 3.81
CA LYS B 1160 -16.14 19.35 3.47
C LYS B 1160 -15.89 19.57 1.99
N SER B 1161 -16.72 18.99 1.12
CA SER B 1161 -16.47 19.06 -0.31
C SER B 1161 -17.17 20.22 -1.00
N HIS B 1162 -18.11 20.90 -0.34
CA HIS B 1162 -18.74 22.06 -0.95
C HIS B 1162 -18.48 23.32 -0.13
N ASP B 1163 -18.77 23.32 1.16
CA ASP B 1163 -18.60 24.54 1.93
C ASP B 1163 -17.13 24.84 2.17
N ASP B 1164 -16.33 23.81 2.44
CA ASP B 1164 -14.91 23.97 2.70
C ASP B 1164 -14.06 23.67 1.47
N SER B 1165 -14.69 23.58 0.31
CA SER B 1165 -14.02 23.29 -0.95
C SER B 1165 -14.67 24.18 -2.00
N ASP B 1166 -14.51 23.81 -3.27
CA ASP B 1166 -15.04 24.62 -4.36
C ASP B 1166 -16.54 24.47 -4.57
N GLY B 1167 -17.32 24.64 -3.51
CA GLY B 1167 -18.77 24.61 -3.66
C GLY B 1167 -19.26 25.87 -4.35
N CYS B 1168 -20.28 25.70 -5.18
CA CYS B 1168 -20.81 26.81 -5.98
C CYS B 1168 -22.25 26.50 -6.32
N ILE B 1169 -22.95 27.50 -6.84
CA ILE B 1169 -24.34 27.37 -7.26
C ILE B 1169 -24.38 27.46 -8.78
N SER B 1170 -24.96 26.45 -9.42
CA SER B 1170 -25.14 26.44 -10.85
C SER B 1170 -26.60 26.76 -11.17
N TYR B 1171 -26.82 27.20 -12.40
CA TYR B 1171 -28.16 27.56 -12.86
C TYR B 1171 -28.42 26.84 -14.17
N ILE B 1172 -29.43 25.97 -14.16
CA ILE B 1172 -29.83 25.21 -15.34
C ILE B 1172 -31.21 25.70 -15.75
N CYS B 1173 -31.50 25.65 -17.04
CA CYS B 1173 -32.71 26.31 -17.53
C CYS B 1173 -33.98 25.52 -17.21
N ARG B 1174 -33.91 24.19 -17.16
CA ARG B 1174 -35.08 23.32 -16.94
C ARG B 1174 -35.98 23.30 -18.17
N ASN B 1175 -35.70 24.16 -19.14
CA ASN B 1175 -36.40 24.12 -20.41
C ASN B 1175 -35.51 23.61 -21.54
N CYS B 1176 -34.19 23.67 -21.36
CA CYS B 1176 -33.25 23.13 -22.32
C CYS B 1176 -32.15 22.30 -21.67
N GLY B 1177 -32.03 22.33 -20.35
CA GLY B 1177 -30.98 21.58 -19.69
C GLY B 1177 -29.61 22.21 -19.74
N GLU B 1178 -29.50 23.39 -20.24
CA GLU B 1178 -28.24 24.05 -20.43
C GLU B 1178 -27.99 25.06 -19.31
N PRO B 1179 -26.73 25.30 -18.96
CA PRO B 1179 -26.45 26.32 -17.94
C PRO B 1179 -26.97 27.68 -18.34
N ALA B 1180 -27.52 28.40 -17.36
CA ALA B 1180 -28.19 29.66 -17.58
C ALA B 1180 -27.44 30.79 -16.92
N ILE B 1181 -27.89 32.01 -17.20
CA ILE B 1181 -27.30 33.22 -16.66
C ILE B 1181 -28.28 33.83 -15.69
N TYR B 1182 -27.96 33.79 -14.41
CA TYR B 1182 -28.83 34.32 -13.37
C TYR B 1182 -28.02 35.19 -12.43
N ASN B 1183 -28.62 36.30 -12.01
CA ASN B 1183 -27.98 37.20 -11.06
C ASN B 1183 -29.07 37.90 -10.26
N ALA B 1184 -29.08 37.71 -8.95
CA ALA B 1184 -30.10 38.33 -8.13
C ALA B 1184 -29.86 39.83 -7.95
N SER B 1185 -28.61 40.22 -7.68
CA SER B 1185 -28.32 41.62 -7.40
C SER B 1185 -28.53 42.48 -8.64
N HIS B 1186 -27.75 42.25 -9.68
CA HIS B 1186 -28.00 42.84 -10.98
C HIS B 1186 -29.03 41.95 -11.65
N PRO B 1187 -30.25 42.44 -11.90
CA PRO B 1187 -31.31 41.53 -12.33
C PRO B 1187 -31.05 40.96 -13.71
N ILE B 1188 -30.66 39.69 -13.75
CA ILE B 1188 -30.39 38.96 -14.98
C ILE B 1188 -31.08 37.61 -14.86
N TYR B 1189 -31.90 37.29 -15.84
CA TYR B 1189 -32.64 36.02 -15.85
C TYR B 1189 -32.80 35.63 -17.32
N LYS B 1190 -31.85 34.85 -17.82
CA LYS B 1190 -31.90 34.52 -19.24
C LYS B 1190 -31.12 33.24 -19.51
N CYS B 1191 -31.46 32.62 -20.62
CA CYS B 1191 -30.67 31.54 -21.18
C CYS B 1191 -30.56 31.75 -22.68
N MET B 1192 -29.40 31.43 -23.24
CA MET B 1192 -29.16 31.64 -24.66
C MET B 1192 -29.95 30.72 -25.57
N ASN B 1193 -30.58 29.67 -25.05
CA ASN B 1193 -31.23 28.69 -25.91
C ASN B 1193 -32.72 28.97 -26.11
N CYS B 1194 -33.46 29.18 -25.03
CA CYS B 1194 -34.90 29.41 -25.07
C CYS B 1194 -35.24 30.64 -24.24
N ASP B 1195 -34.55 31.73 -24.54
CA ASP B 1195 -34.55 32.95 -23.74
C ASP B 1195 -35.90 33.30 -23.13
N VAL B 1196 -36.92 33.47 -23.98
CA VAL B 1196 -38.23 33.90 -23.49
C VAL B 1196 -38.88 32.83 -22.64
N GLN B 1197 -38.46 31.57 -22.75
CA GLN B 1197 -39.03 30.46 -22.02
C GLN B 1197 -38.10 29.95 -20.92
N ALA B 1198 -37.15 30.76 -20.48
CA ALA B 1198 -36.22 30.32 -19.45
C ALA B 1198 -36.96 30.01 -18.15
N ASP B 1199 -36.55 28.93 -17.51
CA ASP B 1199 -37.15 28.42 -16.28
C ASP B 1199 -36.06 28.08 -15.28
N ILE B 1200 -35.14 29.03 -15.09
CA ILE B 1200 -33.86 28.74 -14.44
C ILE B 1200 -34.07 28.17 -13.04
N GLY B 1201 -33.34 27.10 -12.74
CA GLY B 1201 -33.39 26.48 -11.44
C GLY B 1201 -32.02 26.53 -10.77
N MET B 1202 -32.03 26.59 -9.46
CA MET B 1202 -30.81 26.76 -8.67
C MET B 1202 -30.31 25.39 -8.26
N VAL B 1203 -29.17 24.98 -8.81
CA VAL B 1203 -28.60 23.66 -8.59
C VAL B 1203 -27.29 23.83 -7.84
N ASP B 1204 -27.18 23.15 -6.70
CA ASP B 1204 -25.92 23.12 -5.97
C ASP B 1204 -24.91 22.26 -6.71
N SER B 1205 -23.69 22.76 -6.86
CA SER B 1205 -22.66 22.05 -7.60
C SER B 1205 -21.30 22.40 -7.01
N ARG B 1206 -20.26 22.03 -7.74
CA ARG B 1206 -18.88 22.39 -7.43
C ARG B 1206 -18.25 23.02 -8.65
N ARG B 1207 -17.29 23.91 -8.43
CA ARG B 1207 -16.63 24.55 -9.55
C ARG B 1207 -15.81 23.55 -10.35
N SER B 1208 -15.30 22.50 -9.71
CA SER B 1208 -14.63 21.44 -10.46
C SER B 1208 -15.59 20.77 -11.43
N SER B 1209 -16.83 20.54 -11.00
CA SER B 1209 -17.82 19.91 -11.88
C SER B 1209 -18.23 20.84 -13.01
N ILE B 1210 -18.36 22.13 -12.73
CA ILE B 1210 -18.66 23.09 -13.79
C ILE B 1210 -17.52 23.14 -14.79
N VAL B 1211 -16.29 23.14 -14.31
CA VAL B 1211 -15.14 23.12 -15.20
C VAL B 1211 -15.12 21.85 -16.03
N PHE B 1212 -15.44 20.73 -15.41
CA PHE B 1212 -15.50 19.44 -16.11
C PHE B 1212 -16.55 19.44 -17.21
N GLN B 1213 -17.71 20.02 -16.93
CA GLN B 1213 -18.76 20.10 -17.94
C GLN B 1213 -18.38 21.06 -19.05
N HIS B 1214 -17.71 22.17 -18.71
CA HIS B 1214 -17.21 23.09 -19.73
C HIS B 1214 -16.16 22.41 -20.61
N GLU B 1215 -15.29 21.60 -20.01
CA GLU B 1215 -14.30 20.88 -20.77
C GLU B 1215 -14.94 19.85 -21.68
N MET B 1216 -15.99 19.18 -21.21
CA MET B 1216 -16.73 18.27 -22.07
C MET B 1216 -17.34 19.02 -23.25
N ARG B 1217 -17.90 20.20 -23.00
CA ARG B 1217 -18.50 20.98 -24.08
C ARG B 1217 -17.44 21.51 -25.04
N ALA B 1218 -16.25 21.82 -24.55
CA ALA B 1218 -15.18 22.31 -25.42
C ALA B 1218 -14.76 21.25 -26.42
N ALA B 1219 -14.97 19.98 -26.09
CA ALA B 1219 -14.77 18.87 -27.00
C ALA B 1219 -16.03 18.53 -27.79
N ASN B 1220 -16.96 19.48 -27.90
CA ASN B 1220 -18.20 19.34 -28.67
C ASN B 1220 -19.03 18.15 -28.20
N VAL B 1221 -19.06 17.93 -26.89
CA VAL B 1221 -19.99 17.01 -26.27
C VAL B 1221 -21.00 17.86 -25.52
N ASN B 1222 -22.23 17.89 -26.01
CA ASN B 1222 -23.28 18.67 -25.37
C ASN B 1222 -23.76 17.96 -24.12
N ILE B 1223 -23.84 18.71 -23.03
CA ILE B 1223 -24.30 18.20 -21.74
C ILE B 1223 -25.59 18.92 -21.41
N THR B 1224 -26.69 18.19 -21.34
CA THR B 1224 -27.98 18.73 -20.93
C THR B 1224 -28.39 18.07 -19.63
N SER B 1225 -28.66 18.89 -18.62
CA SER B 1225 -29.08 18.43 -17.31
C SER B 1225 -30.60 18.41 -17.27
N VAL B 1226 -31.17 17.23 -17.11
CA VAL B 1226 -32.62 17.08 -17.24
C VAL B 1226 -33.35 17.80 -16.11
N LEU B 1227 -32.80 17.74 -14.90
CA LEU B 1227 -33.39 18.35 -13.71
C LEU B 1227 -34.62 17.58 -13.25
N SER B 1228 -34.72 17.35 -11.95
CA SER B 1228 -35.80 16.52 -11.42
C SER B 1228 -37.13 17.24 -11.63
N PRO B 1229 -38.20 16.51 -11.94
CA PRO B 1229 -39.48 17.17 -12.21
C PRO B 1229 -40.06 17.79 -10.95
N ARG B 1230 -40.90 18.80 -11.18
CA ARG B 1230 -41.68 19.37 -10.09
C ARG B 1230 -42.83 18.45 -9.75
N VAL B 1231 -42.99 18.13 -8.47
CA VAL B 1231 -43.99 17.19 -8.01
C VAL B 1231 -45.05 17.95 -7.21
N PHE B 1232 -46.31 17.64 -7.47
CA PHE B 1232 -47.43 18.31 -6.84
C PHE B 1232 -48.35 17.28 -6.23
N GLN B 1233 -48.78 17.52 -5.00
CA GLN B 1233 -49.81 16.68 -4.43
C GLN B 1233 -51.15 16.97 -5.10
N PRO B 1234 -52.01 15.97 -5.24
CA PRO B 1234 -53.25 16.17 -6.01
C PRO B 1234 -54.12 17.26 -5.40
N ALA B 1235 -54.76 18.03 -6.28
CA ALA B 1235 -55.55 19.18 -5.87
C ALA B 1235 -56.71 18.78 -4.96
N MET C 1 7.41 9.90 73.29
CA MET C 1 8.01 10.78 72.30
C MET C 1 9.00 10.00 71.44
N GLU C 2 9.05 10.34 70.15
CA GLU C 2 10.00 9.75 69.23
C GLU C 2 10.40 10.80 68.20
N LYS C 3 11.66 10.77 67.79
CA LYS C 3 12.15 11.65 66.73
C LYS C 3 11.89 10.98 65.38
N ILE C 4 11.07 11.62 64.55
CA ILE C 4 10.74 11.06 63.24
C ILE C 4 11.98 11.01 62.38
N PHE C 5 12.68 12.12 62.26
CA PHE C 5 13.93 12.20 61.51
C PHE C 5 15.06 11.75 62.45
N GLN C 6 15.62 10.59 62.17
CA GLN C 6 16.70 10.01 62.94
C GLN C 6 18.03 10.44 62.34
N ASN C 7 19.10 9.73 62.69
CA ASN C 7 20.46 10.11 62.32
C ASN C 7 20.58 10.44 60.83
N VAL C 8 21.53 11.31 60.52
CA VAL C 8 21.82 11.76 59.15
C VAL C 8 23.33 11.71 58.94
N GLU C 9 23.74 11.32 57.74
CA GLU C 9 25.14 11.36 57.34
C GLU C 9 25.30 12.41 56.27
N ILE C 10 26.15 13.40 56.52
CA ILE C 10 26.42 14.48 55.58
C ILE C 10 27.86 14.36 55.14
N LYS C 11 28.08 14.04 53.87
CA LYS C 11 29.41 13.78 53.33
C LYS C 11 29.59 14.52 52.01
N PRO C 12 30.43 15.56 51.97
CA PRO C 12 30.65 16.26 50.70
C PRO C 12 31.42 15.40 49.71
N PHE C 13 31.20 15.70 48.43
CA PHE C 13 31.95 15.09 47.35
C PHE C 13 33.19 15.93 47.12
N LEU C 14 34.37 15.33 47.29
CA LEU C 14 35.62 16.07 47.27
C LEU C 14 36.56 15.50 46.23
N ILE C 15 37.38 16.38 45.67
CA ILE C 15 38.39 16.00 44.69
C ILE C 15 39.54 15.33 45.41
N ASP C 16 40.03 14.22 44.85
CA ASP C 16 41.13 13.48 45.44
C ASP C 16 42.42 13.90 44.74
N PHE C 17 43.18 14.78 45.37
CA PHE C 17 44.46 15.23 44.84
C PHE C 17 45.58 14.23 45.06
N SER C 18 45.31 13.13 45.78
CA SER C 18 46.26 12.03 45.82
C SER C 18 46.41 11.37 44.45
N ASN C 19 45.49 11.64 43.53
CA ASN C 19 45.63 11.20 42.15
C ASN C 19 46.55 12.17 41.43
N LEU C 20 47.66 11.65 40.90
CA LEU C 20 48.65 12.52 40.29
C LEU C 20 48.07 13.25 39.09
N PHE C 21 47.31 12.55 38.25
CA PHE C 21 46.77 13.15 37.05
C PHE C 21 45.77 14.26 37.37
N ILE C 22 44.91 14.02 38.36
CA ILE C 22 43.93 15.03 38.74
C ILE C 22 44.63 16.27 39.28
N LYS C 23 45.63 16.06 40.16
CA LYS C 23 46.34 17.20 40.74
C LYS C 23 47.10 17.98 39.67
N ASN C 24 47.78 17.27 38.78
CA ASN C 24 48.50 17.95 37.70
C ASN C 24 47.54 18.73 36.81
N ALA C 25 46.41 18.12 36.44
CA ALA C 25 45.46 18.80 35.55
C ALA C 25 44.87 20.03 36.21
N ALA C 26 44.46 19.92 37.47
CA ALA C 26 43.88 21.06 38.18
C ALA C 26 44.90 22.17 38.33
N LYS C 27 46.15 21.82 38.65
CA LYS C 27 47.19 22.83 38.77
C LYS C 27 47.46 23.52 37.43
N LYS C 28 47.51 22.74 36.35
CA LYS C 28 47.86 23.33 35.05
C LYS C 28 46.72 24.19 34.51
N LEU C 29 45.48 23.84 34.82
CA LEU C 29 44.32 24.55 34.28
C LEU C 29 43.92 25.73 35.15
N PHE C 30 43.61 25.48 36.42
CA PHE C 30 43.02 26.49 37.29
C PHE C 30 43.92 26.88 38.45
N GLN C 31 45.15 26.37 38.50
CA GLN C 31 46.02 26.57 39.66
C GLN C 31 45.32 26.11 40.94
N LEU C 32 44.61 24.99 40.84
CA LEU C 32 43.78 24.49 41.91
C LEU C 32 44.55 23.40 42.65
N GLU C 33 44.97 23.71 43.88
CA GLU C 33 45.66 22.77 44.74
C GLU C 33 44.78 22.28 45.88
N GLU C 34 43.57 22.80 46.00
CA GLU C 34 42.70 22.51 47.12
C GLU C 34 41.28 22.31 46.61
N GLN C 35 40.35 22.08 47.54
CA GLN C 35 38.97 21.83 47.16
C GLN C 35 38.32 23.10 46.63
N LEU C 36 37.32 22.91 45.78
CA LEU C 36 36.61 24.02 45.20
C LEU C 36 35.77 24.73 46.25
N PRO C 37 35.46 26.02 46.04
CA PRO C 37 34.66 26.74 47.04
C PRO C 37 33.29 26.14 47.29
N LEU C 38 32.71 25.48 46.29
CA LEU C 38 31.42 24.81 46.43
C LEU C 38 31.57 23.37 46.00
N VAL C 39 31.09 22.45 46.82
CA VAL C 39 31.21 21.03 46.54
C VAL C 39 29.84 20.38 46.58
N PRO C 40 29.63 19.28 45.86
CA PRO C 40 28.39 18.51 46.06
C PRO C 40 28.43 17.76 47.37
N VAL C 41 27.31 17.76 48.08
CA VAL C 41 27.21 17.12 49.38
C VAL C 41 26.11 16.08 49.34
N ASN C 42 26.45 14.85 49.71
CA ASN C 42 25.51 13.75 49.73
C ASN C 42 24.95 13.61 51.14
N VAL C 43 23.64 13.77 51.28
CA VAL C 43 22.97 13.74 52.57
C VAL C 43 22.11 12.49 52.62
N VAL C 44 22.45 11.58 53.53
CA VAL C 44 21.69 10.34 53.72
C VAL C 44 20.94 10.47 55.04
N MET C 45 19.61 10.49 54.95
CA MET C 45 18.75 10.70 56.10
C MET C 45 17.98 9.43 56.41
N ASP C 46 17.80 9.14 57.70
CA ASP C 46 16.99 8.03 58.17
C ASP C 46 15.72 8.57 58.80
N PHE C 47 14.59 7.96 58.47
CA PHE C 47 13.30 8.36 58.99
C PHE C 47 12.62 7.15 59.60
N LYS C 48 12.01 7.33 60.78
CA LYS C 48 11.33 6.25 61.46
C LYS C 48 9.96 6.71 61.91
N GLY C 49 8.98 5.80 61.83
CA GLY C 49 7.63 6.14 62.23
C GLY C 49 7.00 7.21 61.36
N ILE C 50 7.19 7.12 60.06
CA ILE C 50 6.66 8.10 59.12
C ILE C 50 6.26 7.39 57.85
N SER C 51 5.20 7.85 57.21
CA SER C 51 4.70 7.20 56.02
C SER C 51 5.62 7.44 54.83
N ARG C 52 5.55 6.52 53.87
CA ARG C 52 6.31 6.67 52.64
C ARG C 52 5.86 7.89 51.85
N ALA C 53 4.59 8.28 51.98
CA ALA C 53 4.11 9.47 51.29
C ALA C 53 4.83 10.71 51.76
N ALA C 54 5.05 10.85 53.07
CA ALA C 54 5.72 12.03 53.59
C ALA C 54 7.19 12.07 53.18
N VAL C 55 7.90 10.95 53.31
CA VAL C 55 9.31 10.90 52.95
C VAL C 55 9.50 11.13 51.46
N HIS C 56 8.69 10.48 50.64
CA HIS C 56 8.81 10.68 49.21
C HIS C 56 8.36 12.07 48.79
N GLY C 57 7.38 12.66 49.48
CA GLY C 57 7.02 14.03 49.20
C GLY C 57 8.15 14.99 49.52
N LEU C 58 8.84 14.75 50.63
CA LEU C 58 10.03 15.54 50.94
C LEU C 58 11.07 15.39 49.85
N SER C 59 11.31 14.16 49.39
CA SER C 59 12.28 13.93 48.33
C SER C 59 11.89 14.65 47.05
N ARG C 60 10.61 14.58 46.66
CA ARG C 60 10.16 15.22 45.44
C ARG C 60 10.28 16.73 45.53
N VAL C 61 9.94 17.30 46.68
CA VAL C 61 10.06 18.73 46.86
C VAL C 61 11.52 19.15 46.74
N LEU C 62 12.39 18.48 47.47
CA LEU C 62 13.82 18.81 47.43
C LEU C 62 14.41 18.59 46.04
N GLN C 63 13.83 17.68 45.27
CA GLN C 63 14.30 17.50 43.89
C GLN C 63 13.91 18.68 43.03
N ASP C 64 12.62 18.92 42.86
CA ASP C 64 12.18 19.88 41.86
C ASP C 64 10.98 20.73 42.21
N GLU C 65 10.51 20.75 43.45
CA GLU C 65 9.40 21.62 43.80
C GLU C 65 9.78 22.68 44.82
N ILE C 66 11.05 22.79 45.13
CA ILE C 66 11.56 23.79 46.06
C ILE C 66 12.04 24.99 45.23
N PRO C 67 11.73 26.22 45.63
CA PRO C 67 12.27 27.38 44.91
C PRO C 67 13.79 27.38 44.95
N ASN C 68 14.39 27.74 43.82
CA ASN C 68 15.82 27.65 43.65
C ASN C 68 16.26 28.73 42.68
N TYR C 69 17.55 29.00 42.66
CA TYR C 69 18.12 30.07 41.86
C TYR C 69 19.00 29.50 40.77
N MET C 70 19.04 30.20 39.65
CA MET C 70 19.98 29.88 38.58
C MET C 70 20.31 31.15 37.83
N LEU C 71 21.42 31.12 37.12
CA LEU C 71 21.88 32.28 36.36
C LEU C 71 21.20 32.28 34.99
N ASP C 72 20.55 33.38 34.67
CA ASP C 72 19.91 33.52 33.37
C ASP C 72 20.36 34.82 32.72
N ILE C 73 20.23 34.88 31.41
CA ILE C 73 20.61 36.04 30.62
C ILE C 73 19.35 36.82 30.29
N LYS C 74 19.34 38.10 30.63
CA LYS C 74 18.19 38.94 30.34
C LYS C 74 18.05 39.14 28.84
N PRO C 75 16.84 39.43 28.36
CA PRO C 75 16.66 39.73 26.94
C PRO C 75 17.53 40.89 26.51
N GLY C 76 18.23 40.71 25.39
CA GLY C 76 19.18 41.68 24.92
C GLY C 76 20.53 41.64 25.60
N GLY C 77 20.74 40.72 26.54
CA GLY C 77 22.02 40.64 27.24
C GLY C 77 23.12 39.99 26.44
N TYR C 78 22.79 39.20 25.43
CA TYR C 78 23.77 38.57 24.56
C TYR C 78 24.10 39.56 23.45
N LYS C 79 25.19 40.28 23.61
CA LYS C 79 25.54 41.34 22.68
C LYS C 79 26.05 40.74 21.38
N ILE C 80 25.34 41.01 20.29
CA ILE C 80 25.70 40.51 18.96
C ILE C 80 26.49 41.64 18.30
N GLU C 81 27.80 41.48 18.25
CA GLU C 81 28.66 42.39 17.53
C GLU C 81 29.32 41.66 16.36
N ASP C 82 30.16 42.39 15.61
CA ASP C 82 30.81 41.81 14.46
C ASP C 82 31.79 40.71 14.86
N SER C 83 32.41 40.83 16.03
CA SER C 83 33.46 39.92 16.45
C SER C 83 32.93 38.76 17.28
N THR C 84 31.62 38.64 17.45
CA THR C 84 31.08 37.55 18.26
C THR C 84 31.37 36.21 17.59
N ASP C 85 31.70 35.22 18.42
CA ASP C 85 31.96 33.88 17.91
C ASP C 85 30.70 33.29 17.30
N LEU C 86 30.86 32.63 16.15
CA LEU C 86 29.72 32.10 15.43
C LEU C 86 29.26 30.74 15.95
N PHE C 87 30.06 30.06 16.76
CA PHE C 87 29.65 28.78 17.32
C PHE C 87 28.98 28.91 18.68
N MET C 88 29.37 29.91 19.48
CA MET C 88 28.76 30.12 20.78
C MET C 88 27.50 30.96 20.61
N THR C 89 26.46 30.30 20.11
CA THR C 89 25.19 30.98 19.94
C THR C 89 24.57 31.27 21.31
N GLU C 90 23.54 32.12 21.30
CA GLU C 90 22.90 32.47 22.55
C GLU C 90 22.23 31.26 23.19
N GLN C 91 21.68 30.36 22.37
CA GLN C 91 21.00 29.20 22.92
C GLN C 91 21.96 28.28 23.65
N PHE C 92 23.09 27.95 23.00
CA PHE C 92 24.06 27.06 23.60
C PHE C 92 24.62 27.63 24.89
N ILE C 93 25.04 28.90 24.86
CA ILE C 93 25.65 29.53 26.03
C ILE C 93 24.63 29.74 27.13
N ARG C 94 23.40 30.10 26.76
CA ARG C 94 22.35 30.26 27.77
C ARG C 94 22.07 28.94 28.47
N ASN C 95 22.05 27.84 27.71
CA ASN C 95 21.89 26.54 28.33
C ASN C 95 23.06 26.20 29.23
N ARG C 96 24.28 26.51 28.81
CA ARG C 96 25.44 26.27 29.67
C ARG C 96 25.31 27.04 30.98
N ILE C 97 24.99 28.33 30.89
CA ILE C 97 24.97 29.20 32.07
C ILE C 97 23.81 28.82 32.99
N ASN C 98 22.67 28.45 32.41
CA ASN C 98 21.49 28.13 33.21
C ASN C 98 21.76 26.99 34.19
N PHE C 99 22.54 26.00 33.75
CA PHE C 99 22.72 24.79 34.53
C PHE C 99 24.00 24.80 35.35
N ILE C 100 24.68 25.93 35.44
CA ILE C 100 25.74 26.09 36.43
C ILE C 100 25.06 26.15 37.79
N PRO C 101 25.35 25.22 38.71
CA PRO C 101 24.71 25.27 40.03
C PRO C 101 25.30 26.39 40.86
N ILE C 102 24.44 27.24 41.38
CA ILE C 102 24.85 28.38 42.18
C ILE C 102 24.28 28.24 43.57
N TYR C 103 24.98 28.80 44.55
CA TYR C 103 24.49 28.93 45.92
C TYR C 103 24.48 30.42 46.23
N ALA C 104 23.33 31.05 46.05
CA ALA C 104 23.20 32.50 46.11
C ALA C 104 22.25 32.89 47.24
N LYS C 105 22.76 33.68 48.19
CA LYS C 105 21.88 34.31 49.17
C LYS C 105 21.12 35.46 48.54
N ASN C 106 21.79 36.21 47.67
CA ASN C 106 21.31 37.48 47.16
C ASN C 106 20.80 37.30 45.74
N GLU C 107 19.61 37.82 45.46
CA GLU C 107 19.05 37.77 44.12
C GLU C 107 19.44 38.98 43.27
N THR C 108 20.05 39.99 43.87
CA THR C 108 20.35 41.23 43.19
C THR C 108 21.78 41.28 42.66
N LEU C 109 22.36 40.12 42.33
CA LEU C 109 23.68 40.06 41.72
C LEU C 109 23.53 39.89 40.22
N VAL C 110 24.28 40.69 39.47
CA VAL C 110 24.32 40.59 38.02
C VAL C 110 25.77 40.34 37.61
N PHE C 111 25.97 39.41 36.69
CA PHE C 111 27.30 39.07 36.21
C PHE C 111 27.42 39.47 34.74
N ALA C 112 28.66 39.56 34.28
CA ALA C 112 28.95 39.87 32.90
C ALA C 112 30.00 38.91 32.38
N LEU C 113 29.92 38.61 31.10
CA LEU C 113 30.92 37.82 30.41
C LEU C 113 31.50 38.67 29.30
N ARG C 114 32.80 38.96 29.39
CA ARG C 114 33.49 39.78 28.41
C ARG C 114 34.79 39.06 28.05
N SER C 115 34.70 38.17 27.07
CA SER C 115 35.83 37.36 26.64
C SER C 115 36.17 37.68 25.20
N LEU C 116 37.46 37.90 24.94
CA LEU C 116 37.94 38.17 23.60
C LEU C 116 39.21 37.34 23.39
N ASN C 117 39.22 36.53 22.33
CA ASN C 117 40.35 35.69 21.99
C ASN C 117 41.20 36.43 20.97
N ASN C 118 42.22 37.13 21.45
CA ASN C 118 43.16 37.80 20.56
C ASN C 118 44.30 36.88 20.12
N SER C 119 44.40 35.69 20.69
CA SER C 119 45.48 34.77 20.37
C SER C 119 45.19 34.07 19.04
N CYS C 120 46.09 33.16 18.67
CA CYS C 120 46.02 32.49 17.38
C CYS C 120 45.31 31.15 17.43
N GLU C 121 44.92 30.68 18.61
CA GLU C 121 44.23 29.40 18.73
C GLU C 121 42.97 29.57 19.57
N VAL C 122 42.24 28.47 19.74
CA VAL C 122 40.95 28.50 20.40
C VAL C 122 41.14 28.74 21.90
N LYS C 123 40.38 29.68 22.45
CA LYS C 123 40.43 30.02 23.86
C LYS C 123 39.14 29.55 24.53
N THR C 124 39.28 28.85 25.64
CA THR C 124 38.13 28.33 26.36
C THR C 124 37.70 29.32 27.43
N ILE C 125 36.42 29.67 27.42
CA ILE C 125 35.83 30.53 28.42
C ILE C 125 35.47 29.69 29.64
N TYR C 126 35.93 30.10 30.81
CA TYR C 126 35.64 29.39 32.05
C TYR C 126 34.70 30.22 32.91
N SER C 127 34.14 29.57 33.93
CA SER C 127 33.21 30.25 34.80
C SER C 127 33.87 31.36 35.61
N ARG C 128 35.19 31.29 35.80
CA ARG C 128 35.91 32.37 36.46
C ARG C 128 35.84 33.67 35.68
N ASP C 129 35.55 33.58 34.38
CA ASP C 129 35.46 34.77 33.53
C ASP C 129 34.15 35.52 33.72
N LEU C 130 33.21 34.98 34.48
CA LEU C 130 31.98 35.70 34.83
C LEU C 130 32.32 36.70 35.93
N ILE C 131 32.54 37.94 35.55
CA ILE C 131 32.80 39.00 36.51
C ILE C 131 31.48 39.61 36.94
N GLN C 132 31.38 39.95 38.21
CA GLN C 132 30.16 40.47 38.79
C GLN C 132 30.21 41.98 38.81
N VAL C 133 29.23 42.63 38.18
CA VAL C 133 29.01 44.06 38.34
C VAL C 133 27.53 44.26 38.65
N ALA C 134 27.17 44.11 39.93
CA ALA C 134 25.92 44.53 40.54
C ALA C 134 25.92 44.06 41.98
N GLY C 135 25.02 44.63 42.78
CA GLY C 135 24.79 44.17 44.12
C GLY C 135 26.02 44.23 45.00
N PRO C 136 25.90 43.70 46.22
CA PRO C 136 27.06 43.64 47.11
C PRO C 136 28.14 42.70 46.57
N LYS C 137 29.39 43.06 46.84
CA LYS C 137 30.50 42.23 46.38
C LYS C 137 30.51 40.90 47.13
N LEU C 138 30.72 39.83 46.38
CA LEU C 138 30.59 38.49 46.93
C LEU C 138 31.77 38.17 47.85
N LYS C 139 31.50 38.05 49.15
CA LYS C 139 32.53 37.58 50.07
C LYS C 139 32.91 36.15 49.76
N TYR C 140 31.94 35.33 49.41
CA TYR C 140 32.15 33.95 48.98
C TYR C 140 31.52 33.78 47.61
N PRO C 141 32.18 33.06 46.70
CA PRO C 141 31.60 32.85 45.37
C PRO C 141 30.33 32.03 45.43
N ILE C 142 29.43 32.29 44.48
CA ILE C 142 28.20 31.52 44.40
C ILE C 142 28.30 30.33 43.47
N PHE C 143 29.24 30.33 42.53
CA PHE C 143 29.47 29.18 41.67
C PHE C 143 30.96 28.90 41.58
N ASN C 144 31.29 27.70 41.14
CA ASN C 144 32.68 27.32 40.97
C ASN C 144 33.25 27.96 39.71
N PRO C 145 34.55 28.22 39.68
CA PRO C 145 35.18 28.85 38.51
C PRO C 145 35.61 27.89 37.42
N THR C 146 35.35 26.61 37.55
CA THR C 146 35.91 25.60 36.66
C THR C 146 34.97 25.16 35.55
N PHE C 147 33.78 25.76 35.46
CA PHE C 147 32.87 25.40 34.38
C PHE C 147 33.36 25.95 33.05
N GLU C 148 33.23 25.14 32.00
CA GLU C 148 33.55 25.57 30.65
C GLU C 148 32.31 26.20 30.05
N ILE C 149 32.24 27.53 30.04
CA ILE C 149 31.09 28.20 29.44
C ILE C 149 31.10 28.00 27.93
N GLY C 150 32.28 28.04 27.32
CA GLY C 150 32.37 27.89 25.89
C GLY C 150 33.81 28.05 25.45
N PHE C 151 34.00 28.13 24.14
CA PHE C 151 35.30 28.38 23.55
C PHE C 151 35.15 29.37 22.40
N LEU C 152 36.18 30.16 22.19
CA LEU C 152 36.19 31.19 21.15
C LEU C 152 37.21 30.83 20.09
N GLN C 153 36.83 30.98 18.83
CA GLN C 153 37.79 30.89 17.75
C GLN C 153 38.73 32.09 17.80
N PRO C 154 39.91 32.00 17.19
CA PRO C 154 40.84 33.13 17.23
C PRO C 154 40.21 34.39 16.64
N GLY C 155 40.39 35.50 17.34
CA GLY C 155 39.85 36.77 16.91
C GLY C 155 38.40 37.00 17.25
N LYS C 156 37.73 36.03 17.87
CA LYS C 156 36.31 36.13 18.17
C LYS C 156 36.09 36.54 19.62
N SER C 157 34.95 37.18 19.86
CA SER C 157 34.59 37.69 21.17
C SER C 157 33.28 37.07 21.61
N LEU C 158 32.93 37.32 22.87
CA LEU C 158 31.64 36.90 23.41
C LEU C 158 31.33 37.84 24.58
N ILE C 159 30.33 38.68 24.41
CA ILE C 159 29.92 39.63 25.45
C ILE C 159 28.50 39.25 25.87
N ILE C 160 28.34 38.96 27.16
CA ILE C 160 27.04 38.72 27.77
C ILE C 160 26.97 39.60 29.01
N GLU C 161 26.12 40.62 28.97
CA GLU C 161 26.20 41.68 29.97
C GLU C 161 25.19 41.55 31.10
N ASP C 162 24.06 40.88 30.89
CA ASP C 162 23.01 40.83 31.91
C ASP C 162 22.81 39.39 32.33
N ILE C 163 23.65 38.92 33.25
CA ILE C 163 23.50 37.58 33.81
C ILE C 163 23.03 37.73 35.24
N TYR C 164 21.72 37.69 35.43
CA TYR C 164 21.11 37.88 36.73
C TYR C 164 20.71 36.53 37.33
N ILE C 165 20.19 36.59 38.55
CA ILE C 165 19.80 35.39 39.28
C ILE C 165 18.29 35.27 39.23
N LYS C 166 17.82 34.19 38.64
CA LYS C 166 16.41 33.93 38.42
C LYS C 166 15.91 32.89 39.42
N LYS C 167 14.64 33.01 39.79
CA LYS C 167 14.01 32.12 40.75
C LYS C 167 12.94 31.27 40.06
N GLY C 168 12.80 30.03 40.52
CA GLY C 168 11.80 29.14 39.97
C GLY C 168 11.88 27.79 40.63
N ILE C 169 11.02 26.89 40.18
CA ILE C 169 11.01 25.51 40.67
C ILE C 169 11.42 24.59 39.54
N GLY C 170 12.00 23.45 39.91
CA GLY C 170 12.61 22.56 38.94
C GLY C 170 11.65 21.80 38.05
N ARG C 171 10.38 21.67 38.47
CA ARG C 171 9.41 21.02 37.61
C ARG C 171 8.90 21.93 36.51
N LYS C 172 9.21 23.22 36.56
CA LYS C 172 8.94 24.11 35.44
C LYS C 172 10.15 24.20 34.50
N HIS C 173 11.36 24.25 35.06
CA HIS C 173 12.57 24.15 34.28
C HIS C 173 13.64 23.49 35.13
N ALA C 174 14.34 22.51 34.53
CA ALA C 174 15.28 21.69 35.26
C ALA C 174 16.49 22.46 35.76
N ALA C 175 16.68 23.70 35.30
CA ALA C 175 17.76 24.52 35.84
C ALA C 175 17.52 24.86 37.31
N PHE C 176 16.28 24.80 37.76
CA PHE C 176 15.96 25.03 39.16
C PHE C 176 15.94 23.75 39.98
N ASN C 177 16.20 22.60 39.37
CA ASN C 177 16.30 21.36 40.13
C ASN C 177 17.37 21.51 41.19
N LEU C 178 17.05 21.07 42.41
CA LEU C 178 17.99 21.24 43.52
C LEU C 178 18.74 19.96 43.86
N ALA C 179 18.04 18.91 44.26
CA ALA C 179 18.69 17.72 44.78
C ALA C 179 18.56 16.57 43.79
N VAL C 180 19.63 15.78 43.68
CA VAL C 180 19.58 14.56 42.89
C VAL C 180 19.47 13.39 43.85
N LYS C 181 18.83 12.32 43.39
CA LYS C 181 18.59 11.15 44.21
C LYS C 181 19.81 10.25 44.21
N THR C 182 20.27 9.88 45.39
CA THR C 182 21.35 8.92 45.51
C THR C 182 20.97 7.64 46.23
N HIS C 183 19.89 7.63 47.01
CA HIS C 183 19.49 6.43 47.70
C HIS C 183 18.03 6.55 48.12
N PHE C 184 17.33 5.42 48.07
CA PHE C 184 16.03 5.30 48.71
C PHE C 184 15.82 3.84 49.06
N SER C 185 15.54 3.56 50.33
CA SER C 185 15.29 2.21 50.77
C SER C 185 14.37 2.25 51.99
N HIS C 186 13.75 1.11 52.26
CA HIS C 186 12.92 0.93 53.45
C HIS C 186 13.67 0.01 54.39
N LEU C 187 13.90 0.47 55.62
CA LEU C 187 14.69 -0.28 56.56
C LEU C 187 13.90 -1.33 57.32
N ASP C 188 12.57 -1.29 57.24
CA ASP C 188 11.72 -2.25 57.95
C ASP C 188 11.11 -3.30 57.04
N ILE C 189 11.69 -3.51 55.86
CA ILE C 189 11.32 -4.61 54.98
C ILE C 189 12.58 -5.42 54.70
N GLU C 190 12.51 -6.71 54.93
CA GLU C 190 13.65 -7.58 54.66
C GLU C 190 13.86 -7.69 53.15
N GLN C 191 15.09 -8.05 52.78
CA GLN C 191 15.47 -8.16 51.38
C GLN C 191 16.13 -9.50 51.11
N TYR C 192 15.79 -10.08 49.96
CA TYR C 192 16.48 -11.27 49.50
C TYR C 192 17.89 -10.92 49.05
N PRO C 193 18.78 -11.92 48.99
CA PRO C 193 20.03 -11.75 48.24
C PRO C 193 19.77 -11.84 46.75
N THR C 194 19.78 -10.71 46.07
CA THR C 194 19.35 -10.64 44.68
C THR C 194 20.40 -11.11 43.69
N ASP C 195 21.62 -11.41 44.14
CA ASP C 195 22.59 -12.06 43.28
C ASP C 195 22.19 -13.50 42.96
N LYS C 196 21.24 -14.06 43.71
CA LYS C 196 20.74 -15.39 43.41
C LYS C 196 19.91 -15.36 42.13
N LYS C 197 20.03 -16.43 41.34
CA LYS C 197 19.26 -16.51 40.10
C LYS C 197 17.76 -16.50 40.36
N GLU C 198 17.33 -17.04 41.51
CA GLU C 198 15.91 -17.11 41.80
C GLU C 198 15.34 -15.77 42.22
N TYR C 199 16.18 -14.82 42.62
CA TYR C 199 15.71 -13.54 43.13
C TYR C 199 16.14 -12.36 42.29
N MET C 200 16.96 -12.55 41.26
CA MET C 200 17.48 -11.44 40.48
C MET C 200 16.41 -10.76 39.65
N ALA C 201 15.28 -11.42 39.40
CA ALA C 201 14.19 -10.80 38.65
C ALA C 201 13.23 -10.04 39.54
N LEU C 202 13.35 -10.15 40.86
CA LEU C 202 12.49 -9.46 41.79
C LEU C 202 13.17 -8.21 42.31
N SER C 203 12.38 -7.35 42.95
CA SER C 203 12.93 -6.13 43.51
C SER C 203 13.93 -6.43 44.62
N GLY C 204 13.66 -7.42 45.45
CA GLY C 204 14.52 -7.75 46.56
C GLY C 204 13.76 -7.73 47.86
N TYR C 205 12.82 -6.80 48.00
CA TYR C 205 12.00 -6.73 49.19
C TYR C 205 11.14 -7.98 49.31
N LYS C 206 11.03 -8.49 50.53
CA LYS C 206 10.30 -9.73 50.79
C LYS C 206 8.80 -9.51 50.93
N GLN C 207 8.33 -8.27 50.83
CA GLN C 207 6.91 -7.97 50.82
C GLN C 207 6.56 -7.28 49.51
N SER C 208 5.43 -7.67 48.93
CA SER C 208 4.93 -6.97 47.77
C SER C 208 4.61 -5.53 48.13
N SER C 209 4.92 -4.61 47.22
CA SER C 209 4.59 -3.21 47.45
C SER C 209 3.10 -2.96 47.48
N MET C 210 2.29 -3.91 47.01
CA MET C 210 0.85 -3.79 47.06
C MET C 210 0.28 -4.13 48.42
N THR C 211 1.09 -4.66 49.34
CA THR C 211 0.65 -4.97 50.69
C THR C 211 1.52 -4.35 51.77
N SER C 212 2.75 -3.95 51.46
CA SER C 212 3.66 -3.41 52.46
C SER C 212 3.29 -1.98 52.82
N ASP C 213 3.53 -1.63 54.08
CA ASP C 213 3.36 -0.28 54.59
C ASP C 213 4.61 0.09 55.37
N PRO C 214 5.70 0.42 54.69
CA PRO C 214 6.95 0.69 55.39
C PRO C 214 6.90 2.01 56.14
N ARG C 215 7.51 2.03 57.31
CA ARG C 215 7.58 3.22 58.14
C ARG C 215 8.99 3.67 58.46
N HIS C 216 10.00 2.87 58.12
CA HIS C 216 11.40 3.17 58.38
C HIS C 216 12.10 3.31 57.05
N HIS C 217 12.51 4.53 56.70
CA HIS C 217 13.02 4.84 55.38
C HIS C 217 14.42 5.43 55.46
N ARG C 218 15.23 5.09 54.46
CA ARG C 218 16.52 5.73 54.23
C ARG C 218 16.40 6.55 52.95
N LEU C 219 16.67 7.85 53.05
CA LEU C 219 16.59 8.76 51.92
C LEU C 219 17.94 9.41 51.72
N GLY C 220 18.49 9.28 50.53
CA GLY C 220 19.77 9.87 50.21
C GLY C 220 19.70 10.83 49.06
N LEU C 221 19.95 12.11 49.33
CA LEU C 221 19.86 13.16 48.33
C LEU C 221 21.19 13.90 48.26
N CYS C 222 21.61 14.22 47.05
CA CYS C 222 22.84 14.98 46.83
C CYS C 222 22.50 16.41 46.43
N PHE C 223 23.12 17.36 47.08
CA PHE C 223 22.97 18.75 46.67
C PHE C 223 24.21 19.21 45.93
N PRO C 224 24.03 19.89 44.80
CA PRO C 224 25.11 20.02 43.82
C PRO C 224 26.17 21.05 44.16
N ALA C 225 25.81 22.12 44.87
CA ALA C 225 26.75 23.20 45.13
C ALA C 225 26.37 23.88 46.44
N VAL C 226 27.07 23.54 47.52
CA VAL C 226 26.93 24.27 48.78
C VAL C 226 28.33 24.73 49.17
N PRO C 227 28.47 25.86 49.85
CA PRO C 227 29.80 26.33 50.24
C PRO C 227 30.48 25.32 51.15
N LEU C 228 31.78 25.13 50.92
CA LEU C 228 32.52 24.12 51.68
C LEU C 228 32.56 24.41 53.18
N PRO C 229 32.80 25.64 53.65
CA PRO C 229 32.79 25.87 55.11
C PRO C 229 31.41 25.86 55.73
N HIS C 230 30.32 25.92 54.97
CA HIS C 230 28.98 26.07 55.51
C HIS C 230 28.07 24.96 55.02
N ILE C 231 28.56 23.72 55.09
CA ILE C 231 27.80 22.59 54.56
C ILE C 231 26.56 22.32 55.40
N ASN C 232 26.73 22.23 56.72
CA ASN C 232 25.62 21.85 57.58
C ASN C 232 24.51 22.89 57.57
N GLN C 233 24.87 24.16 57.59
CA GLN C 233 23.87 25.22 57.54
C GLN C 233 23.07 25.15 56.25
N ALA C 234 23.74 24.93 55.12
CA ALA C 234 23.04 24.83 53.85
C ALA C 234 22.09 23.64 53.83
N VAL C 235 22.55 22.48 54.32
CA VAL C 235 21.71 21.30 54.31
C VAL C 235 20.49 21.48 55.22
N ARG C 236 20.71 22.07 56.40
CA ARG C 236 19.60 22.37 57.30
C ARG C 236 18.60 23.30 56.64
N THR C 237 19.09 24.36 55.98
CA THR C 237 18.19 25.30 55.33
C THR C 237 17.40 24.63 54.22
N TYR C 238 18.06 23.77 53.43
CA TYR C 238 17.36 23.05 52.38
C TYR C 238 16.22 22.20 52.94
N LEU C 239 16.52 21.42 53.98
CA LEU C 239 15.50 20.54 54.54
C LEU C 239 14.36 21.32 55.16
N LYS C 240 14.67 22.39 55.89
CA LYS C 240 13.61 23.19 56.49
C LYS C 240 12.77 23.89 55.43
N ASN C 241 13.39 24.37 54.36
CA ASN C 241 12.63 25.02 53.29
C ASN C 241 11.70 24.02 52.62
N ALA C 242 12.17 22.79 52.40
CA ALA C 242 11.30 21.78 51.84
C ALA C 242 10.10 21.52 52.74
N CYS C 243 10.35 21.37 54.05
CA CYS C 243 9.27 21.12 54.98
C CYS C 243 8.25 22.27 54.96
N ARG C 244 8.74 23.51 54.93
CA ARG C 244 7.81 24.64 54.96
C ARG C 244 7.07 24.81 53.65
N ILE C 245 7.68 24.44 52.52
CA ILE C 245 6.97 24.45 51.24
C ILE C 245 5.80 23.47 51.30
N ILE C 246 6.06 22.27 51.81
CA ILE C 246 4.99 21.27 51.94
C ILE C 246 3.90 21.80 52.86
N ILE C 247 4.28 22.39 53.99
CA ILE C 247 3.30 22.92 54.93
C ILE C 247 2.48 24.02 54.29
N GLY C 248 3.11 24.89 53.51
CA GLY C 248 2.38 25.98 52.88
C GLY C 248 1.36 25.50 51.86
N ARG C 249 1.75 24.52 51.03
CA ARG C 249 0.78 23.97 50.08
C ARG C 249 -0.38 23.28 50.80
N ILE C 250 -0.06 22.51 51.84
CA ILE C 250 -1.10 21.86 52.61
C ILE C 250 -2.03 22.89 53.25
N GLN C 251 -1.48 24.02 53.67
CA GLN C 251 -2.30 25.05 54.30
C GLN C 251 -3.18 25.76 53.28
N SER C 252 -2.72 25.91 52.04
CA SER C 252 -3.61 26.41 51.00
C SER C 252 -4.82 25.48 50.84
N ILE C 253 -4.54 24.17 50.79
CA ILE C 253 -5.65 23.22 50.70
C ILE C 253 -6.52 23.28 51.96
N GLN C 254 -5.93 23.57 53.10
CA GLN C 254 -6.68 23.75 54.33
C GLN C 254 -7.63 24.94 54.24
N LYS C 255 -7.18 26.02 53.60
CA LYS C 255 -8.05 27.16 53.37
C LYS C 255 -9.24 26.78 52.51
N ILE C 256 -9.01 26.03 51.43
CA ILE C 256 -10.15 25.58 50.62
C ILE C 256 -11.09 24.74 51.47
N TYR C 257 -10.55 23.86 52.32
CA TYR C 257 -11.41 23.03 53.16
C TYR C 257 -12.26 23.87 54.09
N GLU C 258 -11.64 24.83 54.79
CA GLU C 258 -12.37 25.61 55.78
C GLU C 258 -13.39 26.53 55.14
N ASN C 259 -13.21 26.90 53.86
CA ASN C 259 -14.18 27.72 53.17
C ASN C 259 -15.30 26.92 52.52
N PHE C 260 -15.59 25.71 53.03
CA PHE C 260 -16.51 24.81 52.34
C PHE C 260 -17.96 25.25 52.46
N GLU C 261 -18.29 26.03 53.48
CA GLU C 261 -19.65 26.51 53.63
C GLU C 261 -20.04 27.50 52.54
N GLU C 262 -19.06 28.12 51.88
CA GLU C 262 -19.27 28.96 50.71
C GLU C 262 -18.82 28.23 49.47
N PRO C 263 -19.59 28.24 48.39
CA PRO C 263 -19.20 27.49 47.19
C PRO C 263 -17.85 27.94 46.65
N GLN C 264 -17.02 26.96 46.29
CA GLN C 264 -15.71 27.21 45.74
C GLN C 264 -15.52 26.38 44.47
N PRO C 265 -14.84 26.93 43.47
CA PRO C 265 -14.56 26.13 42.26
C PRO C 265 -13.73 24.90 42.54
N GLU C 266 -12.81 24.97 43.51
CA GLU C 266 -11.83 23.93 43.75
C GLU C 266 -12.32 22.83 44.68
N LEU C 267 -13.48 23.00 45.31
CA LEU C 267 -14.02 21.97 46.19
C LEU C 267 -15.49 21.79 45.90
N VAL C 268 -15.88 20.55 45.61
CA VAL C 268 -17.27 20.20 45.34
C VAL C 268 -17.68 19.10 46.31
N LEU C 269 -18.86 19.25 46.91
CA LEU C 269 -19.40 18.28 47.83
C LEU C 269 -20.76 17.79 47.34
N PHE C 270 -20.99 16.49 47.44
CA PHE C 270 -22.29 15.91 47.17
C PHE C 270 -22.65 14.99 48.33
N SER C 271 -23.95 14.75 48.48
CA SER C 271 -24.48 13.66 49.28
C SER C 271 -25.14 12.71 48.30
N MET C 272 -24.58 11.51 48.12
CA MET C 272 -24.98 10.73 46.96
C MET C 272 -26.29 9.99 47.17
N ASP C 273 -26.29 8.90 47.93
CA ASP C 273 -27.58 8.40 48.40
C ASP C 273 -27.55 7.85 49.82
N GLU C 274 -26.57 7.00 50.10
CA GLU C 274 -26.61 6.18 51.32
C GLU C 274 -25.72 6.78 52.40
N GLU C 275 -26.05 8.00 52.80
CA GLU C 275 -25.37 8.73 53.86
C GLU C 275 -23.91 8.98 53.44
N LYS C 276 -23.58 8.62 52.20
CA LYS C 276 -22.25 8.83 51.65
C LYS C 276 -22.17 10.23 51.07
N THR C 277 -21.12 10.95 51.45
CA THR C 277 -20.82 12.26 50.89
C THR C 277 -19.57 12.16 50.03
N LYS C 278 -19.64 12.71 48.83
CA LYS C 278 -18.52 12.71 47.90
C LYS C 278 -17.88 14.10 47.91
N ALA C 279 -16.60 14.17 48.24
CA ALA C 279 -15.85 15.42 48.24
C ALA C 279 -14.80 15.34 47.14
N ILE C 280 -14.85 16.28 46.21
CA ILE C 280 -13.88 16.36 45.12
C ILE C 280 -13.13 17.67 45.25
N ILE C 281 -11.81 17.57 45.38
CA ILE C 281 -10.95 18.75 45.48
C ILE C 281 -10.03 18.78 44.26
N THR C 282 -10.05 19.90 43.55
CA THR C 282 -9.27 20.09 42.33
C THR C 282 -8.37 21.30 42.51
N ILE C 283 -7.07 21.09 42.51
CA ILE C 283 -6.09 22.17 42.64
C ILE C 283 -5.25 22.19 41.38
N LYS C 284 -5.28 23.31 40.68
CA LYS C 284 -4.46 23.47 39.48
C LYS C 284 -2.99 23.58 39.83
N ASP C 285 -2.15 23.01 38.97
CA ASP C 285 -0.70 23.00 39.10
C ASP C 285 -0.23 22.28 40.36
N GLU C 286 -1.07 21.44 40.93
CA GLU C 286 -0.66 20.62 42.06
C GLU C 286 -0.19 19.27 41.55
N THR C 287 0.79 18.71 42.23
CA THR C 287 1.52 17.55 41.77
C THR C 287 1.19 16.33 42.63
N HIS C 288 1.91 15.24 42.37
CA HIS C 288 1.70 14.01 43.10
C HIS C 288 2.12 14.11 44.56
N THR C 289 2.97 15.07 44.91
CA THR C 289 3.42 15.19 46.29
C THR C 289 2.24 15.39 47.23
N ILE C 290 1.49 16.46 47.01
CA ILE C 290 0.39 16.79 47.90
C ILE C 290 -0.74 15.79 47.74
N GLY C 291 -1.00 15.33 46.53
CA GLY C 291 -2.07 14.35 46.34
C GLY C 291 -1.81 13.06 47.08
N ASN C 292 -0.58 12.55 46.98
CA ASN C 292 -0.21 11.33 47.69
C ASN C 292 -0.24 11.55 49.20
N LEU C 293 0.27 12.69 49.67
CA LEU C 293 0.22 12.99 51.10
C LEU C 293 -1.21 13.02 51.61
N LEU C 294 -2.09 13.72 50.88
CA LEU C 294 -3.47 13.84 51.29
C LEU C 294 -4.16 12.50 51.31
N LYS C 295 -3.98 11.70 50.25
CA LYS C 295 -4.60 10.39 50.22
C LYS C 295 -4.12 9.52 51.38
N THR C 296 -2.81 9.51 51.62
CA THR C 296 -2.25 8.69 52.67
C THR C 296 -2.79 9.09 54.03
N TYR C 297 -2.84 10.39 54.32
CA TYR C 297 -3.25 10.79 55.66
C TYR C 297 -4.76 10.73 55.85
N ILE C 298 -5.54 10.96 54.80
CA ILE C 298 -6.99 10.74 54.88
C ILE C 298 -7.25 9.27 55.15
N TYR C 299 -6.54 8.38 54.46
CA TYR C 299 -6.71 6.96 54.67
C TYR C 299 -6.30 6.55 56.08
N GLU C 300 -5.18 7.08 56.56
CA GLU C 300 -4.73 6.76 57.91
C GLU C 300 -5.68 7.31 58.96
N MET C 301 -6.43 8.36 58.62
CA MET C 301 -7.35 8.95 59.58
C MET C 301 -8.75 8.37 59.47
N ILE C 302 -9.11 7.86 58.30
CA ILE C 302 -10.40 7.20 58.08
C ILE C 302 -10.12 5.82 57.52
N PRO C 303 -9.71 4.85 58.34
CA PRO C 303 -9.41 3.52 57.80
C PRO C 303 -10.60 2.84 57.15
N ASP C 304 -11.81 3.13 57.60
CA ASP C 304 -13.03 2.55 57.03
C ASP C 304 -13.62 3.42 55.93
N ILE C 305 -12.79 4.19 55.22
CA ILE C 305 -13.28 5.09 54.19
C ILE C 305 -13.86 4.28 53.04
N SER C 306 -14.93 4.80 52.43
CA SER C 306 -15.51 4.14 51.27
C SER C 306 -14.55 4.20 50.09
N PHE C 307 -14.00 5.38 49.81
CA PHE C 307 -13.01 5.53 48.76
C PHE C 307 -12.21 6.80 48.99
N VAL C 308 -10.90 6.72 48.80
CA VAL C 308 -10.03 7.88 48.73
C VAL C 308 -9.03 7.66 47.61
N GLY C 309 -8.86 8.66 46.76
CA GLY C 309 -7.91 8.55 45.68
C GLY C 309 -7.74 9.88 44.99
N TYR C 310 -6.60 10.01 44.32
CA TYR C 310 -6.26 11.22 43.60
C TYR C 310 -5.79 10.85 42.20
N GLN C 311 -5.92 11.80 41.28
CA GLN C 311 -5.33 11.65 39.96
C GLN C 311 -4.63 12.94 39.57
N CYS C 312 -3.38 12.82 39.14
CA CYS C 312 -2.64 13.92 38.54
C CYS C 312 -2.42 13.55 37.08
N VAL C 313 -3.41 13.84 36.26
CA VAL C 313 -3.29 13.55 34.83
C VAL C 313 -2.20 14.45 34.24
N PRO C 314 -1.26 13.90 33.46
CA PRO C 314 -0.20 14.75 32.91
C PRO C 314 -0.72 15.93 32.10
N HIS C 315 -1.76 15.74 31.31
CA HIS C 315 -2.49 16.87 30.78
C HIS C 315 -3.57 17.28 31.79
N LYS C 316 -4.14 18.46 31.59
CA LYS C 316 -5.06 19.11 32.51
C LYS C 316 -4.34 19.67 33.73
N GLN C 317 -3.06 19.32 33.90
CA GLN C 317 -2.15 19.97 34.85
C GLN C 317 -2.83 20.32 36.17
N GLU C 318 -3.45 19.34 36.80
CA GLU C 318 -4.16 19.56 38.05
C GLU C 318 -4.15 18.28 38.87
N MET C 319 -4.36 18.43 40.17
CA MET C 319 -4.57 17.32 41.08
C MET C 319 -6.03 17.28 41.47
N VAL C 320 -6.68 16.13 41.26
CA VAL C 320 -8.07 15.93 41.62
C VAL C 320 -8.12 14.85 42.68
N LEU C 321 -8.61 15.20 43.87
CA LEU C 321 -8.68 14.27 44.99
C LEU C 321 -10.14 13.99 45.31
N THR C 322 -10.52 12.72 45.26
CA THR C 322 -11.88 12.29 45.52
C THR C 322 -11.93 11.54 46.85
N ILE C 323 -12.79 11.99 47.74
CA ILE C 323 -13.03 11.32 49.02
C ILE C 323 -14.51 10.96 49.07
N ILE C 324 -14.78 9.67 49.26
CA ILE C 324 -16.13 9.18 49.49
C ILE C 324 -16.15 8.49 50.84
N HIS C 325 -17.04 8.93 51.71
CA HIS C 325 -17.07 8.41 53.07
C HIS C 325 -18.51 8.35 53.55
N LYS C 326 -18.78 7.40 54.44
CA LYS C 326 -20.10 7.21 55.04
C LYS C 326 -20.25 8.16 56.23
N ALA C 327 -20.36 9.45 55.90
CA ALA C 327 -20.44 10.50 56.90
C ALA C 327 -21.05 11.72 56.25
N SER C 328 -21.43 12.69 57.08
CA SER C 328 -22.05 13.91 56.58
C SER C 328 -20.98 14.86 56.08
N GLN C 329 -21.43 15.91 55.36
CA GLN C 329 -20.50 16.85 54.77
C GLN C 329 -19.68 17.56 55.85
N GLU C 330 -20.34 17.97 56.95
CA GLU C 330 -19.59 18.62 58.03
C GLU C 330 -18.65 17.65 58.73
N ASP C 331 -19.10 16.42 58.99
CA ASP C 331 -18.23 15.44 59.62
C ASP C 331 -17.08 15.06 58.70
N LEU C 332 -17.34 14.91 57.40
CA LEU C 332 -16.28 14.63 56.46
C LEU C 332 -15.27 15.76 56.42
N ILE C 333 -15.74 17.01 56.41
CA ILE C 333 -14.83 18.15 56.40
C ILE C 333 -14.00 18.20 57.68
N THR C 334 -14.62 17.85 58.81
CA THR C 334 -13.89 17.79 60.07
C THR C 334 -12.77 16.75 60.01
N LEU C 335 -13.08 15.57 59.48
CA LEU C 335 -12.05 14.53 59.36
C LEU C 335 -10.94 14.96 58.41
N LEU C 336 -11.30 15.61 57.31
CA LEU C 336 -10.30 16.07 56.35
C LEU C 336 -9.41 17.14 56.98
N GLU C 337 -10.01 18.05 57.75
CA GLU C 337 -9.23 19.07 58.45
C GLU C 337 -8.29 18.44 59.45
N LYS C 338 -8.75 17.42 60.17
CA LYS C 338 -7.88 16.79 61.15
C LYS C 338 -6.75 16.02 60.48
N SER C 339 -7.01 15.43 59.32
CA SER C 339 -5.94 14.77 58.57
C SER C 339 -4.91 15.77 58.05
N ILE C 340 -5.37 16.93 57.58
CA ILE C 340 -4.45 17.98 57.16
C ILE C 340 -3.63 18.48 58.35
N GLN C 341 -4.25 18.59 59.52
CA GLN C 341 -3.50 18.95 60.71
C GLN C 341 -2.45 17.90 61.04
N ASN C 342 -2.79 16.64 60.82
CA ASN C 342 -1.80 15.58 61.02
C ASN C 342 -0.61 15.74 60.07
N ILE C 343 -0.89 16.08 58.81
CA ILE C 343 0.20 16.30 57.85
C ILE C 343 1.10 17.45 58.32
N ILE C 344 0.46 18.55 58.72
CA ILE C 344 1.22 19.73 59.13
C ILE C 344 2.06 19.41 60.37
N GLN C 345 1.48 18.68 61.32
CA GLN C 345 2.23 18.29 62.52
C GLN C 345 3.41 17.40 62.16
N THR C 346 3.20 16.46 61.24
CA THR C 346 4.31 15.61 60.80
C THR C 346 5.46 16.44 60.26
N PHE C 347 5.16 17.41 59.40
CA PHE C 347 6.26 18.15 58.80
C PHE C 347 6.86 19.20 59.73
N GLN C 348 6.09 19.70 60.68
CA GLN C 348 6.66 20.56 61.71
C GLN C 348 7.60 19.78 62.62
N ILE C 349 7.22 18.55 62.97
CA ILE C 349 8.12 17.69 63.72
C ILE C 349 9.38 17.42 62.90
N LEU C 350 9.22 17.21 61.60
CA LEU C 350 10.39 17.00 60.73
C LEU C 350 11.31 18.20 60.77
N GLU C 351 10.76 19.41 60.70
CA GLU C 351 11.59 20.62 60.75
C GLU C 351 12.32 20.74 62.09
N LYS C 352 11.61 20.47 63.18
CA LYS C 352 12.25 20.52 64.49
C LYS C 352 13.39 19.52 64.59
N ASN C 353 13.17 18.29 64.09
CA ASN C 353 14.21 17.28 64.12
C ASN C 353 15.37 17.66 63.21
N VAL C 354 15.10 18.35 62.11
CA VAL C 354 16.16 18.84 61.24
C VAL C 354 17.05 19.79 62.02
N ASP C 355 16.45 20.73 62.73
CA ASP C 355 17.24 21.65 63.55
C ASP C 355 18.02 20.89 64.62
N GLU C 356 17.39 19.89 65.25
CA GLU C 356 18.03 19.18 66.34
C GLU C 356 19.23 18.37 65.87
N LEU C 357 19.13 17.74 64.70
CA LEU C 357 20.13 16.75 64.29
C LEU C 357 21.37 17.38 63.67
N ILE C 358 21.18 18.12 62.58
CA ILE C 358 22.32 18.61 61.83
C ILE C 358 23.07 19.69 62.60
N ALA C 359 22.33 20.63 63.19
CA ALA C 359 22.92 21.66 64.04
C ALA C 359 24.02 22.45 63.32
N MET D 1 -19.77 -42.92 -22.22
CA MET D 1 -19.55 -41.66 -22.92
C MET D 1 -20.83 -40.85 -23.02
N ALA D 2 -20.81 -39.85 -23.90
CA ALA D 2 -21.91 -38.89 -23.97
C ALA D 2 -23.20 -39.52 -24.46
N MET D 3 -23.12 -40.51 -25.35
CA MET D 3 -24.32 -41.02 -26.01
C MET D 3 -25.18 -41.83 -25.03
N GLN D 4 -24.57 -42.70 -24.24
CA GLN D 4 -25.36 -43.49 -23.29
C GLN D 4 -25.98 -42.61 -22.21
N LYS D 5 -25.22 -41.65 -21.70
CA LYS D 5 -25.77 -40.72 -20.71
C LYS D 5 -26.91 -39.91 -21.31
N LEU D 6 -26.74 -39.43 -22.54
CA LEU D 6 -27.79 -38.69 -23.20
C LEU D 6 -29.02 -39.56 -23.39
N PHE D 7 -28.83 -40.81 -23.78
CA PHE D 7 -29.95 -41.72 -24.01
C PHE D 7 -30.70 -41.98 -22.71
N THR D 8 -29.99 -42.15 -21.60
CA THR D 8 -30.69 -42.43 -20.35
C THR D 8 -31.33 -41.19 -19.75
N TYR D 9 -30.79 -40.00 -19.99
CA TYR D 9 -31.29 -38.81 -19.31
C TYR D 9 -32.21 -37.95 -20.17
N ILE D 10 -32.31 -38.21 -21.47
CA ILE D 10 -33.28 -37.44 -22.25
C ILE D 10 -34.69 -37.83 -21.85
N TYR D 11 -34.92 -39.08 -21.48
CA TYR D 11 -36.23 -39.49 -21.03
C TYR D 11 -36.52 -38.98 -19.62
N GLU D 12 -35.50 -38.86 -18.78
CA GLU D 12 -35.68 -38.20 -17.50
C GLU D 12 -36.01 -36.72 -17.70
N PHE D 13 -35.42 -36.09 -18.70
CA PHE D 13 -35.77 -34.71 -19.05
C PHE D 13 -37.21 -34.62 -19.52
N ILE D 14 -37.64 -35.55 -20.35
CA ILE D 14 -39.01 -35.53 -20.86
C ILE D 14 -40.01 -35.74 -19.71
N GLU D 15 -39.71 -36.67 -18.80
CA GLU D 15 -40.59 -36.88 -17.66
C GLU D 15 -40.60 -35.68 -16.73
N TYR D 16 -39.43 -35.10 -16.48
CA TYR D 16 -39.35 -33.90 -15.64
C TYR D 16 -40.13 -32.75 -16.24
N ARG D 17 -40.15 -32.66 -17.57
CA ARG D 17 -40.96 -31.67 -18.27
C ARG D 17 -42.44 -31.97 -18.23
N LYS D 18 -42.85 -33.05 -17.55
CA LYS D 18 -44.25 -33.48 -17.47
C LYS D 18 -44.81 -33.76 -18.86
N MET D 19 -44.03 -34.46 -19.66
CA MET D 19 -44.40 -34.81 -21.02
C MET D 19 -44.55 -36.32 -21.15
N VAL D 20 -45.48 -36.75 -22.00
CA VAL D 20 -45.74 -38.16 -22.25
C VAL D 20 -45.25 -38.51 -23.64
N LEU D 21 -44.53 -39.63 -23.74
CA LEU D 21 -43.96 -40.04 -25.02
C LEU D 21 -45.04 -40.53 -25.96
N LEU D 22 -45.02 -40.01 -27.18
CA LEU D 22 -45.94 -40.50 -28.21
C LEU D 22 -45.50 -41.86 -28.74
N GLU D 23 -44.20 -42.04 -28.96
CA GLU D 23 -43.66 -43.27 -29.48
C GLU D 23 -43.30 -44.21 -28.33
N GLU D 24 -42.55 -45.27 -28.66
CA GLU D 24 -42.06 -46.22 -27.67
C GLU D 24 -40.54 -46.18 -27.62
N LYS D 25 -40.01 -46.52 -26.44
CA LYS D 25 -38.57 -46.48 -26.23
C LYS D 25 -37.89 -47.64 -26.95
N VAL D 26 -36.77 -47.35 -27.59
CA VAL D 26 -35.98 -48.38 -28.27
C VAL D 26 -34.79 -48.73 -27.38
N PRO D 27 -34.21 -49.92 -27.50
CA PRO D 27 -33.00 -50.24 -26.74
C PRO D 27 -31.84 -49.32 -27.15
N TYR D 28 -30.84 -49.26 -26.28
CA TYR D 28 -29.73 -48.34 -26.49
C TYR D 28 -29.00 -48.64 -27.78
N ASP D 29 -28.82 -49.92 -28.10
CA ASP D 29 -28.12 -50.29 -29.33
C ASP D 29 -28.86 -49.79 -30.56
N LYS D 30 -30.19 -49.92 -30.56
CA LYS D 30 -30.96 -49.38 -31.68
C LYS D 30 -30.83 -47.87 -31.77
N PHE D 31 -30.81 -47.19 -30.62
CA PHE D 31 -30.67 -45.73 -30.63
C PHE D 31 -29.32 -45.31 -31.23
N VAL D 32 -28.23 -45.92 -30.77
CA VAL D 32 -26.92 -45.51 -31.28
C VAL D 32 -26.78 -45.88 -32.75
N GLN D 33 -27.34 -47.02 -33.16
CA GLN D 33 -27.30 -47.39 -34.56
C GLN D 33 -28.08 -46.40 -35.41
N MET D 34 -29.24 -45.95 -34.92
CA MET D 34 -30.04 -44.98 -35.67
C MET D 34 -29.34 -43.64 -35.74
N VAL D 35 -28.62 -43.26 -34.68
CA VAL D 35 -27.83 -42.03 -34.71
C VAL D 35 -26.71 -42.15 -35.75
N LEU D 36 -26.02 -43.29 -35.77
CA LEU D 36 -24.91 -43.48 -36.71
C LEU D 36 -25.40 -43.52 -38.15
N ASN D 37 -26.58 -44.10 -38.37
CA ASN D 37 -27.09 -44.23 -39.74
C ASN D 37 -27.76 -42.96 -40.21
N THR D 38 -28.87 -42.58 -39.56
CA THR D 38 -29.66 -41.47 -40.04
C THR D 38 -28.99 -40.13 -39.77
N GLY D 39 -28.13 -40.06 -38.76
CA GLY D 39 -27.50 -38.83 -38.34
C GLY D 39 -28.20 -38.14 -37.19
N PHE D 40 -29.43 -38.54 -36.88
CA PHE D 40 -30.15 -37.98 -35.75
C PHE D 40 -31.11 -39.03 -35.22
N PHE D 41 -31.53 -38.83 -33.97
CA PHE D 41 -32.55 -39.65 -33.34
C PHE D 41 -33.64 -38.72 -32.83
N ARG D 42 -34.86 -38.91 -33.32
CA ARG D 42 -35.97 -38.01 -33.05
C ARG D 42 -36.91 -38.65 -32.04
N ILE D 43 -37.13 -37.95 -30.93
CA ILE D 43 -38.04 -38.39 -29.88
C ILE D 43 -39.17 -37.38 -29.80
N ASN D 44 -40.41 -37.86 -29.90
CA ASN D 44 -41.60 -37.02 -29.87
C ASN D 44 -42.35 -37.25 -28.57
N ALA D 45 -42.70 -36.15 -27.90
CA ALA D 45 -43.43 -36.21 -26.65
C ALA D 45 -44.57 -35.20 -26.69
N GLU D 46 -45.59 -35.46 -25.88
CA GLU D 46 -46.78 -34.63 -25.80
C GLU D 46 -46.87 -33.97 -24.43
N THR D 47 -47.19 -32.68 -24.42
CA THR D 47 -47.29 -31.93 -23.18
C THR D 47 -48.70 -32.06 -22.61
N LEU D 48 -48.96 -31.34 -21.52
CA LEU D 48 -50.31 -31.34 -20.93
C LEU D 48 -51.30 -30.63 -21.83
N ASN D 49 -50.84 -29.59 -22.54
CA ASN D 49 -51.68 -28.85 -23.48
C ASN D 49 -51.78 -29.53 -24.83
N HIS D 50 -51.49 -30.83 -24.89
CA HIS D 50 -51.53 -31.63 -26.11
C HIS D 50 -50.63 -31.06 -27.20
N GLY D 51 -49.68 -30.22 -26.84
CA GLY D 51 -48.67 -29.80 -27.78
C GLY D 51 -47.60 -30.86 -27.97
N ILE D 52 -46.91 -30.80 -29.10
CA ILE D 52 -45.90 -31.77 -29.45
C ILE D 52 -44.54 -31.12 -29.27
N VAL D 53 -43.63 -31.82 -28.61
CA VAL D 53 -42.24 -31.41 -28.48
C VAL D 53 -41.38 -32.49 -29.09
N SER D 54 -40.60 -32.13 -30.12
CA SER D 54 -39.74 -33.07 -30.82
C SER D 54 -38.30 -32.84 -30.40
N VAL D 55 -37.63 -33.91 -29.97
CA VAL D 55 -36.24 -33.85 -29.52
C VAL D 55 -35.39 -34.53 -30.59
N PHE D 56 -34.44 -33.79 -31.13
CA PHE D 56 -33.50 -34.31 -32.13
C PHE D 56 -32.12 -34.45 -31.50
N ILE D 57 -31.53 -35.62 -31.62
CA ILE D 57 -30.21 -35.90 -31.07
C ILE D 57 -29.26 -36.13 -32.23
N PHE D 58 -28.38 -35.18 -32.49
CA PHE D 58 -27.50 -35.23 -33.64
C PHE D 58 -26.14 -35.78 -33.24
N GLY D 59 -25.68 -36.79 -33.98
CA GLY D 59 -24.37 -37.34 -33.74
C GLY D 59 -23.27 -36.36 -34.10
N ALA D 60 -22.10 -36.57 -33.49
CA ALA D 60 -20.99 -35.64 -33.67
C ALA D 60 -20.53 -35.58 -35.12
N ASN D 61 -20.48 -36.73 -35.79
CA ASN D 61 -19.97 -36.83 -37.15
C ASN D 61 -21.08 -36.92 -38.19
N GLY D 62 -22.32 -36.62 -37.81
CA GLY D 62 -23.42 -36.70 -38.75
C GLY D 62 -23.33 -35.63 -39.82
N LYS D 63 -24.12 -35.82 -40.87
CA LYS D 63 -24.12 -34.88 -41.99
C LYS D 63 -24.77 -33.56 -41.62
N TYR D 64 -25.78 -33.60 -40.73
CA TYR D 64 -26.54 -32.39 -40.43
C TYR D 64 -25.69 -31.35 -39.72
N VAL D 65 -24.87 -31.77 -38.75
CA VAL D 65 -24.10 -30.80 -37.99
C VAL D 65 -22.96 -30.21 -38.82
N HIS D 66 -22.69 -30.74 -40.00
CA HIS D 66 -21.59 -30.24 -40.83
C HIS D 66 -22.07 -29.36 -41.97
N HIS D 67 -23.13 -29.74 -42.65
CA HIS D 67 -23.64 -29.01 -43.80
C HIS D 67 -24.99 -28.40 -43.46
N GLY D 68 -25.12 -27.09 -43.67
CA GLY D 68 -26.35 -26.39 -43.34
C GLY D 68 -27.53 -26.74 -44.23
N GLY D 69 -27.27 -27.26 -45.43
CA GLY D 69 -28.36 -27.62 -46.33
C GLY D 69 -29.20 -28.76 -45.78
N ASP D 70 -28.54 -29.79 -45.24
CA ASP D 70 -29.28 -30.90 -44.65
C ASP D 70 -30.03 -30.46 -43.40
N MET D 71 -29.44 -29.57 -42.61
CA MET D 71 -30.15 -29.02 -41.45
C MET D 71 -31.40 -28.30 -41.90
N ARG D 72 -31.29 -27.46 -42.95
CA ARG D 72 -32.44 -26.78 -43.52
C ARG D 72 -33.50 -27.77 -43.96
N THR D 73 -33.08 -28.81 -44.69
CA THR D 73 -34.04 -29.79 -45.20
C THR D 73 -34.77 -30.47 -44.06
N LEU D 74 -34.03 -30.94 -43.06
CA LEU D 74 -34.65 -31.65 -41.95
C LEU D 74 -35.62 -30.75 -41.18
N LEU D 75 -35.18 -29.55 -40.84
CA LEU D 75 -36.03 -28.66 -40.06
C LEU D 75 -37.28 -28.27 -40.85
N THR D 76 -37.13 -27.97 -42.14
CA THR D 76 -38.28 -27.57 -42.95
C THR D 76 -39.25 -28.73 -43.13
N ASN D 77 -38.73 -29.96 -43.20
CA ASN D 77 -39.60 -31.11 -43.37
C ASN D 77 -40.38 -31.41 -42.10
N THR D 78 -39.69 -31.38 -40.94
CA THR D 78 -40.40 -31.67 -39.69
C THR D 78 -41.36 -30.55 -39.32
N LEU D 79 -41.01 -29.29 -39.63
CA LEU D 79 -41.87 -28.18 -39.25
C LEU D 79 -43.13 -28.11 -40.08
N ASN D 80 -43.18 -28.79 -41.23
CA ASN D 80 -44.37 -28.80 -42.07
C ASN D 80 -45.29 -29.97 -41.79
N GLU D 81 -44.94 -30.82 -40.82
CA GLU D 81 -45.80 -31.94 -40.46
C GLU D 81 -47.05 -31.46 -39.74
N LYS D 82 -48.10 -32.28 -39.78
CA LYS D 82 -49.40 -31.93 -39.21
C LYS D 82 -49.40 -32.21 -37.70
N LYS D 83 -48.62 -31.40 -36.99
CA LYS D 83 -48.49 -31.50 -35.55
C LYS D 83 -48.64 -30.13 -34.91
N HIS D 84 -49.05 -30.11 -33.64
CA HIS D 84 -49.20 -28.85 -32.93
C HIS D 84 -47.85 -28.16 -32.74
N TYR D 85 -46.82 -28.92 -32.37
CA TYR D 85 -45.44 -28.44 -32.32
C TYR D 85 -45.28 -27.27 -31.36
N GLU D 86 -45.42 -27.57 -30.08
CA GLU D 86 -45.13 -26.56 -29.07
C GLU D 86 -43.68 -26.14 -29.11
N GLU D 87 -42.76 -27.10 -29.28
CA GLU D 87 -41.34 -26.79 -29.21
C GLU D 87 -40.54 -27.78 -30.05
N LEU D 88 -39.36 -27.34 -30.47
CA LEU D 88 -38.37 -28.18 -31.13
C LEU D 88 -37.05 -28.08 -30.37
N ILE D 89 -36.51 -29.22 -29.95
CA ILE D 89 -35.26 -29.28 -29.22
C ILE D 89 -34.25 -30.04 -30.06
N LEU D 90 -33.10 -29.43 -30.28
CA LEU D 90 -32.03 -30.02 -31.08
C LEU D 90 -30.79 -30.14 -30.21
N ILE D 91 -30.37 -31.37 -29.94
CA ILE D 91 -29.23 -31.64 -29.08
C ILE D 91 -28.06 -32.01 -29.96
N VAL D 92 -26.96 -31.28 -29.84
CA VAL D 92 -25.80 -31.43 -30.69
C VAL D 92 -24.55 -31.37 -29.82
N ASP D 93 -23.40 -31.61 -30.44
CA ASP D 93 -22.14 -31.42 -29.76
C ASP D 93 -21.94 -29.94 -29.46
N LYS D 94 -21.21 -29.64 -28.39
CA LYS D 94 -20.89 -28.26 -28.07
C LYS D 94 -20.11 -27.55 -29.18
N PRO D 95 -19.12 -28.16 -29.84
CA PRO D 95 -18.44 -27.45 -30.94
C PRO D 95 -19.38 -27.02 -32.06
N VAL D 96 -20.49 -27.74 -32.25
CA VAL D 96 -21.46 -27.33 -33.26
C VAL D 96 -22.06 -25.98 -32.91
N LEU D 97 -22.23 -25.68 -31.61
CA LEU D 97 -22.80 -24.42 -31.20
C LEU D 97 -21.95 -23.22 -31.63
N SER D 98 -20.66 -23.45 -31.88
CA SER D 98 -19.78 -22.39 -32.38
C SER D 98 -19.65 -22.40 -33.89
N LYS D 99 -20.44 -23.21 -34.59
CA LYS D 99 -20.42 -23.23 -36.05
C LYS D 99 -21.46 -22.25 -36.58
N LYS D 100 -20.99 -21.21 -37.28
CA LYS D 100 -21.85 -20.10 -37.63
C LYS D 100 -22.98 -20.50 -38.57
N ASN D 101 -22.70 -21.36 -39.55
CA ASN D 101 -23.71 -21.70 -40.56
C ASN D 101 -24.89 -22.45 -39.93
N ILE D 102 -24.61 -23.36 -39.00
CA ILE D 102 -25.69 -24.07 -38.33
C ILE D 102 -26.54 -23.10 -37.52
N LEU D 103 -25.89 -22.15 -36.84
CA LEU D 103 -26.65 -21.14 -36.11
C LEU D 103 -27.49 -20.30 -37.05
N ASP D 104 -26.95 -19.97 -38.23
CA ASP D 104 -27.69 -19.18 -39.20
C ASP D 104 -28.94 -19.89 -39.65
N ILE D 105 -28.84 -21.18 -39.96
CA ILE D 105 -30.04 -21.90 -40.38
C ILE D 105 -31.03 -22.00 -39.21
N ILE D 106 -30.52 -22.19 -37.99
CA ILE D 106 -31.42 -22.27 -36.83
C ILE D 106 -32.23 -20.99 -36.69
N VAL D 107 -31.55 -19.84 -36.73
CA VAL D 107 -32.26 -18.57 -36.56
C VAL D 107 -33.15 -18.28 -37.76
N GLU D 108 -32.74 -18.70 -38.96
CA GLU D 108 -33.57 -18.46 -40.14
C GLU D 108 -34.88 -19.20 -40.00
N GLN D 109 -34.84 -20.50 -39.69
CA GLN D 109 -36.10 -21.24 -39.57
C GLN D 109 -36.87 -20.86 -38.31
N ARG D 110 -36.19 -20.32 -37.30
CA ARG D 110 -36.92 -19.75 -36.17
C ARG D 110 -37.75 -18.57 -36.63
N ALA D 111 -37.18 -17.71 -37.48
CA ALA D 111 -37.95 -16.60 -38.03
C ALA D 111 -39.04 -17.07 -38.97
N ALA D 112 -38.79 -18.17 -39.69
CA ALA D 112 -39.78 -18.67 -40.66
C ALA D 112 -41.04 -19.16 -39.95
N ASN D 113 -40.89 -19.77 -38.77
CA ASN D 113 -42.02 -20.21 -37.95
C ASN D 113 -42.01 -19.43 -36.64
N PRO D 114 -42.67 -18.27 -36.60
CA PRO D 114 -42.67 -17.48 -35.36
C PRO D 114 -43.32 -18.20 -34.19
N THR D 115 -44.33 -19.03 -34.44
CA THR D 115 -45.05 -19.66 -33.34
C THR D 115 -44.21 -20.74 -32.66
N ILE D 116 -43.55 -21.57 -33.46
CA ILE D 116 -42.82 -22.72 -32.93
C ILE D 116 -41.55 -22.24 -32.25
N VAL D 117 -41.27 -22.79 -31.08
CA VAL D 117 -40.02 -22.52 -30.37
C VAL D 117 -38.99 -23.55 -30.83
N ILE D 118 -37.87 -23.06 -31.36
CA ILE D 118 -36.77 -23.92 -31.79
C ILE D 118 -35.57 -23.61 -30.91
N ASN D 119 -35.00 -24.64 -30.30
CA ASN D 119 -33.88 -24.48 -29.40
C ASN D 119 -32.80 -25.49 -29.72
N ILE D 120 -31.55 -25.06 -29.64
CA ILE D 120 -30.40 -25.92 -29.88
C ILE D 120 -29.52 -25.92 -28.64
N TYR D 121 -29.20 -27.10 -28.13
CA TYR D 121 -28.51 -27.28 -26.87
C TYR D 121 -27.35 -28.23 -27.04
N PRO D 122 -26.32 -28.10 -26.20
CA PRO D 122 -25.22 -29.06 -26.23
C PRO D 122 -25.61 -30.35 -25.51
N TYR D 123 -24.70 -31.31 -25.56
CA TYR D 123 -24.97 -32.61 -24.94
C TYR D 123 -25.09 -32.50 -23.43
N HIS D 124 -24.24 -31.71 -22.79
CA HIS D 124 -24.16 -31.70 -21.34
C HIS D 124 -25.44 -31.21 -20.68
N LEU D 125 -26.33 -30.57 -21.43
CA LEU D 125 -27.62 -30.19 -20.89
C LEU D 125 -28.43 -31.41 -20.49
N PHE D 126 -28.24 -32.54 -21.18
CA PHE D 126 -29.05 -33.73 -20.97
C PHE D 126 -28.20 -34.96 -20.68
N CYS D 127 -26.97 -34.78 -20.22
CA CYS D 127 -26.13 -35.89 -19.81
C CYS D 127 -26.14 -36.09 -18.31
N ILE D 128 -27.11 -35.50 -17.61
CA ILE D 128 -27.25 -35.64 -16.18
C ILE D 128 -28.66 -35.21 -15.82
N ASN D 129 -29.17 -35.69 -14.69
CA ASN D 129 -30.40 -35.16 -14.15
C ASN D 129 -30.13 -33.81 -13.52
N ILE D 130 -30.26 -32.74 -14.32
CA ILE D 130 -29.85 -31.41 -13.87
C ILE D 130 -30.53 -31.00 -12.55
N PRO D 131 -31.83 -31.19 -12.37
CA PRO D 131 -32.43 -30.80 -11.08
C PRO D 131 -31.88 -31.55 -9.90
N LYS D 132 -31.29 -32.73 -10.09
CA LYS D 132 -30.74 -33.51 -9.00
C LYS D 132 -29.27 -33.18 -8.71
N VAL D 133 -28.69 -32.23 -9.43
CA VAL D 133 -27.32 -31.83 -9.13
C VAL D 133 -27.30 -31.02 -7.85
N SER D 134 -26.39 -31.36 -6.94
CA SER D 134 -26.39 -30.74 -5.62
C SER D 134 -26.13 -29.25 -5.70
N ALA D 135 -25.22 -28.83 -6.58
CA ALA D 135 -24.83 -27.43 -6.68
C ALA D 135 -25.90 -26.54 -7.28
N ILE D 136 -26.97 -27.12 -7.82
CA ILE D 136 -28.03 -26.36 -8.48
C ILE D 136 -29.18 -26.20 -7.50
N PRO D 137 -29.51 -24.97 -7.08
CA PRO D 137 -30.66 -24.79 -6.19
C PRO D 137 -31.96 -25.05 -6.93
N LYS D 138 -33.00 -25.32 -6.15
CA LYS D 138 -34.27 -25.74 -6.72
C LYS D 138 -34.93 -24.59 -7.47
N HIS D 139 -35.08 -24.75 -8.77
CA HIS D 139 -35.78 -23.80 -9.63
C HIS D 139 -37.21 -24.24 -9.81
N LYS D 140 -38.11 -23.27 -9.91
CA LYS D 140 -39.50 -23.57 -10.27
C LYS D 140 -40.09 -22.38 -10.98
N LEU D 141 -40.88 -22.65 -12.01
CA LEU D 141 -41.57 -21.59 -12.73
C LEU D 141 -42.80 -21.17 -11.93
N ILE D 142 -43.04 -19.87 -11.88
CA ILE D 142 -44.21 -19.32 -11.20
C ILE D 142 -45.11 -18.70 -12.25
N THR D 143 -46.41 -18.79 -12.01
CA THR D 143 -47.39 -18.29 -12.95
C THR D 143 -47.27 -16.77 -13.09
N GLN D 144 -47.87 -16.25 -14.15
CA GLN D 144 -47.89 -14.81 -14.36
C GLN D 144 -48.73 -14.10 -13.30
N GLU D 145 -49.66 -14.80 -12.67
CA GLU D 145 -50.44 -14.20 -11.59
C GLU D 145 -49.63 -14.04 -10.32
N GLU D 146 -48.89 -15.10 -9.94
CA GLU D 146 -48.02 -15.00 -8.77
C GLU D 146 -46.93 -13.97 -8.99
N ALA D 147 -46.33 -13.96 -10.18
CA ALA D 147 -45.33 -12.97 -10.51
C ALA D 147 -45.92 -11.57 -10.50
N GLN D 148 -47.14 -11.41 -11.02
CA GLN D 148 -47.76 -10.10 -11.06
C GLN D 148 -48.05 -9.58 -9.66
N GLU D 149 -48.54 -10.44 -8.77
CA GLU D 149 -48.81 -9.98 -7.41
C GLU D 149 -47.52 -9.70 -6.65
N PHE D 150 -46.47 -10.49 -6.90
CA PHE D 150 -45.18 -10.24 -6.29
C PHE D 150 -44.60 -8.90 -6.75
N LEU D 151 -44.71 -8.62 -8.05
CA LEU D 151 -44.18 -7.36 -8.58
C LEU D 151 -45.02 -6.18 -8.13
N GLY D 152 -46.33 -6.37 -8.00
CA GLY D 152 -47.18 -5.31 -7.51
C GLY D 152 -46.90 -4.96 -6.06
N ARG D 153 -46.68 -5.97 -5.23
CA ARG D 153 -46.33 -5.72 -3.84
C ARG D 153 -44.97 -5.04 -3.72
N GLU D 154 -44.05 -5.37 -4.61
CA GLU D 154 -42.69 -4.85 -4.57
C GLU D 154 -42.50 -3.59 -5.41
N TYR D 155 -43.52 -3.17 -6.14
CA TYR D 155 -43.44 -1.99 -7.02
C TYR D 155 -42.30 -2.13 -8.01
N LEU D 156 -42.22 -3.30 -8.65
CA LEU D 156 -41.15 -3.60 -9.57
C LEU D 156 -41.72 -3.93 -10.95
N GLN D 157 -40.99 -3.53 -11.97
CA GLN D 157 -41.22 -4.04 -13.31
C GLN D 157 -40.49 -5.35 -13.49
N PRO D 158 -40.90 -6.18 -14.45
CA PRO D 158 -40.16 -7.43 -14.69
C PRO D 158 -38.70 -7.20 -15.03
N GLN D 159 -38.37 -6.05 -15.60
CA GLN D 159 -37.00 -5.73 -16.00
C GLN D 159 -36.13 -5.32 -14.82
N ASP D 160 -36.71 -5.00 -13.67
CA ASP D 160 -35.94 -4.72 -12.48
C ASP D 160 -35.39 -5.96 -11.82
N LEU D 161 -35.98 -7.12 -12.08
CA LEU D 161 -35.57 -8.35 -11.44
C LEU D 161 -34.21 -8.79 -11.94
N MET D 162 -33.56 -9.64 -11.14
CA MET D 162 -32.37 -10.32 -11.61
C MET D 162 -32.75 -11.22 -12.79
N GLN D 163 -31.83 -11.37 -13.72
CA GLN D 163 -32.14 -12.01 -14.98
C GLN D 163 -31.60 -13.43 -14.99
N ILE D 164 -32.24 -14.28 -15.81
CA ILE D 164 -31.75 -15.63 -16.03
C ILE D 164 -31.98 -15.98 -17.50
N SER D 165 -31.04 -16.69 -18.09
CA SER D 165 -31.14 -17.08 -19.48
C SER D 165 -32.14 -18.21 -19.64
N ALA D 166 -32.83 -18.22 -20.79
CA ALA D 166 -33.68 -19.35 -21.11
C ALA D 166 -32.86 -20.60 -21.41
N SER D 167 -31.57 -20.46 -21.64
CA SER D 167 -30.67 -21.56 -21.90
C SER D 167 -29.95 -22.05 -20.65
N ASP D 168 -30.29 -21.50 -19.48
CA ASP D 168 -29.75 -22.00 -18.24
C ASP D 168 -30.20 -23.44 -18.03
N PRO D 169 -29.31 -24.34 -17.63
CA PRO D 169 -29.67 -25.77 -17.56
C PRO D 169 -30.91 -26.03 -16.73
N PRO D 170 -31.04 -25.45 -15.52
CA PRO D 170 -32.29 -25.66 -14.77
C PRO D 170 -33.50 -25.08 -15.46
N VAL D 171 -33.34 -23.95 -16.17
CA VAL D 171 -34.46 -23.36 -16.88
C VAL D 171 -34.84 -24.20 -18.10
N VAL D 172 -33.83 -24.76 -18.77
CA VAL D 172 -34.10 -25.65 -19.89
C VAL D 172 -34.88 -26.87 -19.42
N TRP D 173 -34.47 -27.45 -18.28
CA TRP D 173 -35.18 -28.60 -17.76
C TRP D 173 -36.58 -28.22 -17.30
N LEU D 174 -36.74 -27.02 -16.75
CA LEU D 174 -38.07 -26.54 -16.40
C LEU D 174 -38.92 -26.25 -17.64
N GLY D 175 -38.28 -25.89 -18.75
CA GLY D 175 -39.01 -25.46 -19.92
C GLY D 175 -39.45 -24.02 -19.86
N GLY D 176 -38.68 -23.17 -19.20
CA GLY D 176 -39.03 -21.77 -19.05
C GLY D 176 -38.77 -20.95 -20.31
N ARG D 177 -39.80 -20.29 -20.80
CA ARG D 177 -39.70 -19.44 -21.97
C ARG D 177 -39.27 -18.03 -21.55
N PRO D 178 -38.64 -17.28 -22.44
CA PRO D 178 -38.33 -15.88 -22.12
C PRO D 178 -39.59 -15.09 -21.82
N GLY D 179 -39.50 -14.21 -20.84
CA GLY D 179 -40.65 -13.52 -20.33
C GLY D 179 -41.32 -14.17 -19.14
N ASP D 180 -40.96 -15.40 -18.82
CA ASP D 180 -41.47 -16.09 -17.66
C ASP D 180 -40.60 -15.81 -16.44
N PHE D 181 -41.11 -16.19 -15.28
CA PHE D 181 -40.44 -15.95 -14.01
C PHE D 181 -40.14 -17.29 -13.36
N VAL D 182 -38.91 -17.45 -12.86
CA VAL D 182 -38.50 -18.66 -12.18
C VAL D 182 -38.09 -18.30 -10.77
N GLN D 183 -38.68 -18.98 -9.79
CA GLN D 183 -38.36 -18.78 -8.40
C GLN D 183 -37.31 -19.81 -7.98
N ILE D 184 -36.24 -19.34 -7.34
CA ILE D 184 -35.13 -20.17 -6.94
C ILE D 184 -35.06 -20.19 -5.43
N GLU D 185 -34.98 -21.39 -4.85
CA GLU D 185 -34.76 -21.58 -3.41
C GLU D 185 -33.28 -21.83 -3.20
N ARG D 186 -32.54 -20.79 -2.95
CA ARG D 186 -31.10 -20.96 -2.85
C ARG D 186 -30.68 -21.21 -1.42
N PRO D 187 -29.78 -22.14 -1.16
CA PRO D 187 -29.23 -22.27 0.20
C PRO D 187 -28.44 -21.03 0.57
N SER D 188 -28.46 -20.72 1.85
CA SER D 188 -27.82 -19.51 2.36
C SER D 188 -27.00 -19.87 3.58
N GLU D 189 -25.79 -19.33 3.67
CA GLU D 189 -24.97 -19.50 4.85
C GLU D 189 -25.16 -18.37 5.85
N THR D 190 -26.05 -17.42 5.57
CA THR D 190 -26.41 -16.35 6.49
C THR D 190 -27.84 -16.45 6.97
N ALA D 191 -28.74 -16.97 6.15
CA ALA D 191 -30.15 -17.06 6.50
C ALA D 191 -30.66 -18.49 6.53
N MET D 192 -29.82 -19.47 6.18
CA MET D 192 -30.23 -20.87 6.10
C MET D 192 -31.40 -21.03 5.12
N HIS D 193 -31.09 -20.73 3.85
CA HIS D 193 -31.89 -20.79 2.62
C HIS D 193 -32.62 -19.47 2.35
N ALA D 194 -32.86 -19.18 1.07
CA ALA D 194 -33.41 -17.91 0.63
C ALA D 194 -34.17 -18.13 -0.66
N VAL D 195 -35.02 -17.17 -1.00
CA VAL D 195 -35.87 -17.25 -2.18
C VAL D 195 -35.67 -16.00 -3.02
N VAL D 196 -35.40 -16.18 -4.30
CA VAL D 196 -35.35 -15.09 -5.26
C VAL D 196 -36.22 -15.45 -6.46
N ILE D 197 -36.57 -14.44 -7.24
CA ILE D 197 -37.29 -14.61 -8.49
C ILE D 197 -36.48 -13.97 -9.59
N ARG D 198 -36.19 -14.74 -10.63
CA ARG D 198 -35.36 -14.27 -11.74
C ARG D 198 -36.17 -14.23 -13.01
N PHE D 199 -36.00 -13.16 -13.78
CA PHE D 199 -36.71 -12.99 -15.03
C PHE D 199 -36.02 -13.76 -16.14
N ILE D 200 -36.78 -14.58 -16.87
CA ILE D 200 -36.19 -15.36 -17.96
C ILE D 200 -36.06 -14.48 -19.19
N THR D 201 -34.86 -14.40 -19.73
CA THR D 201 -34.57 -13.60 -20.90
C THR D 201 -34.23 -14.50 -22.08
N LYS D 202 -33.86 -13.87 -23.18
CA LYS D 202 -33.68 -14.59 -24.44
C LYS D 202 -32.58 -15.63 -24.32
N SER D 203 -32.77 -16.75 -25.00
CA SER D 203 -31.81 -17.83 -24.94
C SER D 203 -30.49 -17.41 -25.60
N LYS D 204 -29.39 -17.87 -25.02
CA LYS D 204 -28.10 -17.73 -25.68
C LYS D 204 -27.98 -18.78 -26.78
N ILE D 205 -27.38 -18.37 -27.90
CA ILE D 205 -27.24 -19.22 -29.08
C ILE D 205 -28.60 -19.73 -29.53
N GLU E 1 -28.83 20.91 -42.21
CA GLU E 1 -28.35 21.38 -40.91
C GLU E 1 -29.19 20.84 -39.76
N SER E 2 -28.54 20.18 -38.82
CA SER E 2 -29.25 19.64 -37.66
C SER E 2 -29.63 20.78 -36.73
N PRO E 3 -30.79 20.70 -36.08
CA PRO E 3 -31.17 21.73 -35.10
C PRO E 3 -30.38 21.55 -33.81
N SER E 4 -30.43 22.58 -32.98
CA SER E 4 -29.83 22.48 -31.66
C SER E 4 -30.58 21.45 -30.83
N ILE E 5 -29.82 20.72 -30.00
CA ILE E 5 -30.42 19.67 -29.18
C ILE E 5 -31.45 20.26 -28.23
N CYS E 6 -31.23 21.50 -27.79
CA CYS E 6 -32.21 22.16 -26.93
C CYS E 6 -33.57 22.26 -27.58
N GLU E 7 -33.62 22.34 -28.91
CA GLU E 7 -34.89 22.47 -29.60
C GLU E 7 -35.72 21.19 -29.50
N GLY E 8 -35.10 20.04 -29.71
CA GLY E 8 -35.80 18.78 -29.64
C GLY E 8 -35.87 18.15 -28.26
N PHE E 9 -35.35 18.83 -27.25
CA PHE E 9 -35.34 18.32 -25.89
C PHE E 9 -36.59 18.77 -25.15
N VAL E 10 -37.34 17.82 -24.61
CA VAL E 10 -38.47 18.10 -23.74
C VAL E 10 -38.04 17.82 -22.31
N GLN E 11 -38.34 18.75 -21.40
CA GLN E 11 -37.73 18.72 -20.09
C GLN E 11 -38.14 17.49 -19.28
N ALA E 12 -39.40 17.45 -18.87
CA ALA E 12 -39.94 16.35 -18.08
C ALA E 12 -41.41 16.61 -17.82
N SER E 13 -42.21 15.56 -17.73
CA SER E 13 -43.57 15.71 -17.26
C SER E 13 -43.53 15.94 -15.76
N SER E 14 -44.20 16.99 -15.31
CA SER E 14 -44.30 17.25 -13.88
C SER E 14 -45.01 16.09 -13.19
N GLN E 15 -44.50 15.69 -12.04
CA GLN E 15 -45.02 14.53 -11.34
C GLN E 15 -46.14 14.91 -10.39
N THR E 16 -47.02 13.95 -10.12
CA THR E 16 -48.03 14.06 -9.09
C THR E 16 -47.63 13.18 -7.91
N LEU E 17 -47.72 13.73 -6.71
CA LEU E 17 -47.32 13.02 -5.51
C LEU E 17 -48.47 12.12 -5.08
N VAL E 18 -48.27 10.81 -5.18
CA VAL E 18 -49.23 9.82 -4.72
C VAL E 18 -48.77 9.35 -3.35
N ILE E 19 -49.57 9.61 -2.33
CA ILE E 19 -49.23 9.23 -0.97
C ILE E 19 -49.92 7.92 -0.66
N ILE E 20 -49.12 6.89 -0.37
CA ILE E 20 -49.67 5.57 -0.05
C ILE E 20 -50.47 5.66 1.24
N PRO E 21 -51.67 5.08 1.32
CA PRO E 21 -52.47 5.21 2.54
C PRO E 21 -51.77 4.60 3.74
N ASP E 22 -52.08 5.15 4.93
CA ASP E 22 -51.36 4.78 6.14
C ASP E 22 -51.43 3.28 6.43
N ASN E 23 -52.51 2.63 6.03
CA ASN E 23 -52.64 1.20 6.28
C ASN E 23 -52.02 0.35 5.18
N GLU E 24 -51.52 0.96 4.11
CA GLU E 24 -50.89 0.24 3.02
C GLU E 24 -49.37 0.38 3.03
N ARG E 25 -48.81 1.06 4.02
CA ARG E 25 -47.38 1.29 4.08
C ARG E 25 -46.67 0.01 4.52
N ILE E 26 -45.61 -0.36 3.81
CA ILE E 26 -44.85 -1.57 4.10
C ILE E 26 -43.42 -1.28 4.52
N THR E 27 -43.00 -0.03 4.55
CA THR E 27 -41.68 0.29 5.07
C THR E 27 -41.70 0.25 6.60
N SER E 28 -40.52 0.30 7.19
CA SER E 28 -40.39 0.12 8.62
C SER E 28 -41.06 1.24 9.40
N ASN E 29 -41.72 0.89 10.49
CA ASN E 29 -42.28 1.88 11.40
C ASN E 29 -41.23 2.41 12.38
N VAL E 30 -40.00 1.94 12.27
CA VAL E 30 -38.88 2.39 13.08
C VAL E 30 -37.99 3.25 12.20
N LEU E 31 -37.64 4.43 12.67
CA LEU E 31 -36.69 5.26 11.95
C LEU E 31 -35.33 4.58 11.89
N THR E 32 -34.70 4.64 10.72
CA THR E 32 -33.33 4.20 10.63
C THR E 32 -32.41 5.22 11.31
N THR E 33 -31.18 4.80 11.57
CA THR E 33 -30.22 5.75 12.13
C THR E 33 -29.96 6.90 11.17
N PHE E 34 -29.98 6.61 9.87
CA PHE E 34 -29.84 7.66 8.88
C PHE E 34 -30.99 8.66 8.95
N GLU E 35 -32.22 8.16 9.03
CA GLU E 35 -33.38 9.05 9.03
C GLU E 35 -33.47 9.84 10.32
N ALA E 36 -33.17 9.20 11.46
CA ALA E 36 -33.15 9.93 12.72
C ALA E 36 -32.06 10.99 12.73
N THR E 37 -30.87 10.64 12.24
CA THR E 37 -29.78 11.62 12.16
C THR E 37 -30.15 12.79 11.27
N ARG E 38 -30.76 12.51 10.11
CA ARG E 38 -31.17 13.57 9.21
C ARG E 38 -32.24 14.44 9.84
N LEU E 39 -33.20 13.84 10.55
CA LEU E 39 -34.24 14.62 11.20
C LEU E 39 -33.66 15.55 12.25
N VAL E 40 -32.74 15.03 13.07
CA VAL E 40 -32.12 15.86 14.09
C VAL E 40 -31.30 16.98 13.44
N ALA E 41 -30.56 16.66 12.37
CA ALA E 41 -29.74 17.66 11.72
C ALA E 41 -30.59 18.77 11.10
N VAL E 42 -31.67 18.40 10.42
CA VAL E 42 -32.56 19.40 9.83
C VAL E 42 -33.19 20.25 10.91
N ARG E 43 -33.68 19.62 11.97
CA ARG E 43 -34.33 20.38 13.04
C ARG E 43 -33.36 21.32 13.72
N ALA E 44 -32.12 20.87 13.92
CA ALA E 44 -31.12 21.70 14.60
C ALA E 44 -30.68 22.86 13.72
N GLN E 45 -30.56 22.64 12.42
CA GLN E 45 -30.24 23.75 11.53
C GLN E 45 -31.38 24.77 11.50
N GLN E 46 -32.62 24.30 11.47
CA GLN E 46 -33.74 25.22 11.49
C GLN E 46 -33.87 25.94 12.83
N LEU E 47 -33.41 25.31 13.92
CA LEU E 47 -33.32 25.99 15.19
C LEU E 47 -32.14 26.92 15.25
N ALA E 48 -31.18 26.77 14.35
CA ALA E 48 -30.13 27.77 14.21
C ALA E 48 -30.64 28.99 13.44
N ILE E 49 -31.56 28.79 12.50
CA ILE E 49 -32.10 29.93 11.78
C ILE E 49 -33.30 30.54 12.50
N ASN E 50 -34.19 29.72 13.06
CA ASN E 50 -35.31 30.17 13.88
C ASN E 50 -34.98 29.90 15.34
N GLY E 51 -35.97 30.05 16.21
CA GLY E 51 -35.74 29.73 17.61
C GLY E 51 -36.92 29.14 18.34
N SER E 52 -38.00 28.82 17.65
CA SER E 52 -39.24 28.41 18.29
C SER E 52 -39.24 26.90 18.52
N THR E 53 -39.48 26.50 19.77
CA THR E 53 -39.46 25.09 20.14
C THR E 53 -40.70 24.79 20.96
N MET E 54 -41.07 23.51 21.00
CA MET E 54 -42.11 23.03 21.90
C MET E 54 -41.55 22.42 23.17
N LEU E 55 -40.23 22.38 23.31
CA LEU E 55 -39.63 21.78 24.49
C LEU E 55 -39.88 22.67 25.71
N LYS E 56 -40.38 22.06 26.78
CA LYS E 56 -40.52 22.80 28.04
C LYS E 56 -39.16 23.12 28.64
N LYS E 57 -38.23 22.17 28.61
CA LYS E 57 -36.90 22.38 29.14
C LYS E 57 -36.11 23.29 28.22
N LYS E 58 -35.25 24.12 28.82
CA LYS E 58 -34.44 25.06 28.06
C LYS E 58 -33.05 24.49 27.82
N TYR E 59 -32.61 24.53 26.57
CA TYR E 59 -31.30 24.03 26.17
C TYR E 59 -30.53 25.15 25.48
N SER E 60 -29.21 25.12 25.63
CA SER E 60 -28.35 26.16 25.10
C SER E 60 -27.76 25.82 23.74
N SER E 61 -28.17 24.70 23.14
CA SER E 61 -27.64 24.28 21.86
C SER E 61 -28.79 23.80 20.98
N PRO E 62 -28.80 24.16 19.70
CA PRO E 62 -29.86 23.65 18.81
C PRO E 62 -29.81 22.15 18.66
N ILE E 63 -28.62 21.55 18.74
CA ILE E 63 -28.49 20.10 18.61
C ILE E 63 -29.19 19.41 19.77
N ASP E 64 -29.02 19.91 20.99
CA ASP E 64 -29.70 19.33 22.13
C ASP E 64 -31.20 19.48 22.03
N ILE E 65 -31.67 20.64 21.57
CA ILE E 65 -33.10 20.85 21.40
C ILE E 65 -33.66 19.86 20.39
N ALA E 66 -32.96 19.68 19.27
CA ALA E 66 -33.43 18.76 18.24
C ALA E 66 -33.41 17.31 18.73
N LYS E 67 -32.37 16.93 19.45
CA LYS E 67 -32.28 15.58 19.98
C LYS E 67 -33.42 15.30 20.94
N GLN E 68 -33.70 16.24 21.84
CA GLN E 68 -34.79 16.03 22.79
C GLN E 68 -36.14 16.08 22.10
N GLU E 69 -36.29 16.89 21.05
CA GLU E 69 -37.54 16.91 20.31
C GLU E 69 -37.80 15.57 19.63
N LEU E 70 -36.74 14.96 19.06
CA LEU E 70 -36.89 13.63 18.50
C LEU E 70 -37.23 12.61 19.60
N PHE E 71 -36.54 12.69 20.73
CA PHE E 71 -36.77 11.72 21.80
C PHE E 71 -38.14 11.92 22.45
N ASN E 72 -38.58 13.17 22.58
CA ASN E 72 -39.84 13.48 23.23
C ASN E 72 -41.02 13.51 22.27
N ARG E 73 -40.79 13.21 20.99
CA ARG E 73 -41.85 13.05 20.00
C ARG E 73 -42.64 14.35 19.81
N LYS E 74 -41.91 15.44 19.55
CA LYS E 74 -42.52 16.70 19.15
C LYS E 74 -41.71 17.39 18.07
N ILE E 75 -40.99 16.63 17.26
CA ILE E 75 -40.22 17.19 16.15
C ILE E 75 -41.18 17.50 15.00
N PRO E 76 -41.20 18.74 14.48
CA PRO E 76 -42.22 19.16 13.51
C PRO E 76 -41.88 18.79 12.08
N LEU E 77 -41.40 17.57 11.87
CA LEU E 77 -40.95 17.12 10.56
C LEU E 77 -41.66 15.83 10.21
N LEU E 78 -41.62 15.49 8.93
CA LEU E 78 -42.13 14.23 8.43
C LEU E 78 -41.08 13.56 7.57
N VAL E 79 -41.10 12.25 7.53
CA VAL E 79 -40.20 11.47 6.69
C VAL E 79 -40.99 10.96 5.51
N MET E 80 -40.64 11.43 4.32
CA MET E 80 -41.28 10.98 3.09
C MET E 80 -40.34 10.00 2.40
N ARG E 81 -40.80 8.76 2.23
CA ARG E 81 -40.01 7.70 1.64
C ARG E 81 -40.51 7.47 0.22
N CYS E 82 -39.77 7.99 -0.75
CA CYS E 82 -40.15 7.81 -2.15
C CYS E 82 -39.81 6.39 -2.56
N ILE E 83 -40.85 5.59 -2.82
CA ILE E 83 -40.66 4.18 -3.13
C ILE E 83 -40.73 3.88 -4.61
N LYS E 84 -41.29 4.77 -5.42
CA LYS E 84 -41.46 4.49 -6.85
C LYS E 84 -41.67 5.81 -7.59
N VAL E 85 -41.01 5.93 -8.74
CA VAL E 85 -41.31 6.98 -9.71
C VAL E 85 -41.81 6.31 -10.96
N THR E 86 -43.12 6.36 -11.17
CA THR E 86 -43.96 5.78 -12.19
C THR E 86 -43.77 6.49 -13.53
N PRO E 87 -43.69 5.73 -14.63
CA PRO E 87 -43.48 6.36 -15.94
C PRO E 87 -44.54 7.37 -16.32
N GLU E 88 -45.82 7.15 -15.99
CA GLU E 88 -46.83 8.13 -16.32
C GLU E 88 -46.91 9.24 -15.28
N GLY E 89 -45.81 9.47 -14.57
CA GLY E 89 -45.66 10.70 -13.82
C GLY E 89 -46.21 10.69 -12.42
N GLN E 90 -46.21 9.55 -11.75
CA GLN E 90 -46.66 9.45 -10.37
C GLN E 90 -45.44 9.24 -9.49
N LYS E 91 -45.32 10.05 -8.44
CA LYS E 91 -44.28 9.85 -7.45
C LYS E 91 -44.93 9.19 -6.26
N ILE E 92 -44.74 7.89 -6.14
CA ILE E 92 -45.38 7.10 -5.10
C ILE E 92 -44.49 7.11 -3.86
N VAL E 93 -44.99 7.68 -2.77
CA VAL E 93 -44.20 7.85 -1.56
C VAL E 93 -44.99 7.33 -0.37
N GLU E 94 -44.25 6.94 0.66
CA GLU E 94 -44.81 6.67 1.98
C GLU E 94 -44.35 7.78 2.91
N ILE E 95 -45.28 8.45 3.56
CA ILE E 95 -44.96 9.52 4.48
C ILE E 95 -45.12 8.99 5.90
N TRP E 96 -44.07 9.07 6.68
CA TRP E 96 -44.01 8.51 8.02
C TRP E 96 -43.82 9.63 9.02
N ASN E 97 -44.62 9.60 10.09
CA ASN E 97 -44.55 10.63 11.11
C ASN E 97 -43.54 10.20 12.17
N PRO E 98 -42.41 10.91 12.32
CA PRO E 98 -41.40 10.50 13.29
C PRO E 98 -41.87 10.52 14.73
N ARG E 99 -42.92 11.28 15.03
CA ARG E 99 -43.45 11.28 16.39
C ARG E 99 -44.13 9.97 16.73
N GLU E 100 -44.65 9.27 15.72
CA GLU E 100 -45.28 7.97 15.93
C GLU E 100 -44.33 6.81 15.68
N MET E 101 -43.13 7.07 15.18
CA MET E 101 -42.20 6.01 14.81
C MET E 101 -41.34 5.61 15.99
N GLY E 102 -40.70 4.45 15.86
CA GLY E 102 -39.75 4.02 16.85
C GLY E 102 -38.38 4.63 16.59
N ILE E 103 -37.81 5.21 17.63
CA ILE E 103 -36.52 5.89 17.52
C ILE E 103 -35.41 4.88 17.69
N PRO E 104 -34.39 4.88 16.83
CA PRO E 104 -33.25 3.97 17.02
C PRO E 104 -32.42 4.33 18.25
N LEU E 105 -31.40 3.52 18.54
CA LEU E 105 -30.64 3.67 19.77
C LEU E 105 -29.94 5.03 19.81
N LEU E 106 -29.21 5.38 18.77
CA LEU E 106 -28.62 6.70 18.56
C LEU E 106 -27.60 7.09 19.61
N ASP E 107 -27.34 6.24 20.59
CA ASP E 107 -26.43 6.57 21.69
C ASP E 107 -25.52 5.39 22.00
N MET F 1 -53.96 42.00 -24.53
CA MET F 1 -55.21 41.75 -23.83
C MET F 1 -54.95 40.99 -22.52
N ILE F 2 -55.90 41.08 -21.60
CA ILE F 2 -55.79 40.41 -20.31
C ILE F 2 -56.27 38.98 -20.45
N ASP F 3 -55.47 38.04 -19.95
CA ASP F 3 -55.81 36.63 -20.00
C ASP F 3 -55.28 35.97 -18.74
N GLN F 4 -55.68 34.71 -18.54
CA GLN F 4 -55.23 33.92 -17.41
C GLN F 4 -54.40 32.74 -17.91
N LYS F 5 -53.23 32.54 -17.32
CA LYS F 5 -52.33 31.46 -17.70
C LYS F 5 -51.84 30.75 -16.45
N ILE F 6 -51.70 29.43 -16.55
CA ILE F 6 -51.23 28.61 -15.45
C ILE F 6 -49.72 28.48 -15.52
N PHE F 7 -49.04 28.81 -14.43
CA PHE F 7 -47.60 28.72 -14.34
C PHE F 7 -47.19 27.69 -13.30
N GLU F 8 -45.96 27.22 -13.41
CA GLU F 8 -45.34 26.36 -12.42
C GLU F 8 -44.03 26.97 -11.98
N THR F 9 -43.69 26.81 -10.71
CA THR F 9 -42.45 27.34 -10.19
C THR F 9 -42.05 26.55 -8.96
N THR F 10 -40.79 26.67 -8.58
CA THR F 10 -40.30 26.21 -7.30
C THR F 10 -39.86 27.42 -6.49
N LEU F 11 -40.48 27.62 -5.35
CA LEU F 11 -40.08 28.69 -4.45
C LEU F 11 -38.88 28.24 -3.63
N ASN F 12 -38.34 29.16 -2.84
CA ASN F 12 -37.29 28.85 -1.89
C ASN F 12 -37.73 29.40 -0.54
N ILE F 13 -37.65 28.56 0.48
CA ILE F 13 -38.21 28.87 1.78
C ILE F 13 -37.05 28.94 2.77
N ASP F 14 -36.66 30.17 3.11
CA ASP F 14 -35.53 30.40 4.01
C ASP F 14 -35.88 30.17 5.47
N ASP F 15 -37.16 30.30 5.84
CA ASP F 15 -37.63 30.02 7.19
C ASP F 15 -38.76 29.01 7.07
N PRO F 16 -38.45 27.73 6.88
CA PRO F 16 -39.50 26.72 6.69
C PRO F 16 -40.38 26.51 7.90
N THR F 17 -39.90 26.82 9.11
CA THR F 17 -40.75 26.70 10.29
C THR F 17 -41.82 27.79 10.32
N ASN F 18 -41.41 29.02 10.03
CA ASN F 18 -42.35 30.14 10.02
C ASN F 18 -43.28 30.07 8.82
N PHE F 19 -42.76 29.62 7.68
CA PHE F 19 -43.57 29.56 6.46
C PHE F 19 -44.73 28.60 6.62
N CYS F 20 -44.50 27.46 7.25
CA CYS F 20 -45.53 26.44 7.38
C CYS F 20 -46.60 26.78 8.41
N THR F 21 -46.39 27.82 9.21
CA THR F 21 -47.42 28.27 10.12
C THR F 21 -48.68 28.70 9.38
N ASN F 22 -48.52 29.27 8.19
CA ASN F 22 -49.65 29.58 7.31
C ASN F 22 -49.12 29.47 5.88
N VAL F 23 -49.32 28.29 5.29
CA VAL F 23 -48.68 27.99 4.01
C VAL F 23 -49.32 28.81 2.89
N GLU F 24 -50.65 28.91 2.88
CA GLU F 24 -51.32 29.57 1.77
C GLU F 24 -51.05 31.06 1.74
N ALA F 25 -51.14 31.73 2.90
CA ALA F 25 -50.92 33.17 2.94
C ALA F 25 -49.48 33.52 2.57
N HIS F 26 -48.52 32.83 3.17
CA HIS F 26 -47.11 33.07 2.86
C HIS F 26 -46.80 32.71 1.41
N LEU F 27 -47.45 31.67 0.89
CA LEU F 27 -47.22 31.25 -0.48
C LEU F 27 -47.70 32.30 -1.45
N LEU F 28 -48.91 32.83 -1.24
CA LEU F 28 -49.42 33.90 -2.08
C LEU F 28 -48.55 35.15 -1.95
N LYS F 29 -48.09 35.43 -0.73
CA LYS F 29 -47.21 36.58 -0.52
C LYS F 29 -45.93 36.45 -1.36
N GLU F 30 -45.31 35.27 -1.33
CA GLU F 30 -44.07 35.07 -2.07
C GLU F 30 -44.31 35.08 -3.58
N LEU F 31 -45.40 34.46 -4.04
CA LEU F 31 -45.69 34.47 -5.47
C LEU F 31 -45.95 35.88 -5.97
N GLU F 32 -46.69 36.68 -5.19
CA GLU F 32 -46.92 38.07 -5.57
C GLU F 32 -45.63 38.87 -5.53
N ASN F 33 -44.79 38.62 -4.52
CA ASN F 33 -43.53 39.35 -4.43
C ASN F 33 -42.64 39.06 -5.63
N ILE F 34 -42.60 37.80 -6.07
CA ILE F 34 -41.62 37.41 -7.08
C ILE F 34 -42.14 37.70 -8.49
N TYR F 35 -43.39 37.34 -8.79
CA TYR F 35 -43.83 37.29 -10.18
C TYR F 35 -44.76 38.41 -10.59
N VAL F 36 -45.26 39.23 -9.67
CA VAL F 36 -46.18 40.29 -10.05
C VAL F 36 -45.41 41.44 -10.67
N GLY F 37 -45.81 41.84 -11.88
CA GLY F 37 -45.14 42.91 -12.57
C GLY F 37 -43.88 42.53 -13.30
N LYS F 38 -43.63 41.24 -13.52
CA LYS F 38 -42.42 40.78 -14.18
C LYS F 38 -42.78 39.80 -15.27
N CYS F 39 -42.16 39.96 -16.43
CA CYS F 39 -42.35 39.01 -17.53
C CYS F 39 -41.87 37.61 -17.11
N PHE F 40 -42.65 36.61 -17.48
CA PHE F 40 -42.34 35.23 -17.11
C PHE F 40 -43.10 34.30 -18.04
N LYS F 41 -42.36 33.43 -18.72
CA LYS F 41 -42.94 32.44 -19.62
C LYS F 41 -43.75 33.10 -20.73
N ASN F 42 -43.15 34.09 -21.39
CA ASN F 42 -43.75 34.79 -22.53
C ASN F 42 -45.06 35.49 -22.16
N SER F 43 -45.10 36.08 -20.97
CA SER F 43 -46.25 36.85 -20.53
C SER F 43 -45.81 37.73 -19.37
N PHE F 44 -46.62 38.76 -19.09
CA PHE F 44 -46.20 39.77 -18.12
C PHE F 44 -46.62 39.46 -16.68
N ILE F 45 -47.74 38.76 -16.48
CA ILE F 45 -48.24 38.46 -15.14
C ILE F 45 -48.55 39.76 -14.41
N LEU F 46 -49.76 40.28 -14.61
CA LEU F 46 -50.17 41.50 -13.95
C LEU F 46 -50.29 41.30 -12.44
N ASN F 47 -51.02 40.28 -12.02
CA ASN F 47 -51.16 39.99 -10.60
C ASN F 47 -51.49 38.51 -10.43
N ILE F 48 -51.29 38.03 -9.20
CA ILE F 48 -51.43 36.62 -8.85
C ILE F 48 -52.69 36.47 -8.02
N THR F 49 -53.57 35.56 -8.44
CA THR F 49 -54.76 35.24 -7.65
C THR F 49 -55.13 33.80 -7.98
N GLY F 50 -54.75 32.89 -7.08
CA GLY F 50 -55.05 31.49 -7.26
C GLY F 50 -53.82 30.60 -7.24
N VAL F 51 -53.84 29.60 -6.36
CA VAL F 51 -52.84 28.54 -6.37
C VAL F 51 -53.58 27.24 -6.65
N ILE F 52 -53.21 26.57 -7.73
CA ILE F 52 -53.91 25.35 -8.13
C ILE F 52 -53.38 24.16 -7.33
N GLN F 53 -52.09 23.87 -7.48
CA GLN F 53 -51.46 22.79 -6.74
C GLN F 53 -50.15 23.29 -6.17
N ARG F 54 -49.68 22.55 -5.18
CA ARG F 54 -48.48 22.87 -4.44
C ARG F 54 -47.91 21.58 -3.88
N SER F 55 -46.65 21.61 -3.52
CA SER F 55 -45.96 20.45 -3.00
C SER F 55 -45.78 20.59 -1.50
N PRO F 56 -45.45 19.51 -0.81
CA PRO F 56 -44.97 19.66 0.56
C PRO F 56 -43.72 20.51 0.59
N CYS F 57 -43.49 21.13 1.75
CA CYS F 57 -42.27 21.92 1.96
C CYS F 57 -41.11 20.95 2.12
N PHE F 58 -40.60 20.48 0.98
CA PHE F 58 -39.41 19.66 1.00
C PHE F 58 -38.24 20.45 1.57
N ILE F 59 -37.38 19.76 2.31
CA ILE F 59 -36.15 20.37 2.82
C ILE F 59 -35.06 20.16 1.78
N MET F 60 -34.29 21.21 1.50
CA MET F 60 -33.22 21.11 0.52
C MET F 60 -32.25 20.02 0.94
N ARG F 61 -31.88 19.17 -0.01
CA ARG F 61 -31.06 18.00 0.27
C ARG F 61 -29.59 18.22 -0.03
N THR F 62 -29.25 19.02 -1.03
CA THR F 62 -27.88 19.11 -1.49
C THR F 62 -27.06 20.18 -0.78
N ASN F 63 -27.65 20.89 0.18
CA ASN F 63 -26.88 21.84 0.98
C ASN F 63 -27.31 21.73 2.44
N ASN F 64 -26.40 22.14 3.32
CA ASN F 64 -26.60 22.05 4.76
C ASN F 64 -27.33 23.25 5.33
N SER F 65 -28.05 23.99 4.50
CA SER F 65 -28.69 25.23 4.92
C SER F 65 -29.99 25.01 5.69
N GLY F 66 -30.60 23.83 5.59
CA GLY F 66 -31.84 23.60 6.27
C GLY F 66 -33.04 24.26 5.65
N ARG F 67 -32.90 24.84 4.46
CA ARG F 67 -34.00 25.54 3.82
C ARG F 67 -34.91 24.56 3.07
N GLY F 68 -36.06 25.06 2.66
CA GLY F 68 -37.01 24.26 1.92
C GLY F 68 -37.35 24.92 0.60
N TYR F 69 -37.98 24.21 -0.34
CA TYR F 69 -38.29 24.84 -1.62
C TYR F 69 -39.78 24.91 -1.93
N MET F 70 -40.51 23.81 -1.95
CA MET F 70 -41.91 23.80 -2.40
C MET F 70 -42.07 24.13 -3.88
N HIS F 71 -42.82 23.29 -4.60
CA HIS F 71 -43.19 23.56 -5.98
C HIS F 71 -44.62 24.09 -6.00
N VAL F 72 -44.89 25.02 -6.90
CA VAL F 72 -46.18 25.68 -6.96
C VAL F 72 -46.66 25.75 -8.41
N ARG F 73 -47.88 25.27 -8.64
CA ARG F 73 -48.60 25.52 -9.87
C ARG F 73 -49.69 26.55 -9.55
N PHE F 74 -49.51 27.77 -10.01
CA PHE F 74 -50.41 28.87 -9.68
C PHE F 74 -51.02 29.45 -10.95
N SER F 75 -52.26 29.91 -10.82
CA SER F 75 -52.98 30.54 -11.92
C SER F 75 -52.92 32.04 -11.74
N ALA F 76 -52.47 32.74 -12.79
CA ALA F 76 -52.30 34.18 -12.72
C ALA F 76 -52.90 34.83 -13.96
N VAL F 77 -53.32 36.07 -13.81
CA VAL F 77 -53.81 36.86 -14.93
C VAL F 77 -52.63 37.53 -15.61
N VAL F 78 -52.54 37.36 -16.92
CA VAL F 78 -51.38 37.82 -17.68
C VAL F 78 -51.85 38.78 -18.76
N SER F 79 -50.96 39.68 -19.15
CA SER F 79 -51.20 40.59 -20.26
C SER F 79 -50.39 40.10 -21.45
N TYR F 80 -51.06 39.88 -22.57
CA TYR F 80 -50.43 39.42 -23.79
C TYR F 80 -50.84 40.32 -24.95
N LEU F 81 -49.97 40.40 -25.96
CA LEU F 81 -50.21 41.23 -27.12
C LEU F 81 -49.96 40.43 -28.39
N ASN F 82 -50.59 40.86 -29.48
CA ASN F 82 -50.39 40.25 -30.79
C ASN F 82 -50.05 41.35 -31.78
N ALA F 83 -49.65 40.94 -32.99
CA ALA F 83 -49.32 41.88 -34.04
C ALA F 83 -50.57 42.62 -34.50
N PHE F 84 -50.36 43.85 -34.98
CA PHE F 84 -51.45 44.71 -35.45
C PHE F 84 -52.51 44.92 -34.37
N ASP F 85 -52.05 45.25 -33.15
CA ASP F 85 -52.94 45.57 -32.05
C ASP F 85 -52.72 47.03 -31.64
N LEU F 86 -53.80 47.68 -31.25
CA LEU F 86 -53.82 49.13 -31.04
C LEU F 86 -53.66 49.45 -29.57
N ILE F 87 -52.80 50.42 -29.27
CA ILE F 87 -52.56 50.90 -27.92
C ILE F 87 -53.03 52.35 -27.86
N ALA F 88 -53.86 52.66 -26.85
CA ALA F 88 -54.52 53.96 -26.80
C ALA F 88 -53.54 55.10 -26.58
N ALA F 89 -52.67 54.98 -25.57
CA ALA F 89 -51.84 56.10 -25.14
C ALA F 89 -50.44 55.62 -24.83
N VAL F 90 -49.46 56.12 -25.58
CA VAL F 90 -48.05 55.83 -25.36
C VAL F 90 -47.33 57.13 -25.06
N LYS F 91 -46.68 57.20 -23.90
CA LYS F 91 -45.97 58.40 -23.49
C LYS F 91 -44.53 58.35 -23.98
N ILE F 92 -44.01 59.50 -24.39
CA ILE F 92 -42.63 59.61 -24.83
C ILE F 92 -41.74 59.81 -23.61
N ILE F 93 -40.66 59.04 -23.54
CA ILE F 93 -39.77 59.08 -22.38
C ILE F 93 -38.64 60.08 -22.62
N LEU F 101 -38.37 55.75 -28.50
CA LEU F 101 -38.67 55.16 -27.20
C LEU F 101 -39.98 55.68 -26.63
N GLY F 102 -40.94 54.78 -26.41
CA GLY F 102 -42.22 55.14 -25.85
C GLY F 102 -42.74 54.16 -24.82
N GLU F 103 -43.31 54.67 -23.74
CA GLU F 103 -43.83 53.85 -22.64
C GLU F 103 -45.35 53.98 -22.57
N SER F 104 -46.04 52.86 -22.62
CA SER F 104 -47.50 52.87 -22.60
C SER F 104 -48.01 53.21 -21.21
N LEU F 105 -49.15 53.90 -21.16
CA LEU F 105 -49.76 54.32 -19.91
C LEU F 105 -50.84 53.36 -19.42
N LEU F 106 -51.19 52.34 -20.19
CA LEU F 106 -52.27 51.44 -19.83
C LEU F 106 -51.81 50.48 -18.74
N THR F 107 -52.68 49.52 -18.41
CA THR F 107 -52.35 48.53 -17.39
C THR F 107 -51.34 47.49 -17.86
N GLU F 108 -51.01 47.47 -19.15
CA GLU F 108 -50.02 46.54 -19.67
C GLU F 108 -48.73 47.29 -19.94
N PRO F 109 -47.73 47.19 -19.07
CA PRO F 109 -46.50 47.97 -19.27
C PRO F 109 -45.71 47.50 -20.46
N VAL F 110 -45.67 48.32 -21.51
CA VAL F 110 -44.93 48.01 -22.73
C VAL F 110 -44.08 49.21 -23.09
N THR F 111 -42.80 48.99 -23.34
CA THR F 111 -41.91 50.02 -23.83
C THR F 111 -41.70 49.79 -25.32
N ILE F 112 -42.09 50.77 -26.13
CA ILE F 112 -42.06 50.64 -27.58
C ILE F 112 -41.09 51.65 -28.16
N VAL F 113 -40.38 51.22 -29.20
CA VAL F 113 -39.43 52.06 -29.91
C VAL F 113 -40.03 52.36 -31.28
N ILE F 114 -40.23 53.64 -31.57
CA ILE F 114 -40.85 54.04 -32.83
C ILE F 114 -39.78 54.50 -33.81
N GLN F 128 -44.98 63.91 -24.46
CA GLN F 128 -46.33 63.96 -25.02
C GLN F 128 -46.91 62.56 -25.14
N ILE F 129 -48.13 62.46 -25.67
CA ILE F 129 -48.84 61.20 -25.81
C ILE F 129 -49.19 61.00 -27.28
N VAL F 130 -48.87 59.83 -27.82
CA VAL F 130 -49.24 59.48 -29.18
C VAL F 130 -49.87 58.09 -29.18
N PRO F 131 -51.04 57.90 -29.79
CA PRO F 131 -51.56 56.54 -29.98
C PRO F 131 -50.67 55.75 -30.94
N VAL F 132 -50.58 54.45 -30.70
CA VAL F 132 -49.64 53.59 -31.41
C VAL F 132 -50.34 52.31 -31.85
N GLN F 133 -50.07 51.90 -33.08
CA GLN F 133 -50.48 50.60 -33.60
C GLN F 133 -49.25 49.69 -33.68
N LEU F 134 -49.39 48.48 -33.13
CA LEU F 134 -48.26 47.55 -33.06
C LEU F 134 -47.92 46.99 -34.44
N ALA F 135 -46.63 46.74 -34.65
CA ALA F 135 -46.14 46.21 -35.91
C ALA F 135 -46.35 44.69 -35.94
N ASN F 136 -45.71 44.03 -36.90
CA ASN F 136 -45.81 42.58 -37.04
C ASN F 136 -44.65 41.83 -36.38
N SER F 137 -43.74 42.55 -35.71
CA SER F 137 -42.54 41.94 -35.15
C SER F 137 -42.81 41.07 -33.93
N SER F 138 -44.02 41.11 -33.39
CA SER F 138 -44.40 40.38 -32.17
C SER F 138 -43.67 40.93 -30.94
N VAL F 139 -44.32 40.84 -29.78
CA VAL F 139 -43.83 41.50 -28.58
C VAL F 139 -42.82 40.61 -27.87
N TYR F 140 -41.71 41.20 -27.45
CA TYR F 140 -40.65 40.48 -26.75
C TYR F 140 -40.90 40.57 -25.24
N TYR F 141 -41.25 39.44 -24.63
CA TYR F 141 -41.46 39.36 -23.19
C TYR F 141 -40.19 38.80 -22.54
N ILE F 142 -39.17 39.64 -22.45
CA ILE F 142 -37.90 39.28 -21.83
C ILE F 142 -38.17 38.92 -20.37
N PRO F 143 -38.03 37.66 -19.98
CA PRO F 143 -38.44 37.26 -18.63
C PRO F 143 -37.66 38.00 -17.55
N GLY F 144 -38.36 38.32 -16.48
CA GLY F 144 -37.79 39.04 -15.36
C GLY F 144 -37.91 40.54 -15.44
N ARG F 145 -38.17 41.10 -16.61
CA ARG F 145 -38.26 42.54 -16.79
C ARG F 145 -39.62 43.06 -16.34
N GLN F 146 -39.63 44.31 -15.89
CA GLN F 146 -40.84 44.95 -15.38
C GLN F 146 -41.75 45.47 -16.47
N GLN F 147 -41.47 45.14 -17.73
CA GLN F 147 -42.28 45.59 -18.85
C GLN F 147 -41.97 44.71 -20.05
N ALA F 148 -42.76 44.89 -21.10
CA ALA F 148 -42.55 44.21 -22.37
C ALA F 148 -41.81 45.13 -23.32
N SER F 149 -41.32 44.54 -24.42
CA SER F 149 -40.63 45.28 -25.47
C SER F 149 -41.29 44.96 -26.81
N ALA F 150 -41.55 46.00 -27.60
CA ALA F 150 -42.23 45.81 -28.87
C ALA F 150 -41.89 46.98 -29.79
N THR F 151 -42.21 46.81 -31.07
CA THR F 151 -42.06 47.84 -32.08
C THR F 151 -43.40 48.05 -32.77
N GLY F 152 -43.67 49.29 -33.20
CA GLY F 152 -44.94 49.60 -33.82
C GLY F 152 -44.83 50.80 -34.73
N SER F 153 -45.99 51.27 -35.18
CA SER F 153 -46.09 52.44 -36.02
C SER F 153 -47.33 53.25 -35.61
N ILE F 154 -47.30 54.54 -35.95
CA ILE F 154 -48.42 55.42 -35.63
C ILE F 154 -49.55 55.21 -36.64
N MET G 1 24.35 -32.47 -43.97
CA MET G 1 23.41 -31.63 -44.70
C MET G 1 23.83 -31.43 -46.16
N LYS G 2 22.83 -31.22 -47.01
CA LYS G 2 23.09 -31.04 -48.43
C LYS G 2 23.42 -29.58 -48.74
N ILE G 3 24.59 -29.37 -49.33
CA ILE G 3 25.06 -28.04 -49.69
C ILE G 3 25.25 -28.02 -51.20
N CYS G 4 24.67 -27.02 -51.86
CA CYS G 4 24.76 -26.91 -53.31
C CYS G 4 26.21 -26.74 -53.72
N LYS G 5 26.70 -27.62 -54.59
CA LYS G 5 28.09 -27.51 -55.02
C LYS G 5 28.30 -26.35 -55.98
N ALA G 6 27.23 -25.84 -56.60
CA ALA G 6 27.37 -24.71 -57.50
C ALA G 6 27.55 -23.39 -56.75
N CYS G 7 26.82 -23.21 -55.64
CA CYS G 7 26.83 -21.93 -54.96
C CYS G 7 26.92 -22.04 -53.44
N SER G 8 27.16 -23.23 -52.90
CA SER G 8 27.40 -23.43 -51.47
C SER G 8 26.21 -22.97 -50.62
N SER G 9 25.00 -23.10 -51.15
CA SER G 9 23.79 -22.80 -50.40
C SER G 9 23.15 -24.08 -49.89
N CYS G 10 22.09 -23.92 -49.12
CA CYS G 10 21.32 -25.05 -48.63
C CYS G 10 20.11 -25.31 -49.50
N MET G 11 19.94 -26.55 -49.93
CA MET G 11 18.85 -26.93 -50.82
C MET G 11 17.66 -27.38 -50.00
N VAL G 12 16.49 -26.81 -50.31
CA VAL G 12 15.26 -27.20 -49.64
C VAL G 12 14.82 -28.58 -50.12
N ARG G 13 13.87 -29.18 -49.38
CA ARG G 13 13.54 -30.58 -49.59
C ARG G 13 12.64 -30.79 -50.79
N THR G 14 11.44 -30.23 -50.77
CA THR G 14 10.45 -30.41 -51.83
C THR G 14 10.23 -31.88 -52.15
N TYR G 15 9.62 -32.57 -51.19
CA TYR G 15 9.29 -33.98 -51.38
C TYR G 15 8.31 -34.15 -52.53
N VAL G 16 8.80 -34.60 -53.68
CA VAL G 16 8.00 -34.79 -54.88
C VAL G 16 8.55 -35.99 -55.64
N ASP G 17 7.76 -37.06 -55.71
CA ASP G 17 6.51 -37.22 -54.98
C ASP G 17 6.62 -38.52 -54.21
N GLY G 18 7.29 -39.49 -54.82
CA GLY G 18 7.76 -40.67 -54.15
C GLY G 18 9.21 -40.62 -53.75
N ASN G 19 9.91 -39.54 -54.09
CA ASN G 19 11.33 -39.39 -53.78
C ASN G 19 11.61 -37.96 -53.36
N ILE G 20 12.71 -37.78 -52.63
CA ILE G 20 13.21 -36.46 -52.30
C ILE G 20 14.02 -35.89 -53.45
N ILE G 21 13.84 -34.60 -53.70
CA ILE G 21 14.57 -33.92 -54.75
C ILE G 21 15.00 -32.55 -54.23
N PHE G 22 16.27 -32.44 -53.82
CA PHE G 22 16.76 -31.20 -53.25
C PHE G 22 16.78 -30.11 -54.31
N ARG G 23 16.28 -28.94 -53.96
CA ARG G 23 16.15 -27.81 -54.88
C ARG G 23 16.90 -26.61 -54.33
N CYS G 24 17.68 -25.96 -55.19
CA CYS G 24 18.45 -24.78 -54.81
C CYS G 24 17.90 -23.55 -55.51
N SER G 25 18.52 -22.40 -55.22
CA SER G 25 18.18 -21.17 -55.91
C SER G 25 18.81 -21.10 -57.29
N CYS G 26 19.80 -21.95 -57.58
CA CYS G 26 20.34 -22.05 -58.93
C CYS G 26 19.43 -22.82 -59.87
N GLY G 27 18.41 -23.48 -59.35
CA GLY G 27 17.73 -24.53 -60.09
C GLY G 27 18.43 -25.86 -60.02
N GLU G 28 19.53 -25.95 -59.28
CA GLU G 28 20.28 -27.19 -59.15
C GLU G 28 19.46 -28.21 -58.36
N SER G 29 19.57 -29.48 -58.73
CA SER G 29 18.82 -30.54 -58.08
C SER G 29 19.65 -31.81 -58.00
N VAL G 30 19.70 -32.41 -56.81
CA VAL G 30 20.54 -33.57 -56.54
C VAL G 30 19.71 -34.79 -56.13
N GLN G 31 18.39 -34.67 -56.10
CA GLN G 31 17.49 -35.76 -55.72
C GLN G 31 17.78 -36.15 -54.28
N GLY G 32 18.15 -37.40 -53.99
CA GLY G 32 18.46 -37.79 -52.63
C GLY G 32 18.42 -39.29 -52.42
N ASP G 33 19.24 -39.78 -51.49
CA ASP G 33 19.38 -41.21 -51.26
C ASP G 33 18.37 -41.67 -50.20
N SER G 34 18.53 -42.89 -49.71
CA SER G 34 17.59 -43.44 -48.75
C SER G 34 17.68 -42.75 -47.40
N GLN G 35 18.81 -42.09 -47.11
CA GLN G 35 18.98 -41.43 -45.82
C GLN G 35 18.30 -40.07 -45.76
N ASN G 36 17.80 -39.57 -46.89
CA ASN G 36 17.16 -38.26 -46.92
C ASN G 36 15.68 -38.32 -46.60
N LEU G 37 15.15 -39.49 -46.25
CA LEU G 37 13.72 -39.65 -46.00
C LEU G 37 13.29 -39.28 -44.58
N LEU G 38 14.23 -38.90 -43.72
CA LEU G 38 13.89 -38.52 -42.34
C LEU G 38 13.41 -37.07 -42.36
N VAL G 39 12.09 -36.88 -42.44
CA VAL G 39 11.54 -35.52 -42.54
C VAL G 39 11.64 -34.80 -41.21
N SER G 40 11.30 -35.46 -40.11
CA SER G 40 11.39 -34.88 -38.78
C SER G 40 11.57 -36.00 -37.78
N SER G 41 11.91 -35.62 -36.55
CA SER G 41 12.15 -36.61 -35.51
C SER G 41 12.04 -35.92 -34.16
N LYS G 42 12.07 -36.73 -33.10
CA LYS G 42 12.17 -36.24 -31.74
C LYS G 42 12.49 -37.40 -30.83
N VAL G 43 13.52 -37.23 -29.99
CA VAL G 43 13.87 -38.19 -28.95
C VAL G 43 13.56 -37.53 -27.62
N TYR G 44 12.88 -38.27 -26.74
CA TYR G 44 12.30 -37.69 -25.54
C TYR G 44 13.25 -37.88 -24.36
N HIS G 45 13.83 -36.77 -23.89
CA HIS G 45 14.63 -36.71 -22.66
C HIS G 45 15.68 -37.83 -22.59
N THR G 46 16.35 -38.09 -23.71
CA THR G 46 17.34 -39.16 -23.79
C THR G 46 18.61 -38.66 -24.43
N GLY G 47 19.75 -39.01 -23.83
CA GLY G 47 21.05 -38.73 -24.43
C GLY G 47 21.55 -37.31 -24.29
N GLU G 48 21.79 -36.87 -23.06
CA GLU G 48 22.27 -35.51 -22.82
C GLU G 48 23.10 -35.51 -21.54
N MET G 49 23.31 -34.31 -20.98
CA MET G 49 23.93 -34.08 -19.67
C MET G 49 25.44 -34.27 -19.73
N GLU G 50 25.90 -35.50 -20.01
CA GLU G 50 27.34 -35.72 -20.07
C GLU G 50 27.98 -34.92 -21.20
N ASP G 51 27.33 -34.87 -22.37
CA ASP G 51 27.81 -34.05 -23.47
C ASP G 51 27.49 -32.57 -23.24
N LYS G 52 26.35 -32.28 -22.61
CA LYS G 52 25.97 -30.90 -22.34
C LYS G 52 26.93 -30.23 -21.36
N TYR G 53 27.51 -31.01 -20.45
CA TYR G 53 28.47 -30.52 -19.47
C TYR G 53 29.87 -31.05 -19.73
N LYS G 54 30.19 -31.34 -20.99
CA LYS G 54 31.48 -31.95 -21.31
C LYS G 54 32.63 -31.04 -20.91
N ILE G 55 32.57 -29.77 -21.32
CA ILE G 55 33.62 -28.83 -20.98
C ILE G 55 33.67 -28.60 -19.48
N PHE G 56 32.50 -28.44 -18.85
CA PHE G 56 32.48 -28.22 -17.40
C PHE G 56 33.02 -29.41 -16.64
N ILE G 57 32.66 -30.62 -17.04
CA ILE G 57 33.14 -31.80 -16.33
C ILE G 57 34.64 -31.97 -16.54
N LYS G 58 35.13 -31.65 -17.74
CA LYS G 58 36.56 -31.70 -17.98
C LYS G 58 37.31 -30.68 -17.13
N ASN G 59 36.71 -29.50 -16.93
CA ASN G 59 37.33 -28.43 -16.16
C ASN G 59 37.16 -28.59 -14.66
N ALA G 60 36.24 -29.45 -14.22
CA ALA G 60 35.94 -29.57 -12.80
C ALA G 60 37.14 -29.87 -11.90
N PRO G 61 38.06 -30.77 -12.24
CA PRO G 61 39.18 -31.03 -11.33
C PRO G 61 40.07 -29.82 -11.10
N PHE G 62 39.96 -28.79 -11.94
CA PHE G 62 40.80 -27.61 -11.84
C PHE G 62 40.07 -26.40 -11.30
N ASP G 63 38.74 -26.43 -11.25
CA ASP G 63 37.99 -25.33 -10.66
C ASP G 63 38.13 -25.39 -9.15
N PRO G 64 38.68 -24.36 -8.50
CA PRO G 64 38.82 -24.39 -7.04
C PRO G 64 37.52 -24.17 -6.29
N THR G 65 36.45 -23.79 -6.98
CA THR G 65 35.16 -23.54 -6.36
C THR G 65 34.25 -24.74 -6.34
N ASN G 66 34.70 -25.89 -6.84
CA ASN G 66 33.88 -27.09 -6.85
C ASN G 66 34.03 -27.86 -5.54
N CYS G 67 32.91 -28.43 -5.09
CA CYS G 67 32.92 -29.24 -3.88
C CYS G 67 33.75 -30.49 -4.09
N GLN G 68 34.46 -30.91 -3.05
CA GLN G 68 35.28 -32.10 -3.10
C GLN G 68 34.95 -33.00 -1.91
N ILE G 69 35.14 -34.30 -2.11
CA ILE G 69 34.83 -35.28 -1.08
C ILE G 69 36.06 -36.14 -0.81
N LYS G 70 36.06 -36.74 0.38
CA LYS G 70 37.17 -37.60 0.81
C LYS G 70 36.93 -38.99 0.25
N LYS G 71 37.63 -39.31 -0.84
CA LYS G 71 37.49 -40.60 -1.49
C LYS G 71 38.70 -40.81 -2.37
N ASP G 72 39.33 -41.98 -2.25
CA ASP G 72 40.56 -42.25 -2.98
C ASP G 72 40.28 -42.32 -4.47
N CYS G 73 41.20 -41.79 -5.27
CA CYS G 73 41.10 -41.91 -6.71
C CYS G 73 41.65 -43.27 -7.13
N PRO G 74 40.86 -44.12 -7.78
CA PRO G 74 41.38 -45.45 -8.15
C PRO G 74 42.50 -45.40 -9.16
N ASN G 75 42.65 -44.29 -9.89
CA ASN G 75 43.66 -44.20 -10.94
C ASN G 75 44.97 -43.62 -10.45
N CYS G 76 44.94 -42.49 -9.74
CA CYS G 76 46.15 -41.84 -9.28
C CYS G 76 46.26 -41.77 -7.77
N HIS G 77 45.26 -42.26 -7.03
CA HIS G 77 45.34 -42.41 -5.57
C HIS G 77 45.49 -41.07 -4.86
N LEU G 78 44.58 -40.14 -5.14
CA LEU G 78 44.41 -38.97 -4.30
C LEU G 78 43.22 -39.21 -3.38
N ASP G 79 43.39 -38.90 -2.10
CA ASP G 79 42.30 -39.14 -1.15
C ASP G 79 41.12 -38.20 -1.35
N TYR G 80 41.26 -37.17 -2.18
CA TYR G 80 40.18 -36.25 -2.46
C TYR G 80 39.80 -36.34 -3.93
N LEU G 81 38.51 -36.25 -4.20
CA LEU G 81 37.94 -36.28 -5.54
C LEU G 81 36.94 -35.16 -5.67
N THR G 82 36.85 -34.59 -6.87
CA THR G 82 35.91 -33.50 -7.11
C THR G 82 34.53 -34.06 -7.35
N GLN G 83 33.54 -33.59 -6.59
CA GLN G 83 32.18 -34.08 -6.69
C GLN G 83 31.32 -33.09 -7.46
N ILE G 84 30.57 -33.60 -8.43
CA ILE G 84 29.72 -32.77 -9.29
C ILE G 84 28.32 -33.34 -9.25
N CYS G 85 27.34 -32.48 -9.01
CA CYS G 85 25.94 -32.86 -9.06
C CYS G 85 25.25 -32.00 -10.12
N ILE G 86 24.97 -32.59 -11.28
CA ILE G 86 24.41 -31.86 -12.40
C ILE G 86 23.04 -32.43 -12.73
N GLY G 87 22.18 -31.56 -13.24
CA GLY G 87 20.89 -31.97 -13.78
C GLY G 87 19.83 -32.11 -12.70
N SER G 88 18.58 -32.08 -13.16
CA SER G 88 17.45 -32.29 -12.27
C SER G 88 17.41 -33.72 -11.74
N GLN G 89 18.11 -34.65 -12.39
CA GLN G 89 18.23 -35.99 -11.86
C GLN G 89 19.27 -36.09 -10.76
N LYS G 90 20.01 -35.01 -10.51
CA LYS G 90 21.02 -34.95 -9.45
C LYS G 90 22.03 -36.09 -9.60
N ILE G 91 22.71 -36.08 -10.73
CA ILE G 91 23.71 -37.10 -11.03
C ILE G 91 25.02 -36.70 -10.37
N ILE G 92 25.55 -37.57 -9.51
CA ILE G 92 26.81 -37.33 -8.83
C ILE G 92 27.92 -37.91 -9.70
N ILE G 93 28.90 -37.07 -10.04
CA ILE G 93 30.03 -37.48 -10.85
C ILE G 93 31.30 -37.04 -10.13
N LEU G 94 32.22 -37.97 -9.92
CA LEU G 94 33.46 -37.71 -9.21
C LEU G 94 34.61 -37.75 -10.19
N VAL G 95 35.35 -36.64 -10.30
CA VAL G 95 36.39 -36.50 -11.29
C VAL G 95 37.70 -36.13 -10.59
N CYS G 96 38.80 -36.41 -11.28
CA CYS G 96 40.13 -36.16 -10.76
C CYS G 96 40.97 -35.47 -11.82
N ARG G 97 42.05 -34.82 -11.37
CA ARG G 97 42.92 -34.11 -12.28
C ARG G 97 43.57 -35.06 -13.28
N CYS G 98 43.93 -36.26 -12.83
CA CYS G 98 44.57 -37.24 -13.71
C CYS G 98 43.70 -37.62 -14.90
N GLY G 99 42.39 -37.49 -14.79
CA GLY G 99 41.48 -37.85 -15.86
C GLY G 99 40.38 -38.80 -15.45
N TYR G 100 40.44 -39.36 -14.24
CA TYR G 100 39.37 -40.22 -13.78
C TYR G 100 38.05 -39.46 -13.77
N MET G 101 36.97 -40.11 -14.18
CA MET G 101 35.72 -39.41 -14.38
C MET G 101 34.50 -40.04 -13.72
N SER G 102 34.50 -41.34 -13.44
CA SER G 102 33.38 -41.99 -12.75
C SER G 102 32.07 -41.72 -13.50
N ASN G 103 32.01 -42.28 -14.70
CA ASN G 103 31.05 -41.93 -15.74
C ASN G 103 29.59 -42.23 -15.38
N ARG G 104 29.24 -42.61 -14.15
CA ARG G 104 27.85 -42.89 -13.82
C ARG G 104 26.95 -41.70 -14.14
N GLY G 105 25.86 -41.98 -14.85
CA GLY G 105 24.95 -40.93 -15.28
C GLY G 105 23.74 -41.44 -16.03
N MET H 1 28.75 20.56 22.30
CA MET H 1 30.10 20.76 21.77
C MET H 1 31.15 20.53 22.85
N LEU H 2 30.70 20.58 24.10
CA LEU H 2 31.56 20.33 25.25
C LEU H 2 30.89 19.29 26.14
N ILE H 3 31.62 18.83 27.14
CA ILE H 3 30.97 18.00 28.17
C ILE H 3 29.91 18.85 28.84
N PRO H 4 28.69 18.36 29.01
CA PRO H 4 27.62 19.21 29.53
C PRO H 4 27.93 19.70 30.94
N VAL H 5 27.35 20.85 31.28
CA VAL H 5 27.56 21.43 32.60
C VAL H 5 27.10 20.46 33.69
N VAL H 6 25.94 19.84 33.50
CA VAL H 6 25.40 18.86 34.42
C VAL H 6 25.14 17.58 33.64
N CYS H 7 24.97 16.48 34.38
CA CYS H 7 24.57 15.23 33.75
C CYS H 7 23.22 15.41 33.09
N PHE H 8 23.10 14.94 31.84
CA PHE H 8 21.84 15.05 31.13
C PHE H 8 20.71 14.33 31.85
N THR H 9 21.03 13.26 32.56
CA THR H 9 20.03 12.37 33.12
C THR H 9 19.58 12.79 34.52
N CYS H 10 20.52 13.04 35.43
CA CYS H 10 20.19 13.33 36.81
C CYS H 10 20.48 14.77 37.24
N GLY H 11 21.28 15.50 36.50
CA GLY H 11 21.57 16.87 36.86
C GLY H 11 22.73 17.07 37.79
N PHE H 12 23.50 16.04 38.08
CA PHE H 12 24.71 16.21 38.85
C PHE H 12 25.72 17.03 38.04
N PRO H 13 26.40 17.99 38.65
CA PRO H 13 27.29 18.90 37.89
C PRO H 13 28.63 18.29 37.52
N ILE H 14 28.65 17.54 36.43
CA ILE H 14 29.91 16.99 35.93
C ILE H 14 30.75 18.02 35.21
N GLY H 15 30.15 19.14 34.80
CA GLY H 15 30.92 20.21 34.18
C GLY H 15 31.84 20.93 35.12
N THR H 16 31.64 20.78 36.43
CA THR H 16 32.60 21.30 37.40
C THR H 16 33.96 20.66 37.20
N TYR H 17 33.99 19.37 36.88
CA TYR H 17 35.20 18.62 36.70
C TYR H 17 35.46 18.27 35.25
N ALA H 18 34.68 18.80 34.31
CA ALA H 18 34.83 18.45 32.90
C ALA H 18 36.22 18.76 32.38
N ALA H 19 36.73 19.97 32.64
CA ALA H 19 38.02 20.37 32.09
C ALA H 19 39.16 19.58 32.73
N ILE H 20 39.13 19.46 34.06
CA ILE H 20 40.15 18.68 34.76
C ILE H 20 40.13 17.25 34.27
N PHE H 21 38.94 16.68 34.09
CA PHE H 21 38.81 15.32 33.62
C PHE H 21 39.40 15.16 32.22
N ASP H 22 39.09 16.09 31.32
CA ASP H 22 39.60 15.97 29.95
C ASP H 22 41.12 16.00 29.94
N LYS H 23 41.71 16.97 30.64
CA LYS H 23 43.17 17.06 30.67
C LYS H 23 43.77 15.82 31.32
N ALA H 24 43.23 15.40 32.46
CA ALA H 24 43.78 14.27 33.19
C ALA H 24 43.64 12.98 32.40
N ARG H 25 42.53 12.83 31.68
CA ARG H 25 42.35 11.66 30.84
C ARG H 25 43.37 11.63 29.72
N THR H 26 43.63 12.78 29.10
CA THR H 26 44.67 12.83 28.08
C THR H 26 46.01 12.38 28.64
N GLU H 27 46.39 12.92 29.81
CA GLU H 27 47.66 12.51 30.41
C GLU H 27 47.68 11.03 30.75
N TYR H 28 46.61 10.53 31.38
CA TYR H 28 46.62 9.15 31.86
C TYR H 28 46.59 8.16 30.70
N ILE H 29 45.93 8.53 29.59
CA ILE H 29 46.03 7.73 28.38
C ILE H 29 47.45 7.75 27.84
N LYS H 30 48.10 8.92 27.86
CA LYS H 30 49.44 9.03 27.29
C LYS H 30 50.44 8.17 28.05
N THR H 31 50.22 7.94 29.35
CA THR H 31 51.08 7.01 30.08
C THR H 31 50.77 5.57 29.71
N LYS H 32 49.48 5.23 29.62
CA LYS H 32 49.09 3.82 29.48
C LYS H 32 49.56 3.24 28.15
N MET H 33 49.37 3.97 27.07
CA MET H 33 49.78 3.48 25.75
C MET H 33 51.02 4.21 25.24
N ALA H 45 42.86 -0.38 22.53
CA ALA H 45 42.54 0.97 22.06
C ALA H 45 42.63 1.98 23.20
N SER H 46 42.68 3.26 22.83
CA SER H 46 42.70 4.32 23.83
C SER H 46 41.38 4.38 24.59
N LEU H 47 40.26 4.17 23.90
CA LEU H 47 38.96 4.20 24.53
C LEU H 47 38.71 3.01 25.44
N GLN H 48 39.54 1.96 25.35
CA GLN H 48 39.39 0.78 26.18
C GLN H 48 40.20 0.84 27.47
N ILE H 49 40.86 1.97 27.74
CA ILE H 49 41.54 2.17 29.01
C ILE H 49 40.53 2.61 30.04
N GLU H 50 40.60 2.04 31.24
CA GLU H 50 39.60 2.25 32.27
C GLU H 50 39.80 3.59 32.95
N LEU H 51 38.75 4.42 32.95
CA LEU H 51 38.74 5.69 33.66
C LEU H 51 38.01 5.61 34.98
N LYS H 52 37.72 4.41 35.46
CA LYS H 52 36.97 4.23 36.70
C LYS H 52 37.60 5.00 37.85
N ASP H 53 38.91 4.82 38.05
CA ASP H 53 39.61 5.47 39.15
C ASP H 53 39.83 6.96 38.91
N LEU H 54 40.05 7.36 37.66
CA LEU H 54 40.23 8.79 37.35
C LEU H 54 38.97 9.58 37.68
N ILE H 55 37.80 9.05 37.31
CA ILE H 55 36.55 9.75 37.59
C ILE H 55 36.26 9.77 39.08
N THR H 56 36.62 8.71 39.79
CA THR H 56 36.40 8.68 41.23
C THR H 56 37.16 9.79 41.93
N ALA H 57 38.40 10.03 41.50
CA ALA H 57 39.24 11.03 42.14
C ALA H 57 38.66 12.43 42.01
N LEU H 58 37.89 12.69 40.95
CA LEU H 58 37.29 14.01 40.77
C LEU H 58 36.12 14.25 41.70
N GLY H 59 35.62 13.20 42.36
CA GLY H 59 34.46 13.32 43.20
C GLY H 59 33.16 12.91 42.53
N ILE H 60 33.19 12.54 41.26
CA ILE H 60 31.97 12.06 40.61
C ILE H 60 31.63 10.68 41.13
N PRO H 61 30.42 10.45 41.64
CA PRO H 61 30.11 9.15 42.26
C PRO H 61 29.92 8.05 41.23
N MET H 62 29.73 6.81 41.71
CA MET H 62 29.49 5.67 40.85
C MET H 62 28.07 5.71 40.28
N ARG H 63 27.79 6.71 39.45
CA ARG H 63 26.49 6.84 38.81
C ARG H 63 26.63 6.49 37.34
N VAL H 64 25.77 5.58 36.88
CA VAL H 64 25.87 5.12 35.50
C VAL H 64 25.68 6.29 34.54
N CYS H 65 24.77 7.20 34.87
CA CYS H 65 24.46 8.31 33.99
C CYS H 65 25.60 9.33 33.94
N CYS H 66 26.16 9.66 35.11
CA CYS H 66 27.15 10.73 35.17
C CYS H 66 28.45 10.32 34.50
N ARG H 67 28.89 9.08 34.71
CA ARG H 67 30.10 8.60 34.08
C ARG H 67 29.90 8.28 32.62
N THR H 68 28.67 7.99 32.19
CA THR H 68 28.40 7.81 30.78
C THR H 68 28.58 9.10 30.00
N HIS H 69 27.98 10.20 30.48
CA HIS H 69 28.06 11.45 29.76
C HIS H 69 29.41 12.11 29.91
N LEU H 70 30.16 11.76 30.95
CA LEU H 70 31.49 12.34 31.13
C LEU H 70 32.51 11.77 30.15
N ILE H 71 32.49 10.45 29.96
CA ILE H 71 33.53 9.82 29.16
C ILE H 71 33.17 9.67 27.69
N THR H 72 31.92 9.95 27.31
CA THR H 72 31.49 9.74 25.94
C THR H 72 31.19 11.02 25.18
N THR H 73 31.05 12.15 25.87
CA THR H 73 30.69 13.38 25.19
C THR H 73 31.83 13.81 24.27
N LEU H 74 31.50 14.10 23.03
CA LEU H 74 32.48 14.54 22.05
C LEU H 74 32.82 16.00 22.26
N ASP H 75 34.10 16.33 22.17
CA ASP H 75 34.57 17.69 22.31
C ASP H 75 34.74 18.29 20.92
N TYR H 76 34.02 19.39 20.66
CA TYR H 76 34.06 20.01 19.34
C TYR H 76 35.46 20.50 19.01
N ARG H 77 36.21 20.95 20.01
CA ARG H 77 37.57 21.43 19.78
C ARG H 77 38.48 20.31 19.31
N LYS H 78 38.15 19.06 19.63
CA LYS H 78 38.96 17.94 19.18
C LYS H 78 38.69 17.57 17.73
N TYR H 79 37.50 17.85 17.22
CA TYR H 79 37.15 17.47 15.85
C TYR H 79 37.27 18.64 14.88
N TYR H 80 36.80 19.81 15.27
CA TYR H 80 36.91 20.99 14.43
C TYR H 80 38.30 21.58 14.55
ZN ZN I . -20.10 35.10 -15.95
ZN ZN J . -25.70 7.59 -54.85
MG MG K . 3.53 3.40 11.91
ZN ZN L . -33.20 27.35 -21.82
ZN ZN M . 23.04 -23.21 -55.56
ZN ZN N . 43.28 -39.21 -9.95
ZN ZN O . 23.84 11.61 36.38
#